data_3JB1
#
_entry.id   3JB1
#
_cell.length_a   1
_cell.length_b   1
_cell.length_c   1
_cell.angle_alpha   90
_cell.angle_beta   90
_cell.angle_gamma   90
#
_symmetry.space_group_name_H-M   'P 1'
#
loop_
_entity.id
_entity.type
_entity.pdbx_description
1 polymer 'Structural protein VP3'
2 polymer 'Capsid protein VP1'
3 polymer 'Viral structural protein 5'
4 non-polymer S-ADENOSYLMETHIONINE
#
loop_
_entity_poly.entity_id
_entity_poly.type
_entity_poly.pdbx_seq_one_letter_code
_entity_poly.pdbx_strand_id
1 'polypeptide(L)'
;MWHYTSINNDTRVALDPKPNQIRTITKPNTVPQLGTDYLYTFNSQRRSHTLRLLGPFQYFNFSETDRGHPLFRLPLKYPS
KAIPADELIDNLHSWMRSVHLLHVRSEDNTLRYNWMLGVYARSTNYTTPVGQLVVNAPAILNYSNPQDAFNSVFVALGID
YIDIPITNSNIFDDSSTPYNVRIWHAPTMTEVNHILALMRKSTLVSTHSSWHWNVLHTFHYRSESDMIDHFAAKILEDWR
QKEKLDKGALVEADRVIQRLIPLSSSTYVQRLAAIGALYPNEFTENVLDLSRLSTALLQLSDTYYQHANDQLRRLYRRMY
NDSRTLYMTQRHQELLLAQITADPNILLYPYTYIFTTIPTSMNYISNTGQGRIKHSLTVTGATEHDTVADIVLGQTGEDV
ITISMVEPMSIAVEDMYGYVLDTPTRDIWPADEQIEQKGDAVALYDTKTSRALGMFNNTVRIDDLLSPLLSLVYRTYIKG
DTMTMTQGSLDHLTLCAAVDSDITFVGNRMIAPLPEGYIPKPMHRNNSTMKMLSLYVALKKLENFATNSYLMAPDTSIIL
LGAEREPAVNILRRFNRNVSNVRIIGMGDRAVEPNIRVRVPFPIDKNISADFIICDINSYEDQSFESMFSETISVVTTCA
SAATRALVKINHPSEYMINSVIERLSQLGGVFYHTALLKTASQNPYSYETYIYITPIAAAVRFPFYSNSAMINRYMTAVA
DDEMPIIPSIHTVIKGHSNTYSPGLFCGCVDVQSAPLALSQLKSYCSEATTWRVDSDDNLVNIIARIDPARIALEFRTRS
NTSAYHEYQRYVPNGLGFKVRKTREFRYMHREVTFIHKLMMYALIREQISLTENMTQVVSIGGRNLADISVVPLNMKYVV
IDPATRIETLTQEKKNIEVQSRPFQFDAANMDLENNSIYLFIAVIMNEPNGAATPARMQMDKIRNVATAMLTRTNCVAYI
SFYEAGIITRLDQSTAHKTIRVEEGRLKVANYVPVDTLVEADVTLMLRDIGITHEIIRPSTPELIDACSNYGIRLGSTGG
AVLDVFNHYSPVIKLVRS
;
A
2 'polypeptide(L)'
;MHSTNNNSNKRNNEEKHKQPEIDSSANNGEGTSGTRAQTVGDTATEAGVRNETEAGASTRRQTDGTGLSGTNAKIATASS
ARQADVEKPADVTFTIENVDDVGIMQQKKPPTVVQSRTDVFNEQFANEALHPTTKVIFNGLDVNTEVQPLSDDFKQISDP
KGYLTYSVKYEDQFTKKDKLRASEADDRIVGPTVNLFKYGAAVVNIDLNRDFFDTATGIDLTKGIPLVQDLLVPIGVTAG
AEQSAEYVSGLLMVLFKVMTDNRLVIVGETTTPMSNTLSTVVNNVLRTTYHNNVGVNPALLRDFTQVNWLNRDITNMLQQ
AGTKYGLGLTETRLDYVRLVKTIVGHALNIDHFAASVLNINLRALMEANVTADDRIKALQAHSMISTQFHGPNQGALRPE
LAFDHDHIIRCLMLAAANYPRLEGIIVQINTGYVASANVIRPVSEKRYFPENLEQNQSAARLVSAVKARASEADISSIHL
AIAREVSPMFNVHELKKIAESFEDPSSIVVVLEFILFALFFPTEFNRIKGDIQNVLLLFFSRWYPVEYGIFVQRGATYTI
NAAGEFEFSGRNEKWDQALYLSEHFPALFSDVPLAGANTIIAIMRLFTPQGFLRTDDLAIAANFPRASRNPQTYIPYTNQ
RGTVTNEFASRFRTIVATLANVVNERAVQDDMQKATRSCTKQWLRHLETQFDNIAVAHTDHLSVVYATMSNFMLNFTNNF
SGNHATFKPDQYVITSPEGSYKPIIERQGETVDGLTIIDTSIVWPILCQCTYPLVRQSGKGVDAVSIMEEIVYPDPSTTL
SQSLSVAQVLSKLTLPDAFINMILSGGDSVVMRTYQTEADDDLDEGIRMTTYDQYLSHIRERLHITNVPDPIYITGASTP
DQIAASVQATHVAVVLYQSGVINGPASTYLRENEVLVVMPDYYDVVSRFANANLQMNNNRYHESVLEIADIFDQADFIQT
SDAVRQLRALMPTLSTSQIRHAIERIAQITDVDSTDYGKLTLRFLGTLTRSLKMQNAQIRRIRPDGTVLRYDDQIDIEAF
RWSRYFLDELQLRRLSVGLRLITNPRIARRFNGVRIMYLTDDDPDPDFVPDVPEGYVAVQYAHRLFSSSLANKRNRVTYT
HPPTGMAYPSPTGRPHVHMTINERAGMSKLVADNIIASVIKSNWVVDILDIEYTAEVMTPSEGYTQHVDAESIMTAPKGK
LFHLQFMDGLLRPEPSAFDPPASGEDMRLIYPLQPISVARSMRAIVNHNEVDRPRGAVAPSSYEMDTGTLSRNGDLLYSP
VANGQVGIPKLEVDHISFSNVVSMMTANIRTGDDMAVERVNPDDVRAINIRNA
;
B,C
3 'polypeptide(L)'
;MLQQPTGGYTTLEQFAFTIRNDGTNATPTQFLQLLSYEATENELVKKTIPTPETHLPSARNVPGNVYIEDAITQALFGIS
AQNVNAHGYFSRLSALALPNTSARLGLDGVIYNSETINIPFYDPAAVANFAATYAKLGNASTPRYRADMIDIYAHVGLEL
AGTDAERAAGVMPVKRAKFDSWEGSLISLSRDVVNWKILAFLIDLCSLEGEALRAFKTRNRDVFRMMLFIMSTAVAANVV
NRKVTKRVDRVLEYIGVNSMRTAGRTATITYDLSRHEFAAKFLQLTFTRWNAASAMIRSMPDMHTPRTSITPAGENALVR
HNRYMTENFKGLSPIALAQKKHEMMLHTHEIHSMDIDGSIKNMVERETVNKMNEIDAMNTAPWTEEFAEVEPTTVYERHQ
IGTDPEQTQLISQDAAVIVHQASSDVDENEYGNSVSELTIDTQSDSVL
;
D,E
#
# COMPACT_ATOMS: atom_id res chain seq x y z
N MET A 1 -12.75 53.20 -39.91
CA MET A 1 -11.80 52.82 -38.87
C MET A 1 -11.84 51.31 -38.58
N TRP A 2 -12.93 50.65 -38.98
CA TRP A 2 -13.15 49.24 -38.63
C TRP A 2 -12.22 48.23 -39.30
N HIS A 3 -12.06 48.33 -40.62
CA HIS A 3 -11.16 47.44 -41.36
C HIS A 3 -9.69 47.77 -41.11
N TYR A 4 -8.85 46.74 -41.04
CA TYR A 4 -7.42 46.93 -40.91
C TYR A 4 -6.85 47.52 -42.18
N THR A 5 -5.88 48.42 -42.05
CA THR A 5 -5.18 48.95 -43.20
C THR A 5 -3.68 48.77 -43.01
N SER A 6 -3.00 48.27 -44.03
CA SER A 6 -1.56 48.07 -43.94
C SER A 6 -0.89 47.99 -45.30
N ILE A 7 0.31 48.54 -45.41
CA ILE A 7 1.12 48.36 -46.61
C ILE A 7 2.10 47.21 -46.40
N ASN A 8 1.64 45.97 -46.57
CA ASN A 8 2.52 44.82 -46.41
C ASN A 8 3.62 44.82 -47.48
N ASN A 9 4.82 44.45 -47.06
CA ASN A 9 5.94 44.30 -47.98
C ASN A 9 7.07 43.52 -47.32
N ASP A 10 7.83 42.79 -48.13
CA ASP A 10 8.93 42.00 -47.61
C ASP A 10 10.12 42.92 -47.34
N THR A 11 10.36 43.20 -46.07
CA THR A 11 11.46 44.07 -45.67
C THR A 11 12.82 43.47 -45.99
N ARG A 12 12.93 42.15 -45.92
CA ARG A 12 14.21 41.49 -46.19
C ARG A 12 14.61 41.55 -47.65
N VAL A 13 13.65 41.39 -48.56
CA VAL A 13 13.95 41.55 -49.99
C VAL A 13 14.30 43.01 -50.28
N ALA A 14 13.66 43.92 -49.54
CA ALA A 14 13.93 45.35 -49.67
C ALA A 14 15.34 45.71 -49.21
N LEU A 15 15.80 45.00 -48.18
CA LEU A 15 17.12 45.26 -47.61
C LEU A 15 18.26 44.86 -48.55
N ASP A 16 17.99 43.91 -49.44
CA ASP A 16 19.01 43.42 -50.37
C ASP A 16 19.34 44.43 -51.50
N PRO A 17 20.63 44.78 -51.64
CA PRO A 17 21.21 45.73 -52.61
C PRO A 17 21.25 45.23 -54.05
N LYS A 18 21.30 46.14 -55.02
CA LYS A 18 21.60 45.77 -56.41
C LYS A 18 23.09 45.45 -56.54
N PRO A 19 23.45 44.58 -57.50
CA PRO A 19 24.80 44.00 -57.53
C PRO A 19 25.96 44.99 -57.61
N ASN A 20 25.78 46.11 -58.32
CA ASN A 20 26.85 47.10 -58.42
C ASN A 20 27.12 47.73 -57.06
N GLN A 21 26.07 47.83 -56.26
CA GLN A 21 26.17 48.42 -54.92
C GLN A 21 27.02 47.57 -53.99
N ILE A 22 27.13 46.28 -54.28
CA ILE A 22 27.84 45.35 -53.40
C ILE A 22 29.32 45.69 -53.20
N ARG A 23 29.98 46.21 -54.23
CA ARG A 23 31.38 46.60 -54.09
C ARG A 23 31.54 47.76 -53.10
N THR A 24 30.52 48.61 -53.03
CA THR A 24 30.57 49.82 -52.20
C THR A 24 29.73 49.75 -50.93
N ILE A 25 29.03 48.64 -50.72
CA ILE A 25 28.09 48.52 -49.61
C ILE A 25 28.88 48.25 -48.35
N THR A 26 30.13 47.83 -48.55
CA THR A 26 31.08 47.70 -47.45
C THR A 26 31.63 49.09 -47.10
N LYS A 27 31.34 50.06 -47.96
CA LYS A 27 31.83 51.44 -47.84
C LYS A 27 33.31 51.53 -47.52
N PRO A 28 34.17 51.06 -48.44
CA PRO A 28 35.62 51.13 -48.19
C PRO A 28 36.13 52.56 -47.97
N ASN A 29 35.52 53.53 -48.64
CA ASN A 29 35.99 54.92 -48.55
C ASN A 29 35.58 55.69 -47.30
N THR A 30 34.31 55.60 -46.93
CA THR A 30 33.79 56.40 -45.82
C THR A 30 33.79 55.68 -44.47
N VAL A 31 34.00 56.47 -43.42
CA VAL A 31 33.98 55.99 -42.05
C VAL A 31 32.55 55.74 -41.56
N PRO A 32 32.30 54.56 -40.97
CA PRO A 32 30.99 54.17 -40.43
C PRO A 32 30.54 55.07 -39.26
N GLN A 33 29.24 55.29 -39.13
CA GLN A 33 28.72 56.19 -38.10
C GLN A 33 27.58 55.58 -37.29
N LEU A 34 27.46 55.98 -36.03
CA LEU A 34 26.37 55.52 -35.17
C LEU A 34 25.02 56.07 -35.61
N GLY A 35 23.96 55.28 -35.38
CA GLY A 35 22.61 55.69 -35.72
C GLY A 35 22.32 55.40 -37.18
N THR A 36 23.32 54.88 -37.87
CA THR A 36 23.20 54.56 -39.29
C THR A 36 23.93 53.26 -39.59
N ASP A 37 25.26 53.30 -39.66
CA ASP A 37 26.05 52.10 -39.90
C ASP A 37 25.90 51.08 -38.76
N TYR A 38 25.72 51.57 -37.54
CA TYR A 38 25.59 50.71 -36.36
C TYR A 38 25.07 51.46 -35.14
N LEU A 39 24.71 50.71 -34.10
CA LEU A 39 24.51 51.29 -32.79
C LEU A 39 25.03 50.38 -31.68
N TYR A 40 25.76 50.99 -30.74
CA TYR A 40 26.39 50.25 -29.66
C TYR A 40 26.06 50.88 -28.33
N THR A 41 25.71 50.06 -27.36
CA THR A 41 25.47 50.58 -26.02
C THR A 41 26.17 49.73 -24.99
N PHE A 42 26.72 50.40 -23.98
CA PHE A 42 27.30 49.72 -22.83
C PHE A 42 26.28 49.71 -21.70
N ASN A 43 25.63 48.58 -21.51
CA ASN A 43 24.69 48.44 -20.41
C ASN A 43 25.51 48.47 -19.13
N SER A 44 25.57 49.64 -18.51
CA SER A 44 26.54 49.92 -17.47
C SER A 44 26.41 49.01 -16.25
N GLN A 45 25.19 48.60 -15.94
CA GLN A 45 24.95 47.78 -14.77
C GLN A 45 25.30 46.32 -15.01
N ARG A 46 24.93 45.81 -16.19
CA ARG A 46 25.22 44.42 -16.56
C ARG A 46 26.65 44.27 -17.06
N ARG A 47 27.33 45.41 -17.24
CA ARG A 47 28.71 45.47 -17.73
C ARG A 47 28.87 44.73 -19.06
N SER A 48 27.83 44.81 -19.91
CA SER A 48 27.84 44.14 -21.20
C SER A 48 27.84 45.14 -22.36
N HIS A 49 28.55 44.79 -23.43
CA HIS A 49 28.69 45.67 -24.60
C HIS A 49 27.88 45.15 -25.78
N THR A 50 26.71 45.75 -26.02
CA THR A 50 25.87 45.28 -27.13
C THR A 50 26.05 46.12 -28.40
N LEU A 51 26.56 45.49 -29.46
CA LEU A 51 26.79 46.16 -30.73
C LEU A 51 25.94 45.58 -31.88
N ARG A 52 24.93 46.32 -32.29
CA ARG A 52 24.10 45.90 -33.42
C ARG A 52 24.41 46.70 -34.68
N LEU A 53 24.86 46.01 -35.73
CA LEU A 53 25.07 46.63 -37.02
C LEU A 53 23.73 46.92 -37.68
N LEU A 54 23.69 47.93 -38.56
CA LEU A 54 22.45 48.30 -39.22
C LEU A 54 22.55 48.24 -40.75
N GLY A 55 21.41 48.40 -41.41
CA GLY A 55 21.34 48.27 -42.85
C GLY A 55 21.45 46.82 -43.28
N PRO A 56 21.95 46.60 -44.51
CA PRO A 56 22.07 45.25 -45.09
C PRO A 56 22.92 44.36 -44.21
N PHE A 57 23.89 44.97 -43.53
CA PHE A 57 24.79 44.21 -42.68
C PHE A 57 24.11 43.61 -41.46
N GLN A 58 22.90 44.05 -41.15
CA GLN A 58 22.21 43.60 -39.94
C GLN A 58 21.93 42.10 -39.95
N TYR A 59 21.84 41.51 -41.13
CA TYR A 59 21.77 40.05 -41.25
C TYR A 59 23.05 39.53 -41.89
N PHE A 60 23.93 38.95 -41.08
CA PHE A 60 25.28 38.63 -41.54
C PHE A 60 25.88 37.52 -40.71
N ASN A 61 26.31 36.46 -41.37
CA ASN A 61 27.01 35.38 -40.68
C ASN A 61 28.50 35.57 -40.84
N PHE A 62 29.18 35.85 -39.73
CA PHE A 62 30.60 36.09 -39.76
C PHE A 62 31.43 34.85 -40.08
N SER A 63 32.44 35.01 -40.93
CA SER A 63 33.40 33.96 -41.22
C SER A 63 34.29 33.82 -40.00
N GLU A 64 34.88 32.65 -39.80
CA GLU A 64 35.79 32.49 -38.68
C GLU A 64 37.02 33.38 -38.83
N THR A 65 37.35 33.72 -40.07
CA THR A 65 38.33 34.77 -40.35
C THR A 65 37.81 36.15 -39.92
N ASP A 66 36.50 36.36 -40.03
CA ASP A 66 35.90 37.60 -39.55
C ASP A 66 35.96 37.74 -38.02
N ARG A 67 35.87 36.63 -37.30
CA ARG A 67 35.92 36.66 -35.84
C ARG A 67 37.34 36.86 -35.31
N GLY A 68 38.33 36.66 -36.18
CA GLY A 68 39.72 36.80 -35.79
C GLY A 68 40.14 38.26 -35.79
N HIS A 69 39.23 39.11 -36.27
CA HIS A 69 39.44 40.55 -36.28
C HIS A 69 39.38 41.13 -34.87
N PRO A 70 40.14 42.21 -34.63
CA PRO A 70 40.22 42.94 -33.35
C PRO A 70 38.87 43.50 -32.88
N LEU A 71 38.02 43.86 -33.84
CA LEU A 71 36.73 44.47 -33.54
C LEU A 71 35.87 43.59 -32.64
N PHE A 72 36.00 42.27 -32.79
CA PHE A 72 35.28 41.34 -31.92
C PHE A 72 36.05 41.11 -30.61
N ARG A 73 37.33 41.46 -30.61
CA ARG A 73 38.15 41.34 -29.41
C ARG A 73 37.95 42.54 -28.49
N LEU A 74 37.26 43.56 -29.02
CA LEU A 74 37.02 44.81 -28.27
C LEU A 74 36.36 44.70 -26.90
N PRO A 75 35.29 43.87 -26.77
CA PRO A 75 34.71 43.74 -25.43
C PRO A 75 35.71 43.21 -24.40
N LEU A 76 36.66 42.38 -24.85
CA LEU A 76 37.68 41.84 -23.93
C LEU A 76 38.83 42.81 -23.61
N LYS A 77 38.90 43.93 -24.34
CA LYS A 77 39.78 45.03 -23.92
C LYS A 77 39.26 45.57 -22.61
N TYR A 78 37.97 45.34 -22.39
CA TYR A 78 37.28 45.70 -21.15
C TYR A 78 36.89 44.38 -20.47
N PRO A 79 36.22 44.42 -19.30
CA PRO A 79 35.51 45.41 -18.49
C PRO A 79 36.38 46.58 -18.05
N SER A 80 35.77 47.76 -17.89
CA SER A 80 34.31 47.87 -17.93
C SER A 80 33.80 49.09 -18.68
N LYS A 81 34.59 50.15 -18.72
CA LYS A 81 34.14 51.40 -19.32
C LYS A 81 33.76 51.18 -20.78
N ALA A 82 32.76 51.92 -21.24
CA ALA A 82 32.26 51.78 -22.61
C ALA A 82 33.41 52.03 -23.56
N ILE A 83 33.44 51.28 -24.66
CA ILE A 83 34.49 51.45 -25.64
C ILE A 83 34.38 52.85 -26.18
N PRO A 84 35.51 53.58 -26.23
CA PRO A 84 35.47 54.95 -26.75
C PRO A 84 35.04 54.87 -28.19
N ALA A 85 34.32 55.87 -28.67
CA ALA A 85 33.82 55.83 -30.03
C ALA A 85 34.98 55.54 -30.98
N ASP A 86 36.07 56.29 -30.86
CA ASP A 86 37.13 56.29 -31.88
C ASP A 86 37.78 54.92 -32.13
N GLU A 87 37.86 54.08 -31.10
CA GLU A 87 38.41 52.74 -31.29
C GLU A 87 37.39 51.85 -32.02
N LEU A 88 36.14 51.94 -31.57
CA LEU A 88 35.05 51.14 -32.12
C LEU A 88 34.81 51.48 -33.59
N ILE A 89 34.73 52.78 -33.88
CA ILE A 89 34.39 53.27 -35.20
C ILE A 89 35.39 52.73 -36.20
N ASP A 90 36.66 52.98 -35.93
CA ASP A 90 37.71 52.58 -36.87
C ASP A 90 37.90 51.07 -36.95
N ASN A 91 37.75 50.35 -35.85
CA ASN A 91 37.86 48.89 -35.94
C ASN A 91 36.73 48.32 -36.79
N LEU A 92 35.55 48.90 -36.64
CA LEU A 92 34.40 48.52 -37.43
C LEU A 92 34.64 48.84 -38.90
N HIS A 93 35.32 49.96 -39.13
CA HIS A 93 35.68 50.37 -40.49
C HIS A 93 36.64 49.37 -41.11
N SER A 94 37.49 48.80 -40.26
CA SER A 94 38.47 47.82 -40.73
C SER A 94 37.79 46.52 -41.11
N TRP A 95 36.97 45.97 -40.21
CA TRP A 95 36.28 44.74 -40.54
C TRP A 95 35.28 44.89 -41.68
N MET A 96 34.61 46.04 -41.75
CA MET A 96 33.72 46.32 -42.87
C MET A 96 34.48 46.42 -44.18
N ARG A 97 35.69 46.97 -44.15
CA ARG A 97 36.52 46.96 -45.35
C ARG A 97 36.95 45.55 -45.71
N SER A 98 37.08 44.69 -44.70
CA SER A 98 37.57 43.33 -44.91
C SER A 98 36.63 42.43 -45.73
N VAL A 99 35.33 42.72 -45.69
CA VAL A 99 34.36 41.84 -46.33
C VAL A 99 34.25 42.11 -47.83
N HIS A 100 34.54 41.09 -48.63
CA HIS A 100 34.46 41.20 -50.08
C HIS A 100 33.51 40.14 -50.61
N LEU A 101 32.24 40.49 -50.74
CA LEU A 101 31.25 39.58 -51.31
C LEU A 101 31.50 39.30 -52.78
N LEU A 102 31.41 38.03 -53.16
CA LEU A 102 31.45 37.64 -54.56
C LEU A 102 30.16 38.08 -55.23
N HIS A 103 30.26 38.59 -56.45
CA HIS A 103 29.07 39.06 -57.18
C HIS A 103 29.40 39.32 -58.64
N VAL A 104 28.36 39.54 -59.44
CA VAL A 104 28.55 40.00 -60.81
C VAL A 104 27.73 41.26 -61.04
N ARG A 105 28.43 42.36 -61.33
CA ARG A 105 27.78 43.62 -61.62
C ARG A 105 26.98 43.46 -62.89
N SER A 106 25.81 44.09 -62.96
CA SER A 106 25.01 44.00 -64.17
C SER A 106 24.24 45.29 -64.46
N GLU A 107 24.11 45.60 -65.74
CA GLU A 107 23.49 46.85 -66.17
C GLU A 107 21.96 46.84 -66.08
N ASP A 108 21.37 45.66 -65.90
CA ASP A 108 19.92 45.55 -65.79
C ASP A 108 19.41 46.26 -64.54
N ASN A 109 18.26 46.89 -64.66
CA ASN A 109 17.69 47.67 -63.56
C ASN A 109 16.83 46.87 -62.56
N THR A 110 16.60 45.60 -62.84
CA THR A 110 15.71 44.80 -61.99
C THR A 110 16.42 43.85 -61.01
N LEU A 111 17.72 43.66 -61.16
CA LEU A 111 18.47 42.76 -60.29
C LEU A 111 18.75 43.27 -58.87
N ARG A 112 18.78 42.34 -57.92
CA ARG A 112 19.16 42.61 -56.54
C ARG A 112 20.02 41.45 -56.09
N TYR A 113 21.07 41.72 -55.33
CA TYR A 113 21.95 40.67 -54.84
C TYR A 113 21.24 39.83 -53.81
N ASN A 114 21.50 38.53 -53.83
CA ASN A 114 20.92 37.65 -52.83
C ASN A 114 21.77 37.75 -51.57
N TRP A 115 21.47 38.75 -50.75
CA TRP A 115 22.35 39.12 -49.65
C TRP A 115 22.63 37.95 -48.73
N MET A 116 21.56 37.24 -48.39
CA MET A 116 21.65 36.13 -47.46
C MET A 116 22.55 35.02 -47.99
N LEU A 117 22.30 34.60 -49.22
CA LEU A 117 23.07 33.52 -49.81
C LEU A 117 24.53 33.87 -50.01
N GLY A 118 24.80 35.12 -50.36
CA GLY A 118 26.18 35.53 -50.61
C GLY A 118 26.96 35.63 -49.33
N VAL A 119 26.28 36.11 -48.29
CA VAL A 119 26.90 36.23 -46.98
C VAL A 119 27.15 34.85 -46.37
N TYR A 120 26.18 33.96 -46.50
CA TYR A 120 26.34 32.59 -46.04
C TYR A 120 27.41 31.85 -46.83
N ALA A 121 27.54 32.19 -48.10
CA ALA A 121 28.54 31.56 -48.95
C ALA A 121 29.92 31.97 -48.46
N ARG A 122 30.10 33.27 -48.28
CA ARG A 122 31.39 33.77 -47.85
C ARG A 122 31.72 33.23 -46.48
N SER A 123 30.71 33.08 -45.64
CA SER A 123 30.90 32.77 -44.23
C SER A 123 31.53 31.40 -44.01
N THR A 124 31.33 30.51 -44.96
CA THR A 124 31.85 29.15 -44.85
C THR A 124 33.12 28.97 -45.68
N ASN A 125 33.68 30.09 -46.11
CA ASN A 125 34.82 30.10 -47.03
C ASN A 125 34.50 29.33 -48.29
N TYR A 126 33.23 29.40 -48.69
CA TYR A 126 32.74 28.84 -49.94
C TYR A 126 32.99 27.35 -50.14
N THR A 127 32.92 26.56 -49.07
CA THR A 127 33.06 25.11 -49.21
C THR A 127 31.73 24.35 -49.18
N THR A 128 30.66 25.05 -48.81
CA THR A 128 29.32 24.48 -48.89
C THR A 128 28.97 24.37 -50.36
N PRO A 129 28.15 23.37 -50.72
CA PRO A 129 27.72 23.26 -52.12
C PRO A 129 27.00 24.51 -52.63
N VAL A 130 26.22 25.19 -51.80
CA VAL A 130 25.70 26.50 -52.17
C VAL A 130 26.81 27.55 -52.29
N GLY A 131 27.86 27.38 -51.49
CA GLY A 131 28.98 28.29 -51.52
C GLY A 131 29.78 28.16 -52.81
N GLN A 132 30.16 26.94 -53.17
CA GLN A 132 30.88 26.74 -54.42
C GLN A 132 29.98 27.01 -55.63
N LEU A 133 28.68 26.81 -55.46
CA LEU A 133 27.75 27.23 -56.50
C LEU A 133 27.83 28.73 -56.68
N VAL A 134 27.99 29.47 -55.60
CA VAL A 134 28.18 30.91 -55.74
C VAL A 134 29.52 31.23 -56.38
N VAL A 135 30.54 30.46 -56.06
CA VAL A 135 31.87 30.76 -56.61
C VAL A 135 31.96 30.54 -58.10
N ASN A 136 31.57 29.35 -58.57
CA ASN A 136 31.68 29.09 -60.00
C ASN A 136 30.73 29.94 -60.86
N ALA A 137 29.57 30.31 -60.31
CA ALA A 137 28.64 31.19 -60.98
C ALA A 137 28.02 32.28 -60.09
N PRO A 138 28.80 33.33 -59.74
CA PRO A 138 28.34 34.42 -58.86
C PRO A 138 27.10 35.15 -59.37
N ALA A 139 26.93 35.18 -60.68
CA ALA A 139 25.77 35.83 -61.29
C ALA A 139 24.46 35.18 -60.85
N ILE A 140 24.52 33.94 -60.36
CA ILE A 140 23.30 33.28 -59.87
C ILE A 140 22.71 34.02 -58.68
N LEU A 141 23.53 34.74 -57.93
CA LEU A 141 23.01 35.45 -56.76
C LEU A 141 22.07 36.56 -57.17
N ASN A 142 22.30 37.12 -58.35
CA ASN A 142 21.46 38.20 -58.85
C ASN A 142 20.06 37.69 -59.15
N TYR A 143 19.05 38.52 -58.90
CA TYR A 143 17.68 38.10 -59.13
C TYR A 143 16.71 39.26 -59.30
N SER A 144 15.63 39.01 -60.04
CA SER A 144 14.58 39.99 -60.18
C SER A 144 13.43 39.58 -59.30
N ASN A 145 12.66 38.60 -59.76
CA ASN A 145 11.57 38.08 -58.96
C ASN A 145 12.14 37.46 -57.70
N PRO A 146 11.66 37.90 -56.53
CA PRO A 146 12.25 37.53 -55.24
C PRO A 146 12.25 36.03 -54.98
N GLN A 147 11.22 35.32 -55.44
CA GLN A 147 11.11 33.90 -55.10
C GLN A 147 12.08 33.02 -55.86
N ASP A 148 12.27 33.35 -57.13
CA ASP A 148 13.07 32.55 -58.03
C ASP A 148 14.53 32.62 -57.62
N ALA A 149 14.84 33.60 -56.78
CA ALA A 149 16.20 33.82 -56.29
C ALA A 149 16.74 32.59 -55.56
N PHE A 150 15.87 31.94 -54.81
CA PHE A 150 16.27 30.74 -54.07
C PHE A 150 15.96 29.52 -54.90
N ASN A 151 14.94 29.63 -55.74
CA ASN A 151 14.56 28.52 -56.61
C ASN A 151 15.72 28.13 -57.50
N SER A 152 16.37 29.12 -58.11
CA SER A 152 17.42 28.83 -59.09
C SER A 152 18.56 28.09 -58.40
N VAL A 153 18.76 28.40 -57.11
CA VAL A 153 19.72 27.67 -56.29
C VAL A 153 19.27 26.24 -55.98
N PHE A 154 17.97 26.05 -55.80
CA PHE A 154 17.47 24.72 -55.46
C PHE A 154 17.58 23.82 -56.68
N VAL A 155 17.20 24.36 -57.83
CA VAL A 155 17.23 23.57 -59.05
C VAL A 155 18.67 23.31 -59.43
N ALA A 156 19.52 24.32 -59.28
CA ALA A 156 20.93 24.16 -59.65
C ALA A 156 21.63 23.14 -58.75
N LEU A 157 21.19 23.04 -57.49
CA LEU A 157 21.85 22.12 -56.58
C LEU A 157 21.15 20.78 -56.48
N GLY A 158 19.91 20.72 -56.99
CA GLY A 158 19.17 19.49 -57.01
C GLY A 158 18.66 19.09 -55.63
N ILE A 159 18.76 20.02 -54.68
CA ILE A 159 18.43 19.75 -53.28
C ILE A 159 17.06 20.26 -52.87
N ASP A 160 16.46 19.57 -51.90
CA ASP A 160 15.09 19.87 -51.48
C ASP A 160 14.99 21.10 -50.58
N TYR A 161 16.12 21.57 -50.04
CA TYR A 161 16.15 22.73 -49.16
C TYR A 161 17.56 23.14 -48.74
N ILE A 162 17.66 24.22 -47.96
CA ILE A 162 18.95 24.70 -47.45
C ILE A 162 18.84 25.20 -46.00
N ASP A 163 19.80 24.83 -45.15
CA ASP A 163 19.81 25.27 -43.76
C ASP A 163 20.81 26.42 -43.51
N ILE A 164 20.28 27.60 -43.24
CA ILE A 164 21.08 28.76 -42.84
C ILE A 164 21.05 29.01 -41.32
N PRO A 165 22.20 28.94 -40.66
CA PRO A 165 22.32 29.36 -39.24
C PRO A 165 22.06 30.85 -39.07
N ILE A 166 21.48 31.27 -37.93
CA ILE A 166 21.27 32.70 -37.69
C ILE A 166 22.16 33.25 -36.57
N THR A 167 22.80 34.39 -36.83
CA THR A 167 23.61 35.05 -35.82
C THR A 167 22.76 35.87 -34.86
N ASN A 168 23.27 36.12 -33.66
CA ASN A 168 22.63 37.07 -32.75
C ASN A 168 22.70 38.45 -33.38
N SER A 169 21.65 39.25 -33.21
CA SER A 169 21.67 40.61 -33.74
C SER A 169 22.79 41.44 -33.08
N ASN A 170 22.99 41.22 -31.77
CA ASN A 170 24.22 41.69 -31.14
C ASN A 170 25.37 40.88 -31.72
N ILE A 171 26.46 41.53 -32.07
CA ILE A 171 27.55 40.83 -32.72
C ILE A 171 28.73 40.60 -31.79
N PHE A 172 28.58 40.99 -30.53
CA PHE A 172 29.58 40.73 -29.53
C PHE A 172 29.29 39.44 -28.75
N ASP A 173 28.11 38.86 -28.99
CA ASP A 173 27.76 37.58 -28.37
C ASP A 173 28.17 36.41 -29.27
N ASP A 174 29.42 35.99 -29.17
CA ASP A 174 29.87 34.78 -29.85
C ASP A 174 29.45 33.60 -29.00
N SER A 175 28.20 33.17 -29.21
CA SER A 175 27.64 32.07 -28.44
C SER A 175 26.76 31.26 -29.37
N SER A 176 26.36 30.07 -28.91
CA SER A 176 25.62 29.15 -29.75
C SER A 176 24.31 29.75 -30.25
N THR A 177 24.03 29.54 -31.53
CA THR A 177 22.79 30.04 -32.15
C THR A 177 21.56 29.27 -31.64
N PRO A 178 20.47 29.99 -31.35
CA PRO A 178 19.25 29.42 -30.80
C PRO A 178 18.63 28.35 -31.69
N TYR A 179 18.76 28.56 -32.99
CA TYR A 179 18.08 27.73 -33.98
C TYR A 179 18.73 27.93 -35.33
N ASN A 180 18.11 27.39 -36.37
CA ASN A 180 18.52 27.74 -37.73
C ASN A 180 17.39 27.63 -38.74
N VAL A 181 17.37 28.58 -39.66
CA VAL A 181 16.31 28.67 -40.64
C VAL A 181 16.56 27.63 -41.73
N ARG A 182 15.48 27.13 -42.31
CA ARG A 182 15.60 26.15 -43.37
C ARG A 182 14.71 26.58 -44.51
N ILE A 183 15.31 27.22 -45.50
CA ILE A 183 14.59 27.58 -46.72
C ILE A 183 14.19 26.33 -47.49
N TRP A 184 12.95 26.27 -47.95
CA TRP A 184 12.44 25.07 -48.61
C TRP A 184 12.22 25.28 -50.09
N HIS A 185 12.20 24.18 -50.85
CA HIS A 185 12.03 24.31 -52.29
C HIS A 185 10.70 24.93 -52.72
N ALA A 186 9.60 24.61 -52.03
CA ALA A 186 8.29 25.15 -52.39
C ALA A 186 8.04 24.85 -53.90
N PRO A 187 7.64 25.82 -54.76
CA PRO A 187 7.16 27.21 -54.92
C PRO A 187 5.65 27.33 -55.04
N THR A 188 4.99 26.32 -55.60
CA THR A 188 3.54 26.28 -55.64
C THR A 188 3.07 26.18 -54.20
N MET A 189 1.87 26.66 -53.93
CA MET A 189 1.33 26.57 -52.59
C MET A 189 1.23 25.11 -52.12
N THR A 190 0.91 24.22 -53.06
CA THR A 190 0.69 22.82 -52.76
C THR A 190 1.94 22.10 -52.25
N GLU A 191 3.10 22.48 -52.78
CA GLU A 191 4.36 21.93 -52.30
C GLU A 191 4.52 22.36 -50.86
N VAL A 192 4.06 23.56 -50.54
CA VAL A 192 4.15 24.03 -49.17
C VAL A 192 3.22 23.25 -48.25
N ASN A 193 2.01 22.96 -48.72
CA ASN A 193 1.07 22.20 -47.91
C ASN A 193 1.69 20.86 -47.57
N HIS A 194 2.39 20.29 -48.56
CA HIS A 194 3.08 19.03 -48.33
C HIS A 194 4.22 19.19 -47.36
N ILE A 195 5.02 20.25 -47.51
CA ILE A 195 6.20 20.39 -46.67
C ILE A 195 5.80 20.57 -45.21
N LEU A 196 4.68 21.25 -44.97
CA LEU A 196 4.20 21.46 -43.61
C LEU A 196 3.58 20.19 -43.03
N ALA A 197 2.76 19.52 -43.85
CA ALA A 197 2.13 18.30 -43.39
C ALA A 197 3.19 17.27 -43.01
N LEU A 198 4.26 17.24 -43.78
CA LEU A 198 5.43 16.43 -43.46
C LEU A 198 6.14 17.00 -42.25
N MET A 199 6.04 18.31 -42.07
CA MET A 199 6.82 18.95 -41.02
C MET A 199 6.29 18.63 -39.66
N ARG A 200 5.03 18.19 -39.61
CA ARG A 200 4.43 17.79 -38.34
C ARG A 200 5.16 16.60 -37.71
N LYS A 201 5.84 15.82 -38.54
CA LYS A 201 6.56 14.65 -38.07
C LYS A 201 7.92 14.97 -37.44
N SER A 202 8.41 16.20 -37.60
CA SER A 202 9.72 16.56 -37.04
C SER A 202 9.66 16.90 -35.56
N THR A 203 10.63 17.66 -35.07
CA THR A 203 10.79 17.81 -33.62
C THR A 203 10.58 19.21 -33.03
N LEU A 204 11.47 20.15 -33.35
CA LEU A 204 11.39 21.46 -32.73
C LEU A 204 11.34 22.54 -33.80
N VAL A 205 10.25 22.54 -34.55
CA VAL A 205 10.21 23.31 -35.78
C VAL A 205 8.98 24.19 -35.84
N SER A 206 9.15 25.39 -36.41
CA SER A 206 8.07 26.37 -36.49
C SER A 206 8.18 27.25 -37.74
N THR A 207 7.05 27.77 -38.20
CA THR A 207 7.03 28.66 -39.36
C THR A 207 6.18 29.88 -39.11
N HIS A 208 6.48 30.95 -39.85
CA HIS A 208 5.64 32.13 -39.83
C HIS A 208 4.44 31.91 -40.75
N SER A 209 3.37 32.67 -40.51
CA SER A 209 2.17 32.58 -41.35
C SER A 209 2.47 32.93 -42.81
N SER A 210 3.49 33.75 -43.01
CA SER A 210 3.94 34.14 -44.34
C SER A 210 5.45 34.27 -44.32
N TRP A 211 6.09 34.13 -45.48
CA TRP A 211 7.54 34.07 -45.52
C TRP A 211 8.17 35.12 -46.43
N HIS A 212 9.38 35.53 -46.09
CA HIS A 212 10.11 36.52 -46.88
C HIS A 212 10.52 35.95 -48.23
N TRP A 213 10.60 36.82 -49.22
CA TRP A 213 10.89 36.44 -50.60
C TRP A 213 9.85 35.46 -51.14
N ASN A 214 8.75 35.30 -50.44
CA ASN A 214 7.73 34.32 -50.79
C ASN A 214 8.31 32.91 -50.92
N VAL A 215 9.33 32.61 -50.11
CA VAL A 215 9.93 31.28 -50.10
C VAL A 215 9.76 30.67 -48.72
N LEU A 216 9.14 29.49 -48.65
CA LEU A 216 8.85 28.89 -47.37
C LEU A 216 10.12 28.63 -46.59
N HIS A 217 10.15 29.04 -45.33
CA HIS A 217 11.26 28.67 -44.44
C HIS A 217 10.80 28.28 -43.04
N THR A 218 11.44 27.26 -42.48
CA THR A 218 11.08 26.77 -41.17
C THR A 218 12.26 26.82 -40.22
N PHE A 219 12.05 27.47 -39.09
CA PHE A 219 13.03 27.49 -38.01
C PHE A 219 13.09 26.12 -37.35
N HIS A 220 14.31 25.72 -37.00
CA HIS A 220 14.50 24.48 -36.27
C HIS A 220 15.33 24.76 -35.06
N TYR A 221 14.83 24.35 -33.90
CA TYR A 221 15.41 24.76 -32.64
C TYR A 221 16.36 23.72 -32.08
N ARG A 222 17.47 24.20 -31.54
CA ARG A 222 18.43 23.34 -30.87
C ARG A 222 17.83 22.72 -29.61
N SER A 223 16.92 23.44 -28.98
CA SER A 223 16.35 23.04 -27.70
C SER A 223 15.02 23.75 -27.49
N GLU A 224 14.14 23.16 -26.69
CA GLU A 224 12.80 23.72 -26.51
C GLU A 224 12.81 25.10 -25.89
N SER A 225 13.82 25.40 -25.07
CA SER A 225 13.91 26.71 -24.43
C SER A 225 14.18 27.82 -25.44
N ASP A 226 15.02 27.53 -26.43
CA ASP A 226 15.34 28.53 -27.45
C ASP A 226 14.08 28.81 -28.26
N MET A 227 13.30 27.75 -28.45
CA MET A 227 12.04 27.84 -29.13
C MET A 227 11.10 28.73 -28.34
N ILE A 228 11.08 28.52 -27.03
CA ILE A 228 10.16 29.25 -26.16
C ILE A 228 10.49 30.73 -26.23
N ASP A 229 11.78 31.08 -26.17
CA ASP A 229 12.17 32.48 -26.25
C ASP A 229 11.84 33.10 -27.62
N HIS A 230 11.91 32.31 -28.68
CA HIS A 230 11.59 32.84 -30.02
C HIS A 230 10.10 33.11 -30.16
N PHE A 231 9.32 32.12 -29.75
CA PHE A 231 7.88 32.22 -29.82
C PHE A 231 7.43 33.38 -28.98
N ALA A 232 8.12 33.61 -27.87
CA ALA A 232 7.76 34.70 -26.99
C ALA A 232 8.02 36.03 -27.67
N ALA A 233 9.22 36.21 -28.21
CA ALA A 233 9.54 37.51 -28.82
C ALA A 233 8.59 37.81 -29.96
N LYS A 234 8.20 36.77 -30.68
CA LYS A 234 7.31 36.98 -31.81
C LYS A 234 5.85 37.19 -31.41
N ILE A 235 5.42 36.58 -30.31
CA ILE A 235 4.08 36.82 -29.79
C ILE A 235 4.01 38.28 -29.40
N LEU A 236 5.12 38.76 -28.83
CA LEU A 236 5.17 40.14 -28.41
C LEU A 236 5.13 41.08 -29.61
N GLU A 237 5.80 40.70 -30.69
CA GLU A 237 5.77 41.51 -31.90
C GLU A 237 4.36 41.56 -32.50
N ASP A 238 3.69 40.42 -32.53
CA ASP A 238 2.34 40.34 -33.06
C ASP A 238 1.36 41.15 -32.21
N TRP A 239 1.61 41.20 -30.91
CA TRP A 239 0.75 41.97 -30.03
C TRP A 239 0.97 43.45 -30.23
N ARG A 240 2.23 43.86 -30.32
CA ARG A 240 2.54 45.26 -30.49
C ARG A 240 2.02 45.75 -31.83
N GLN A 241 1.94 44.85 -32.80
CA GLN A 241 1.43 45.19 -34.12
C GLN A 241 -0.09 45.28 -34.12
N LYS A 242 -0.71 44.28 -33.50
CA LYS A 242 -2.17 44.21 -33.42
C LYS A 242 -2.72 45.40 -32.66
N GLU A 243 -1.94 45.85 -31.68
CA GLU A 243 -2.39 46.92 -30.80
C GLU A 243 -2.62 48.21 -31.55
N LYS A 244 -1.87 48.42 -32.64
CA LYS A 244 -2.09 49.60 -33.48
C LYS A 244 -2.93 49.28 -34.71
N LEU A 245 -2.96 48.02 -35.12
CA LEU A 245 -3.85 47.61 -36.20
C LEU A 245 -5.31 47.82 -35.76
N ASP A 246 -5.58 47.54 -34.49
CA ASP A 246 -6.91 47.76 -33.92
C ASP A 246 -7.22 49.25 -33.81
N LYS A 247 -6.18 50.06 -33.70
CA LYS A 247 -6.34 51.51 -33.66
C LYS A 247 -6.47 52.08 -35.06
N GLY A 248 -6.36 51.19 -36.06
CA GLY A 248 -6.65 51.53 -37.44
C GLY A 248 -5.52 52.20 -38.19
N ALA A 249 -4.38 52.35 -37.54
CA ALA A 249 -3.23 53.01 -38.15
C ALA A 249 -2.63 52.15 -39.26
N LEU A 250 -2.07 52.81 -40.26
CA LEU A 250 -1.38 52.13 -41.37
C LEU A 250 -0.13 51.41 -40.85
N VAL A 251 0.07 50.17 -41.29
CA VAL A 251 1.14 49.34 -40.78
C VAL A 251 2.01 48.78 -41.89
N GLU A 252 3.30 49.14 -41.89
CA GLU A 252 4.21 48.70 -42.94
C GLU A 252 4.94 47.40 -42.60
N ALA A 253 4.46 46.68 -41.59
CA ALA A 253 5.09 45.45 -41.14
C ALA A 253 5.02 44.32 -42.17
N ASP A 254 6.02 43.45 -42.14
CA ASP A 254 6.23 42.45 -43.18
C ASP A 254 5.11 41.42 -43.31
N ARG A 255 4.50 41.05 -42.19
CA ARG A 255 3.44 40.06 -42.22
C ARG A 255 2.33 40.36 -41.23
N VAL A 256 1.11 40.01 -41.62
CA VAL A 256 -0.07 40.34 -40.84
C VAL A 256 -0.07 39.64 -39.48
N ILE A 257 0.44 38.41 -39.45
CA ILE A 257 0.48 37.65 -38.20
C ILE A 257 1.91 37.31 -37.87
N GLN A 258 2.51 38.08 -36.99
CA GLN A 258 3.92 37.90 -36.69
C GLN A 258 4.18 36.71 -35.76
N ARG A 259 3.12 36.10 -35.25
CA ARG A 259 3.26 34.93 -34.40
C ARG A 259 3.71 33.68 -35.15
N LEU A 260 4.58 32.90 -34.51
CA LEU A 260 5.02 31.61 -35.05
C LEU A 260 3.96 30.51 -34.92
N ILE A 261 3.96 29.57 -35.85
CA ILE A 261 3.14 28.38 -35.72
C ILE A 261 4.01 27.19 -35.33
N PRO A 262 3.72 26.57 -34.18
CA PRO A 262 4.48 25.40 -33.72
C PRO A 262 4.16 24.14 -34.51
N LEU A 263 4.88 23.88 -35.60
CA LEU A 263 4.68 22.66 -36.39
C LEU A 263 5.04 21.43 -35.58
N SER A 264 6.01 21.57 -34.68
CA SER A 264 6.33 20.49 -33.75
C SER A 264 7.09 21.04 -32.56
N SER A 265 6.57 20.79 -31.36
CA SER A 265 7.06 21.46 -30.17
C SER A 265 6.63 20.76 -28.89
N SER A 266 7.21 21.22 -27.78
CA SER A 266 6.84 20.77 -26.45
C SER A 266 5.52 21.41 -25.99
N THR A 267 5.04 20.99 -24.83
CA THR A 267 3.81 21.55 -24.25
C THR A 267 3.89 23.05 -23.99
N TYR A 268 5.04 23.51 -23.49
CA TYR A 268 5.16 24.91 -23.08
C TYR A 268 4.98 25.82 -24.27
N VAL A 269 5.40 25.35 -25.44
CA VAL A 269 5.26 26.13 -26.64
C VAL A 269 3.81 26.17 -27.06
N GLN A 270 3.12 25.04 -26.95
CA GLN A 270 1.74 25.00 -27.40
C GLN A 270 0.93 25.94 -26.55
N ARG A 271 1.24 25.99 -25.26
CA ARG A 271 0.49 26.85 -24.38
C ARG A 271 0.85 28.31 -24.60
N LEU A 272 2.12 28.57 -24.88
CA LEU A 272 2.57 29.94 -25.18
C LEU A 272 1.89 30.47 -26.42
N ALA A 273 1.67 29.59 -27.38
CA ALA A 273 1.09 29.99 -28.65
C ALA A 273 -0.39 30.22 -28.46
N ALA A 274 -1.02 29.34 -27.69
CA ALA A 274 -2.45 29.44 -27.46
C ALA A 274 -2.75 30.75 -26.75
N ILE A 275 -2.06 31.00 -25.64
CA ILE A 275 -2.28 32.24 -24.90
C ILE A 275 -1.81 33.44 -25.72
N GLY A 276 -0.88 33.19 -26.64
CA GLY A 276 -0.34 34.26 -27.46
C GLY A 276 -1.31 34.77 -28.50
N ALA A 277 -2.14 33.88 -29.03
CA ALA A 277 -3.09 34.22 -30.09
C ALA A 277 -4.35 34.92 -29.58
N LEU A 278 -4.56 34.89 -28.27
CA LEU A 278 -5.74 35.50 -27.66
C LEU A 278 -5.62 37.01 -27.40
N TYR A 279 -4.42 37.54 -27.57
CA TYR A 279 -4.12 38.96 -27.33
C TYR A 279 -4.64 39.53 -26.00
N PRO A 280 -4.40 38.84 -24.88
CA PRO A 280 -4.87 39.29 -23.57
C PRO A 280 -4.36 40.67 -23.14
N ASN A 281 -3.14 41.01 -23.53
CA ASN A 281 -2.47 42.21 -23.03
C ASN A 281 -3.06 43.54 -23.46
N GLU A 282 -3.14 44.48 -22.51
CA GLU A 282 -3.52 45.85 -22.78
C GLU A 282 -2.34 46.56 -23.45
N PHE A 283 -2.61 47.60 -24.23
CA PHE A 283 -1.55 48.37 -24.87
C PHE A 283 -0.67 49.02 -23.79
N THR A 284 0.64 49.01 -24.00
CA THR A 284 1.58 49.48 -22.99
C THR A 284 2.85 50.10 -23.59
N GLU A 285 3.00 51.39 -23.39
CA GLU A 285 4.20 52.12 -23.84
C GLU A 285 5.37 52.01 -22.87
N ASN A 286 5.11 51.46 -21.68
CA ASN A 286 6.17 51.26 -20.70
C ASN A 286 7.20 50.27 -21.20
N VAL A 287 8.48 50.55 -20.96
CA VAL A 287 9.54 49.65 -21.40
C VAL A 287 9.43 48.32 -20.67
N LEU A 288 9.56 47.23 -21.40
CA LEU A 288 9.53 45.91 -20.79
C LEU A 288 10.95 45.42 -20.49
N ASP A 289 11.07 44.55 -19.50
CA ASP A 289 12.31 43.80 -19.31
C ASP A 289 12.21 42.66 -20.31
N LEU A 290 12.73 42.88 -21.51
CA LEU A 290 12.57 41.96 -22.63
C LEU A 290 13.16 40.59 -22.35
N SER A 291 14.14 40.54 -21.47
CA SER A 291 14.82 39.30 -21.11
C SER A 291 13.97 38.23 -20.40
N ARG A 292 13.02 38.66 -19.59
CA ARG A 292 12.22 37.72 -18.79
C ARG A 292 10.93 37.31 -19.48
N LEU A 293 10.82 37.73 -20.75
CA LEU A 293 9.57 37.72 -21.50
C LEU A 293 8.82 36.41 -21.43
N SER A 294 9.52 35.32 -21.73
CA SER A 294 8.88 34.01 -21.84
C SER A 294 8.22 33.68 -20.53
N THR A 295 8.96 33.91 -19.44
CA THR A 295 8.47 33.57 -18.11
C THR A 295 7.19 34.35 -17.92
N ALA A 296 7.25 35.64 -18.25
CA ALA A 296 6.11 36.51 -18.06
C ALA A 296 4.92 35.94 -18.81
N LEU A 297 5.10 35.62 -20.08
CA LEU A 297 3.95 35.18 -20.85
C LEU A 297 3.45 33.85 -20.34
N LEU A 298 4.37 33.01 -19.86
CA LEU A 298 3.92 31.71 -19.38
C LEU A 298 3.08 31.95 -18.14
N GLN A 299 3.51 32.92 -17.33
CA GLN A 299 2.75 33.26 -16.13
C GLN A 299 1.39 33.76 -16.58
N LEU A 300 1.37 34.47 -17.70
CA LEU A 300 0.10 34.98 -18.22
C LEU A 300 -0.82 33.83 -18.67
N SER A 301 -0.25 32.78 -19.27
CA SER A 301 -1.08 31.63 -19.59
C SER A 301 -1.56 31.08 -18.27
N ASP A 302 -0.64 31.05 -17.31
CA ASP A 302 -0.92 30.48 -16.01
C ASP A 302 -2.02 31.29 -15.33
N THR A 303 -2.17 32.56 -15.71
CA THR A 303 -3.26 33.34 -15.14
C THR A 303 -4.50 33.32 -16.02
N TYR A 304 -4.30 33.28 -17.34
CA TYR A 304 -5.42 33.47 -18.25
C TYR A 304 -6.32 32.26 -18.13
N TYR A 305 -5.70 31.09 -18.14
CA TYR A 305 -6.42 29.85 -17.95
C TYR A 305 -6.95 29.78 -16.51
N GLN A 306 -6.21 30.37 -15.57
CA GLN A 306 -6.62 30.33 -14.17
C GLN A 306 -7.89 31.11 -13.87
N HIS A 307 -8.09 32.24 -14.55
CA HIS A 307 -9.34 32.98 -14.42
C HIS A 307 -9.94 33.45 -15.74
N ALA A 308 -10.53 32.49 -16.45
CA ALA A 308 -11.39 32.79 -17.59
C ALA A 308 -12.68 32.01 -17.41
N ASN A 309 -13.77 32.57 -17.91
CA ASN A 309 -15.07 31.90 -17.87
C ASN A 309 -14.99 30.64 -18.72
N ASP A 310 -15.80 29.65 -18.38
CA ASP A 310 -15.58 28.28 -18.86
C ASP A 310 -15.51 28.16 -20.38
N GLN A 311 -16.25 29.02 -21.08
CA GLN A 311 -16.20 28.97 -22.54
C GLN A 311 -14.87 29.49 -23.11
N LEU A 312 -14.35 30.55 -22.49
CA LEU A 312 -13.04 31.08 -22.88
C LEU A 312 -11.97 30.04 -22.58
N ARG A 313 -12.12 29.38 -21.45
CA ARG A 313 -11.18 28.38 -20.98
C ARG A 313 -11.15 27.26 -22.01
N ARG A 314 -12.34 26.83 -22.45
CA ARG A 314 -12.42 25.76 -23.43
C ARG A 314 -11.87 26.20 -24.77
N LEU A 315 -11.96 27.50 -25.06
CA LEU A 315 -11.41 28.02 -26.31
C LEU A 315 -9.88 27.98 -26.29
N TYR A 316 -9.29 28.35 -25.16
CA TYR A 316 -7.84 28.25 -25.01
C TYR A 316 -7.40 26.79 -25.04
N ARG A 317 -8.22 25.89 -24.52
CA ARG A 317 -7.88 24.48 -24.60
C ARG A 317 -7.95 23.96 -26.05
N ARG A 318 -8.91 24.45 -26.83
CA ARG A 318 -8.99 24.07 -28.23
C ARG A 318 -7.74 24.56 -28.91
N MET A 319 -7.32 25.76 -28.54
CA MET A 319 -6.19 26.39 -29.19
C MET A 319 -4.94 25.60 -28.88
N TYR A 320 -4.85 25.14 -27.64
CA TYR A 320 -3.71 24.37 -27.16
C TYR A 320 -3.66 22.99 -27.81
N ASN A 321 -4.81 22.45 -28.19
CA ASN A 321 -4.81 21.17 -28.88
C ASN A 321 -4.50 21.25 -30.38
N ASP A 322 -5.13 22.18 -31.09
CA ASP A 322 -4.78 22.39 -32.50
C ASP A 322 -3.69 23.46 -32.60
N SER A 323 -2.50 23.13 -32.12
CA SER A 323 -1.37 24.04 -32.16
C SER A 323 -0.86 24.33 -33.57
N ARG A 324 -1.07 23.38 -34.49
CA ARG A 324 -0.63 23.56 -35.86
C ARG A 324 -1.56 24.49 -36.62
N THR A 325 -2.73 24.74 -36.04
CA THR A 325 -3.67 25.72 -36.58
C THR A 325 -3.16 27.13 -36.30
N LEU A 326 -3.46 28.07 -37.19
CA LEU A 326 -3.19 29.48 -36.92
C LEU A 326 -4.49 30.21 -36.66
N TYR A 327 -4.86 30.35 -35.39
CA TYR A 327 -6.03 31.12 -35.02
C TYR A 327 -5.83 32.62 -35.27
N MET A 328 -6.85 33.28 -35.83
CA MET A 328 -6.71 34.69 -36.19
C MET A 328 -8.05 35.40 -36.27
N THR A 329 -8.03 36.70 -35.96
CA THR A 329 -9.25 37.51 -35.95
C THR A 329 -9.74 37.76 -37.37
N GLN A 330 -11.03 38.02 -37.50
CA GLN A 330 -11.64 38.13 -38.81
C GLN A 330 -10.99 39.23 -39.65
N ARG A 331 -10.59 40.32 -38.98
CA ARG A 331 -9.99 41.46 -39.67
C ARG A 331 -8.63 41.11 -40.27
N HIS A 332 -7.92 40.22 -39.59
CA HIS A 332 -6.65 39.70 -40.05
C HIS A 332 -6.85 38.95 -41.36
N GLN A 333 -7.83 38.06 -41.36
CA GLN A 333 -8.10 37.26 -42.55
C GLN A 333 -8.57 38.15 -43.70
N GLU A 334 -9.27 39.22 -43.37
CA GLU A 334 -9.70 40.17 -44.39
C GLU A 334 -8.47 40.81 -45.03
N LEU A 335 -7.47 41.10 -44.19
CA LEU A 335 -6.22 41.65 -44.70
C LEU A 335 -5.47 40.66 -45.58
N LEU A 336 -5.53 39.38 -45.21
CA LEU A 336 -4.89 38.34 -46.00
C LEU A 336 -5.56 38.18 -47.35
N LEU A 337 -6.89 38.22 -47.38
CA LEU A 337 -7.63 38.11 -48.63
C LEU A 337 -7.27 39.30 -49.50
N ALA A 338 -7.01 40.44 -48.88
CA ALA A 338 -6.57 41.60 -49.63
C ALA A 338 -5.22 41.36 -50.29
N GLN A 339 -4.25 40.85 -49.53
CA GLN A 339 -2.92 40.64 -50.08
C GLN A 339 -2.82 39.47 -51.06
N ILE A 340 -3.76 38.52 -50.97
CA ILE A 340 -3.84 37.44 -51.95
C ILE A 340 -4.49 37.95 -53.24
N THR A 341 -5.49 38.81 -53.09
CA THR A 341 -6.11 39.44 -54.25
C THR A 341 -5.10 40.31 -54.99
N ALA A 342 -4.19 40.94 -54.24
CA ALA A 342 -3.16 41.76 -54.87
C ALA A 342 -2.06 40.94 -55.54
N ASP A 343 -1.58 39.90 -54.85
CA ASP A 343 -0.46 39.09 -55.31
C ASP A 343 -0.76 37.59 -55.23
N PRO A 344 -1.46 37.05 -56.25
CA PRO A 344 -2.01 35.68 -56.23
C PRO A 344 -0.95 34.60 -56.00
N ASN A 345 0.27 34.85 -56.46
CA ASN A 345 1.35 33.88 -56.30
C ASN A 345 1.85 33.72 -54.86
N ILE A 346 1.47 34.64 -53.99
CA ILE A 346 1.96 34.63 -52.61
C ILE A 346 1.57 33.35 -51.86
N LEU A 347 2.49 32.84 -51.05
CA LEU A 347 2.22 31.69 -50.20
C LEU A 347 1.78 32.18 -48.84
N LEU A 348 0.81 31.49 -48.24
CA LEU A 348 0.39 31.80 -46.87
C LEU A 348 0.13 30.50 -46.13
N TYR A 349 0.36 30.52 -44.83
CA TYR A 349 0.16 29.33 -44.02
C TYR A 349 -1.32 28.99 -44.11
N PRO A 350 -1.62 27.76 -44.53
CA PRO A 350 -2.98 27.41 -44.94
C PRO A 350 -3.92 27.11 -43.77
N TYR A 351 -3.39 26.52 -42.71
CA TYR A 351 -4.23 25.91 -41.69
C TYR A 351 -4.71 26.89 -40.63
N THR A 352 -5.56 27.84 -41.02
CA THR A 352 -6.06 28.86 -40.10
C THR A 352 -7.46 28.57 -39.58
N TYR A 353 -7.78 29.12 -38.42
CA TYR A 353 -9.13 29.11 -37.89
C TYR A 353 -9.53 30.54 -37.59
N ILE A 354 -10.46 31.07 -38.37
CA ILE A 354 -10.94 32.43 -38.18
C ILE A 354 -11.82 32.52 -36.95
N PHE A 355 -11.74 33.65 -36.24
CA PHE A 355 -12.62 33.89 -35.11
C PHE A 355 -13.86 34.65 -35.55
N THR A 356 -15.00 33.96 -35.54
CA THR A 356 -16.28 34.60 -35.79
C THR A 356 -16.52 35.64 -34.70
N THR A 357 -16.02 35.31 -33.51
CA THR A 357 -16.13 36.21 -32.37
C THR A 357 -14.77 36.54 -31.79
N ILE A 358 -14.49 37.83 -31.61
CA ILE A 358 -13.36 38.22 -30.80
C ILE A 358 -13.80 38.08 -29.36
N PRO A 359 -13.07 37.28 -28.58
CA PRO A 359 -13.52 36.87 -27.23
C PRO A 359 -13.71 38.05 -26.28
N THR A 360 -14.72 37.97 -25.44
CA THR A 360 -15.04 39.04 -24.50
C THR A 360 -14.31 38.85 -23.17
N SER A 361 -13.15 39.48 -23.05
CA SER A 361 -12.36 39.37 -21.82
C SER A 361 -11.58 40.64 -21.55
N MET A 362 -11.32 40.91 -20.28
CA MET A 362 -10.57 42.10 -19.88
C MET A 362 -9.13 42.04 -20.37
N ASN A 363 -8.61 43.18 -20.80
CA ASN A 363 -7.19 43.30 -21.11
C ASN A 363 -6.35 43.26 -19.85
N TYR A 364 -5.23 42.55 -19.89
CA TYR A 364 -4.34 42.51 -18.73
C TYR A 364 -3.30 43.62 -18.77
N ILE A 365 -3.11 44.27 -17.62
CA ILE A 365 -2.04 45.27 -17.47
C ILE A 365 -0.69 44.58 -17.49
N SER A 366 0.29 45.20 -18.14
CA SER A 366 1.64 44.64 -18.15
C SER A 366 2.73 45.68 -18.26
N ASN A 367 3.29 46.07 -17.11
CA ASN A 367 4.50 46.87 -17.07
C ASN A 367 5.60 46.08 -16.36
N THR A 368 6.52 45.52 -17.15
CA THR A 368 7.60 44.70 -16.60
C THR A 368 8.78 45.58 -16.16
N GLY A 369 8.66 46.88 -16.38
CA GLY A 369 9.67 47.83 -15.94
C GLY A 369 9.60 48.13 -14.45
N GLN A 370 10.60 48.83 -13.94
CA GLN A 370 10.70 49.13 -12.50
C GLN A 370 9.64 50.13 -12.03
N GLY A 371 9.22 49.99 -10.78
CA GLY A 371 8.27 50.92 -10.20
C GLY A 371 7.17 50.25 -9.39
N ARG A 372 7.15 50.51 -8.09
CA ARG A 372 6.09 50.01 -7.22
C ARG A 372 4.77 50.68 -7.58
N ILE A 373 3.69 49.90 -7.62
CA ILE A 373 2.36 50.46 -7.82
C ILE A 373 1.83 51.09 -6.51
N LYS A 374 1.04 52.16 -6.62
CA LYS A 374 0.43 52.77 -5.44
C LYS A 374 -1.06 52.83 -5.62
N HIS A 375 -1.73 51.68 -5.50
CA HIS A 375 -3.17 51.61 -5.80
C HIS A 375 -3.97 52.60 -4.98
N SER A 376 -4.90 53.30 -5.61
CA SER A 376 -5.84 54.19 -4.90
C SER A 376 -7.18 53.48 -4.80
N LEU A 377 -7.26 52.52 -3.89
CA LEU A 377 -8.36 51.57 -3.82
C LEU A 377 -9.71 52.23 -3.58
N THR A 378 -10.72 51.81 -4.34
CA THR A 378 -12.07 52.33 -4.20
C THR A 378 -12.90 51.53 -3.18
N VAL A 379 -13.82 52.21 -2.49
CA VAL A 379 -14.59 51.60 -1.41
C VAL A 379 -15.57 50.51 -1.88
N THR A 380 -16.06 50.62 -3.11
CA THR A 380 -17.07 49.71 -3.64
C THR A 380 -16.81 49.37 -5.10
N GLY A 381 -17.33 48.23 -5.54
CA GLY A 381 -17.12 47.79 -6.92
C GLY A 381 -18.16 46.81 -7.39
N ALA A 382 -17.85 46.11 -8.48
CA ALA A 382 -18.78 45.13 -9.04
C ALA A 382 -18.91 43.85 -8.22
N THR A 383 -17.79 43.36 -7.71
CA THR A 383 -17.79 42.10 -6.96
C THR A 383 -18.48 42.24 -5.60
N GLU A 384 -19.18 41.18 -5.18
CA GLU A 384 -19.78 41.16 -3.86
C GLU A 384 -19.25 39.99 -3.05
N HIS A 385 -18.36 40.29 -2.11
CA HIS A 385 -17.77 39.25 -1.27
C HIS A 385 -18.69 38.91 -0.09
N ASP A 386 -19.53 37.89 -0.26
CA ASP A 386 -20.48 37.51 0.78
C ASP A 386 -19.80 37.04 2.07
N THR A 387 -18.65 36.38 1.92
CA THR A 387 -17.84 35.94 3.05
C THR A 387 -16.46 35.50 2.56
N VAL A 388 -15.45 36.33 2.81
CA VAL A 388 -14.10 36.05 2.36
C VAL A 388 -13.22 35.41 3.43
N ALA A 389 -12.38 34.47 3.00
CA ALA A 389 -11.42 33.83 3.89
C ALA A 389 -10.37 34.84 4.34
N ASP A 390 -9.89 34.69 5.56
CA ASP A 390 -8.83 35.55 6.10
C ASP A 390 -7.59 35.42 5.23
N ILE A 391 -6.96 36.54 4.89
CA ILE A 391 -5.72 36.51 4.13
C ILE A 391 -4.52 36.78 5.03
N VAL A 392 -3.62 35.80 5.12
CA VAL A 392 -2.44 35.91 5.97
C VAL A 392 -1.24 36.36 5.16
N LEU A 393 -0.83 37.62 5.34
CA LEU A 393 0.34 38.13 4.66
C LEU A 393 1.60 37.56 5.27
N GLY A 394 2.35 36.79 4.48
CA GLY A 394 3.62 36.25 4.92
C GLY A 394 4.54 37.39 5.30
N GLN A 395 5.29 37.23 6.39
CA GLN A 395 6.11 38.31 6.90
C GLN A 395 7.23 38.73 5.94
N THR A 396 7.50 40.03 5.90
CA THR A 396 8.52 40.59 5.04
C THR A 396 9.90 40.64 5.68
N GLY A 397 10.94 40.45 4.87
CA GLY A 397 12.29 40.72 5.30
C GLY A 397 12.50 42.22 5.28
N GLU A 398 13.51 42.71 6.00
CA GLU A 398 13.84 44.12 5.93
C GLU A 398 14.68 44.40 4.69
N ASP A 399 15.19 43.32 4.08
CA ASP A 399 15.92 43.41 2.82
C ASP A 399 15.01 43.83 1.67
N VAL A 400 13.75 43.42 1.74
CA VAL A 400 12.78 43.77 0.71
C VAL A 400 12.09 45.08 1.05
N ILE A 401 11.84 45.29 2.34
CA ILE A 401 11.25 46.55 2.82
C ILE A 401 11.55 46.84 4.29
N THR A 402 11.92 48.08 4.59
CA THR A 402 12.08 48.52 5.97
C THR A 402 10.97 49.48 6.41
N ILE A 403 10.78 49.60 7.71
CA ILE A 403 9.78 50.51 8.28
C ILE A 403 10.35 51.37 9.41
N SER A 404 10.82 52.57 9.06
CA SER A 404 11.37 53.50 10.04
C SER A 404 10.31 54.10 10.96
N MET A 405 10.73 54.53 12.15
CA MET A 405 9.81 55.09 13.14
C MET A 405 9.15 56.39 12.68
N VAL A 406 9.84 57.15 11.86
CA VAL A 406 9.37 58.48 11.47
C VAL A 406 9.86 58.82 10.06
N GLU A 407 9.01 59.43 9.24
CA GLU A 407 9.43 59.92 7.93
C GLU A 407 10.28 61.19 8.06
N PRO A 408 11.48 61.18 7.46
CA PRO A 408 12.35 62.36 7.41
C PRO A 408 11.73 63.48 6.60
N MET A 409 11.99 64.72 6.99
CA MET A 409 11.45 65.89 6.29
C MET A 409 11.99 66.00 4.87
N SER A 410 11.14 66.51 3.98
CA SER A 410 11.57 66.93 2.65
C SER A 410 11.16 68.39 2.49
N ILE A 411 12.13 69.29 2.49
CA ILE A 411 11.82 70.71 2.64
C ILE A 411 12.86 71.63 2.01
N ALA A 412 12.45 72.86 1.72
CA ALA A 412 13.36 73.88 1.21
C ALA A 412 14.26 74.38 2.33
N VAL A 413 15.49 74.78 1.98
CA VAL A 413 16.47 75.19 2.96
C VAL A 413 16.04 76.45 3.74
N GLU A 414 15.37 77.37 3.06
CA GLU A 414 14.88 78.58 3.72
C GLU A 414 13.79 78.27 4.75
N ASP A 415 13.05 77.20 4.51
CA ASP A 415 11.92 76.85 5.37
C ASP A 415 12.35 76.54 6.80
N MET A 416 13.52 75.93 6.97
CA MET A 416 13.98 75.52 8.29
C MET A 416 14.23 76.72 9.21
N TYR A 417 14.63 77.84 8.62
CA TYR A 417 14.75 79.07 9.38
C TYR A 417 13.43 79.83 9.24
N GLY A 418 12.44 79.48 10.06
CA GLY A 418 11.14 80.10 9.95
C GLY A 418 10.40 80.23 11.26
N TYR A 419 10.63 81.32 11.98
CA TYR A 419 9.94 81.57 13.24
C TYR A 419 8.49 82.03 13.07
N VAL A 420 7.65 81.75 14.06
CA VAL A 420 6.26 82.20 14.08
C VAL A 420 5.81 82.68 15.45
N LEU A 421 5.82 84.00 15.64
CA LEU A 421 5.55 84.59 16.95
C LEU A 421 4.06 84.65 17.33
N ASP A 422 3.79 85.04 18.57
CA ASP A 422 2.45 85.41 19.01
C ASP A 422 2.49 86.61 19.95
N THR A 423 1.99 87.76 19.48
CA THR A 423 1.91 88.96 20.31
C THR A 423 0.81 88.89 21.39
N PRO A 424 1.08 89.49 22.57
CA PRO A 424 0.15 89.58 23.70
C PRO A 424 -1.11 90.38 23.38
N THR A 425 -2.24 90.01 23.98
CA THR A 425 -3.53 90.64 23.68
C THR A 425 -4.19 91.44 24.83
N ARG A 426 -4.25 90.85 26.02
CA ARG A 426 -4.93 91.50 27.16
C ARG A 426 -4.23 92.76 27.69
N ASP A 427 -5.02 93.79 28.00
CA ASP A 427 -4.47 95.09 28.42
C ASP A 427 -4.14 95.24 29.92
N ILE A 428 -4.57 94.27 30.73
CA ILE A 428 -4.34 94.35 32.17
C ILE A 428 -4.42 92.97 32.83
N TRP A 429 -3.85 92.86 34.03
CA TRP A 429 -3.76 91.58 34.72
C TRP A 429 -4.27 91.67 36.16
N PRO A 430 -5.61 91.56 36.34
CA PRO A 430 -6.26 91.64 37.66
C PRO A 430 -5.83 90.52 38.60
N ALA A 431 -5.78 90.82 39.89
CA ALA A 431 -5.18 89.93 40.88
C ALA A 431 -5.83 88.54 41.05
N ASP A 432 -7.15 88.46 40.88
CA ASP A 432 -7.85 87.17 40.97
C ASP A 432 -7.47 86.23 39.82
N GLU A 433 -7.24 86.82 38.65
CA GLU A 433 -6.91 86.06 37.45
C GLU A 433 -5.58 85.34 37.64
N GLN A 434 -4.69 85.98 38.38
CA GLN A 434 -3.38 85.40 38.67
C GLN A 434 -3.52 84.15 39.53
N ILE A 435 -4.51 84.14 40.42
CA ILE A 435 -4.72 82.99 41.29
C ILE A 435 -5.34 81.87 40.47
N GLU A 436 -6.32 82.26 39.64
CA GLU A 436 -7.04 81.28 38.82
C GLU A 436 -6.12 80.59 37.82
N GLN A 437 -5.11 81.31 37.34
CA GLN A 437 -4.11 80.70 36.45
C GLN A 437 -3.00 80.01 37.23
N LYS A 438 -2.73 80.49 38.44
CA LYS A 438 -1.72 79.89 39.30
C LYS A 438 -2.10 78.48 39.71
N GLY A 439 -3.40 78.24 39.90
CA GLY A 439 -3.85 76.91 40.25
C GLY A 439 -3.67 75.97 39.07
N ASP A 440 -3.93 76.47 37.86
CA ASP A 440 -3.77 75.70 36.64
C ASP A 440 -2.29 75.39 36.38
N ALA A 441 -1.42 76.31 36.77
CA ALA A 441 0.00 76.12 36.58
C ALA A 441 0.58 75.12 37.59
N VAL A 442 0.25 75.29 38.87
CA VAL A 442 0.73 74.40 39.90
C VAL A 442 0.20 72.98 39.66
N ALA A 443 -1.03 72.90 39.16
CA ALA A 443 -1.63 71.59 38.88
C ALA A 443 -1.03 70.94 37.64
N LEU A 444 -0.87 71.71 36.56
CA LEU A 444 -0.29 71.16 35.34
C LEU A 444 1.17 70.77 35.53
N TYR A 445 1.86 71.46 36.43
CA TYR A 445 3.26 71.14 36.70
C TYR A 445 3.42 69.94 37.64
N ASP A 446 2.73 69.96 38.78
CA ASP A 446 2.86 68.87 39.74
C ASP A 446 2.29 67.54 39.21
N THR A 447 1.24 67.62 38.39
CA THR A 447 0.73 66.46 37.69
C THR A 447 1.10 66.61 36.23
N LYS A 448 2.05 65.80 35.78
CA LYS A 448 2.76 66.08 34.53
C LYS A 448 1.91 66.01 33.25
N THR A 449 2.50 66.51 32.17
CA THR A 449 1.89 66.57 30.84
C THR A 449 1.68 65.18 30.25
N SER A 450 0.76 65.07 29.30
CA SER A 450 0.33 63.79 28.75
C SER A 450 1.47 62.95 28.19
N ARG A 451 1.43 61.66 28.49
CA ARG A 451 2.42 60.70 28.04
C ARG A 451 2.40 60.57 26.53
N ALA A 452 1.25 60.83 25.91
CA ALA A 452 1.12 60.76 24.46
C ALA A 452 1.78 61.98 23.78
N LEU A 453 1.51 63.16 24.32
CA LEU A 453 2.12 64.37 23.80
C LEU A 453 3.63 64.32 24.04
N GLY A 454 4.04 63.80 25.19
CA GLY A 454 5.46 63.72 25.51
C GLY A 454 6.16 62.69 24.66
N MET A 455 5.48 61.57 24.40
CA MET A 455 6.02 60.53 23.54
C MET A 455 6.17 61.02 22.11
N PHE A 456 5.19 61.79 21.61
CA PHE A 456 5.31 62.35 20.27
C PHE A 456 6.40 63.42 20.23
N ASN A 457 6.53 64.13 21.35
CA ASN A 457 7.52 65.19 21.48
C ASN A 457 8.91 64.60 21.38
N ASN A 458 9.06 63.39 21.91
CA ASN A 458 10.35 62.74 21.98
C ASN A 458 10.56 61.63 20.96
N THR A 459 9.58 61.43 20.07
CA THR A 459 9.69 60.39 19.06
C THR A 459 10.13 60.98 17.73
N VAL A 460 9.35 61.94 17.24
CA VAL A 460 9.72 62.67 16.05
C VAL A 460 10.70 63.75 16.48
N ARG A 461 11.95 63.34 16.65
CA ARG A 461 13.01 64.28 17.01
C ARG A 461 13.46 65.03 15.76
N ILE A 462 13.68 66.33 15.91
CA ILE A 462 13.93 67.20 14.77
C ILE A 462 15.23 66.91 14.02
N ASP A 463 16.24 66.43 14.73
CA ASP A 463 17.53 66.14 14.11
C ASP A 463 17.38 65.06 13.06
N ASP A 464 16.57 64.04 13.37
CA ASP A 464 16.33 62.94 12.44
C ASP A 464 15.55 63.38 11.20
N LEU A 465 14.71 64.41 11.36
CA LEU A 465 13.96 64.95 10.23
C LEU A 465 14.87 65.75 9.32
N LEU A 466 15.64 66.64 9.94
CA LEU A 466 16.51 67.52 9.19
C LEU A 466 17.69 66.82 8.52
N SER A 467 18.13 65.71 9.12
CA SER A 467 19.42 65.11 8.75
C SER A 467 19.62 64.76 7.27
N PRO A 468 18.66 64.08 6.63
CA PRO A 468 18.82 63.83 5.19
C PRO A 468 18.98 65.10 4.34
N LEU A 469 18.32 66.18 4.74
CA LEU A 469 18.50 67.46 4.04
C LEU A 469 19.90 68.01 4.29
N LEU A 470 20.29 68.05 5.56
CA LEU A 470 21.60 68.57 5.94
C LEU A 470 22.75 67.71 5.45
N SER A 471 22.54 66.39 5.37
CA SER A 471 23.52 65.49 4.78
C SER A 471 23.70 65.67 3.28
N LEU A 472 22.59 65.94 2.57
CA LEU A 472 22.65 66.18 1.13
C LEU A 472 23.39 67.47 0.81
N VAL A 473 23.28 68.46 1.69
CA VAL A 473 24.01 69.72 1.52
C VAL A 473 25.50 69.43 1.59
N TYR A 474 25.86 68.46 2.41
CA TYR A 474 27.25 68.11 2.64
C TYR A 474 27.85 67.36 1.46
N ARG A 475 27.14 66.36 0.95
CA ARG A 475 27.67 65.53 -0.13
C ARG A 475 27.91 66.27 -1.45
N THR A 476 27.06 67.26 -1.74
CA THR A 476 27.27 68.10 -2.92
C THR A 476 28.49 68.99 -2.74
N TYR A 477 28.81 69.30 -1.50
CA TYR A 477 29.95 70.16 -1.23
C TYR A 477 31.27 69.45 -1.48
N ILE A 478 31.42 68.26 -0.90
CA ILE A 478 32.68 67.53 -0.97
C ILE A 478 33.03 67.00 -2.37
N LYS A 479 32.02 66.76 -3.19
CA LYS A 479 32.26 66.36 -4.58
C LYS A 479 32.40 67.58 -5.50
N GLY A 480 32.28 68.77 -4.90
CA GLY A 480 32.50 70.01 -5.62
C GLY A 480 31.29 70.54 -6.36
N ASP A 481 30.14 69.88 -6.20
CA ASP A 481 28.92 70.24 -6.93
C ASP A 481 28.39 71.64 -6.61
N THR A 482 28.57 72.10 -5.37
CA THR A 482 28.19 73.46 -5.01
C THR A 482 29.37 74.40 -5.18
N MET A 483 29.07 75.65 -5.55
CA MET A 483 30.11 76.66 -5.73
C MET A 483 29.55 78.07 -5.76
N THR A 484 28.22 78.19 -5.69
CA THR A 484 27.60 79.51 -5.74
C THR A 484 26.49 79.71 -4.71
N MET A 485 26.74 80.65 -3.79
CA MET A 485 25.75 81.14 -2.85
C MET A 485 26.25 82.46 -2.28
N THR A 486 25.33 83.38 -1.98
CA THR A 486 25.72 84.69 -1.44
C THR A 486 26.15 84.60 0.02
N GLN A 487 27.11 85.43 0.41
CA GLN A 487 27.52 85.49 1.81
C GLN A 487 26.40 86.06 2.69
N GLY A 488 26.17 85.41 3.82
CA GLY A 488 25.15 85.83 4.76
C GLY A 488 23.78 85.24 4.44
N SER A 489 23.68 84.61 3.27
CA SER A 489 22.45 83.96 2.85
C SER A 489 22.23 82.69 3.65
N LEU A 490 20.97 82.29 3.80
CA LEU A 490 20.64 81.13 4.63
C LEU A 490 21.24 79.83 4.10
N ASP A 491 21.44 79.74 2.79
CA ASP A 491 22.11 78.58 2.22
C ASP A 491 23.57 78.50 2.68
N HIS A 492 24.19 79.66 2.88
CA HIS A 492 25.56 79.74 3.38
C HIS A 492 25.62 79.27 4.84
N LEU A 493 24.64 79.68 5.63
CA LEU A 493 24.55 79.23 7.02
C LEU A 493 24.34 77.71 7.03
N THR A 494 23.55 77.22 6.09
CA THR A 494 23.31 75.78 6.00
C THR A 494 24.57 75.01 5.61
N LEU A 495 25.43 75.62 4.79
CA LEU A 495 26.68 74.98 4.42
C LEU A 495 27.63 74.99 5.61
N CYS A 496 27.59 76.07 6.39
CA CYS A 496 28.41 76.16 7.59
C CYS A 496 27.98 75.10 8.58
N ALA A 497 26.70 74.77 8.54
CA ALA A 497 26.12 73.78 9.42
C ALA A 497 26.23 72.35 8.89
N ALA A 498 26.59 72.20 7.61
CA ALA A 498 26.69 70.86 7.01
C ALA A 498 28.13 70.33 6.92
N VAL A 499 29.11 71.19 7.24
CA VAL A 499 30.52 70.85 7.08
C VAL A 499 31.35 71.39 8.25
N ASP A 500 32.21 70.56 8.81
CA ASP A 500 33.08 70.98 9.90
C ASP A 500 34.41 71.55 9.38
N SER A 501 34.34 72.67 8.67
CA SER A 501 35.54 73.38 8.23
C SER A 501 35.23 74.83 7.83
N ASP A 502 36.26 75.67 7.78
CA ASP A 502 36.08 77.07 7.38
C ASP A 502 35.66 77.19 5.92
N ILE A 503 34.81 78.18 5.65
CA ILE A 503 34.33 78.44 4.28
C ILE A 503 34.83 79.78 3.74
N THR A 504 35.91 79.72 2.96
CA THR A 504 36.46 80.93 2.35
C THR A 504 35.66 81.37 1.11
N PHE A 505 35.73 82.65 0.79
CA PHE A 505 35.08 83.19 -0.39
C PHE A 505 36.06 83.96 -1.27
N VAL A 506 36.33 83.42 -2.46
CA VAL A 506 37.17 84.09 -3.44
C VAL A 506 36.53 85.39 -3.94
N GLY A 507 35.21 85.43 -3.87
CA GLY A 507 34.43 86.62 -4.18
C GLY A 507 33.15 86.54 -3.36
N ASN A 508 32.35 87.61 -3.38
CA ASN A 508 31.12 87.62 -2.60
C ASN A 508 30.10 86.58 -3.07
N ARG A 509 30.16 86.22 -4.36
CA ARG A 509 29.24 85.25 -4.93
C ARG A 509 29.80 83.83 -5.04
N MET A 510 31.11 83.70 -5.24
CA MET A 510 31.72 82.39 -5.47
C MET A 510 32.40 81.81 -4.23
N ILE A 511 32.02 80.58 -3.88
CA ILE A 511 32.68 79.86 -2.80
C ILE A 511 34.11 79.51 -3.20
N ALA A 512 35.04 79.60 -2.27
CA ALA A 512 36.40 79.16 -2.53
C ALA A 512 36.39 77.65 -2.73
N PRO A 513 37.05 77.18 -3.80
CA PRO A 513 37.03 75.75 -4.13
C PRO A 513 37.68 74.95 -3.01
N LEU A 514 37.16 73.74 -2.77
CA LEU A 514 37.70 72.89 -1.73
C LEU A 514 39.13 72.56 -2.08
N PRO A 515 40.06 72.71 -1.11
CA PRO A 515 41.47 72.43 -1.40
C PRO A 515 41.61 70.98 -1.86
N GLU A 516 42.48 70.77 -2.84
CA GLU A 516 42.51 69.53 -3.62
C GLU A 516 42.84 68.28 -2.80
N GLY A 517 43.60 68.48 -1.73
CA GLY A 517 44.12 67.36 -0.96
C GLY A 517 43.24 66.74 0.12
N TYR A 518 42.08 67.31 0.40
CA TYR A 518 41.30 66.84 1.54
C TYR A 518 39.78 67.02 1.44
N ILE A 519 39.06 66.18 2.17
CA ILE A 519 37.61 66.29 2.35
C ILE A 519 37.24 66.54 3.81
N PRO A 520 36.62 67.69 4.11
CA PRO A 520 36.26 68.05 5.49
C PRO A 520 35.25 67.08 6.09
N LYS A 521 35.37 66.82 7.39
CA LYS A 521 34.43 65.94 8.08
C LYS A 521 33.06 66.60 8.25
N PRO A 522 31.98 65.80 8.24
CA PRO A 522 30.63 66.34 8.41
C PRO A 522 30.47 67.06 9.74
N MET A 523 29.72 68.15 9.75
CA MET A 523 29.52 68.91 10.99
C MET A 523 28.74 68.09 12.01
N HIS A 524 29.13 68.20 13.28
CA HIS A 524 28.47 67.46 14.34
C HIS A 524 27.45 68.30 15.09
N ARG A 525 26.17 68.08 14.81
CA ARG A 525 25.10 68.79 15.49
C ARG A 525 24.42 67.92 16.56
N ASN A 526 24.15 68.51 17.72
CA ASN A 526 23.25 67.92 18.68
C ASN A 526 21.84 68.35 18.33
N ASN A 527 20.84 67.72 18.93
CA ASN A 527 19.45 67.93 18.52
C ASN A 527 18.95 69.38 18.66
N SER A 528 19.48 70.11 19.63
CA SER A 528 19.08 71.50 19.85
C SER A 528 19.91 72.53 19.05
N THR A 529 20.87 72.06 18.26
CA THR A 529 21.74 72.95 17.49
C THR A 529 20.99 73.80 16.47
N MET A 530 20.25 73.11 15.61
CA MET A 530 19.60 73.73 14.47
C MET A 530 18.55 74.73 14.93
N LYS A 531 17.96 74.42 16.09
CA LYS A 531 16.99 75.31 16.71
C LYS A 531 17.66 76.61 17.13
N MET A 532 18.86 76.50 17.69
CA MET A 532 19.63 77.69 18.07
C MET A 532 20.04 78.53 16.86
N LEU A 533 20.32 77.84 15.76
CA LEU A 533 20.65 78.54 14.52
C LEU A 533 19.42 79.31 14.04
N SER A 534 18.25 78.66 14.08
CA SER A 534 17.02 79.29 13.64
C SER A 534 16.60 80.45 14.54
N LEU A 535 16.92 80.36 15.83
CA LEU A 535 16.74 81.49 16.74
C LEU A 535 17.69 82.65 16.45
N TYR A 536 18.90 82.33 15.97
CA TYR A 536 19.82 83.40 15.55
C TYR A 536 19.25 84.13 14.33
N VAL A 537 18.77 83.33 13.37
CA VAL A 537 18.15 83.88 12.19
C VAL A 537 16.93 84.71 12.58
N ALA A 538 16.22 84.23 13.60
CA ALA A 538 15.04 84.92 14.10
C ALA A 538 15.44 86.25 14.71
N LEU A 539 16.62 86.30 15.31
CA LEU A 539 17.07 87.53 15.96
C LEU A 539 17.48 88.58 14.94
N LYS A 540 18.21 88.16 13.91
CA LYS A 540 18.57 89.10 12.84
C LYS A 540 17.34 89.55 12.05
N LYS A 541 16.36 88.67 11.94
CA LYS A 541 15.12 88.96 11.20
C LYS A 541 14.10 89.74 12.05
N LEU A 542 14.31 89.80 13.36
CA LEU A 542 13.47 90.61 14.25
C LEU A 542 14.09 91.96 14.52
N GLU A 543 15.41 92.04 14.44
CA GLU A 543 16.11 93.33 14.54
C GLU A 543 15.76 94.23 13.36
N ASN A 544 15.57 93.61 12.19
CA ASN A 544 15.11 94.30 10.98
C ASN A 544 14.56 93.26 10.02
N PHE A 545 13.59 93.65 9.21
CA PHE A 545 12.82 92.66 8.46
C PHE A 545 13.38 92.28 7.08
N ALA A 546 13.89 93.26 6.35
CA ALA A 546 14.19 93.07 4.94
C ALA A 546 15.55 92.41 4.65
N THR A 547 16.30 92.11 5.70
CA THR A 547 17.69 91.68 5.55
C THR A 547 17.87 90.38 4.74
N ASN A 548 18.82 90.43 3.81
CA ASN A 548 19.18 89.27 2.99
C ASN A 548 20.38 88.50 3.55
N SER A 549 21.32 89.23 4.15
CA SER A 549 22.47 88.61 4.80
C SER A 549 22.27 88.57 6.31
N TYR A 550 22.47 87.40 6.88
CA TYR A 550 22.22 87.19 8.30
C TYR A 550 23.52 87.28 9.11
N LEU A 551 24.53 87.88 8.49
CA LEU A 551 25.81 88.14 9.14
C LEU A 551 25.68 89.10 10.32
N MET A 552 26.47 88.86 11.37
CA MET A 552 26.52 89.75 12.52
C MET A 552 27.02 91.12 12.10
N ALA A 553 26.49 92.17 12.72
CA ALA A 553 27.02 93.51 12.51
C ALA A 553 28.42 93.57 13.09
N PRO A 554 29.31 94.35 12.46
CA PRO A 554 30.69 94.52 12.94
C PRO A 554 30.76 95.14 14.34
N ASP A 555 31.75 94.71 15.13
CA ASP A 555 31.96 95.17 16.50
C ASP A 555 30.74 94.92 17.39
N THR A 556 30.12 93.76 17.20
CA THR A 556 28.99 93.34 18.01
C THR A 556 29.19 91.91 18.49
N SER A 557 28.48 91.52 19.54
CA SER A 557 28.68 90.21 20.17
C SER A 557 27.36 89.53 20.54
N ILE A 558 27.42 88.22 20.79
CA ILE A 558 26.22 87.44 21.14
C ILE A 558 26.59 86.27 22.06
N ILE A 559 25.68 85.92 22.98
CA ILE A 559 25.89 84.79 23.90
C ILE A 559 24.80 83.71 23.78
N LEU A 560 25.19 82.44 23.90
CA LEU A 560 24.26 81.33 23.75
C LEU A 560 24.24 80.42 24.99
N LEU A 561 23.36 80.73 25.94
CA LEU A 561 23.27 79.95 27.19
C LEU A 561 22.62 78.58 26.95
N GLY A 562 22.90 77.64 27.84
CA GLY A 562 22.31 76.31 27.75
C GLY A 562 23.31 75.20 27.48
N ALA A 563 22.96 73.99 27.91
CA ALA A 563 23.87 72.85 27.79
C ALA A 563 24.11 72.47 26.33
N GLU A 564 25.36 72.11 26.04
CA GLU A 564 25.75 71.63 24.71
C GLU A 564 25.40 72.59 23.56
N ARG A 565 25.73 73.87 23.74
CA ARG A 565 25.52 74.87 22.70
C ARG A 565 26.74 75.02 21.79
N GLU A 566 27.72 74.14 21.98
CA GLU A 566 28.97 74.21 21.24
C GLU A 566 28.84 74.18 19.70
N PRO A 567 28.11 73.20 19.13
CA PRO A 567 27.95 73.19 17.66
C PRO A 567 27.32 74.47 17.10
N ALA A 568 26.41 75.07 17.86
CA ALA A 568 25.76 76.30 17.43
C ALA A 568 26.77 77.45 17.36
N VAL A 569 27.60 77.57 18.40
CA VAL A 569 28.63 78.60 18.43
C VAL A 569 29.72 78.38 17.39
N ASN A 570 30.00 77.12 17.08
CA ASN A 570 30.96 76.82 16.02
C ASN A 570 30.44 77.19 14.63
N ILE A 571 29.22 76.75 14.33
CA ILE A 571 28.65 77.07 13.03
C ILE A 571 28.46 78.58 12.91
N LEU A 572 28.12 79.23 14.01
CA LEU A 572 27.93 80.68 14.01
C LEU A 572 29.23 81.44 13.82
N ARG A 573 30.28 80.97 14.49
CA ARG A 573 31.59 81.61 14.40
C ARG A 573 32.14 81.46 13.00
N ARG A 574 32.13 80.24 12.47
CA ARG A 574 32.66 80.03 11.13
C ARG A 574 31.79 80.72 10.07
N PHE A 575 30.49 80.86 10.35
CA PHE A 575 29.58 81.58 9.46
C PHE A 575 29.94 83.07 9.39
N ASN A 576 30.50 83.59 10.48
CA ASN A 576 30.82 85.01 10.57
C ASN A 576 32.33 85.27 10.50
N ARG A 577 33.07 84.32 9.92
CA ARG A 577 34.52 84.40 9.86
C ARG A 577 35.01 85.62 9.08
N ASN A 578 34.19 86.07 8.13
CA ASN A 578 34.54 87.22 7.31
C ASN A 578 34.33 88.58 7.99
N VAL A 579 33.24 88.72 8.73
CA VAL A 579 32.95 89.98 9.42
C VAL A 579 33.97 90.28 10.51
N SER A 580 34.42 91.53 10.57
CA SER A 580 35.39 91.94 11.58
C SER A 580 34.79 92.02 12.98
N ASN A 581 35.60 91.65 13.98
CA ASN A 581 35.26 91.83 15.39
C ASN A 581 33.91 91.27 15.82
N VAL A 582 33.64 90.01 15.48
CA VAL A 582 32.38 89.37 15.83
C VAL A 582 32.51 88.31 16.95
N ARG A 583 32.41 88.76 18.20
CA ARG A 583 32.44 87.84 19.33
C ARG A 583 31.19 86.95 19.35
N ILE A 584 31.39 85.66 19.62
CA ILE A 584 30.28 84.73 19.78
C ILE A 584 30.53 83.82 20.98
N ILE A 585 30.12 84.30 22.15
CA ILE A 585 30.33 83.60 23.41
C ILE A 585 29.37 82.40 23.58
N GLY A 586 29.78 81.41 24.37
CA GLY A 586 28.91 80.30 24.75
C GLY A 586 28.87 80.09 26.25
N MET A 587 27.77 79.53 26.74
CA MET A 587 27.54 79.33 28.19
C MET A 587 26.70 78.09 28.46
N GLY A 588 26.55 77.72 29.73
CA GLY A 588 25.71 76.61 30.11
C GLY A 588 26.47 75.48 30.78
N ASP A 589 25.79 74.69 31.61
CA ASP A 589 26.40 73.54 32.26
C ASP A 589 26.69 72.47 31.20
N ARG A 590 27.67 71.62 31.48
CA ARG A 590 28.13 70.59 30.53
C ARG A 590 28.67 71.20 29.24
N ALA A 591 29.29 72.38 29.34
CA ALA A 591 29.77 73.07 28.15
C ALA A 591 31.29 73.09 28.02
N VAL A 592 31.77 72.37 27.01
CA VAL A 592 33.18 72.35 26.62
C VAL A 592 33.59 73.71 26.03
N GLU A 593 34.87 74.06 26.16
CA GLU A 593 35.42 75.26 25.55
C GLU A 593 35.26 75.10 24.03
N PRO A 594 34.99 76.20 23.29
CA PRO A 594 34.92 77.66 23.55
C PRO A 594 33.91 78.12 24.59
N ASN A 595 32.80 77.38 24.72
CA ASN A 595 31.74 77.72 25.65
C ASN A 595 32.19 77.68 27.10
N ILE A 596 31.82 78.71 27.87
CA ILE A 596 31.99 78.71 29.31
C ILE A 596 31.04 77.67 29.92
N ARG A 597 31.53 76.90 30.88
CA ARG A 597 30.65 76.00 31.64
C ARG A 597 30.22 76.64 32.95
N VAL A 598 28.93 76.92 33.08
CA VAL A 598 28.39 77.53 34.29
C VAL A 598 27.03 76.94 34.58
N ARG A 599 26.61 76.99 35.84
CA ARG A 599 25.32 76.45 36.22
C ARG A 599 24.32 77.54 36.59
N VAL A 600 23.05 77.27 36.30
CA VAL A 600 21.95 78.15 36.70
C VAL A 600 21.56 77.92 38.16
N PRO A 601 21.33 79.00 38.93
CA PRO A 601 21.51 80.44 38.65
C PRO A 601 22.96 80.82 38.38
N PHE A 602 23.16 81.79 37.50
CA PHE A 602 24.50 82.22 37.14
C PHE A 602 25.18 82.82 38.35
N PRO A 603 26.52 82.69 38.44
CA PRO A 603 27.25 83.21 39.59
C PRO A 603 27.07 84.71 39.73
N ILE A 604 26.98 85.19 40.97
CA ILE A 604 26.57 86.57 41.23
C ILE A 604 27.59 87.60 40.76
N ASP A 605 28.87 87.25 40.77
CA ASP A 605 29.91 88.15 40.29
C ASP A 605 29.92 88.33 38.77
N LYS A 606 29.53 87.27 38.06
CA LYS A 606 29.60 87.23 36.59
C LYS A 606 28.64 88.21 35.94
N ASN A 607 29.11 88.91 34.91
CA ASN A 607 28.34 89.99 34.31
C ASN A 607 28.36 89.92 32.78
N ILE A 608 27.67 88.91 32.26
CA ILE A 608 27.57 88.70 30.82
C ILE A 608 26.81 89.84 30.14
N SER A 609 27.25 90.21 28.93
CA SER A 609 26.61 91.30 28.20
C SER A 609 26.85 91.20 26.69
N ALA A 610 25.84 91.56 25.90
CA ALA A 610 25.91 91.50 24.44
C ALA A 610 24.79 92.32 23.81
N ASP A 611 24.86 92.49 22.50
CA ASP A 611 23.72 93.04 21.75
C ASP A 611 22.56 92.05 21.65
N PHE A 612 22.87 90.75 21.81
CA PHE A 612 21.88 89.68 21.66
C PHE A 612 22.11 88.59 22.68
N ILE A 613 21.04 87.92 23.11
CA ILE A 613 21.13 86.77 24.01
C ILE A 613 20.11 85.70 23.69
N ILE A 614 20.55 84.64 23.03
CA ILE A 614 19.66 83.51 22.78
C ILE A 614 19.71 82.53 23.96
N CYS A 615 19.03 82.88 25.04
CA CYS A 615 18.90 81.95 26.15
C CYS A 615 18.13 80.69 25.72
N ASP A 616 18.54 79.55 26.24
CA ASP A 616 17.94 78.28 25.86
C ASP A 616 18.10 77.29 27.00
N ILE A 617 18.11 77.82 28.22
CA ILE A 617 18.34 77.02 29.41
C ILE A 617 17.25 75.96 29.62
N ASN A 618 17.67 74.73 29.91
CA ASN A 618 16.74 73.65 30.22
C ASN A 618 16.34 73.61 31.69
N SER A 619 15.17 73.05 31.96
CA SER A 619 14.71 72.86 33.33
C SER A 619 15.49 71.78 34.05
N TYR A 620 15.68 71.95 35.35
CA TYR A 620 16.39 70.99 36.17
C TYR A 620 15.51 69.77 36.49
N GLU A 621 14.22 69.89 36.18
CA GLU A 621 13.24 68.79 36.33
C GLU A 621 12.93 68.39 37.78
N ASP A 622 13.94 67.95 38.51
CA ASP A 622 13.74 67.52 39.89
C ASP A 622 13.72 68.71 40.84
N GLN A 623 12.59 69.43 40.87
CA GLN A 623 12.47 70.63 41.69
C GLN A 623 11.02 71.01 41.98
N SER A 624 10.84 71.87 42.99
CA SER A 624 9.55 72.43 43.35
C SER A 624 9.04 73.36 42.25
N PHE A 625 7.73 73.54 42.14
CA PHE A 625 7.19 74.52 41.19
C PHE A 625 7.65 75.93 41.56
N GLU A 626 7.78 76.18 42.86
CA GLU A 626 8.31 77.46 43.33
C GLU A 626 9.74 77.62 42.80
N SER A 627 10.45 76.51 42.72
CA SER A 627 11.81 76.49 42.24
C SER A 627 11.92 76.81 40.77
N MET A 628 11.13 76.14 39.92
CA MET A 628 11.19 76.41 38.48
C MET A 628 10.66 77.81 38.17
N PHE A 629 9.75 78.29 39.00
CA PHE A 629 9.21 79.63 38.82
C PHE A 629 10.28 80.69 39.12
N SER A 630 10.90 80.60 40.29
CA SER A 630 11.93 81.56 40.68
C SER A 630 13.17 81.48 39.78
N GLU A 631 13.48 80.27 39.35
CA GLU A 631 14.63 80.03 38.49
C GLU A 631 14.41 80.59 37.09
N THR A 632 13.26 80.30 36.48
CA THR A 632 12.96 80.86 35.17
C THR A 632 12.81 82.39 35.24
N ILE A 633 12.31 82.88 36.38
CA ILE A 633 12.19 84.31 36.59
C ILE A 633 13.56 84.97 36.58
N SER A 634 14.49 84.42 37.35
CA SER A 634 15.85 84.97 37.39
C SER A 634 16.58 84.79 36.05
N VAL A 635 16.24 83.73 35.32
CA VAL A 635 16.81 83.52 33.99
C VAL A 635 16.38 84.60 33.01
N VAL A 636 15.08 84.90 32.99
CA VAL A 636 14.58 85.99 32.15
C VAL A 636 15.13 87.36 32.60
N THR A 637 15.29 87.53 33.91
CA THR A 637 15.80 88.79 34.43
C THR A 637 17.21 89.04 33.93
N THR A 638 18.06 88.03 34.10
CA THR A 638 19.45 88.12 33.64
C THR A 638 19.52 88.22 32.12
N CYS A 639 18.61 87.53 31.44
CA CYS A 639 18.58 87.52 29.98
C CYS A 639 18.17 88.88 29.42
N ALA A 640 17.42 89.65 30.20
CA ALA A 640 16.91 90.94 29.74
C ALA A 640 17.78 92.12 30.17
N SER A 641 18.39 92.02 31.34
CA SER A 641 19.24 93.11 31.84
C SER A 641 20.50 93.30 31.00
N ALA A 642 20.94 92.23 30.34
CA ALA A 642 22.18 92.26 29.59
C ALA A 642 22.03 92.68 28.12
N ALA A 643 20.96 92.23 27.48
CA ALA A 643 20.77 92.51 26.06
C ALA A 643 19.57 93.41 25.79
N THR A 644 19.71 94.28 24.79
CA THR A 644 18.58 95.04 24.29
C THR A 644 17.57 94.11 23.61
N ARG A 645 18.07 93.01 23.06
CA ARG A 645 17.22 92.04 22.38
C ARG A 645 17.48 90.64 22.92
N ALA A 646 16.42 89.89 23.18
CA ALA A 646 16.55 88.58 23.81
C ALA A 646 15.54 87.57 23.26
N LEU A 647 15.78 86.29 23.50
CA LEU A 647 14.94 85.22 22.96
C LEU A 647 14.91 84.03 23.91
N VAL A 648 14.43 84.23 25.13
CA VAL A 648 14.53 83.19 26.16
C VAL A 648 13.51 82.04 26.05
N LYS A 649 13.99 80.80 26.09
CA LYS A 649 13.11 79.63 26.09
C LYS A 649 12.33 79.50 27.39
N ILE A 650 11.06 79.13 27.27
CA ILE A 650 10.23 78.77 28.42
C ILE A 650 9.81 77.30 28.35
N ASN A 651 10.38 76.50 29.24
CA ASN A 651 10.09 75.08 29.29
C ASN A 651 8.65 74.76 29.72
N HIS A 652 8.09 75.62 30.56
CA HIS A 652 6.73 75.42 31.06
C HIS A 652 5.88 76.68 30.93
N PRO A 653 5.41 76.94 29.69
CA PRO A 653 4.77 78.21 29.31
C PRO A 653 3.33 78.34 29.78
N SER A 654 3.10 78.30 31.09
CA SER A 654 1.77 78.53 31.63
C SER A 654 1.43 79.99 31.40
N GLU A 655 0.14 80.33 31.32
CA GLU A 655 -0.26 81.72 31.15
C GLU A 655 0.23 82.53 32.35
N TYR A 656 0.23 81.89 33.53
CA TYR A 656 0.71 82.50 34.76
C TYR A 656 2.21 82.74 34.74
N MET A 657 2.94 81.81 34.15
CA MET A 657 4.40 81.91 34.08
C MET A 657 4.79 83.10 33.22
N ILE A 658 4.24 83.15 32.02
CA ILE A 658 4.59 84.16 31.04
C ILE A 658 4.08 85.54 31.47
N ASN A 659 2.86 85.60 31.99
CA ASN A 659 2.36 86.87 32.51
C ASN A 659 3.10 87.39 33.75
N SER A 660 3.56 86.47 34.59
CA SER A 660 4.42 86.85 35.71
C SER A 660 5.78 87.31 35.20
N VAL A 661 6.19 86.80 34.04
CA VAL A 661 7.42 87.23 33.39
C VAL A 661 7.30 88.68 32.92
N ILE A 662 6.21 89.00 32.23
CA ILE A 662 6.02 90.40 31.81
C ILE A 662 5.84 91.31 33.01
N GLU A 663 5.20 90.78 34.06
CA GLU A 663 5.04 91.55 35.30
C GLU A 663 6.41 91.83 35.89
N ARG A 664 7.32 90.87 35.76
CA ARG A 664 8.67 91.02 36.29
C ARG A 664 9.47 92.05 35.49
N LEU A 665 9.34 92.01 34.16
CA LEU A 665 10.05 92.97 33.31
C LEU A 665 9.55 94.40 33.53
N SER A 666 8.25 94.54 33.78
CA SER A 666 7.72 95.85 34.15
C SER A 666 8.21 96.25 35.54
N GLN A 667 8.38 95.25 36.42
CA GLN A 667 8.91 95.50 37.76
C GLN A 667 10.36 95.96 37.74
N LEU A 668 11.11 95.53 36.73
CA LEU A 668 12.53 95.91 36.62
C LEU A 668 12.74 97.21 35.84
N GLY A 669 12.03 97.39 34.72
CA GLY A 669 12.31 98.50 33.84
C GLY A 669 11.43 99.73 33.95
N GLY A 670 10.32 99.61 34.66
CA GLY A 670 9.31 100.65 34.64
C GLY A 670 8.43 100.50 33.43
N VAL A 671 8.87 101.04 32.29
CA VAL A 671 8.17 100.87 31.03
C VAL A 671 8.18 99.40 30.58
N PHE A 672 7.06 98.95 30.00
CA PHE A 672 6.91 97.57 29.55
C PHE A 672 7.82 97.20 28.37
N TYR A 673 8.31 95.97 28.39
CA TYR A 673 9.04 95.40 27.26
C TYR A 673 8.09 94.92 26.16
N HIS A 674 8.53 94.99 24.91
CA HIS A 674 7.76 94.46 23.79
C HIS A 674 8.04 92.98 23.55
N THR A 675 7.43 92.13 24.36
CA THR A 675 7.57 90.68 24.22
C THR A 675 6.70 90.06 23.11
N ALA A 676 7.15 88.91 22.60
CA ALA A 676 6.34 88.07 21.71
C ALA A 676 6.76 86.61 21.82
N LEU A 677 5.81 85.68 21.83
CA LEU A 677 6.13 84.27 22.00
C LEU A 677 6.46 83.61 20.66
N LEU A 678 7.73 83.59 20.33
CA LEU A 678 8.24 82.96 19.12
C LEU A 678 8.25 81.42 19.20
N LYS A 679 8.21 80.77 18.04
CA LYS A 679 8.35 79.33 17.94
C LYS A 679 9.10 78.99 16.64
N THR A 680 10.36 78.62 16.76
CA THR A 680 11.19 78.30 15.60
C THR A 680 10.75 77.05 14.86
N ALA A 681 10.88 77.07 13.53
CA ALA A 681 10.57 75.91 12.68
C ALA A 681 11.56 74.76 12.80
N SER A 682 12.78 75.05 13.23
CA SER A 682 13.81 74.04 13.43
C SER A 682 13.71 73.41 14.82
N GLN A 683 12.81 73.95 15.63
CA GLN A 683 12.48 73.38 16.92
C GLN A 683 11.71 72.06 16.71
N ASN A 684 11.77 71.16 17.67
CA ASN A 684 11.02 69.90 17.57
C ASN A 684 9.52 70.15 17.43
N PRO A 685 8.88 69.47 16.47
CA PRO A 685 7.52 69.79 16.04
C PRO A 685 6.47 69.73 17.15
N TYR A 686 6.61 68.79 18.09
CA TYR A 686 5.59 68.63 19.13
C TYR A 686 5.95 69.32 20.44
N SER A 687 7.14 69.90 20.50
CA SER A 687 7.58 70.53 21.73
C SER A 687 6.69 71.73 22.01
N TYR A 688 6.32 71.90 23.27
CA TYR A 688 5.53 73.04 23.70
C TYR A 688 6.45 74.13 24.26
N GLU A 689 7.76 73.90 24.15
CA GLU A 689 8.75 74.81 24.72
C GLU A 689 8.98 76.05 23.84
N THR A 690 8.00 76.95 23.83
CA THR A 690 8.09 78.16 23.02
C THR A 690 9.04 79.20 23.62
N TYR A 691 9.67 79.98 22.75
CA TYR A 691 10.56 81.04 23.16
C TYR A 691 9.80 82.36 23.36
N ILE A 692 10.38 83.26 24.13
CA ILE A 692 9.84 84.61 24.28
C ILE A 692 10.90 85.65 23.92
N TYR A 693 10.64 86.33 22.81
CA TYR A 693 11.40 87.48 22.36
C TYR A 693 11.17 88.64 23.33
N ILE A 694 12.21 89.41 23.61
CA ILE A 694 12.11 90.51 24.56
C ILE A 694 12.94 91.71 24.10
N THR A 695 12.29 92.85 23.94
CA THR A 695 12.99 94.09 23.60
C THR A 695 12.24 95.34 24.09
N PRO A 696 12.93 96.20 24.85
CA PRO A 696 12.40 97.51 25.23
C PRO A 696 12.16 98.40 24.02
N ILE A 697 11.12 99.22 24.05
CA ILE A 697 10.87 100.21 23.01
C ILE A 697 10.44 101.53 23.66
N ALA A 698 10.72 102.63 22.97
CA ALA A 698 10.43 103.96 23.51
C ALA A 698 8.94 104.19 23.75
N ALA A 699 8.10 103.59 22.89
CA ALA A 699 6.66 103.63 23.08
C ALA A 699 6.24 102.72 24.23
N ALA A 700 5.22 103.13 24.98
CA ALA A 700 4.63 102.27 25.99
C ALA A 700 3.95 101.09 25.29
N VAL A 701 4.08 99.90 25.88
CA VAL A 701 3.48 98.71 25.28
C VAL A 701 2.05 98.51 25.76
N ARG A 702 1.10 99.00 24.98
CA ARG A 702 -0.31 98.75 25.26
C ARG A 702 -0.64 97.27 25.01
N PHE A 703 -1.57 96.74 25.79
CA PHE A 703 -1.88 95.30 25.82
C PHE A 703 -0.65 94.41 26.05
N PRO A 704 0.12 94.67 27.13
CA PRO A 704 1.33 93.88 27.44
C PRO A 704 1.13 92.39 27.70
N PHE A 705 -0.01 92.02 28.29
CA PHE A 705 -0.20 90.65 28.78
C PHE A 705 -0.76 89.67 27.74
N TYR A 706 -0.37 88.41 27.87
CA TYR A 706 -0.97 87.34 27.05
C TYR A 706 -2.17 86.72 27.74
N SER A 707 -3.07 86.16 26.94
CA SER A 707 -4.04 85.20 27.44
C SER A 707 -4.59 84.40 26.27
N ASN A 708 -4.76 83.10 26.48
CA ASN A 708 -5.29 82.20 25.45
C ASN A 708 -4.50 82.27 24.13
N SER A 709 -3.21 82.58 24.23
CA SER A 709 -2.34 82.59 23.05
C SER A 709 -2.05 81.16 22.63
N ALA A 710 -1.88 80.95 21.32
CA ALA A 710 -1.77 79.61 20.75
C ALA A 710 -0.54 78.85 21.24
N MET A 711 0.55 79.59 21.45
CA MET A 711 1.79 79.02 21.95
C MET A 711 1.57 78.51 23.36
N ILE A 712 0.70 79.20 24.09
CA ILE A 712 0.37 78.83 25.46
C ILE A 712 -0.66 77.70 25.47
N ASN A 713 -1.59 77.75 24.53
CA ASN A 713 -2.60 76.70 24.39
C ASN A 713 -2.02 75.35 24.00
N ARG A 714 -0.86 75.35 23.35
CA ARG A 714 -0.17 74.10 23.07
C ARG A 714 0.21 73.39 24.38
N TYR A 715 0.46 74.17 25.42
CA TYR A 715 0.83 73.63 26.73
C TYR A 715 -0.35 73.46 27.69
N MET A 716 -1.34 74.34 27.57
CA MET A 716 -2.46 74.36 28.53
C MET A 716 -3.51 73.27 28.30
N THR A 717 -3.88 73.05 27.04
CA THR A 717 -4.89 72.05 26.72
C THR A 717 -4.31 70.65 26.77
N ALA A 718 -2.99 70.55 26.77
CA ALA A 718 -2.34 69.31 27.17
C ALA A 718 -2.62 69.11 28.67
N VAL A 719 -2.98 67.89 29.06
CA VAL A 719 -3.27 67.58 30.45
C VAL A 719 -2.88 66.15 30.76
N ALA A 720 -3.21 65.68 31.97
CA ALA A 720 -2.90 64.31 32.36
C ALA A 720 -3.60 63.33 31.41
N ASP A 721 -2.85 62.35 30.93
CA ASP A 721 -3.38 61.36 30.00
C ASP A 721 -4.37 60.42 30.70
N ASP A 722 -5.44 60.08 30.00
CA ASP A 722 -6.45 59.16 30.53
C ASP A 722 -6.01 57.70 30.37
N GLU A 723 -5.30 57.42 29.27
CA GLU A 723 -4.88 56.07 28.95
C GLU A 723 -3.56 56.11 28.19
N MET A 724 -2.87 54.97 28.15
CA MET A 724 -1.60 54.88 27.44
C MET A 724 -1.82 55.04 25.94
N PRO A 725 -0.98 55.85 25.29
CA PRO A 725 -1.10 56.24 23.87
C PRO A 725 -1.00 55.08 22.90
N ILE A 726 -1.75 55.15 21.80
CA ILE A 726 -1.71 54.10 20.79
C ILE A 726 -0.33 53.99 20.13
N ILE A 727 0.13 52.75 20.03
CA ILE A 727 1.41 52.44 19.43
C ILE A 727 1.17 51.70 18.12
N PRO A 728 1.66 52.26 17.01
CA PRO A 728 1.38 51.74 15.66
C PRO A 728 1.72 50.26 15.48
N SER A 729 0.72 49.41 15.63
CA SER A 729 0.86 47.98 15.39
C SER A 729 1.01 47.71 13.90
N ILE A 730 1.64 46.59 13.55
CA ILE A 730 1.77 46.18 12.15
C ILE A 730 1.23 44.77 11.94
N HIS A 731 -0.10 44.67 11.86
CA HIS A 731 -0.83 43.42 11.68
C HIS A 731 -0.71 42.91 10.25
N THR A 732 -0.76 41.59 10.09
CA THR A 732 -0.54 40.98 8.78
C THR A 732 -1.80 40.39 8.16
N VAL A 733 -2.55 39.62 8.95
CA VAL A 733 -3.78 39.00 8.45
C VAL A 733 -4.84 40.02 8.09
N ILE A 734 -5.50 39.81 6.95
CA ILE A 734 -6.56 40.70 6.52
C ILE A 734 -7.92 40.00 6.63
N LYS A 735 -8.60 40.23 7.75
CA LYS A 735 -9.97 39.77 7.92
C LYS A 735 -10.87 40.53 6.95
N GLY A 736 -11.89 39.87 6.42
CA GLY A 736 -12.81 40.51 5.50
C GLY A 736 -13.93 41.26 6.19
N HIS A 737 -13.96 42.58 5.98
CA HIS A 737 -15.00 43.46 6.52
C HIS A 737 -15.14 43.39 8.05
N SER A 738 -14.06 43.05 8.74
CA SER A 738 -14.04 43.03 10.19
C SER A 738 -13.58 44.39 10.72
N ASN A 739 -14.39 45.00 11.58
CA ASN A 739 -14.11 46.37 12.02
C ASN A 739 -12.86 46.54 12.86
N THR A 740 -12.51 45.53 13.65
CA THR A 740 -11.46 45.68 14.67
C THR A 740 -10.03 45.68 14.11
N TYR A 741 -9.34 46.80 14.34
CA TYR A 741 -7.93 46.95 14.00
C TYR A 741 -7.34 48.13 14.80
N SER A 742 -6.07 48.03 15.15
CA SER A 742 -5.33 49.12 15.76
C SER A 742 -4.86 50.13 14.71
N PRO A 743 -4.63 51.39 15.11
CA PRO A 743 -3.96 52.32 14.19
C PRO A 743 -2.55 51.83 13.87
N GLY A 744 -2.09 52.05 12.64
CA GLY A 744 -0.84 51.49 12.20
C GLY A 744 -0.81 51.10 10.74
N LEU A 745 -0.46 49.85 10.45
CA LEU A 745 -0.11 49.45 9.08
C LEU A 745 -0.40 48.00 8.76
N PHE A 746 -0.19 47.66 7.49
CA PHE A 746 -0.55 46.36 6.95
C PHE A 746 0.54 45.84 6.05
N CYS A 747 1.73 45.66 6.58
CA CYS A 747 2.82 45.11 5.80
C CYS A 747 2.69 43.60 5.62
N GLY A 748 3.24 43.08 4.53
CA GLY A 748 3.27 41.65 4.30
C GLY A 748 3.57 41.33 2.85
N CYS A 749 3.63 40.04 2.54
CA CYS A 749 3.70 39.57 1.15
C CYS A 749 2.63 38.52 0.94
N VAL A 750 2.12 38.39 -0.28
CA VAL A 750 1.18 37.32 -0.58
C VAL A 750 1.27 36.90 -2.03
N ASP A 751 0.92 35.65 -2.34
CA ASP A 751 1.06 35.13 -3.70
C ASP A 751 0.25 35.97 -4.66
N VAL A 752 0.75 36.15 -5.88
CA VAL A 752 0.15 37.06 -6.84
C VAL A 752 -1.28 36.66 -7.19
N GLN A 753 -1.58 35.37 -7.17
CA GLN A 753 -2.92 34.90 -7.49
C GLN A 753 -3.95 35.29 -6.43
N SER A 754 -3.54 35.27 -5.18
CA SER A 754 -4.41 35.69 -4.08
C SER A 754 -4.25 37.17 -3.80
N ALA A 755 -3.35 37.81 -4.55
CA ALA A 755 -3.15 39.27 -4.48
C ALA A 755 -4.35 40.18 -4.80
N PRO A 756 -5.08 39.95 -5.92
CA PRO A 756 -6.24 40.82 -6.16
C PRO A 756 -7.26 40.74 -5.03
N LEU A 757 -7.40 39.54 -4.47
CA LEU A 757 -8.31 39.31 -3.38
C LEU A 757 -7.82 40.11 -2.18
N ALA A 758 -6.50 40.20 -2.07
CA ALA A 758 -5.88 40.88 -0.95
C ALA A 758 -6.25 42.35 -0.99
N LEU A 759 -6.09 42.97 -2.15
CA LEU A 759 -6.50 44.35 -2.36
C LEU A 759 -8.02 44.51 -2.29
N SER A 760 -8.75 43.46 -2.69
CA SER A 760 -10.21 43.46 -2.60
C SER A 760 -10.65 43.45 -1.14
N GLN A 761 -9.80 42.90 -0.27
CA GLN A 761 -10.07 42.92 1.15
C GLN A 761 -9.44 44.11 1.83
N LEU A 762 -8.28 44.51 1.31
CA LEU A 762 -7.51 45.60 1.90
C LEU A 762 -8.25 46.93 1.78
N LYS A 763 -9.17 47.01 0.82
CA LYS A 763 -9.86 48.27 0.52
C LYS A 763 -10.71 48.75 1.70
N SER A 764 -11.09 47.81 2.55
CA SER A 764 -12.00 48.07 3.66
C SER A 764 -11.42 49.03 4.69
N TYR A 765 -10.09 49.11 4.73
CA TYR A 765 -9.41 49.84 5.80
C TYR A 765 -8.43 50.91 5.32
N CYS A 766 -7.98 50.77 4.08
CA CYS A 766 -6.86 51.56 3.59
C CYS A 766 -7.20 52.41 2.35
N SER A 767 -6.91 53.71 2.45
CA SER A 767 -7.22 54.66 1.38
C SER A 767 -6.36 54.39 0.14
N GLU A 768 -5.18 53.84 0.39
CA GLU A 768 -4.30 53.39 -0.68
C GLU A 768 -3.30 52.38 -0.11
N ALA A 769 -2.73 51.54 -0.98
CA ALA A 769 -1.83 50.48 -0.53
C ALA A 769 -0.80 50.11 -1.58
N THR A 770 0.46 50.49 -1.36
CA THR A 770 1.51 50.22 -2.35
C THR A 770 1.85 48.72 -2.49
N THR A 771 2.10 48.28 -3.73
CA THR A 771 2.32 46.86 -4.00
C THR A 771 3.38 46.66 -5.08
N TRP A 772 4.20 45.63 -4.93
CA TRP A 772 5.23 45.33 -5.93
C TRP A 772 5.79 43.92 -5.78
N ARG A 773 6.47 43.44 -6.82
CA ARG A 773 7.21 42.18 -6.77
C ARG A 773 8.71 42.45 -6.82
N VAL A 774 9.50 41.63 -6.15
CA VAL A 774 10.95 41.80 -6.20
C VAL A 774 11.49 41.57 -7.61
N ASP A 775 10.88 40.64 -8.33
CA ASP A 775 11.37 40.23 -9.65
C ASP A 775 10.31 39.44 -10.42
N SER A 776 10.53 39.30 -11.72
CA SER A 776 9.65 38.50 -12.56
C SER A 776 9.68 37.03 -12.11
N ASP A 777 10.80 36.64 -11.50
CA ASP A 777 10.92 35.31 -10.90
C ASP A 777 10.03 35.08 -9.67
N ASP A 778 9.85 36.13 -8.87
CA ASP A 778 9.12 36.01 -7.59
C ASP A 778 7.64 35.70 -7.79
N ASN A 779 7.11 34.78 -6.98
CA ASN A 779 5.68 34.48 -7.02
C ASN A 779 4.86 35.36 -6.08
N LEU A 780 5.55 36.14 -5.26
CA LEU A 780 4.89 36.93 -4.23
C LEU A 780 4.81 38.40 -4.59
N VAL A 781 3.80 39.07 -4.04
CA VAL A 781 3.69 40.53 -4.09
C VAL A 781 3.72 41.08 -2.68
N ASN A 782 4.74 41.89 -2.42
CA ASN A 782 4.86 42.67 -1.22
C ASN A 782 3.84 43.80 -1.22
N ILE A 783 3.25 44.06 -0.05
CA ILE A 783 2.12 44.97 0.08
C ILE A 783 2.19 45.78 1.37
N ILE A 784 2.05 47.11 1.25
CA ILE A 784 2.06 47.99 2.41
C ILE A 784 0.81 48.87 2.42
N ALA A 785 0.19 48.99 3.59
CA ALA A 785 -1.02 49.78 3.72
C ALA A 785 -1.12 50.55 5.04
N ARG A 786 -1.30 51.86 4.95
CA ARG A 786 -1.65 52.67 6.11
C ARG A 786 -3.10 52.37 6.45
N ILE A 787 -3.46 52.46 7.73
CA ILE A 787 -4.87 52.34 8.07
C ILE A 787 -5.48 53.71 8.38
N ASP A 788 -6.29 54.21 7.45
CA ASP A 788 -6.97 55.50 7.61
C ASP A 788 -8.38 55.36 8.20
N PRO A 789 -8.64 56.07 9.32
CA PRO A 789 -9.91 56.07 10.04
C PRO A 789 -11.10 56.51 9.18
N ALA A 790 -10.86 57.40 8.22
CA ALA A 790 -11.93 57.90 7.36
C ALA A 790 -12.54 56.79 6.49
N ARG A 791 -11.68 56.03 5.82
CA ARG A 791 -12.15 54.94 4.97
C ARG A 791 -12.82 53.87 5.81
N ILE A 792 -12.33 53.67 7.03
CA ILE A 792 -12.97 52.72 7.94
C ILE A 792 -14.33 53.25 8.40
N ALA A 793 -14.47 54.57 8.45
CA ALA A 793 -15.73 55.22 8.81
C ALA A 793 -16.67 55.32 7.60
N LEU A 794 -16.17 54.92 6.43
CA LEU A 794 -16.99 54.88 5.21
C LEU A 794 -17.44 53.46 4.86
N GLU A 795 -16.51 52.51 4.86
CA GLU A 795 -16.80 51.13 4.48
C GLU A 795 -17.65 50.40 5.53
N PHE A 796 -17.68 50.92 6.75
CA PHE A 796 -18.38 50.26 7.84
C PHE A 796 -19.72 50.87 8.24
N ARG A 797 -20.27 51.70 7.36
CA ARG A 797 -21.64 52.19 7.51
C ARG A 797 -22.69 51.11 7.28
N THR A 798 -22.31 50.07 6.53
CA THR A 798 -23.20 48.95 6.23
C THR A 798 -22.42 47.63 6.18
N ARG A 799 -23.14 46.51 6.10
CA ARG A 799 -22.52 45.20 6.03
C ARG A 799 -22.04 44.81 4.63
N SER A 800 -22.38 45.64 3.63
CA SER A 800 -22.02 45.34 2.23
C SER A 800 -20.51 45.35 1.99
N ASN A 801 -20.05 44.41 1.16
CA ASN A 801 -18.63 44.24 0.90
C ASN A 801 -18.28 44.22 -0.60
N THR A 802 -18.70 45.26 -1.31
CA THR A 802 -18.38 45.42 -2.72
C THR A 802 -16.94 45.90 -2.97
N SER A 803 -16.34 45.49 -4.09
CA SER A 803 -14.94 45.79 -4.39
C SER A 803 -14.62 45.68 -5.88
N ALA A 804 -13.56 46.35 -6.30
CA ALA A 804 -13.14 46.33 -7.71
C ALA A 804 -12.16 45.19 -7.99
N TYR A 805 -12.47 44.03 -7.43
CA TYR A 805 -11.62 42.84 -7.52
C TYR A 805 -11.41 42.39 -8.96
N HIS A 806 -12.44 42.55 -9.78
CA HIS A 806 -12.37 42.16 -11.18
C HIS A 806 -11.35 42.99 -11.95
N GLU A 807 -11.20 44.25 -11.56
CA GLU A 807 -10.19 45.11 -12.16
C GLU A 807 -8.80 44.76 -11.65
N TYR A 808 -8.73 44.37 -10.38
CA TYR A 808 -7.47 43.97 -9.77
C TYR A 808 -6.95 42.66 -10.38
N GLN A 809 -7.86 41.86 -10.92
CA GLN A 809 -7.46 40.62 -11.59
C GLN A 809 -6.63 40.86 -12.86
N ARG A 810 -6.85 42.00 -13.52
CA ARG A 810 -6.08 42.36 -14.70
C ARG A 810 -4.60 42.67 -14.38
N TYR A 811 -4.33 43.11 -13.16
CA TYR A 811 -2.97 43.49 -12.74
C TYR A 811 -2.09 42.27 -12.46
N VAL A 812 -2.71 41.12 -12.33
CA VAL A 812 -1.99 39.87 -12.10
C VAL A 812 -1.56 39.21 -13.40
N PRO A 813 -0.27 38.86 -13.53
CA PRO A 813 0.79 39.07 -12.53
C PRO A 813 1.70 40.27 -12.81
N ASN A 814 1.89 40.62 -14.08
CA ASN A 814 2.84 41.66 -14.45
C ASN A 814 2.35 43.09 -14.17
N GLY A 815 1.06 43.26 -13.96
CA GLY A 815 0.50 44.59 -13.73
C GLY A 815 0.73 45.11 -12.33
N LEU A 816 1.01 44.18 -11.41
CA LEU A 816 1.60 44.54 -10.12
C LEU A 816 3.08 44.81 -10.37
N GLY A 817 3.69 45.66 -9.57
CA GLY A 817 4.96 46.24 -9.93
C GLY A 817 6.19 45.38 -9.79
N PHE A 818 7.35 45.99 -10.04
CA PHE A 818 8.64 45.35 -9.83
C PHE A 818 9.64 46.38 -9.30
N LYS A 819 10.40 45.99 -8.27
CA LYS A 819 11.42 46.86 -7.70
C LYS A 819 12.42 46.05 -6.90
N VAL A 820 13.57 45.78 -7.49
CA VAL A 820 14.61 45.01 -6.82
C VAL A 820 15.17 45.78 -5.61
N ARG A 821 15.14 47.11 -5.68
CA ARG A 821 15.67 47.95 -4.62
C ARG A 821 14.78 47.96 -3.37
N LYS A 822 15.39 48.20 -2.22
CA LYS A 822 14.68 48.30 -0.95
C LYS A 822 13.68 49.45 -1.00
N THR A 823 12.55 49.28 -0.33
CA THR A 823 11.70 50.43 -0.07
C THR A 823 11.62 50.67 1.43
N ARG A 824 11.60 51.93 1.82
CA ARG A 824 11.52 52.28 3.24
C ARG A 824 10.28 53.09 3.58
N GLU A 825 9.25 52.41 4.09
CA GLU A 825 8.05 53.09 4.56
C GLU A 825 8.22 53.51 6.02
N PHE A 826 7.28 54.30 6.52
CA PHE A 826 7.41 54.83 7.88
C PHE A 826 6.19 54.61 8.75
N ARG A 827 6.43 54.29 10.02
CA ARG A 827 5.38 54.15 11.02
C ARG A 827 4.70 55.49 11.22
N TYR A 828 5.40 56.56 10.87
CA TYR A 828 4.79 57.88 10.82
C TYR A 828 5.17 58.65 9.56
N MET A 829 4.21 58.71 8.63
CA MET A 829 4.33 59.47 7.38
C MET A 829 4.10 60.97 7.53
N HIS A 830 4.77 61.76 6.69
CA HIS A 830 4.54 63.21 6.62
C HIS A 830 3.23 63.55 5.89
N ARG A 831 2.59 64.64 6.31
CA ARG A 831 1.42 65.21 5.62
C ARG A 831 1.38 66.72 5.85
N GLU A 832 0.71 67.44 4.95
CA GLU A 832 0.63 68.91 5.05
C GLU A 832 -0.12 69.38 6.29
N VAL A 833 0.22 70.57 6.76
CA VAL A 833 -0.30 71.09 8.02
C VAL A 833 -1.80 71.30 8.00
N THR A 834 -2.32 71.69 6.85
CA THR A 834 -3.74 71.97 6.71
C THR A 834 -4.59 70.70 6.83
N PHE A 835 -4.08 69.60 6.29
CA PHE A 835 -4.78 68.32 6.37
C PHE A 835 -4.83 67.84 7.82
N ILE A 836 -3.73 68.05 8.53
CA ILE A 836 -3.65 67.74 9.94
C ILE A 836 -4.63 68.62 10.71
N HIS A 837 -4.78 69.86 10.24
CA HIS A 837 -5.69 70.78 10.89
C HIS A 837 -7.13 70.31 10.72
N LYS A 838 -7.43 69.80 9.54
CA LYS A 838 -8.75 69.25 9.28
C LYS A 838 -8.98 67.99 10.09
N LEU A 839 -7.91 67.26 10.37
CA LEU A 839 -8.03 66.08 11.23
C LEU A 839 -8.32 66.44 12.69
N MET A 840 -7.64 67.47 13.18
CA MET A 840 -7.86 67.94 14.54
C MET A 840 -9.25 68.53 14.69
N MET A 841 -9.71 69.19 13.63
CA MET A 841 -11.05 69.75 13.63
C MET A 841 -12.11 68.63 13.57
N TYR A 842 -11.86 67.63 12.75
CA TYR A 842 -12.76 66.49 12.65
C TYR A 842 -12.80 65.65 13.93
N ALA A 843 -11.71 65.67 14.69
CA ALA A 843 -11.68 64.96 15.97
C ALA A 843 -12.41 65.78 17.05
N LEU A 844 -12.19 67.08 17.00
CA LEU A 844 -12.83 68.00 17.92
C LEU A 844 -14.34 67.99 17.71
N ILE A 845 -14.77 67.74 16.47
CA ILE A 845 -16.19 67.63 16.16
C ILE A 845 -16.76 66.23 16.41
N ARG A 846 -16.02 65.19 16.01
CA ARG A 846 -16.47 63.81 16.17
C ARG A 846 -16.60 63.38 17.63
N GLU A 847 -15.71 63.88 18.49
CA GLU A 847 -15.80 63.49 19.89
C GLU A 847 -16.85 64.27 20.67
N GLN A 848 -17.42 65.28 20.02
CA GLN A 848 -18.61 65.96 20.54
C GLN A 848 -19.90 65.38 19.93
N ILE A 849 -19.81 64.87 18.71
CA ILE A 849 -20.95 64.27 18.04
C ILE A 849 -21.41 62.99 18.73
N SER A 850 -20.46 62.27 19.33
CA SER A 850 -20.80 61.08 20.09
C SER A 850 -21.58 61.38 21.39
N LEU A 851 -21.24 62.47 22.06
CA LEU A 851 -21.89 62.81 23.33
C LEU A 851 -23.35 63.27 23.23
N THR A 852 -23.72 63.81 22.08
CA THR A 852 -25.07 64.36 21.89
C THR A 852 -26.16 63.30 21.66
N GLU A 853 -27.39 63.64 22.04
CA GLU A 853 -28.52 62.71 21.97
C GLU A 853 -29.55 63.10 20.91
N ASN A 854 -30.17 62.07 20.32
CA ASN A 854 -31.35 62.20 19.45
C ASN A 854 -31.15 62.51 17.96
N MET A 855 -30.15 63.32 17.61
CA MET A 855 -30.00 63.75 16.22
C MET A 855 -29.58 62.63 15.26
N THR A 856 -30.47 62.34 14.31
CA THR A 856 -30.36 61.19 13.40
C THR A 856 -29.28 61.23 12.33
N GLN A 857 -28.91 62.42 11.86
CA GLN A 857 -28.12 62.53 10.64
C GLN A 857 -27.12 63.66 10.67
N VAL A 858 -26.10 63.55 9.82
CA VAL A 858 -25.12 64.61 9.67
C VAL A 858 -25.17 65.24 8.28
N VAL A 859 -25.71 66.45 8.20
CA VAL A 859 -25.70 67.21 6.94
C VAL A 859 -24.47 68.09 6.85
N SER A 860 -23.42 67.57 6.23
CA SER A 860 -22.18 68.33 6.06
C SER A 860 -22.13 69.06 4.72
N ILE A 861 -22.56 70.32 4.73
CA ILE A 861 -22.41 71.15 3.54
C ILE A 861 -20.92 71.35 3.29
N GLY A 862 -20.50 71.24 2.04
CA GLY A 862 -19.11 71.47 1.69
C GLY A 862 -18.17 70.30 1.92
N GLY A 863 -18.73 69.15 2.29
CA GLY A 863 -17.92 67.97 2.52
C GLY A 863 -17.53 67.30 1.21
N ARG A 864 -16.50 67.83 0.56
CA ARG A 864 -16.05 67.32 -0.73
C ARG A 864 -15.66 65.86 -0.65
N ASN A 865 -16.13 65.07 -1.60
CA ASN A 865 -15.90 63.62 -1.66
C ASN A 865 -15.82 62.93 -0.30
N LEU A 866 -16.78 63.25 0.56
CA LEU A 866 -16.90 62.66 1.90
C LEU A 866 -15.67 62.84 2.79
N ALA A 867 -15.06 64.02 2.76
CA ALA A 867 -13.95 64.30 3.67
C ALA A 867 -14.40 64.38 5.12
N ASP A 868 -15.65 64.80 5.34
CA ASP A 868 -16.17 65.06 6.68
C ASP A 868 -16.55 63.79 7.42
N ILE A 869 -16.58 62.68 6.69
CA ILE A 869 -17.25 61.45 7.15
C ILE A 869 -16.71 60.87 8.45
N SER A 870 -15.45 61.14 8.77
CA SER A 870 -14.86 60.57 9.97
C SER A 870 -15.60 61.08 11.23
N VAL A 871 -16.25 62.24 11.09
CA VAL A 871 -17.06 62.75 12.18
C VAL A 871 -18.28 61.86 12.50
N VAL A 872 -18.85 61.26 11.46
CA VAL A 872 -20.14 60.58 11.59
C VAL A 872 -20.08 59.12 12.14
N PRO A 873 -20.87 58.84 13.19
CA PRO A 873 -21.08 57.48 13.71
C PRO A 873 -21.76 56.57 12.69
N LEU A 874 -21.42 55.29 12.72
CA LEU A 874 -21.83 54.33 11.68
C LEU A 874 -23.35 54.17 11.52
N ASN A 875 -24.08 54.28 12.62
CA ASN A 875 -25.55 54.22 12.57
C ASN A 875 -26.20 55.41 11.85
N MET A 876 -25.57 56.57 11.93
CA MET A 876 -26.14 57.82 11.42
C MET A 876 -26.23 57.89 9.90
N LYS A 877 -27.29 58.50 9.39
CA LYS A 877 -27.37 58.83 7.97
C LYS A 877 -26.47 60.05 7.68
N TYR A 878 -25.89 60.09 6.49
CA TYR A 878 -24.95 61.15 6.13
C TYR A 878 -25.37 61.85 4.84
N VAL A 879 -25.52 63.17 4.89
CA VAL A 879 -25.94 63.95 3.73
C VAL A 879 -24.95 65.06 3.37
N VAL A 880 -24.51 65.08 2.11
CA VAL A 880 -23.60 66.12 1.63
C VAL A 880 -24.32 67.10 0.72
N ILE A 881 -24.00 68.38 0.85
CA ILE A 881 -24.57 69.40 -0.04
C ILE A 881 -23.45 70.20 -0.71
N ASP A 882 -22.67 69.48 -1.51
CA ASP A 882 -21.56 70.07 -2.24
C ASP A 882 -21.78 69.91 -3.75
N PRO A 883 -21.85 71.01 -4.50
CA PRO A 883 -21.98 70.93 -5.95
C PRO A 883 -20.65 70.61 -6.62
N ALA A 884 -19.99 69.55 -6.15
CA ALA A 884 -18.70 69.13 -6.67
C ALA A 884 -18.44 67.68 -6.28
N THR A 885 -19.35 67.13 -5.48
CA THR A 885 -19.29 65.73 -5.09
C THR A 885 -19.94 64.88 -6.18
N ARG A 886 -19.12 64.14 -6.91
CA ARG A 886 -19.61 63.30 -8.01
C ARG A 886 -20.54 62.21 -7.49
N ILE A 887 -21.59 61.92 -8.25
CA ILE A 887 -22.64 61.03 -7.78
C ILE A 887 -22.64 59.64 -8.41
N GLU A 888 -22.48 58.63 -7.55
CA GLU A 888 -22.82 57.25 -7.90
C GLU A 888 -23.96 56.88 -6.99
N THR A 889 -25.17 56.81 -7.54
CA THR A 889 -26.35 56.55 -6.72
C THR A 889 -26.29 55.17 -6.06
N LEU A 890 -25.57 54.25 -6.69
CA LEU A 890 -25.36 52.93 -6.12
C LEU A 890 -24.59 52.99 -4.80
N THR A 891 -23.65 53.93 -4.71
CA THR A 891 -22.84 54.08 -3.48
C THR A 891 -23.59 54.90 -2.43
N GLN A 892 -24.40 55.86 -2.89
CA GLN A 892 -25.26 56.60 -1.98
C GLN A 892 -26.18 55.61 -1.29
N GLU A 893 -26.82 54.76 -2.09
CA GLU A 893 -27.70 53.74 -1.55
C GLU A 893 -26.95 52.67 -0.75
N LYS A 894 -25.70 52.39 -1.11
CA LYS A 894 -24.95 51.31 -0.46
C LYS A 894 -24.43 51.60 0.93
N LYS A 895 -23.96 52.83 1.15
CA LYS A 895 -23.35 53.20 2.42
C LYS A 895 -24.27 54.09 3.26
N ASN A 896 -25.56 54.05 2.96
CA ASN A 896 -26.56 54.86 3.65
C ASN A 896 -26.29 56.36 3.48
N ILE A 897 -25.53 56.69 2.45
CA ILE A 897 -25.23 58.08 2.10
C ILE A 897 -26.39 58.72 1.33
N GLU A 898 -26.51 60.04 1.44
CA GLU A 898 -27.36 60.81 0.54
C GLU A 898 -26.56 62.03 0.12
N VAL A 899 -26.58 62.36 -1.15
CA VAL A 899 -25.82 63.52 -1.62
C VAL A 899 -26.63 64.43 -2.54
N GLN A 900 -26.91 65.64 -2.05
CA GLN A 900 -27.59 66.65 -2.85
C GLN A 900 -26.57 67.48 -3.61
N SER A 901 -26.35 67.13 -4.88
CA SER A 901 -25.34 67.80 -5.69
C SER A 901 -25.85 69.14 -6.23
N ARG A 902 -26.19 70.03 -5.31
CA ARG A 902 -26.62 71.39 -5.63
C ARG A 902 -25.89 72.32 -4.69
N PRO A 903 -25.66 73.57 -5.11
CA PRO A 903 -25.13 74.48 -4.08
C PRO A 903 -26.12 74.63 -2.94
N PHE A 904 -25.65 74.66 -1.70
CA PHE A 904 -26.51 74.97 -0.58
C PHE A 904 -26.85 76.44 -0.68
N GLN A 905 -28.09 76.81 -0.40
CA GLN A 905 -28.48 78.20 -0.49
C GLN A 905 -28.42 78.84 0.90
N PHE A 906 -27.69 79.96 1.00
CA PHE A 906 -27.50 80.62 2.28
C PHE A 906 -28.59 81.62 2.65
N ASP A 907 -29.54 81.86 1.74
CA ASP A 907 -30.68 82.72 2.07
C ASP A 907 -31.56 82.09 3.15
N ALA A 908 -32.08 82.93 4.04
CA ALA A 908 -32.87 82.46 5.18
C ALA A 908 -34.19 81.79 4.80
N ALA A 909 -34.81 82.25 3.71
CA ALA A 909 -36.12 81.77 3.30
C ALA A 909 -36.07 80.35 2.70
N ASN A 910 -35.13 80.15 1.80
CA ASN A 910 -34.99 78.86 1.11
C ASN A 910 -34.16 77.83 1.88
N MET A 911 -33.57 78.24 3.00
CA MET A 911 -32.77 77.33 3.81
C MET A 911 -33.66 76.21 4.35
N ASP A 912 -33.16 74.98 4.27
CA ASP A 912 -33.94 73.81 4.66
C ASP A 912 -33.35 73.12 5.90
N LEU A 913 -33.12 73.92 6.94
CA LEU A 913 -32.66 73.40 8.22
C LEU A 913 -33.73 72.51 8.83
N GLU A 914 -33.31 71.45 9.53
CA GLU A 914 -34.25 70.47 10.06
C GLU A 914 -33.95 70.11 11.52
N ASN A 915 -34.98 69.69 12.25
CA ASN A 915 -34.83 69.24 13.62
C ASN A 915 -34.07 67.92 13.72
N ASN A 916 -33.34 67.74 14.83
CA ASN A 916 -32.57 66.53 15.08
C ASN A 916 -31.54 66.18 14.00
N SER A 917 -30.78 67.19 13.56
CA SER A 917 -29.75 67.01 12.55
C SER A 917 -28.51 67.84 12.84
N ILE A 918 -27.34 67.28 12.54
CA ILE A 918 -26.07 67.95 12.81
C ILE A 918 -25.50 68.56 11.54
N TYR A 919 -25.51 69.88 11.47
CA TYR A 919 -25.05 70.60 10.28
C TYR A 919 -23.58 71.00 10.32
N LEU A 920 -22.77 70.36 9.49
CA LEU A 920 -21.36 70.72 9.38
C LEU A 920 -21.09 71.76 8.30
N PHE A 921 -20.43 72.85 8.70
CA PHE A 921 -20.06 73.92 7.76
C PHE A 921 -18.57 74.21 7.89
N ILE A 922 -17.77 73.24 7.48
CA ILE A 922 -16.32 73.29 7.62
C ILE A 922 -15.65 73.95 6.41
N ALA A 923 -15.17 75.16 6.64
CA ALA A 923 -14.47 75.97 5.63
C ALA A 923 -15.30 76.26 4.38
N VAL A 924 -16.63 76.19 4.50
CA VAL A 924 -17.49 76.44 3.36
C VAL A 924 -17.88 77.93 3.24
N ILE A 925 -17.93 78.60 4.38
CA ILE A 925 -18.33 80.00 4.44
C ILE A 925 -17.31 80.92 3.74
N MET A 926 -16.05 80.50 3.79
CA MET A 926 -14.95 81.26 3.18
C MET A 926 -14.99 81.34 1.65
N ASN A 927 -15.58 80.34 1.01
CA ASN A 927 -15.52 80.24 -0.45
C ASN A 927 -16.85 79.97 -1.14
N GLU A 928 -17.02 80.57 -2.32
CA GLU A 928 -18.05 80.18 -3.26
C GLU A 928 -17.62 78.86 -3.92
N PRO A 929 -18.57 78.08 -4.45
CA PRO A 929 -18.25 76.76 -5.01
C PRO A 929 -17.23 76.77 -6.14
N ASN A 930 -17.19 77.83 -6.95
CA ASN A 930 -16.21 77.96 -8.02
C ASN A 930 -14.80 78.22 -7.49
N GLY A 931 -14.71 78.61 -6.23
CA GLY A 931 -13.43 78.85 -5.58
C GLY A 931 -13.05 80.31 -5.36
N ALA A 932 -13.88 81.24 -5.85
CA ALA A 932 -13.66 82.65 -5.59
C ALA A 932 -13.84 82.99 -4.11
N ALA A 933 -13.03 83.91 -3.60
CA ALA A 933 -13.11 84.32 -2.21
C ALA A 933 -14.40 85.08 -1.90
N THR A 934 -14.98 84.79 -0.74
CA THR A 934 -16.16 85.51 -0.27
C THR A 934 -15.77 86.67 0.64
N PRO A 935 -16.24 87.89 0.30
CA PRO A 935 -15.98 89.09 1.11
C PRO A 935 -16.55 88.94 2.52
N ALA A 936 -15.88 89.53 3.51
CA ALA A 936 -16.20 89.29 4.91
C ALA A 936 -17.64 89.64 5.30
N ARG A 937 -18.19 90.67 4.66
CA ARG A 937 -19.58 91.05 4.92
C ARG A 937 -20.54 89.94 4.47
N MET A 938 -20.19 89.28 3.36
CA MET A 938 -20.97 88.16 2.84
C MET A 938 -20.90 86.98 3.79
N GLN A 939 -19.76 86.82 4.46
CA GLN A 939 -19.58 85.77 5.45
C GLN A 939 -20.41 86.06 6.71
N MET A 940 -20.47 87.34 7.08
CA MET A 940 -21.33 87.76 8.18
C MET A 940 -22.78 87.47 7.83
N ASP A 941 -23.12 87.67 6.55
CA ASP A 941 -24.45 87.33 6.07
C ASP A 941 -24.72 85.84 6.13
N LYS A 942 -23.68 85.04 5.90
CA LYS A 942 -23.82 83.58 5.94
C LYS A 942 -24.06 83.08 7.36
N ILE A 943 -23.25 83.53 8.31
CA ILE A 943 -23.43 83.15 9.71
C ILE A 943 -24.75 83.68 10.27
N ARG A 944 -25.13 84.87 9.84
CA ARG A 944 -26.39 85.47 10.29
C ARG A 944 -27.57 84.65 9.81
N ASN A 945 -27.58 84.31 8.52
CA ASN A 945 -28.66 83.50 7.97
C ASN A 945 -28.73 82.08 8.54
N VAL A 946 -27.57 81.49 8.83
CA VAL A 946 -27.59 80.14 9.41
C VAL A 946 -28.07 80.14 10.85
N ALA A 947 -27.66 81.13 11.64
CA ALA A 947 -28.18 81.24 13.01
C ALA A 947 -29.67 81.58 13.01
N THR A 948 -30.10 82.37 12.02
CA THR A 948 -31.50 82.73 11.87
C THR A 948 -32.37 81.53 11.53
N ALA A 949 -31.88 80.69 10.62
CA ALA A 949 -32.57 79.44 10.31
C ALA A 949 -32.55 78.47 11.49
N MET A 950 -31.49 78.55 12.29
CA MET A 950 -31.36 77.68 13.47
C MET A 950 -32.15 78.12 14.70
N LEU A 951 -32.64 79.36 14.68
CA LEU A 951 -33.43 79.85 15.81
C LEU A 951 -34.75 79.08 15.97
N THR A 952 -35.24 78.51 14.87
CA THR A 952 -36.58 77.93 14.85
C THR A 952 -36.62 76.40 14.75
N ARG A 953 -35.70 75.72 15.46
CA ARG A 953 -35.64 74.26 15.40
C ARG A 953 -35.01 73.61 16.64
N THR A 954 -35.42 72.39 16.94
CA THR A 954 -34.91 71.64 18.09
C THR A 954 -33.83 70.62 17.74
N ASN A 955 -32.94 70.35 18.68
CA ASN A 955 -31.85 69.38 18.52
C ASN A 955 -30.99 69.58 17.29
N CYS A 956 -30.65 70.84 16.99
CA CYS A 956 -29.81 71.16 15.86
C CYS A 956 -28.47 71.74 16.32
N VAL A 957 -27.38 71.19 15.79
CA VAL A 957 -26.04 71.64 16.15
C VAL A 957 -25.20 71.92 14.90
N ALA A 958 -24.74 73.16 14.76
CA ALA A 958 -23.94 73.55 13.59
C ALA A 958 -22.47 73.79 13.94
N TYR A 959 -21.58 73.46 13.01
CA TYR A 959 -20.15 73.70 13.20
C TYR A 959 -19.56 74.49 12.04
N ILE A 960 -19.57 75.82 12.15
CA ILE A 960 -19.09 76.69 11.07
C ILE A 960 -17.67 77.21 11.31
N SER A 961 -16.70 76.73 10.54
CA SER A 961 -15.33 77.22 10.69
C SER A 961 -15.09 78.63 10.11
N PHE A 962 -14.23 79.42 10.76
CA PHE A 962 -13.89 80.76 10.27
C PHE A 962 -12.45 81.18 10.62
N TYR A 963 -11.76 81.80 9.67
CA TYR A 963 -10.41 82.29 9.90
C TYR A 963 -10.45 83.68 10.53
N GLU A 964 -9.83 83.82 11.70
CA GLU A 964 -9.80 85.10 12.42
C GLU A 964 -8.83 86.11 11.80
N ALA A 965 -9.16 87.40 11.91
CA ALA A 965 -8.30 88.47 11.39
C ALA A 965 -6.97 88.61 12.12
N GLY A 966 -6.94 88.21 13.39
CA GLY A 966 -5.80 88.46 14.24
C GLY A 966 -4.60 87.63 13.85
N ILE A 967 -4.84 86.57 13.07
CA ILE A 967 -3.77 85.77 12.51
C ILE A 967 -2.90 86.57 11.53
N ILE A 968 -3.52 87.52 10.81
CA ILE A 968 -2.81 88.23 9.76
C ILE A 968 -1.63 89.01 10.34
N THR A 969 -1.92 89.79 11.38
CA THR A 969 -0.90 90.59 12.05
C THR A 969 0.17 89.69 12.65
N ARG A 970 -0.21 88.45 12.97
CA ARG A 970 0.77 87.49 13.42
C ARG A 970 1.67 87.08 12.25
N LEU A 971 1.04 86.59 11.18
CA LEU A 971 1.77 86.00 10.06
C LEU A 971 2.61 87.03 9.28
N ASP A 972 2.19 88.29 9.33
CA ASP A 972 2.98 89.37 8.72
C ASP A 972 4.31 89.56 9.42
N GLN A 973 4.36 89.26 10.72
CA GLN A 973 5.60 89.42 11.48
C GLN A 973 6.50 88.19 11.37
N SER A 974 5.89 87.02 11.35
CA SER A 974 6.61 85.75 11.27
C SER A 974 7.14 85.43 9.88
N THR A 975 8.22 84.66 9.80
CA THR A 975 8.85 84.31 8.53
C THR A 975 8.33 83.01 7.91
N ALA A 976 7.71 82.16 8.72
CA ALA A 976 7.30 80.84 8.24
C ALA A 976 6.01 80.91 7.43
N HIS A 977 6.13 81.40 6.20
CA HIS A 977 4.97 81.60 5.34
C HIS A 977 4.69 80.39 4.44
N LYS A 978 5.35 79.26 4.72
CA LYS A 978 5.11 78.05 3.93
C LYS A 978 3.66 77.60 4.09
N THR A 979 3.07 77.14 2.98
CA THR A 979 1.67 76.70 2.94
C THR A 979 0.68 77.81 3.30
N ILE A 980 0.63 78.17 4.57
CA ILE A 980 -0.25 79.23 5.06
C ILE A 980 0.44 80.59 5.01
N ARG A 981 0.02 81.46 4.09
CA ARG A 981 0.69 82.77 3.99
C ARG A 981 -0.26 83.93 3.73
N VAL A 982 -0.04 85.04 4.44
CA VAL A 982 -0.81 86.26 4.18
C VAL A 982 -0.46 86.90 2.84
N GLU A 983 -1.48 87.38 2.13
CA GLU A 983 -1.29 88.07 0.85
C GLU A 983 -2.37 89.12 0.69
N GLU A 984 -1.95 90.39 0.57
CA GLU A 984 -2.88 91.52 0.44
C GLU A 984 -3.83 91.62 1.64
N GLY A 985 -3.39 91.07 2.77
CA GLY A 985 -4.17 91.08 4.00
C GLY A 985 -5.13 89.91 4.14
N ARG A 986 -5.25 89.11 3.08
CA ARG A 986 -6.10 87.92 3.10
C ARG A 986 -5.25 86.67 3.29
N LEU A 987 -5.64 85.84 4.27
CA LEU A 987 -4.92 84.60 4.53
C LEU A 987 -5.04 83.65 3.34
N LYS A 988 -3.93 83.01 2.97
CA LYS A 988 -3.94 82.05 1.86
C LYS A 988 -3.53 80.65 2.30
N VAL A 989 -4.52 79.76 2.31
CA VAL A 989 -4.30 78.33 2.46
C VAL A 989 -3.76 77.78 1.13
N ALA A 990 -2.97 76.71 1.19
CA ALA A 990 -2.40 76.10 0.00
C ALA A 990 -3.50 75.57 -0.92
N ASN A 991 -3.26 75.68 -2.23
CA ASN A 991 -4.23 75.26 -3.25
C ASN A 991 -5.57 75.99 -3.15
N TYR A 992 -5.52 77.24 -2.72
CA TYR A 992 -6.71 78.07 -2.55
C TYR A 992 -6.40 79.52 -2.88
N VAL A 993 -7.42 80.27 -3.29
CA VAL A 993 -7.31 81.72 -3.40
C VAL A 993 -7.27 82.28 -1.97
N PRO A 994 -6.55 83.38 -1.75
CA PRO A 994 -6.63 83.97 -0.40
C PRO A 994 -8.05 84.41 -0.06
N VAL A 995 -8.44 84.23 1.21
CA VAL A 995 -9.80 84.51 1.65
C VAL A 995 -9.84 85.54 2.76
N ASP A 996 -10.71 86.53 2.64
CA ASP A 996 -10.82 87.60 3.63
C ASP A 996 -11.25 87.05 4.99
N THR A 997 -10.70 87.62 6.06
CA THR A 997 -10.89 87.09 7.40
C THR A 997 -11.86 87.89 8.28
N LEU A 998 -12.70 87.18 9.03
CA LEU A 998 -13.64 87.78 9.98
C LEU A 998 -12.99 88.22 11.29
N VAL A 999 -13.56 89.24 11.94
CA VAL A 999 -13.16 89.63 13.29
C VAL A 999 -13.98 88.84 14.32
N GLU A 1000 -13.31 88.32 15.35
CA GLU A 1000 -13.98 87.47 16.33
C GLU A 1000 -15.01 88.21 17.19
N ALA A 1001 -14.68 89.41 17.62
CA ALA A 1001 -15.58 90.19 18.47
C ALA A 1001 -16.85 90.57 17.70
N ASP A 1002 -16.69 90.82 16.40
CA ASP A 1002 -17.83 91.09 15.52
C ASP A 1002 -18.72 89.85 15.36
N VAL A 1003 -18.09 88.68 15.38
CA VAL A 1003 -18.80 87.41 15.26
C VAL A 1003 -19.62 87.11 16.51
N THR A 1004 -19.01 87.27 17.68
CA THR A 1004 -19.75 87.12 18.93
C THR A 1004 -20.82 88.20 19.08
N LEU A 1005 -20.58 89.36 18.48
CA LEU A 1005 -21.56 90.44 18.51
C LEU A 1005 -22.81 90.13 17.68
N MET A 1006 -22.61 89.68 16.43
CA MET A 1006 -23.76 89.29 15.62
C MET A 1006 -24.47 88.06 16.18
N LEU A 1007 -23.69 87.13 16.72
CA LEU A 1007 -24.26 85.93 17.34
C LEU A 1007 -25.02 86.21 18.64
N ARG A 1008 -24.66 87.28 19.35
CA ARG A 1008 -25.40 87.66 20.54
C ARG A 1008 -26.63 88.53 20.23
N ASP A 1009 -26.54 89.37 19.20
CA ASP A 1009 -27.74 90.09 18.76
C ASP A 1009 -28.78 89.18 18.10
N ILE A 1010 -28.33 88.08 17.49
CA ILE A 1010 -29.24 87.05 17.00
C ILE A 1010 -29.93 86.35 18.17
N GLY A 1011 -29.21 86.25 19.29
CA GLY A 1011 -29.75 85.69 20.52
C GLY A 1011 -29.64 84.18 20.66
N ILE A 1012 -29.15 83.52 19.61
CA ILE A 1012 -28.92 82.08 19.64
C ILE A 1012 -27.71 81.74 20.50
N THR A 1013 -27.78 80.63 21.24
CA THR A 1013 -26.62 80.14 21.99
C THR A 1013 -25.52 79.68 21.04
N HIS A 1014 -24.27 79.91 21.43
CA HIS A 1014 -23.13 79.58 20.58
C HIS A 1014 -21.89 79.34 21.41
N GLU A 1015 -20.99 78.50 20.91
CA GLU A 1015 -19.72 78.25 21.59
C GLU A 1015 -18.56 78.29 20.60
N ILE A 1016 -17.70 79.29 20.74
CA ILE A 1016 -16.43 79.28 20.01
C ILE A 1016 -15.62 78.09 20.53
N ILE A 1017 -15.06 77.31 19.60
CA ILE A 1017 -14.26 76.15 19.97
C ILE A 1017 -13.16 75.92 18.95
N ARG A 1018 -11.99 75.51 19.41
CA ARG A 1018 -10.89 75.17 18.52
C ARG A 1018 -10.30 73.84 18.96
N PRO A 1019 -9.77 73.07 18.00
CA PRO A 1019 -9.18 71.77 18.35
C PRO A 1019 -7.98 71.99 19.27
N SER A 1020 -7.77 71.07 20.20
CA SER A 1020 -6.72 71.22 21.18
C SER A 1020 -5.59 70.23 20.91
N THR A 1021 -4.55 70.30 21.74
CA THR A 1021 -3.44 69.34 21.66
C THR A 1021 -3.87 67.87 21.76
N PRO A 1022 -4.77 67.53 22.72
CA PRO A 1022 -5.20 66.13 22.75
C PRO A 1022 -5.81 65.67 21.42
N GLU A 1023 -6.49 66.58 20.73
CA GLU A 1023 -7.01 66.29 19.39
C GLU A 1023 -5.87 66.02 18.41
N LEU A 1024 -4.77 66.75 18.56
CA LEU A 1024 -3.62 66.60 17.67
C LEU A 1024 -2.99 65.23 17.89
N ILE A 1025 -2.87 64.85 19.15
CA ILE A 1025 -2.31 63.57 19.50
C ILE A 1025 -3.22 62.48 18.94
N ASP A 1026 -4.53 62.74 18.99
CA ASP A 1026 -5.52 61.77 18.56
C ASP A 1026 -5.42 61.54 17.05
N ALA A 1027 -5.38 62.62 16.29
CA ALA A 1027 -5.33 62.51 14.83
C ALA A 1027 -3.99 61.94 14.36
N CYS A 1028 -2.89 62.50 14.86
CA CYS A 1028 -1.55 62.08 14.42
C CYS A 1028 -1.24 60.64 14.81
N SER A 1029 -1.76 60.19 15.94
CA SER A 1029 -1.57 58.79 16.30
C SER A 1029 -2.51 57.88 15.51
N ASN A 1030 -3.77 58.31 15.33
CA ASN A 1030 -4.76 57.48 14.66
C ASN A 1030 -4.55 57.29 13.16
N TYR A 1031 -4.04 58.32 12.49
CA TYR A 1031 -3.81 58.26 11.04
C TYR A 1031 -2.44 57.72 10.66
N GLY A 1032 -1.49 57.78 11.61
CA GLY A 1032 -0.11 57.44 11.33
C GLY A 1032 0.66 58.62 10.77
N ILE A 1033 0.02 59.78 10.70
CA ILE A 1033 0.69 61.01 10.28
C ILE A 1033 1.65 61.55 11.34
N ARG A 1034 2.78 62.09 10.90
CA ARG A 1034 3.65 62.85 11.81
C ARG A 1034 3.73 64.33 11.40
N LEU A 1035 3.88 65.19 12.40
CA LEU A 1035 3.95 66.64 12.18
C LEU A 1035 5.18 67.04 11.38
N GLY A 1036 5.01 67.97 10.45
CA GLY A 1036 6.13 68.58 9.78
C GLY A 1036 6.78 69.55 10.74
N SER A 1037 8.03 69.91 10.48
CA SER A 1037 8.73 70.83 11.37
C SER A 1037 8.23 72.26 11.23
N THR A 1038 8.21 72.76 9.99
CA THR A 1038 7.64 74.06 9.70
C THR A 1038 6.13 74.01 9.94
N GLY A 1039 5.57 72.83 9.69
CA GLY A 1039 4.17 72.60 9.95
C GLY A 1039 3.92 72.64 11.44
N GLY A 1040 4.87 72.12 12.21
CA GLY A 1040 4.75 72.13 13.65
C GLY A 1040 4.83 73.55 14.17
N ALA A 1041 5.68 74.35 13.55
CA ALA A 1041 5.82 75.75 13.96
C ALA A 1041 4.55 76.54 13.68
N VAL A 1042 4.06 76.44 12.44
CA VAL A 1042 2.87 77.21 12.03
C VAL A 1042 1.55 76.69 12.62
N LEU A 1043 1.53 75.44 13.05
CA LEU A 1043 0.27 74.78 13.41
C LEU A 1043 -0.51 75.35 14.60
N ASP A 1044 0.18 75.85 15.62
CA ASP A 1044 -0.52 76.38 16.79
C ASP A 1044 -1.22 77.69 16.45
N VAL A 1045 -0.50 78.58 15.79
CA VAL A 1045 -1.07 79.84 15.34
C VAL A 1045 -2.19 79.60 14.31
N PHE A 1046 -1.97 78.66 13.42
CA PHE A 1046 -2.95 78.32 12.39
C PHE A 1046 -4.22 77.72 12.98
N ASN A 1047 -4.06 77.00 14.09
CA ASN A 1047 -5.18 76.32 14.71
C ASN A 1047 -6.01 77.20 15.64
N HIS A 1048 -5.33 77.98 16.49
CA HIS A 1048 -6.06 78.84 17.41
C HIS A 1048 -6.76 79.99 16.68
N TYR A 1049 -6.25 80.34 15.51
CA TYR A 1049 -6.82 81.46 14.75
C TYR A 1049 -7.78 81.05 13.64
N SER A 1050 -8.22 79.79 13.68
CA SER A 1050 -9.35 79.38 12.87
C SER A 1050 -10.34 78.63 13.77
N PRO A 1051 -11.02 79.37 14.67
CA PRO A 1051 -12.02 78.79 15.58
C PRO A 1051 -13.22 78.24 14.82
N VAL A 1052 -13.82 77.18 15.34
CA VAL A 1052 -15.09 76.71 14.82
C VAL A 1052 -16.20 77.28 15.69
N ILE A 1053 -17.27 77.77 15.07
CA ILE A 1053 -18.45 78.18 15.82
C ILE A 1053 -19.36 76.97 16.00
N LYS A 1054 -19.77 76.71 17.24
CA LYS A 1054 -20.70 75.62 17.51
C LYS A 1054 -22.04 76.16 17.96
N LEU A 1055 -22.95 76.28 17.01
CA LEU A 1055 -24.33 76.62 17.32
C LEU A 1055 -25.07 75.39 17.87
N VAL A 1056 -26.02 75.63 18.78
CA VAL A 1056 -26.75 74.52 19.40
C VAL A 1056 -28.11 74.98 19.91
N ARG A 1057 -29.12 74.13 19.79
CA ARG A 1057 -30.46 74.41 20.29
C ARG A 1057 -31.02 73.22 21.06
N LYS B 135 38.73 0.83 -70.55
CA LYS B 135 39.74 -0.05 -71.12
C LYS B 135 39.15 -0.75 -72.34
N VAL B 136 38.79 -2.03 -72.20
CA VAL B 136 38.12 -2.75 -73.28
C VAL B 136 36.68 -2.29 -73.39
N ILE B 137 36.14 -2.26 -74.61
CA ILE B 137 34.74 -1.88 -74.80
C ILE B 137 33.82 -3.01 -74.35
N PHE B 138 32.72 -2.68 -73.68
CA PHE B 138 31.80 -3.72 -73.22
C PHE B 138 30.35 -3.26 -73.24
N ASN B 139 29.61 -3.70 -74.26
CA ASN B 139 28.21 -3.32 -74.41
C ASN B 139 27.30 -4.11 -73.49
N GLY B 140 27.23 -3.67 -72.25
CA GLY B 140 26.42 -4.31 -71.23
C GLY B 140 26.80 -3.70 -69.89
N LEU B 141 26.02 -3.99 -68.86
CA LEU B 141 26.32 -3.51 -67.53
C LEU B 141 27.60 -4.15 -67.01
N ASP B 142 28.49 -3.35 -66.43
CA ASP B 142 29.77 -3.87 -65.93
C ASP B 142 29.69 -4.05 -64.43
N VAL B 143 28.86 -5.00 -64.01
CA VAL B 143 28.54 -5.18 -62.61
C VAL B 143 29.73 -5.65 -61.77
N ASN B 144 29.76 -5.22 -60.51
CA ASN B 144 30.69 -5.77 -59.53
C ASN B 144 29.98 -6.23 -58.27
N THR B 145 29.44 -5.28 -57.52
CA THR B 145 28.83 -5.54 -56.22
C THR B 145 27.64 -6.50 -56.33
N GLU B 146 27.42 -7.32 -55.30
CA GLU B 146 26.20 -8.12 -55.21
C GLU B 146 25.50 -7.82 -53.90
N VAL B 147 24.39 -7.09 -53.97
CA VAL B 147 23.57 -6.86 -52.79
C VAL B 147 22.87 -8.15 -52.35
N GLN B 148 22.86 -8.39 -51.05
CA GLN B 148 22.03 -9.45 -50.47
C GLN B 148 20.62 -8.91 -50.31
N PRO B 149 19.62 -9.81 -50.29
CA PRO B 149 18.28 -9.37 -49.91
C PRO B 149 18.31 -8.82 -48.50
N LEU B 150 17.51 -7.81 -48.23
CA LEU B 150 17.55 -7.14 -46.93
C LEU B 150 16.94 -7.97 -45.80
N SER B 151 16.21 -9.02 -46.14
CA SER B 151 15.69 -9.94 -45.13
C SER B 151 15.33 -11.31 -45.71
N ASP B 152 15.59 -12.37 -44.93
CA ASP B 152 15.10 -13.69 -45.26
C ASP B 152 13.69 -13.80 -44.71
N ASP B 153 12.82 -12.93 -45.21
CA ASP B 153 11.49 -12.75 -44.69
C ASP B 153 10.58 -13.97 -44.82
N PHE B 154 10.83 -14.81 -45.82
CA PHE B 154 9.96 -15.94 -46.11
C PHE B 154 10.70 -17.27 -46.24
N LYS B 155 9.97 -18.27 -46.70
CA LYS B 155 10.47 -19.63 -46.77
C LYS B 155 9.75 -20.30 -47.93
N GLN B 156 10.33 -20.22 -49.11
CA GLN B 156 9.68 -20.75 -50.31
C GLN B 156 9.50 -22.27 -50.26
N ILE B 157 8.32 -22.73 -50.62
CA ILE B 157 7.99 -24.15 -50.66
C ILE B 157 7.00 -24.39 -51.79
N SER B 158 6.95 -25.62 -52.31
CA SER B 158 6.25 -25.84 -53.56
C SER B 158 4.81 -26.32 -53.42
N ASP B 159 4.60 -27.34 -52.59
CA ASP B 159 3.31 -28.01 -52.55
C ASP B 159 2.87 -28.05 -51.10
N PRO B 160 2.31 -26.94 -50.63
CA PRO B 160 2.19 -26.59 -49.21
C PRO B 160 1.33 -27.59 -48.47
N LYS B 161 1.69 -27.86 -47.22
CA LYS B 161 0.87 -28.78 -46.43
C LYS B 161 0.05 -28.01 -45.44
N GLY B 162 -1.24 -28.33 -45.39
CA GLY B 162 -2.16 -27.58 -44.56
C GLY B 162 -2.01 -27.89 -43.09
N TYR B 163 -2.78 -27.20 -42.25
CA TYR B 163 -2.69 -27.47 -40.82
C TYR B 163 -3.63 -28.62 -40.45
N LEU B 164 -4.76 -28.72 -41.16
CA LEU B 164 -5.67 -29.82 -40.94
C LEU B 164 -5.48 -30.93 -41.96
N THR B 165 -6.11 -32.07 -41.71
CA THR B 165 -5.93 -33.24 -42.53
C THR B 165 -7.10 -34.18 -42.28
N TYR B 166 -7.29 -35.16 -43.16
CA TYR B 166 -8.27 -36.22 -42.94
C TYR B 166 -7.64 -37.52 -42.41
N SER B 167 -7.90 -37.85 -41.15
CA SER B 167 -7.67 -39.20 -40.65
C SER B 167 -8.82 -40.09 -41.10
N VAL B 168 -8.58 -41.39 -41.23
CA VAL B 168 -9.67 -42.30 -41.54
C VAL B 168 -9.42 -43.72 -41.01
N LYS B 169 -10.26 -44.13 -40.06
CA LYS B 169 -10.25 -45.50 -39.58
C LYS B 169 -11.13 -46.39 -40.47
N TYR B 170 -10.57 -47.50 -40.92
CA TYR B 170 -11.30 -48.45 -41.75
C TYR B 170 -11.81 -49.62 -40.91
N GLU B 171 -12.94 -50.18 -41.29
CA GLU B 171 -13.39 -51.45 -40.71
C GLU B 171 -12.80 -52.56 -41.57
N ASP B 172 -11.74 -53.18 -41.07
CA ASP B 172 -10.88 -54.05 -41.88
C ASP B 172 -11.62 -55.27 -42.48
N GLN B 173 -12.71 -55.67 -41.84
CA GLN B 173 -13.53 -56.77 -42.34
C GLN B 173 -14.23 -56.44 -43.67
N PHE B 174 -14.52 -55.16 -43.90
CA PHE B 174 -15.27 -54.77 -45.09
C PHE B 174 -14.42 -54.06 -46.14
N THR B 175 -13.19 -53.77 -45.76
CA THR B 175 -12.25 -53.07 -46.62
C THR B 175 -11.36 -54.03 -47.42
N LYS B 176 -11.16 -53.74 -48.71
CA LYS B 176 -10.16 -54.45 -49.51
C LYS B 176 -8.91 -53.59 -49.50
N LYS B 177 -7.76 -54.19 -49.18
CA LYS B 177 -6.53 -53.43 -49.04
C LYS B 177 -5.93 -53.08 -50.40
N ASP B 178 -6.42 -53.73 -51.45
CA ASP B 178 -5.91 -53.48 -52.80
C ASP B 178 -6.18 -52.04 -53.21
N LYS B 179 -5.16 -51.37 -53.75
CA LYS B 179 -5.35 -50.01 -54.26
C LYS B 179 -6.29 -50.03 -55.46
N LEU B 180 -7.26 -49.13 -55.46
CA LEU B 180 -8.23 -49.06 -56.55
C LEU B 180 -7.79 -48.03 -57.57
N ARG B 181 -8.20 -48.21 -58.82
CA ARG B 181 -7.82 -47.27 -59.85
C ARG B 181 -8.82 -47.18 -61.00
N ALA B 182 -8.82 -46.03 -61.66
CA ALA B 182 -9.61 -45.80 -62.86
C ALA B 182 -8.65 -45.61 -64.01
N SER B 183 -9.06 -44.85 -65.01
CA SER B 183 -8.15 -44.48 -66.10
C SER B 183 -7.02 -43.68 -65.49
N GLU B 184 -5.80 -43.84 -66.02
CA GLU B 184 -4.63 -43.25 -65.39
C GLU B 184 -4.71 -41.73 -65.28
N ALA B 185 -5.35 -41.10 -66.25
CA ALA B 185 -5.51 -39.64 -66.21
C ALA B 185 -6.41 -39.24 -65.05
N ASP B 186 -7.59 -39.85 -65.00
CA ASP B 186 -8.51 -39.61 -63.90
C ASP B 186 -7.95 -40.12 -62.57
N ASP B 187 -7.20 -41.22 -62.61
CA ASP B 187 -6.59 -41.77 -61.40
C ASP B 187 -5.53 -40.85 -60.83
N ARG B 188 -4.89 -40.07 -61.68
CA ARG B 188 -3.84 -39.15 -61.22
C ARG B 188 -4.42 -38.08 -60.30
N ILE B 189 -5.71 -37.81 -60.45
CA ILE B 189 -6.38 -36.71 -59.79
C ILE B 189 -7.24 -37.25 -58.68
N VAL B 190 -8.25 -38.00 -59.10
CA VAL B 190 -9.24 -38.60 -58.22
C VAL B 190 -8.64 -39.69 -57.35
N GLY B 191 -7.51 -40.24 -57.79
CA GLY B 191 -6.90 -41.39 -57.16
C GLY B 191 -6.66 -41.34 -55.67
N PRO B 192 -5.90 -40.35 -55.18
CA PRO B 192 -5.58 -40.28 -53.75
C PRO B 192 -6.83 -40.19 -52.89
N THR B 193 -7.87 -39.54 -53.40
CA THR B 193 -9.09 -39.37 -52.63
C THR B 193 -9.90 -40.65 -52.58
N VAL B 194 -10.03 -41.30 -53.73
CA VAL B 194 -10.80 -42.53 -53.82
C VAL B 194 -10.16 -43.58 -52.93
N ASN B 195 -8.84 -43.55 -52.83
CA ASN B 195 -8.12 -44.43 -51.92
C ASN B 195 -8.26 -44.14 -50.43
N LEU B 196 -8.54 -42.89 -50.07
CA LEU B 196 -8.65 -42.55 -48.66
C LEU B 196 -10.02 -42.89 -48.13
N PHE B 197 -11.05 -42.53 -48.87
CA PHE B 197 -12.41 -42.83 -48.47
C PHE B 197 -12.86 -44.07 -49.24
N LYS B 198 -12.04 -45.11 -49.17
CA LYS B 198 -12.30 -46.37 -49.86
C LYS B 198 -13.43 -47.06 -49.14
N TYR B 199 -14.14 -47.95 -49.84
CA TYR B 199 -15.28 -48.64 -49.26
C TYR B 199 -14.83 -49.34 -48.00
N GLY B 200 -15.63 -49.19 -46.95
CA GLY B 200 -15.28 -49.82 -45.68
C GLY B 200 -14.52 -48.93 -44.72
N ALA B 201 -14.41 -47.65 -45.03
CA ALA B 201 -13.92 -46.70 -44.03
C ALA B 201 -14.94 -46.64 -42.90
N ALA B 202 -14.47 -46.72 -41.66
CA ALA B 202 -15.37 -46.70 -40.53
C ALA B 202 -15.70 -45.25 -40.22
N VAL B 203 -14.68 -44.50 -39.83
CA VAL B 203 -14.90 -43.10 -39.50
C VAL B 203 -13.82 -42.20 -40.09
N VAL B 204 -14.24 -41.10 -40.70
CA VAL B 204 -13.32 -40.13 -41.26
C VAL B 204 -13.34 -38.89 -40.40
N ASN B 205 -12.18 -38.60 -39.80
CA ASN B 205 -12.00 -37.48 -38.90
C ASN B 205 -11.18 -36.33 -39.49
N ILE B 206 -11.40 -35.12 -38.98
CA ILE B 206 -10.54 -33.98 -39.31
C ILE B 206 -9.52 -33.70 -38.22
N ASP B 207 -8.29 -34.14 -38.44
CA ASP B 207 -7.22 -34.00 -37.48
C ASP B 207 -6.32 -32.78 -37.78
N LEU B 208 -5.52 -32.35 -36.81
CA LEU B 208 -4.38 -31.49 -37.09
C LEU B 208 -3.34 -32.28 -37.83
N ASN B 209 -2.71 -31.65 -38.81
CA ASN B 209 -1.78 -32.34 -39.69
C ASN B 209 -0.44 -32.64 -39.01
N ARG B 210 -0.22 -33.91 -38.67
CA ARG B 210 1.02 -34.33 -38.03
C ARG B 210 2.24 -33.96 -38.89
N ASP B 211 2.07 -33.99 -40.20
CA ASP B 211 3.16 -33.66 -41.11
C ASP B 211 3.61 -32.20 -41.00
N PHE B 212 2.69 -31.30 -40.67
CA PHE B 212 3.06 -29.89 -40.48
C PHE B 212 3.51 -29.66 -39.06
N PHE B 213 2.63 -29.97 -38.14
CA PHE B 213 2.97 -29.93 -36.72
C PHE B 213 3.76 -31.19 -36.34
N ASP B 214 5.03 -31.22 -36.75
CA ASP B 214 5.90 -32.37 -36.57
C ASP B 214 6.38 -32.53 -35.13
N THR B 215 7.03 -33.67 -34.86
CA THR B 215 7.61 -33.91 -33.54
C THR B 215 8.74 -32.91 -33.27
N ALA B 216 9.27 -32.33 -34.35
CA ALA B 216 10.24 -31.24 -34.25
C ALA B 216 9.64 -30.00 -33.57
N THR B 217 8.33 -29.83 -33.67
CA THR B 217 7.62 -28.76 -32.99
C THR B 217 7.45 -29.07 -31.50
N GLY B 218 7.69 -30.33 -31.14
CA GLY B 218 7.57 -30.75 -29.75
C GLY B 218 6.15 -31.13 -29.44
N ILE B 219 5.28 -30.98 -30.44
CA ILE B 219 3.88 -31.36 -30.35
C ILE B 219 3.69 -32.88 -30.52
N ASP B 220 2.68 -33.45 -29.88
CA ASP B 220 2.37 -34.86 -30.04
C ASP B 220 0.87 -35.04 -30.29
N LEU B 221 0.53 -35.44 -31.50
CA LEU B 221 -0.88 -35.47 -31.93
C LEU B 221 -1.55 -36.82 -31.86
N THR B 222 -0.87 -37.79 -31.25
CA THR B 222 -1.35 -39.16 -31.17
C THR B 222 -2.64 -39.34 -30.36
N LYS B 223 -2.85 -38.45 -29.40
CA LYS B 223 -4.04 -38.52 -28.54
C LYS B 223 -5.28 -37.79 -29.07
N GLY B 224 -5.11 -37.05 -30.17
CA GLY B 224 -6.19 -36.29 -30.75
C GLY B 224 -6.09 -34.80 -30.48
N ILE B 225 -5.14 -34.44 -29.61
CA ILE B 225 -4.91 -33.03 -29.28
C ILE B 225 -3.42 -32.75 -29.30
N PRO B 226 -3.05 -31.48 -29.52
CA PRO B 226 -1.64 -31.12 -29.37
C PRO B 226 -1.23 -31.35 -27.92
N LEU B 227 -0.01 -31.82 -27.67
CA LEU B 227 0.43 -32.06 -26.30
C LEU B 227 1.92 -31.80 -26.15
N VAL B 228 2.27 -30.58 -25.78
CA VAL B 228 3.68 -30.22 -25.61
C VAL B 228 4.12 -30.43 -24.18
N GLN B 229 5.10 -31.32 -23.99
CA GLN B 229 5.61 -31.59 -22.65
C GLN B 229 6.46 -30.46 -22.07
N ASP B 230 6.33 -30.24 -20.77
CA ASP B 230 7.22 -29.34 -20.03
C ASP B 230 7.31 -27.92 -20.60
N LEU B 231 6.16 -27.36 -21.01
CA LEU B 231 6.12 -25.96 -21.40
C LEU B 231 5.49 -25.15 -20.27
N LEU B 232 4.16 -25.22 -20.17
CA LEU B 232 3.49 -24.77 -18.96
C LEU B 232 3.26 -25.98 -18.09
N VAL B 233 3.46 -25.83 -16.79
CA VAL B 233 3.26 -26.93 -15.86
C VAL B 233 3.06 -26.38 -14.45
N PRO B 234 1.97 -26.81 -13.79
CA PRO B 234 1.65 -26.31 -12.46
C PRO B 234 2.70 -26.72 -11.43
N ILE B 235 2.89 -25.89 -10.41
CA ILE B 235 3.70 -26.29 -9.28
C ILE B 235 2.80 -26.76 -8.13
N GLY B 236 3.36 -27.53 -7.21
CA GLY B 236 2.64 -27.88 -6.00
C GLY B 236 1.65 -28.99 -6.20
N VAL B 237 1.72 -29.65 -7.35
CA VAL B 237 0.81 -30.76 -7.63
C VAL B 237 1.56 -32.09 -7.70
N THR B 238 0.86 -33.16 -7.33
CA THR B 238 1.44 -34.50 -7.32
C THR B 238 1.83 -34.89 -8.73
N ALA B 239 2.85 -35.74 -8.86
CA ALA B 239 3.33 -36.13 -10.18
C ALA B 239 2.23 -36.77 -11.02
N GLY B 240 2.20 -36.40 -12.30
CA GLY B 240 1.15 -36.85 -13.19
C GLY B 240 -0.06 -35.94 -13.21
N ALA B 241 -0.03 -34.90 -12.37
CA ALA B 241 -1.08 -33.88 -12.40
C ALA B 241 -0.80 -32.82 -13.45
N GLU B 242 0.41 -32.87 -14.01
CA GLU B 242 0.85 -31.89 -15.01
C GLU B 242 0.17 -32.05 -16.37
N GLN B 243 -0.36 -33.24 -16.65
CA GLN B 243 -0.67 -33.65 -18.01
C GLN B 243 -1.71 -32.83 -18.74
N SER B 244 -2.71 -32.33 -18.03
CA SER B 244 -3.75 -31.54 -18.68
C SER B 244 -3.15 -30.25 -19.25
N ALA B 245 -2.14 -29.73 -18.56
CA ALA B 245 -1.44 -28.55 -19.03
C ALA B 245 -0.79 -28.80 -20.39
N GLU B 246 -0.42 -30.05 -20.66
CA GLU B 246 0.21 -30.42 -21.92
C GLU B 246 -0.72 -30.07 -23.07
N TYR B 247 -2.03 -30.02 -22.80
CA TYR B 247 -2.99 -29.62 -23.83
C TYR B 247 -2.82 -28.15 -24.17
N VAL B 248 -2.82 -27.30 -23.16
CA VAL B 248 -2.72 -25.87 -23.41
C VAL B 248 -1.42 -25.55 -24.11
N SER B 249 -0.33 -26.12 -23.60
CA SER B 249 0.98 -25.86 -24.17
C SER B 249 0.97 -26.28 -25.61
N GLY B 250 0.30 -27.39 -25.89
CA GLY B 250 0.22 -27.86 -27.25
C GLY B 250 -0.37 -26.77 -28.12
N LEU B 251 -1.54 -26.28 -27.70
CA LEU B 251 -2.25 -25.28 -28.50
C LEU B 251 -1.36 -24.08 -28.67
N LEU B 252 -0.63 -23.72 -27.62
CA LEU B 252 0.24 -22.56 -27.70
C LEU B 252 1.24 -22.74 -28.84
N MET B 253 1.93 -23.87 -28.86
CA MET B 253 2.90 -24.09 -29.92
C MET B 253 2.21 -24.17 -31.27
N VAL B 254 1.01 -24.73 -31.32
CA VAL B 254 0.28 -24.76 -32.58
C VAL B 254 0.05 -23.30 -32.98
N LEU B 255 -0.44 -22.51 -32.04
CA LEU B 255 -0.70 -21.10 -32.31
C LEU B 255 0.57 -20.38 -32.69
N PHE B 256 1.69 -20.84 -32.13
CA PHE B 256 2.98 -20.24 -32.41
C PHE B 256 3.42 -20.65 -33.79
N LYS B 257 3.26 -21.93 -34.09
CA LYS B 257 3.73 -22.43 -35.37
C LYS B 257 2.93 -21.80 -36.51
N VAL B 258 1.63 -21.57 -36.29
CA VAL B 258 0.83 -20.85 -37.26
C VAL B 258 1.20 -19.37 -37.30
N MET B 259 1.62 -18.82 -36.17
CA MET B 259 2.01 -17.42 -36.13
C MET B 259 3.22 -17.16 -37.00
N THR B 260 4.08 -18.17 -37.12
CA THR B 260 5.30 -18.01 -37.88
C THR B 260 5.33 -18.77 -39.21
N ASP B 261 4.18 -19.22 -39.72
CA ASP B 261 4.18 -19.91 -41.02
C ASP B 261 4.48 -18.88 -42.10
N ASN B 262 5.77 -18.66 -42.31
CA ASN B 262 6.24 -17.68 -43.28
C ASN B 262 6.39 -18.31 -44.65
N ARG B 263 5.76 -19.46 -44.86
CA ARG B 263 5.90 -20.18 -46.12
C ARG B 263 5.36 -19.38 -47.27
N LEU B 264 6.07 -19.46 -48.40
CA LEU B 264 5.77 -18.67 -49.58
C LEU B 264 5.67 -19.62 -50.77
N VAL B 265 4.45 -19.88 -51.22
CA VAL B 265 4.21 -20.90 -52.22
C VAL B 265 4.80 -20.56 -53.60
N ILE B 266 5.45 -21.53 -54.22
CA ILE B 266 5.93 -21.40 -55.59
C ILE B 266 5.21 -22.50 -56.31
N VAL B 267 4.87 -22.31 -57.58
CA VAL B 267 4.16 -23.37 -58.27
C VAL B 267 5.04 -24.61 -58.37
N GLY B 268 4.47 -25.77 -58.04
CA GLY B 268 5.22 -27.01 -57.98
C GLY B 268 5.05 -27.83 -59.24
N GLU B 269 5.36 -29.11 -59.16
CA GLU B 269 5.17 -29.98 -60.31
C GLU B 269 3.68 -30.10 -60.62
N THR B 270 3.33 -29.95 -61.90
CA THR B 270 1.92 -29.92 -62.28
C THR B 270 1.65 -30.78 -63.50
N THR B 271 0.41 -30.69 -64.00
CA THR B 271 -0.07 -31.50 -65.12
C THR B 271 -1.14 -30.72 -65.83
N THR B 272 -1.23 -30.89 -67.15
CA THR B 272 -2.30 -30.30 -67.94
C THR B 272 -2.87 -31.44 -68.75
N PRO B 273 -3.70 -32.27 -68.12
CA PRO B 273 -4.20 -33.47 -68.80
C PRO B 273 -5.01 -33.04 -70.00
N MET B 274 -4.95 -33.83 -71.07
CA MET B 274 -5.75 -33.54 -72.25
C MET B 274 -7.22 -33.80 -71.92
N SER B 275 -8.09 -32.92 -72.39
CA SER B 275 -9.48 -32.90 -71.97
C SER B 275 -10.18 -34.22 -72.27
N ASN B 276 -9.79 -34.87 -73.36
CA ASN B 276 -10.45 -36.10 -73.76
C ASN B 276 -10.21 -37.27 -72.80
N THR B 277 -9.07 -37.25 -72.12
CA THR B 277 -8.71 -38.35 -71.22
C THR B 277 -9.41 -38.31 -69.86
N LEU B 278 -10.10 -37.21 -69.56
CA LEU B 278 -10.73 -37.03 -68.27
C LEU B 278 -12.21 -37.36 -68.31
N SER B 279 -12.66 -38.18 -67.36
CA SER B 279 -14.07 -38.50 -67.22
C SER B 279 -14.78 -37.20 -66.88
N THR B 280 -15.91 -36.95 -67.53
CA THR B 280 -16.42 -35.57 -67.60
C THR B 280 -16.67 -34.93 -66.23
N VAL B 281 -17.09 -35.73 -65.27
CA VAL B 281 -17.38 -35.20 -63.95
C VAL B 281 -16.11 -34.65 -63.31
N VAL B 282 -14.98 -35.27 -63.65
CA VAL B 282 -13.67 -34.82 -63.18
C VAL B 282 -13.27 -33.57 -63.91
N ASN B 283 -13.59 -33.58 -65.20
CA ASN B 283 -13.21 -32.52 -66.11
C ASN B 283 -13.87 -31.19 -65.78
N ASN B 284 -15.10 -31.25 -65.30
CA ASN B 284 -15.80 -30.04 -64.87
C ASN B 284 -15.18 -29.42 -63.63
N VAL B 285 -14.63 -30.28 -62.79
CA VAL B 285 -13.96 -29.84 -61.57
C VAL B 285 -12.62 -29.18 -61.88
N LEU B 286 -11.91 -29.76 -62.84
CA LEU B 286 -10.56 -29.31 -63.20
C LEU B 286 -10.54 -28.04 -64.04
N ARG B 287 -9.46 -27.29 -63.89
CA ARG B 287 -9.25 -26.07 -64.64
C ARG B 287 -7.84 -26.09 -65.22
N THR B 288 -7.73 -26.48 -66.49
CA THR B 288 -6.43 -26.69 -67.15
C THR B 288 -5.45 -27.50 -66.31
N THR B 289 -4.54 -26.80 -65.63
CA THR B 289 -3.49 -27.47 -64.86
C THR B 289 -3.97 -27.97 -63.50
N TYR B 290 -3.08 -28.65 -62.78
CA TYR B 290 -3.23 -28.95 -61.36
C TYR B 290 -1.91 -29.44 -60.76
N HIS B 291 -1.71 -29.23 -59.47
CA HIS B 291 -0.53 -29.79 -58.80
C HIS B 291 -0.59 -31.31 -58.77
N ASN B 292 0.56 -31.96 -58.97
CA ASN B 292 0.62 -33.41 -58.96
C ASN B 292 0.29 -33.94 -57.58
N ASN B 293 0.55 -33.12 -56.57
CA ASN B 293 0.15 -33.41 -55.22
C ASN B 293 -1.30 -32.97 -55.00
N VAL B 294 -2.22 -33.59 -55.73
CA VAL B 294 -3.62 -33.39 -55.45
C VAL B 294 -3.78 -33.88 -54.04
N GLY B 295 -4.45 -33.10 -53.21
CA GLY B 295 -4.76 -33.59 -51.88
C GLY B 295 -6.01 -34.42 -52.02
N VAL B 296 -6.46 -35.02 -50.93
CA VAL B 296 -7.79 -35.59 -50.94
C VAL B 296 -8.80 -34.46 -50.86
N ASN B 297 -9.98 -34.69 -51.42
CA ASN B 297 -11.15 -33.89 -51.11
C ASN B 297 -12.38 -34.71 -51.48
N PRO B 298 -13.38 -34.72 -50.58
CA PRO B 298 -14.55 -35.58 -50.76
C PRO B 298 -15.29 -35.28 -52.06
N ALA B 299 -15.22 -34.03 -52.55
CA ALA B 299 -15.91 -33.68 -53.79
C ALA B 299 -15.43 -34.50 -54.97
N LEU B 300 -14.22 -35.05 -54.86
CA LEU B 300 -13.68 -35.89 -55.92
C LEU B 300 -14.29 -37.30 -55.95
N LEU B 301 -14.96 -37.72 -54.88
CA LEU B 301 -15.59 -39.03 -54.84
C LEU B 301 -16.79 -39.10 -55.77
N ARG B 302 -17.24 -37.93 -56.23
CA ARG B 302 -18.46 -37.86 -57.03
C ARG B 302 -18.30 -38.75 -58.24
N ASP B 303 -19.34 -39.55 -58.49
CA ASP B 303 -19.36 -40.53 -59.56
C ASP B 303 -18.09 -41.43 -59.61
N PHE B 304 -17.52 -41.75 -58.45
CA PHE B 304 -16.36 -42.66 -58.37
C PHE B 304 -16.43 -43.57 -57.16
N THR B 305 -17.03 -43.10 -56.08
CA THR B 305 -17.26 -43.99 -54.95
C THR B 305 -18.38 -44.97 -55.26
N GLN B 306 -18.22 -46.19 -54.77
CA GLN B 306 -19.21 -47.22 -55.02
C GLN B 306 -20.34 -47.16 -53.99
N VAL B 307 -20.08 -46.48 -52.87
CA VAL B 307 -21.09 -46.34 -51.84
C VAL B 307 -22.13 -45.36 -52.35
N ASN B 308 -23.26 -45.89 -52.79
CA ASN B 308 -24.22 -45.08 -53.53
C ASN B 308 -24.82 -43.94 -52.76
N TRP B 309 -25.08 -44.11 -51.46
CA TRP B 309 -25.71 -43.02 -50.72
C TRP B 309 -24.77 -41.85 -50.64
N LEU B 310 -23.48 -42.18 -50.57
CA LEU B 310 -22.45 -41.17 -50.40
C LEU B 310 -22.38 -40.36 -51.66
N ASN B 311 -22.35 -41.06 -52.79
CA ASN B 311 -22.28 -40.39 -54.08
C ASN B 311 -23.53 -39.57 -54.34
N ARG B 312 -24.67 -40.05 -53.85
CA ARG B 312 -25.92 -39.33 -54.06
C ARG B 312 -25.89 -38.04 -53.26
N ASP B 313 -25.39 -38.14 -52.04
CA ASP B 313 -25.34 -36.99 -51.16
C ASP B 313 -24.35 -35.94 -51.68
N ILE B 314 -23.15 -36.39 -52.03
CA ILE B 314 -22.13 -35.49 -52.54
C ILE B 314 -22.57 -34.84 -53.85
N THR B 315 -23.23 -35.61 -54.70
CA THR B 315 -23.77 -35.05 -55.92
C THR B 315 -24.82 -33.98 -55.60
N ASN B 316 -25.64 -34.22 -54.59
CA ASN B 316 -26.66 -33.24 -54.23
C ASN B 316 -26.03 -31.95 -53.73
N MET B 317 -24.93 -32.07 -52.99
CA MET B 317 -24.29 -30.89 -52.44
C MET B 317 -23.59 -30.11 -53.53
N LEU B 318 -22.93 -30.84 -54.43
CA LEU B 318 -22.18 -30.19 -55.50
C LEU B 318 -23.09 -29.60 -56.57
N GLN B 319 -24.32 -30.09 -56.64
CA GLN B 319 -25.32 -29.51 -57.53
C GLN B 319 -26.09 -28.35 -56.90
N GLN B 320 -25.88 -28.11 -55.61
CA GLN B 320 -26.42 -26.91 -54.97
C GLN B 320 -25.75 -25.66 -55.53
N ALA B 321 -26.52 -24.57 -55.64
CA ALA B 321 -25.98 -23.30 -56.12
C ALA B 321 -24.98 -22.70 -55.14
N GLY B 322 -25.10 -23.08 -53.87
CA GLY B 322 -24.28 -22.48 -52.83
C GLY B 322 -22.85 -22.98 -52.76
N THR B 323 -22.55 -24.06 -53.48
CA THR B 323 -21.21 -24.65 -53.44
C THR B 323 -20.75 -25.18 -54.79
N LYS B 324 -19.44 -25.09 -55.04
CA LYS B 324 -18.86 -25.50 -56.31
C LYS B 324 -17.43 -25.91 -56.09
N TYR B 325 -17.13 -27.19 -56.30
CA TYR B 325 -15.76 -27.65 -56.23
C TYR B 325 -14.96 -27.28 -57.46
N GLY B 326 -13.65 -27.11 -57.28
CA GLY B 326 -12.76 -26.80 -58.39
C GLY B 326 -11.34 -27.26 -58.10
N LEU B 327 -10.54 -27.41 -59.15
CA LEU B 327 -9.13 -27.69 -58.96
C LEU B 327 -8.31 -26.71 -59.78
N GLY B 328 -7.45 -25.94 -59.10
CA GLY B 328 -6.72 -24.87 -59.74
C GLY B 328 -5.78 -25.51 -60.72
N LEU B 329 -5.20 -24.75 -61.64
CA LEU B 329 -5.13 -23.29 -61.63
C LEU B 329 -6.43 -22.55 -61.89
N THR B 330 -6.52 -21.32 -61.40
CA THR B 330 -7.63 -20.43 -61.75
C THR B 330 -7.18 -19.01 -62.14
N GLU B 331 -6.98 -18.15 -61.15
CA GLU B 331 -6.55 -16.78 -61.41
C GLU B 331 -5.12 -16.70 -61.95
N THR B 332 -4.88 -15.76 -62.87
CA THR B 332 -3.56 -15.56 -63.45
C THR B 332 -3.28 -14.08 -63.69
N ARG B 333 -2.07 -13.64 -63.35
CA ARG B 333 -1.71 -12.24 -63.44
C ARG B 333 -0.35 -12.04 -64.13
N LEU B 334 -0.36 -11.57 -65.38
CA LEU B 334 0.86 -11.25 -66.12
C LEU B 334 1.51 -9.92 -65.70
N ASP B 335 2.82 -9.75 -65.94
CA ASP B 335 3.46 -8.45 -65.72
C ASP B 335 2.97 -7.44 -66.75
N TYR B 336 2.96 -6.18 -66.36
CA TYR B 336 2.47 -5.13 -67.24
C TYR B 336 3.43 -4.88 -68.39
N VAL B 337 4.68 -5.29 -68.24
CA VAL B 337 5.68 -5.01 -69.26
C VAL B 337 6.24 -6.27 -69.92
N ARG B 338 6.71 -7.21 -69.11
CA ARG B 338 7.22 -8.47 -69.64
C ARG B 338 6.14 -9.38 -70.25
N LEU B 339 4.90 -9.17 -69.83
CA LEU B 339 3.74 -9.92 -70.31
C LEU B 339 3.73 -11.41 -69.89
N VAL B 340 4.75 -11.82 -69.13
CA VAL B 340 4.79 -13.18 -68.56
C VAL B 340 3.91 -13.33 -67.31
N LYS B 341 3.43 -14.54 -67.04
CA LYS B 341 2.66 -14.80 -65.82
C LYS B 341 3.48 -14.67 -64.54
N THR B 342 2.84 -14.19 -63.48
CA THR B 342 3.53 -13.90 -62.23
C THR B 342 2.88 -14.69 -61.10
N ILE B 343 2.02 -14.02 -60.33
CA ILE B 343 1.20 -14.71 -59.35
C ILE B 343 0.08 -15.46 -60.06
N VAL B 344 -0.31 -16.61 -59.55
CA VAL B 344 -1.44 -17.35 -60.08
C VAL B 344 -2.20 -18.04 -58.96
N GLY B 345 -3.52 -18.00 -59.04
CA GLY B 345 -4.34 -18.75 -58.09
C GLY B 345 -4.29 -20.23 -58.44
N HIS B 346 -4.59 -21.07 -57.45
CA HIS B 346 -4.61 -22.50 -57.63
C HIS B 346 -5.51 -23.08 -56.55
N ALA B 347 -6.68 -23.55 -56.92
CA ALA B 347 -7.60 -24.09 -55.95
C ALA B 347 -7.13 -25.45 -55.49
N LEU B 348 -6.20 -25.45 -54.52
CA LEU B 348 -5.67 -26.64 -53.90
C LEU B 348 -6.65 -27.33 -52.98
N ASN B 349 -6.49 -28.64 -52.82
CA ASN B 349 -7.11 -29.34 -51.70
C ASN B 349 -6.30 -29.08 -50.44
N ILE B 350 -6.75 -28.12 -49.64
CA ILE B 350 -6.02 -27.73 -48.44
C ILE B 350 -6.97 -27.09 -47.41
N ASP B 351 -6.61 -27.12 -46.13
CA ASP B 351 -7.38 -26.47 -45.08
C ASP B 351 -7.46 -24.96 -45.36
N HIS B 352 -8.60 -24.33 -45.07
CA HIS B 352 -8.71 -22.90 -45.33
C HIS B 352 -7.78 -22.05 -44.46
N PHE B 353 -7.40 -22.55 -43.28
CA PHE B 353 -6.52 -21.78 -42.41
C PHE B 353 -5.13 -21.62 -43.02
N ALA B 354 -4.51 -22.73 -43.39
CA ALA B 354 -3.16 -22.64 -43.95
C ALA B 354 -3.20 -21.88 -45.27
N ALA B 355 -4.29 -22.02 -46.02
CA ALA B 355 -4.46 -21.23 -47.22
C ALA B 355 -4.59 -19.74 -46.92
N SER B 356 -5.23 -19.41 -45.80
CA SER B 356 -5.31 -18.00 -45.38
C SER B 356 -3.93 -17.47 -45.05
N VAL B 357 -3.15 -18.25 -44.32
CA VAL B 357 -1.81 -17.82 -43.94
C VAL B 357 -0.87 -17.67 -45.15
N LEU B 358 -0.91 -18.64 -46.05
CA LEU B 358 -0.08 -18.54 -47.25
C LEU B 358 -0.47 -17.34 -48.08
N ASN B 359 -1.78 -17.11 -48.21
CA ASN B 359 -2.24 -15.96 -48.96
C ASN B 359 -1.79 -14.65 -48.32
N ILE B 360 -1.74 -14.63 -46.99
CA ILE B 360 -1.31 -13.43 -46.28
C ILE B 360 0.16 -13.16 -46.56
N ASN B 361 0.95 -14.22 -46.60
CA ASN B 361 2.37 -14.04 -46.86
C ASN B 361 2.59 -13.45 -48.24
N LEU B 362 1.95 -14.08 -49.24
CA LEU B 362 2.17 -13.62 -50.61
C LEU B 362 1.64 -12.21 -50.80
N ARG B 363 0.53 -11.91 -50.12
CA ARG B 363 -0.07 -10.60 -50.28
C ARG B 363 0.89 -9.57 -49.73
N ALA B 364 1.56 -9.94 -48.64
CA ALA B 364 2.51 -9.03 -48.04
C ALA B 364 3.57 -8.76 -49.07
N LEU B 365 4.12 -9.82 -49.64
CA LEU B 365 5.25 -9.64 -50.55
C LEU B 365 4.92 -8.87 -51.84
N MET B 366 3.71 -9.05 -52.36
CA MET B 366 3.33 -8.41 -53.62
C MET B 366 2.82 -6.99 -53.46
N GLU B 367 2.11 -6.71 -52.36
CA GLU B 367 1.53 -5.38 -52.20
C GLU B 367 2.53 -4.31 -51.73
N ALA B 368 3.72 -4.75 -51.34
CA ALA B 368 4.77 -3.84 -50.90
C ALA B 368 5.31 -2.94 -52.00
N ASN B 369 5.22 -3.41 -53.24
CA ASN B 369 5.77 -2.67 -54.39
C ASN B 369 7.24 -2.35 -54.24
N VAL B 370 7.94 -3.16 -53.46
CA VAL B 370 9.37 -2.98 -53.30
C VAL B 370 10.14 -4.03 -54.09
N THR B 371 10.70 -3.63 -55.23
CA THR B 371 11.55 -4.51 -56.02
C THR B 371 12.96 -4.50 -55.45
N ALA B 372 13.81 -5.40 -55.95
CA ALA B 372 15.17 -5.52 -55.47
C ALA B 372 15.96 -4.26 -55.76
N ASP B 373 15.50 -3.48 -56.72
CA ASP B 373 16.19 -2.24 -57.09
C ASP B 373 16.29 -1.30 -55.86
N ASP B 374 15.29 -1.36 -54.99
CA ASP B 374 15.25 -0.52 -53.80
C ASP B 374 16.41 -0.80 -52.84
N ARG B 375 17.04 -1.97 -52.98
CA ARG B 375 18.19 -2.31 -52.15
C ARG B 375 19.30 -1.32 -52.35
N ILE B 376 19.33 -0.68 -53.51
CA ILE B 376 20.40 0.25 -53.80
C ILE B 376 20.38 1.32 -52.74
N LYS B 377 19.18 1.65 -52.27
CA LYS B 377 19.05 2.72 -51.28
C LYS B 377 19.77 2.37 -49.99
N ALA B 378 19.78 1.07 -49.66
CA ALA B 378 20.55 0.61 -48.50
C ALA B 378 22.05 0.65 -48.78
N LEU B 379 22.43 0.24 -49.99
CA LEU B 379 23.83 0.19 -50.37
C LEU B 379 24.43 1.59 -50.41
N GLN B 380 23.60 2.58 -50.70
CA GLN B 380 24.05 3.95 -50.68
C GLN B 380 24.37 4.38 -49.25
N ALA B 381 23.59 3.90 -48.30
CA ALA B 381 23.82 4.27 -46.91
C ALA B 381 25.14 3.71 -46.38
N HIS B 382 25.56 2.57 -46.93
CA HIS B 382 26.80 1.95 -46.48
C HIS B 382 27.97 2.19 -47.43
N SER B 383 27.78 3.09 -48.39
CA SER B 383 28.86 3.44 -49.31
C SER B 383 29.32 4.85 -49.07
N MET B 384 30.53 5.14 -49.53
CA MET B 384 31.10 6.48 -49.42
C MET B 384 30.11 7.40 -50.09
N ILE B 385 29.97 8.61 -49.56
CA ILE B 385 28.98 9.54 -50.08
C ILE B 385 29.21 9.77 -51.57
N SER B 386 28.12 9.82 -52.33
CA SER B 386 28.17 10.01 -53.77
C SER B 386 28.90 8.93 -54.58
N THR B 387 28.86 7.68 -54.12
CA THR B 387 29.09 6.58 -55.06
C THR B 387 27.79 6.41 -55.79
N GLN B 388 27.84 5.97 -57.04
CA GLN B 388 26.60 5.66 -57.76
C GLN B 388 26.48 4.16 -58.00
N PHE B 389 25.26 3.64 -57.92
CA PHE B 389 25.04 2.27 -58.36
C PHE B 389 24.24 2.19 -59.67
N HIS B 390 24.49 1.16 -60.47
CA HIS B 390 23.76 1.02 -61.72
C HIS B 390 23.05 -0.33 -61.82
N GLY B 391 21.86 -0.31 -62.41
CA GLY B 391 21.24 -1.50 -62.95
C GLY B 391 20.71 -2.44 -61.90
N PRO B 392 20.13 -3.57 -62.33
CA PRO B 392 19.79 -3.79 -63.74
C PRO B 392 18.31 -3.54 -64.06
N ASN B 393 17.59 -2.79 -63.22
CA ASN B 393 16.18 -2.46 -63.45
C ASN B 393 15.30 -3.68 -63.64
N GLN B 394 15.39 -4.64 -62.73
CA GLN B 394 14.64 -5.89 -62.85
C GLN B 394 13.12 -5.71 -62.84
N GLY B 395 12.64 -4.75 -62.06
CA GLY B 395 11.21 -4.48 -61.99
C GLY B 395 10.41 -5.46 -61.16
N ALA B 396 9.12 -5.54 -61.46
CA ALA B 396 8.15 -6.25 -60.63
C ALA B 396 8.50 -7.72 -60.47
N LEU B 397 9.26 -8.25 -61.43
CA LEU B 397 9.64 -9.66 -61.42
C LEU B 397 10.49 -10.01 -60.22
N ARG B 398 11.02 -9.01 -59.51
CA ARG B 398 11.75 -9.30 -58.29
C ARG B 398 11.26 -8.51 -57.09
N PRO B 399 10.07 -8.88 -56.56
CA PRO B 399 9.44 -8.34 -55.37
C PRO B 399 10.25 -8.66 -54.13
N GLU B 400 10.20 -7.78 -53.13
CA GLU B 400 10.76 -8.04 -51.81
C GLU B 400 10.09 -7.16 -50.78
N LEU B 401 10.06 -7.62 -49.53
CA LEU B 401 9.40 -6.87 -48.48
C LEU B 401 10.10 -5.55 -48.20
N ALA B 402 9.34 -4.53 -47.83
CA ALA B 402 9.93 -3.27 -47.37
C ALA B 402 10.64 -3.53 -46.06
N PHE B 403 11.76 -2.83 -45.85
CA PHE B 403 12.52 -2.97 -44.62
C PHE B 403 11.66 -2.58 -43.43
N ASP B 404 11.65 -3.40 -42.37
CA ASP B 404 10.72 -3.18 -41.26
C ASP B 404 11.29 -2.23 -40.23
N HIS B 405 11.28 -0.94 -40.55
CA HIS B 405 11.99 0.03 -39.74
C HIS B 405 11.43 0.07 -38.34
N ASP B 406 10.12 -0.12 -38.23
CA ASP B 406 9.45 0.05 -36.96
C ASP B 406 9.75 -1.12 -36.02
N HIS B 407 9.59 -2.32 -36.55
CA HIS B 407 9.83 -3.50 -35.75
C HIS B 407 11.29 -3.55 -35.37
N ILE B 408 12.16 -3.28 -36.33
CA ILE B 408 13.59 -3.35 -36.09
C ILE B 408 14.04 -2.32 -35.05
N ILE B 409 13.43 -1.15 -35.05
CA ILE B 409 13.85 -0.14 -34.08
C ILE B 409 13.35 -0.50 -32.70
N ARG B 410 12.15 -1.05 -32.63
CA ARG B 410 11.63 -1.50 -31.33
C ARG B 410 12.51 -2.62 -30.76
N CYS B 411 12.88 -3.56 -31.63
CA CYS B 411 13.73 -4.67 -31.25
C CYS B 411 15.09 -4.20 -30.82
N LEU B 412 15.58 -3.14 -31.48
CA LEU B 412 16.90 -2.58 -31.14
C LEU B 412 16.88 -1.97 -29.76
N MET B 413 15.76 -1.33 -29.42
CA MET B 413 15.68 -0.72 -28.10
C MET B 413 15.70 -1.83 -27.07
N LEU B 414 14.91 -2.85 -27.36
CA LEU B 414 14.79 -3.95 -26.43
C LEU B 414 16.13 -4.64 -26.25
N ALA B 415 16.91 -4.69 -27.32
CA ALA B 415 18.16 -5.45 -27.29
C ALA B 415 19.20 -4.67 -26.53
N ALA B 416 19.26 -3.37 -26.75
CA ALA B 416 20.23 -2.55 -26.05
C ALA B 416 19.92 -2.62 -24.56
N ALA B 417 18.64 -2.62 -24.23
CA ALA B 417 18.26 -2.72 -22.84
C ALA B 417 18.63 -4.07 -22.23
N ASN B 418 18.45 -5.15 -23.00
CA ASN B 418 18.70 -6.51 -22.51
C ASN B 418 20.15 -6.96 -22.67
N TYR B 419 20.82 -6.41 -23.67
CA TYR B 419 22.20 -6.77 -23.96
C TYR B 419 23.02 -5.53 -24.22
N PRO B 420 23.46 -4.84 -23.16
CA PRO B 420 24.25 -3.62 -23.35
C PRO B 420 25.50 -3.86 -24.19
N ARG B 421 26.07 -5.06 -24.11
CA ARG B 421 27.25 -5.41 -24.91
C ARG B 421 26.99 -5.28 -26.41
N LEU B 422 25.74 -5.08 -26.79
CA LEU B 422 25.39 -4.89 -28.19
C LEU B 422 26.10 -3.66 -28.71
N GLU B 423 26.29 -2.69 -27.81
CA GLU B 423 27.04 -1.50 -28.13
C GLU B 423 28.37 -1.93 -28.76
N GLY B 424 29.05 -2.85 -28.10
CA GLY B 424 30.34 -3.32 -28.54
C GLY B 424 30.30 -3.98 -29.90
N ILE B 425 29.19 -4.64 -30.23
CA ILE B 425 29.07 -5.21 -31.58
C ILE B 425 28.95 -4.10 -32.60
N ILE B 426 28.06 -3.15 -32.34
CA ILE B 426 27.81 -2.10 -33.31
C ILE B 426 29.11 -1.35 -33.55
N VAL B 427 29.78 -0.99 -32.46
CA VAL B 427 31.05 -0.30 -32.53
C VAL B 427 32.00 -1.13 -33.38
N GLN B 428 32.00 -2.44 -33.13
CA GLN B 428 32.96 -3.33 -33.78
C GLN B 428 32.77 -3.24 -35.28
N ILE B 429 31.51 -3.16 -35.71
CA ILE B 429 31.21 -3.05 -37.13
C ILE B 429 31.84 -1.79 -37.69
N ASN B 430 31.59 -0.67 -37.02
CA ASN B 430 32.11 0.60 -37.47
C ASN B 430 33.62 0.53 -37.47
N THR B 431 34.18 -0.15 -36.48
CA THR B 431 35.63 -0.18 -36.35
C THR B 431 36.20 -0.80 -37.60
N GLY B 432 35.59 -1.91 -38.02
CA GLY B 432 36.13 -2.65 -39.13
C GLY B 432 36.03 -1.78 -40.35
N TYR B 433 34.95 -1.01 -40.44
CA TYR B 433 34.74 -0.19 -41.62
C TYR B 433 35.85 0.83 -41.72
N VAL B 434 36.24 1.40 -40.58
CA VAL B 434 37.28 2.41 -40.62
C VAL B 434 38.57 1.76 -41.07
N ALA B 435 38.79 0.52 -40.63
CA ALA B 435 39.97 -0.20 -41.05
C ALA B 435 39.96 -0.42 -42.56
N SER B 436 38.76 -0.67 -43.10
CA SER B 436 38.62 -0.85 -44.54
C SER B 436 38.83 0.47 -45.28
N ALA B 437 38.58 1.59 -44.59
CA ALA B 437 38.63 2.88 -45.25
C ALA B 437 40.08 3.26 -45.54
N ASN B 438 40.99 2.58 -44.85
CA ASN B 438 42.43 2.81 -44.99
C ASN B 438 42.80 4.28 -44.73
N VAL B 439 42.12 4.92 -43.79
CA VAL B 439 42.25 6.37 -43.59
C VAL B 439 43.38 6.79 -42.69
N ILE B 440 44.03 5.83 -42.04
CA ILE B 440 45.09 6.13 -41.09
C ILE B 440 45.88 4.86 -40.76
N ARG B 441 47.20 4.92 -40.86
CA ARG B 441 48.01 3.74 -40.56
C ARG B 441 49.14 4.04 -39.57
N PRO B 442 49.49 3.04 -38.75
CA PRO B 442 50.71 3.05 -37.93
C PRO B 442 51.98 3.08 -38.77
N VAL B 443 53.02 3.74 -38.27
CA VAL B 443 54.32 3.77 -38.93
C VAL B 443 55.41 3.75 -37.87
N SER B 444 56.56 3.16 -38.20
CA SER B 444 57.64 3.02 -37.23
C SER B 444 58.24 4.36 -36.80
N GLU B 445 58.21 5.34 -37.70
CA GLU B 445 58.77 6.66 -37.37
C GLU B 445 57.98 7.34 -36.26
N LYS B 446 58.70 7.91 -35.31
CA LYS B 446 58.09 8.64 -34.21
C LYS B 446 58.36 10.14 -34.40
N ARG B 447 57.37 10.87 -34.86
CA ARG B 447 57.55 12.28 -35.15
C ARG B 447 57.12 13.19 -34.00
N TYR B 448 57.39 12.75 -32.77
CA TYR B 448 57.06 13.52 -31.57
C TYR B 448 57.87 14.79 -31.34
N PHE B 449 59.12 14.80 -31.80
CA PHE B 449 60.04 15.90 -31.45
C PHE B 449 60.76 16.50 -32.65
N PRO B 450 61.10 17.79 -32.54
CA PRO B 450 61.98 18.47 -33.49
C PRO B 450 63.35 17.80 -33.43
N GLU B 451 64.07 17.77 -34.55
CA GLU B 451 65.35 17.06 -34.61
C GLU B 451 66.32 17.52 -33.51
N ASN B 452 67.01 16.55 -32.94
CA ASN B 452 68.00 16.75 -31.86
C ASN B 452 67.53 17.50 -30.62
N LEU B 453 66.23 17.47 -30.34
CA LEU B 453 65.71 18.02 -29.09
C LEU B 453 65.50 16.93 -28.05
N GLU B 454 65.36 15.69 -28.51
CA GLU B 454 65.16 14.57 -27.58
C GLU B 454 66.40 14.36 -26.71
N GLN B 455 67.57 14.64 -27.27
CA GLN B 455 68.83 14.50 -26.54
C GLN B 455 69.19 15.74 -25.74
N ASN B 456 68.42 16.81 -25.94
CA ASN B 456 68.64 18.07 -25.24
C ASN B 456 68.41 17.90 -23.73
N GLN B 457 69.31 18.45 -22.92
CA GLN B 457 69.19 18.34 -21.46
C GLN B 457 68.29 19.40 -20.85
N SER B 458 67.86 20.36 -21.68
CA SER B 458 66.89 21.36 -21.25
C SER B 458 65.48 20.80 -21.33
N ALA B 459 65.25 20.00 -22.36
CA ALA B 459 63.91 19.53 -22.68
C ALA B 459 63.53 18.30 -21.88
N ALA B 460 64.42 17.87 -20.99
CA ALA B 460 64.31 16.55 -20.37
C ALA B 460 63.00 16.34 -19.60
N ARG B 461 62.50 17.39 -18.97
CA ARG B 461 61.21 17.29 -18.29
C ARG B 461 60.08 17.17 -19.32
N LEU B 462 60.14 18.02 -20.33
CA LEU B 462 59.17 17.99 -21.40
C LEU B 462 59.25 16.68 -22.15
N VAL B 463 60.47 16.16 -22.31
CA VAL B 463 60.69 14.92 -23.04
C VAL B 463 60.12 13.73 -22.29
N SER B 464 60.39 13.67 -20.98
CA SER B 464 59.83 12.59 -20.16
C SER B 464 58.31 12.69 -20.03
N ALA B 465 57.80 13.92 -20.03
CA ALA B 465 56.37 14.15 -19.90
C ALA B 465 55.66 13.65 -21.16
N VAL B 466 56.17 14.09 -22.29
CA VAL B 466 55.63 13.70 -23.57
C VAL B 466 55.75 12.21 -23.76
N LYS B 467 56.87 11.64 -23.36
CA LYS B 467 57.07 10.19 -23.48
C LYS B 467 56.04 9.46 -22.63
N ALA B 468 55.76 10.02 -21.45
CA ALA B 468 54.78 9.43 -20.55
C ALA B 468 53.37 9.47 -21.12
N ARG B 469 53.06 10.51 -21.90
CA ARG B 469 51.74 10.53 -22.53
C ARG B 469 51.66 9.67 -23.80
N ALA B 470 52.63 9.81 -24.68
CA ALA B 470 52.67 9.09 -25.95
C ALA B 470 52.81 7.57 -25.82
N SER B 471 53.52 7.12 -24.80
CA SER B 471 53.70 5.68 -24.59
C SER B 471 52.41 4.99 -24.17
N GLU B 472 51.51 5.73 -23.54
CA GLU B 472 50.29 5.17 -22.96
C GLU B 472 49.31 4.64 -24.02
N ALA B 473 49.37 5.18 -25.23
CA ALA B 473 48.40 4.87 -26.28
C ALA B 473 48.55 3.47 -26.89
N ASP B 474 47.44 2.92 -27.36
CA ASP B 474 47.44 1.66 -28.10
C ASP B 474 47.09 1.89 -29.57
N ILE B 475 47.99 1.52 -30.47
CA ILE B 475 47.84 1.82 -31.89
C ILE B 475 46.66 1.10 -32.58
N SER B 476 46.41 -0.14 -32.18
CA SER B 476 45.30 -0.92 -32.74
C SER B 476 43.96 -0.28 -32.37
N SER B 477 43.99 0.52 -31.30
CA SER B 477 42.82 1.24 -30.83
C SER B 477 42.50 2.47 -31.67
N ILE B 478 43.40 2.88 -32.57
CA ILE B 478 43.18 4.12 -33.30
C ILE B 478 41.86 4.11 -34.05
N HIS B 479 41.63 3.04 -34.82
CA HIS B 479 40.40 2.89 -35.59
C HIS B 479 39.22 2.90 -34.64
N LEU B 480 39.39 2.23 -33.51
CA LEU B 480 38.31 2.16 -32.53
C LEU B 480 37.92 3.55 -32.03
N ALA B 481 38.92 4.41 -31.83
CA ALA B 481 38.68 5.72 -31.27
C ALA B 481 37.84 6.50 -32.25
N ILE B 482 38.00 6.17 -33.52
CA ILE B 482 37.27 6.83 -34.56
C ILE B 482 35.85 6.31 -34.58
N ALA B 483 35.72 5.00 -34.49
CA ALA B 483 34.44 4.32 -34.70
C ALA B 483 33.39 4.69 -33.65
N ARG B 484 33.84 4.83 -32.41
CA ARG B 484 32.93 5.18 -31.33
C ARG B 484 32.54 6.66 -31.35
N GLU B 485 33.18 7.44 -32.22
CA GLU B 485 32.68 8.78 -32.46
C GLU B 485 31.27 8.71 -33.08
N VAL B 486 30.99 7.65 -33.85
CA VAL B 486 29.65 7.54 -34.44
C VAL B 486 28.79 6.41 -33.89
N SER B 487 29.36 5.59 -33.03
CA SER B 487 28.61 4.48 -32.43
C SER B 487 27.63 4.97 -31.36
N PRO B 488 26.49 4.27 -31.22
CA PRO B 488 25.56 4.51 -30.11
C PRO B 488 26.23 4.22 -28.77
N MET B 489 25.90 4.97 -27.74
CA MET B 489 26.45 4.70 -26.42
C MET B 489 25.38 4.17 -25.46
N PHE B 490 25.47 2.90 -25.11
CA PHE B 490 24.53 2.35 -24.13
C PHE B 490 25.15 2.45 -22.75
N ASN B 491 26.20 1.67 -22.50
CA ASN B 491 26.96 1.84 -21.28
C ASN B 491 27.64 3.21 -21.30
N VAL B 492 27.57 3.97 -20.20
CA VAL B 492 28.26 5.26 -20.14
C VAL B 492 29.78 5.07 -20.10
N HIS B 493 30.50 5.89 -20.87
CA HIS B 493 31.96 5.81 -20.92
C HIS B 493 32.61 6.57 -19.77
N GLU B 494 33.81 6.14 -19.41
CA GLU B 494 34.57 6.79 -18.35
C GLU B 494 36.01 7.05 -18.80
N LEU B 495 36.47 8.27 -18.61
CA LEU B 495 37.84 8.64 -18.96
C LEU B 495 38.86 7.88 -18.13
N LYS B 496 39.90 7.35 -18.78
CA LYS B 496 40.99 6.68 -18.08
C LYS B 496 41.72 7.68 -17.20
N LYS B 497 42.03 7.28 -15.96
CA LYS B 497 42.56 8.21 -14.98
C LYS B 497 43.94 8.74 -15.37
N ILE B 498 44.17 10.01 -15.06
CA ILE B 498 45.43 10.66 -15.36
C ILE B 498 45.92 11.39 -14.11
N ALA B 499 46.99 10.88 -13.51
CA ALA B 499 47.53 11.49 -12.31
C ALA B 499 48.51 12.60 -12.69
N GLU B 500 48.00 13.82 -12.80
CA GLU B 500 48.86 14.95 -13.14
C GLU B 500 48.84 16.00 -12.03
N SER B 501 49.99 16.17 -11.38
CA SER B 501 50.17 17.18 -10.34
C SER B 501 50.21 18.61 -10.90
N PHE B 502 50.58 18.73 -12.17
CA PHE B 502 50.73 20.02 -12.84
C PHE B 502 51.75 20.96 -12.19
N GLU B 503 52.94 20.44 -11.87
CA GLU B 503 54.00 21.28 -11.34
C GLU B 503 54.70 22.05 -12.46
N ASP B 504 55.53 21.34 -13.21
CA ASP B 504 56.35 21.93 -14.26
C ASP B 504 55.42 22.41 -15.39
N PRO B 505 55.87 23.42 -16.14
CA PRO B 505 55.09 23.96 -17.25
C PRO B 505 54.74 22.89 -18.28
N SER B 506 55.64 21.92 -18.46
CA SER B 506 55.47 20.88 -19.48
C SER B 506 54.31 19.93 -19.14
N SER B 507 53.72 20.11 -17.96
CA SER B 507 52.50 19.39 -17.62
C SER B 507 51.38 19.79 -18.57
N ILE B 508 51.56 20.93 -19.23
CA ILE B 508 50.61 21.42 -20.22
C ILE B 508 50.45 20.39 -21.35
N VAL B 509 51.45 19.50 -21.50
CA VAL B 509 51.33 18.40 -22.44
C VAL B 509 49.98 17.69 -22.23
N VAL B 510 49.65 17.34 -20.99
CA VAL B 510 48.37 16.68 -20.76
C VAL B 510 47.17 17.57 -21.12
N VAL B 511 47.25 18.88 -20.84
CA VAL B 511 46.13 19.74 -21.20
C VAL B 511 46.03 19.75 -22.71
N LEU B 512 47.18 19.71 -23.37
CA LEU B 512 47.17 19.78 -24.82
C LEU B 512 46.44 18.57 -25.35
N GLU B 513 46.63 17.44 -24.67
CA GLU B 513 46.02 16.19 -25.08
C GLU B 513 44.51 16.39 -25.09
N PHE B 514 44.00 17.00 -24.02
CA PHE B 514 42.56 17.19 -23.95
C PHE B 514 42.06 18.09 -25.07
N ILE B 515 42.85 19.10 -25.46
CA ILE B 515 42.34 19.97 -26.51
C ILE B 515 42.22 19.16 -27.80
N LEU B 516 43.20 18.28 -28.04
CA LEU B 516 43.18 17.48 -29.26
C LEU B 516 41.96 16.58 -29.24
N PHE B 517 41.62 16.11 -28.04
CA PHE B 517 40.52 15.19 -27.93
C PHE B 517 39.20 15.88 -28.22
N ALA B 518 39.13 17.18 -27.98
CA ALA B 518 37.88 17.90 -28.23
C ALA B 518 37.83 18.30 -29.69
N LEU B 519 38.92 18.08 -30.41
CA LEU B 519 38.94 18.35 -31.84
C LEU B 519 38.75 17.08 -32.66
N PHE B 520 39.65 16.11 -32.49
CA PHE B 520 39.61 14.86 -33.24
C PHE B 520 38.38 14.01 -32.96
N PHE B 521 37.92 14.01 -31.71
CA PHE B 521 36.72 13.25 -31.37
C PHE B 521 35.77 14.07 -30.50
N PRO B 522 35.14 15.11 -31.07
CA PRO B 522 34.32 15.97 -30.22
C PRO B 522 33.23 15.23 -29.47
N THR B 523 32.64 14.20 -30.08
CA THR B 523 31.54 13.49 -29.44
C THR B 523 31.97 12.65 -28.24
N GLU B 524 33.00 11.84 -28.43
CA GLU B 524 33.47 10.98 -27.34
C GLU B 524 33.98 11.86 -26.22
N PHE B 525 34.54 12.99 -26.60
CA PHE B 525 34.99 13.96 -25.62
C PHE B 525 33.78 14.45 -24.84
N ASN B 526 32.69 14.71 -25.54
CA ASN B 526 31.50 15.19 -24.87
C ASN B 526 30.97 14.15 -23.90
N ARG B 527 31.18 12.88 -24.23
CA ARG B 527 30.76 11.81 -23.35
C ARG B 527 31.65 11.67 -22.12
N ILE B 528 32.90 12.10 -22.22
CA ILE B 528 33.75 12.08 -21.03
C ILE B 528 34.23 13.43 -20.55
N LYS B 529 33.63 14.51 -21.05
CA LYS B 529 33.86 15.81 -20.43
C LYS B 529 33.28 15.72 -19.02
N GLY B 530 33.94 16.34 -18.06
CA GLY B 530 33.52 16.19 -16.68
C GLY B 530 34.51 15.35 -15.94
N ASP B 531 34.64 14.09 -16.33
CA ASP B 531 35.73 13.26 -15.82
C ASP B 531 37.07 13.85 -16.26
N ILE B 532 37.07 14.51 -17.41
CA ILE B 532 38.22 15.32 -17.82
C ILE B 532 38.31 16.62 -17.03
N GLN B 533 37.17 17.25 -16.75
CA GLN B 533 37.16 18.50 -15.99
C GLN B 533 37.74 18.30 -14.60
N ASN B 534 37.66 17.07 -14.09
CA ASN B 534 38.28 16.73 -12.81
C ASN B 534 39.79 16.88 -12.85
N VAL B 535 40.37 16.74 -14.04
CA VAL B 535 41.81 16.96 -14.24
C VAL B 535 42.05 18.46 -14.44
N LEU B 536 41.13 19.07 -15.19
CA LEU B 536 41.28 20.48 -15.55
C LEU B 536 41.19 21.42 -14.36
N LEU B 537 40.41 21.06 -13.35
CA LEU B 537 40.32 21.92 -12.17
C LEU B 537 41.52 21.75 -11.25
N LEU B 538 42.25 20.65 -11.40
CA LEU B 538 43.54 20.50 -10.74
C LEU B 538 44.52 21.44 -11.42
N PHE B 539 44.57 21.36 -12.75
CA PHE B 539 45.51 22.21 -13.49
C PHE B 539 45.22 23.69 -13.28
N PHE B 540 43.92 24.03 -13.24
CA PHE B 540 43.48 25.40 -13.08
C PHE B 540 43.63 25.90 -11.66
N SER B 541 43.46 25.02 -10.68
CA SER B 541 43.68 25.43 -9.30
C SER B 541 45.13 25.78 -9.17
N ARG B 542 45.99 24.86 -9.61
CA ARG B 542 47.43 25.02 -9.44
C ARG B 542 48.00 26.22 -10.19
N TRP B 543 47.54 26.45 -11.40
CA TRP B 543 48.13 27.49 -12.25
C TRP B 543 47.47 28.86 -12.17
N TYR B 544 46.16 28.86 -11.95
CA TYR B 544 45.42 30.13 -11.88
C TYR B 544 44.53 30.15 -10.65
N PRO B 545 45.17 30.23 -9.47
CA PRO B 545 44.48 30.04 -8.19
C PRO B 545 43.33 31.03 -7.94
N VAL B 546 43.48 32.27 -8.40
CA VAL B 546 42.43 33.26 -8.20
C VAL B 546 41.31 33.03 -9.20
N GLU B 547 41.71 32.78 -10.45
CA GLU B 547 40.77 32.49 -11.51
C GLU B 547 39.95 31.26 -11.12
N TYR B 548 40.66 30.22 -10.70
CA TYR B 548 40.04 28.98 -10.25
C TYR B 548 39.18 29.23 -9.03
N GLY B 549 39.57 30.21 -8.22
CA GLY B 549 38.81 30.51 -7.02
C GLY B 549 37.44 31.04 -7.38
N ILE B 550 37.41 32.06 -8.22
CA ILE B 550 36.14 32.65 -8.62
C ILE B 550 35.31 31.63 -9.36
N PHE B 551 36.02 30.78 -10.12
CA PHE B 551 35.36 29.78 -10.95
C PHE B 551 34.63 28.77 -10.09
N VAL B 552 35.41 28.05 -9.30
CA VAL B 552 34.90 26.96 -8.50
C VAL B 552 33.89 27.49 -7.49
N GLN B 553 34.06 28.74 -7.07
CA GLN B 553 33.05 29.40 -6.24
C GLN B 553 31.75 29.64 -6.99
N ARG B 554 31.81 29.82 -8.31
CA ARG B 554 30.55 29.94 -9.04
C ARG B 554 29.78 28.64 -9.00
N GLY B 555 30.53 27.53 -8.95
CA GLY B 555 29.94 26.20 -9.00
C GLY B 555 30.69 25.29 -9.95
N ALA B 556 30.92 24.05 -9.53
CA ALA B 556 31.53 23.02 -10.38
C ALA B 556 30.60 22.54 -11.49
N THR B 557 29.29 22.68 -11.28
CA THR B 557 28.31 22.24 -12.26
C THR B 557 27.13 23.22 -12.34
N TYR B 558 26.17 22.89 -13.20
CA TYR B 558 24.98 23.73 -13.40
C TYR B 558 23.86 22.94 -14.03
N THR B 559 22.66 23.48 -13.97
CA THR B 559 21.55 22.91 -14.73
C THR B 559 20.94 23.98 -15.62
N ILE B 560 19.94 23.54 -16.40
CA ILE B 560 19.20 24.42 -17.28
C ILE B 560 17.73 24.42 -16.88
N ASN B 561 17.23 25.58 -16.45
CA ASN B 561 15.84 25.71 -16.05
C ASN B 561 14.88 25.69 -17.24
N ALA B 562 13.58 25.70 -16.98
CA ALA B 562 12.59 25.79 -18.05
C ALA B 562 12.70 27.13 -18.79
N ALA B 563 13.22 28.13 -18.08
CA ALA B 563 13.54 29.42 -18.69
C ALA B 563 14.68 29.27 -19.69
N GLY B 564 15.53 28.28 -19.46
CA GLY B 564 16.66 27.99 -20.32
C GLY B 564 17.97 28.62 -19.90
N GLU B 565 17.92 29.54 -18.93
CA GLU B 565 19.13 30.13 -18.37
C GLU B 565 19.86 29.11 -17.52
N PHE B 566 21.20 29.10 -17.57
CA PHE B 566 21.99 28.22 -16.71
C PHE B 566 21.92 28.68 -15.25
N GLU B 567 21.78 27.73 -14.34
CA GLU B 567 21.90 28.02 -12.91
C GLU B 567 22.94 27.11 -12.27
N PHE B 568 24.02 27.72 -11.81
CA PHE B 568 25.16 27.01 -11.22
C PHE B 568 24.99 26.55 -9.78
N SER B 569 25.73 25.51 -9.40
CA SER B 569 25.67 24.91 -8.07
C SER B 569 26.20 25.82 -6.94
N GLY B 570 27.16 26.67 -7.25
CA GLY B 570 27.72 27.52 -6.23
C GLY B 570 28.56 26.71 -5.27
N ARG B 571 28.86 25.47 -5.65
CA ARG B 571 29.41 24.49 -4.73
C ARG B 571 30.45 23.58 -5.38
N ASN B 572 31.70 23.69 -4.94
CA ASN B 572 32.76 22.79 -5.41
C ASN B 572 32.44 21.33 -5.12
N GLU B 573 32.63 20.48 -6.13
CA GLU B 573 32.28 19.06 -6.05
C GLU B 573 32.76 18.32 -7.29
N LYS B 574 33.54 17.26 -7.09
CA LYS B 574 34.06 16.49 -8.20
C LYS B 574 32.94 15.90 -9.03
N TRP B 575 33.09 15.96 -10.35
CA TRP B 575 32.16 15.32 -11.26
C TRP B 575 32.31 13.80 -11.17
N ASP B 576 31.19 13.09 -11.19
CA ASP B 576 31.18 11.63 -11.39
C ASP B 576 30.21 11.34 -12.50
N GLN B 577 30.46 10.25 -13.21
CA GLN B 577 29.74 9.96 -14.43
C GLN B 577 28.24 9.71 -14.28
N ALA B 578 27.79 9.42 -13.07
CA ALA B 578 26.36 9.22 -12.84
C ALA B 578 25.62 10.49 -13.23
N LEU B 579 26.29 11.62 -12.98
CA LEU B 579 25.74 12.93 -13.25
C LEU B 579 25.46 13.12 -14.74
N TYR B 580 26.15 12.35 -15.58
CA TYR B 580 25.98 12.48 -17.02
C TYR B 580 24.55 12.20 -17.44
N LEU B 581 23.86 11.36 -16.69
CA LEU B 581 22.47 11.09 -17.06
C LEU B 581 21.49 12.09 -16.47
N SER B 582 21.97 12.97 -15.60
CA SER B 582 21.09 13.87 -14.88
C SER B 582 20.99 15.22 -15.57
N GLU B 583 20.39 16.18 -14.88
CA GLU B 583 20.20 17.52 -15.42
C GLU B 583 21.45 18.39 -15.31
N HIS B 584 22.49 17.87 -14.67
CA HIS B 584 23.74 18.59 -14.44
C HIS B 584 24.72 18.57 -15.62
N PHE B 585 25.51 19.63 -15.78
CA PHE B 585 26.61 19.65 -16.73
C PHE B 585 27.84 20.21 -16.04
N PRO B 586 29.05 19.76 -16.43
CA PRO B 586 30.28 20.33 -15.87
C PRO B 586 30.42 21.82 -16.20
N ALA B 587 31.00 22.61 -15.29
CA ALA B 587 31.01 24.06 -15.46
C ALA B 587 32.05 24.62 -16.43
N LEU B 588 33.18 23.95 -16.57
CA LEU B 588 34.24 24.42 -17.47
C LEU B 588 33.72 24.48 -18.89
N PHE B 589 32.83 23.55 -19.21
CA PHE B 589 32.29 23.38 -20.56
C PHE B 589 31.00 24.17 -20.79
N SER B 590 30.60 24.97 -19.80
CA SER B 590 29.41 25.82 -19.90
C SER B 590 29.53 26.98 -20.88
N ASP B 591 30.75 27.53 -20.99
CA ASP B 591 31.02 28.74 -21.77
C ASP B 591 30.12 29.95 -21.44
N VAL B 592 29.79 30.10 -20.16
CA VAL B 592 29.22 31.34 -19.68
C VAL B 592 30.36 32.17 -19.12
N PRO B 593 30.60 33.37 -19.70
CA PRO B 593 31.74 34.19 -19.29
C PRO B 593 31.64 34.58 -17.82
N LEU B 594 32.78 34.63 -17.13
CA LEU B 594 32.80 34.91 -15.71
C LEU B 594 33.85 35.96 -15.43
N ALA B 595 33.45 37.02 -14.74
CA ALA B 595 34.37 38.12 -14.46
C ALA B 595 35.51 37.66 -13.55
N GLY B 596 36.73 38.07 -13.90
CA GLY B 596 37.89 37.82 -13.05
C GLY B 596 38.50 36.45 -13.21
N ALA B 597 37.87 35.63 -14.05
CA ALA B 597 38.35 34.27 -14.30
C ALA B 597 38.29 34.01 -15.80
N ASN B 598 38.51 35.07 -16.57
CA ASN B 598 38.39 35.00 -18.01
C ASN B 598 39.38 34.05 -18.64
N THR B 599 40.55 33.90 -18.01
CA THR B 599 41.60 33.06 -18.60
C THR B 599 41.16 31.60 -18.69
N ILE B 600 40.49 31.11 -17.65
CA ILE B 600 39.95 29.77 -17.68
C ILE B 600 38.88 29.68 -18.75
N ILE B 601 38.10 30.75 -18.92
CA ILE B 601 37.02 30.76 -19.90
C ILE B 601 37.54 30.68 -21.34
N ALA B 602 38.69 31.32 -21.57
CA ALA B 602 39.34 31.28 -22.87
C ALA B 602 39.90 29.88 -23.12
N ILE B 603 40.60 29.34 -22.12
CA ILE B 603 41.18 28.01 -22.29
C ILE B 603 40.08 26.96 -22.50
N MET B 604 38.95 27.14 -21.84
CA MET B 604 37.81 26.27 -22.07
C MET B 604 37.17 26.51 -23.43
N ARG B 605 37.31 27.73 -23.95
CA ARG B 605 36.82 28.02 -25.30
C ARG B 605 37.73 27.45 -26.37
N LEU B 606 38.92 27.02 -25.98
CA LEU B 606 39.73 26.16 -26.86
C LEU B 606 39.09 24.79 -27.12
N PHE B 607 38.15 24.38 -26.27
CA PHE B 607 37.53 23.07 -26.42
C PHE B 607 36.32 22.98 -27.36
N THR B 608 35.86 24.12 -27.87
CA THR B 608 34.70 24.12 -28.77
C THR B 608 34.97 23.42 -30.10
N PRO B 609 34.08 22.48 -30.48
CA PRO B 609 34.16 21.67 -31.71
C PRO B 609 34.07 22.47 -33.01
N GLN B 610 34.79 22.04 -34.03
CA GLN B 610 34.84 22.74 -35.31
C GLN B 610 33.94 22.16 -36.40
N GLY B 611 33.19 21.12 -36.08
CA GLY B 611 32.42 20.40 -37.08
C GLY B 611 31.03 20.93 -37.33
N PHE B 612 30.14 20.08 -37.85
CA PHE B 612 28.77 20.51 -38.13
C PHE B 612 27.76 19.40 -37.95
N LEU B 613 26.48 19.77 -37.95
CA LEU B 613 25.41 18.80 -37.70
C LEU B 613 24.74 18.27 -38.96
N ARG B 614 25.32 17.22 -39.52
CA ARG B 614 24.81 16.58 -40.72
C ARG B 614 23.47 15.87 -40.46
N THR B 615 22.53 15.99 -41.39
CA THR B 615 21.32 15.19 -41.32
C THR B 615 21.58 13.81 -41.91
N ASP B 616 21.11 12.76 -41.24
CA ASP B 616 21.41 11.40 -41.69
C ASP B 616 20.52 11.01 -42.87
N ASP B 617 20.78 11.65 -44.01
CA ASP B 617 19.89 11.62 -45.16
C ASP B 617 19.66 10.23 -45.77
N LEU B 618 20.76 9.57 -46.12
CA LEU B 618 20.69 8.29 -46.81
C LEU B 618 20.08 7.20 -45.95
N ALA B 619 20.37 7.25 -44.65
CA ALA B 619 19.82 6.28 -43.72
C ALA B 619 18.32 6.44 -43.63
N ILE B 620 17.82 7.66 -43.77
CA ILE B 620 16.39 7.89 -43.78
C ILE B 620 15.77 7.42 -45.09
N ALA B 621 16.48 7.61 -46.19
CA ALA B 621 15.97 7.13 -47.48
C ALA B 621 15.82 5.61 -47.49
N ALA B 622 16.75 4.94 -46.83
CA ALA B 622 16.76 3.48 -46.77
C ALA B 622 15.94 2.94 -45.61
N ASN B 623 15.32 3.84 -44.85
CA ASN B 623 14.45 3.46 -43.75
C ASN B 623 15.15 2.66 -42.65
N PHE B 624 16.44 2.92 -42.45
CA PHE B 624 17.18 2.27 -41.39
C PHE B 624 16.65 2.74 -40.03
N PRO B 625 16.73 1.87 -39.00
CA PRO B 625 16.15 2.23 -37.71
C PRO B 625 16.80 3.47 -37.11
N ARG B 626 16.00 4.31 -36.46
CA ARG B 626 16.46 5.59 -35.95
C ARG B 626 15.60 5.99 -34.77
N ALA B 627 16.19 6.04 -33.58
CA ALA B 627 15.44 6.41 -32.39
C ALA B 627 14.91 7.85 -32.39
N SER B 628 15.65 8.77 -33.00
CA SER B 628 15.23 10.18 -33.08
C SER B 628 14.19 10.46 -34.18
N ARG B 629 13.29 11.41 -33.92
CA ARG B 629 12.28 11.80 -34.91
C ARG B 629 12.91 12.52 -36.09
N ASN B 630 14.03 13.20 -35.84
CA ASN B 630 14.88 13.68 -36.92
C ASN B 630 16.35 13.29 -36.70
N PRO B 631 16.78 12.20 -37.36
CA PRO B 631 18.16 11.73 -37.17
C PRO B 631 19.17 12.77 -37.60
N GLN B 632 20.28 12.86 -36.85
CA GLN B 632 21.34 13.83 -37.11
C GLN B 632 22.61 13.31 -36.47
N THR B 633 23.75 13.69 -37.04
CA THR B 633 25.03 13.35 -36.42
C THR B 633 26.05 14.48 -36.58
N TYR B 634 26.91 14.64 -35.57
CA TYR B 634 27.91 15.69 -35.64
C TYR B 634 29.20 15.19 -36.27
N ILE B 635 29.48 15.67 -37.48
CA ILE B 635 30.78 15.46 -38.09
C ILE B 635 31.83 16.37 -37.44
N PRO B 636 32.98 15.79 -37.05
CA PRO B 636 34.08 16.53 -36.41
C PRO B 636 34.66 17.67 -37.24
N TYR B 637 34.67 17.53 -38.56
CA TYR B 637 35.23 18.59 -39.40
C TYR B 637 34.66 18.65 -40.81
N THR B 638 34.45 19.87 -41.30
CA THR B 638 33.99 20.09 -42.66
C THR B 638 35.09 19.86 -43.69
N ASN B 639 34.71 19.46 -44.90
CA ASN B 639 35.63 19.43 -46.03
C ASN B 639 36.01 20.83 -46.48
N GLN B 640 37.27 21.03 -46.86
CA GLN B 640 37.75 22.34 -47.24
C GLN B 640 38.72 22.26 -48.41
N ARG B 641 38.21 21.82 -49.56
CA ARG B 641 39.07 21.59 -50.71
C ARG B 641 39.71 22.85 -51.30
N GLY B 642 38.97 23.96 -51.28
CA GLY B 642 39.37 25.14 -52.02
C GLY B 642 40.45 26.06 -51.47
N THR B 643 40.54 26.16 -50.14
CA THR B 643 41.36 27.19 -49.50
C THR B 643 42.87 26.94 -49.56
N VAL B 644 43.65 28.02 -49.58
CA VAL B 644 45.10 27.90 -49.49
C VAL B 644 45.47 27.29 -48.14
N THR B 645 44.63 27.53 -47.14
CA THR B 645 44.93 27.08 -45.78
C THR B 645 43.75 26.37 -45.12
N ASN B 646 44.03 25.20 -44.55
CA ASN B 646 43.05 24.42 -43.81
C ASN B 646 42.54 25.24 -42.63
N GLU B 647 41.22 25.35 -42.50
CA GLU B 647 40.65 26.11 -41.37
C GLU B 647 40.88 25.41 -40.02
N PHE B 648 40.94 24.09 -40.08
CA PHE B 648 41.21 23.25 -38.92
C PHE B 648 42.64 23.45 -38.38
N ALA B 649 43.63 23.40 -39.26
CA ALA B 649 45.02 23.62 -38.85
C ALA B 649 45.22 25.04 -38.35
N SER B 650 44.48 25.98 -38.95
CA SER B 650 44.57 27.37 -38.54
C SER B 650 44.07 27.52 -37.11
N ARG B 651 42.90 26.92 -36.84
CA ARG B 651 42.35 26.98 -35.50
C ARG B 651 43.25 26.28 -34.47
N PHE B 652 43.83 25.15 -34.84
CA PHE B 652 44.76 24.50 -33.91
C PHE B 652 45.96 25.37 -33.65
N ARG B 653 46.41 26.10 -34.67
CA ARG B 653 47.55 26.98 -34.47
C ARG B 653 47.21 28.13 -33.52
N THR B 654 46.00 28.67 -33.61
CA THR B 654 45.61 29.72 -32.65
C THR B 654 45.43 29.14 -31.24
N ILE B 655 45.05 27.87 -31.18
CA ILE B 655 44.96 27.14 -29.93
C ILE B 655 46.35 27.02 -29.30
N VAL B 656 47.36 26.75 -30.12
CA VAL B 656 48.73 26.67 -29.61
C VAL B 656 49.32 28.06 -29.41
N ALA B 657 48.69 29.07 -29.97
CA ALA B 657 49.12 30.44 -29.69
C ALA B 657 48.72 30.74 -28.26
N THR B 658 47.46 30.46 -27.94
CA THR B 658 46.98 30.69 -26.59
C THR B 658 47.72 29.82 -25.57
N LEU B 659 47.84 28.53 -25.87
CA LEU B 659 48.52 27.61 -24.97
C LEU B 659 49.99 27.96 -24.78
N ALA B 660 50.65 28.39 -25.84
CA ALA B 660 52.05 28.76 -25.70
C ALA B 660 52.21 30.01 -24.86
N ASN B 661 51.33 31.00 -25.01
CA ASN B 661 51.46 32.17 -24.13
C ASN B 661 51.16 31.81 -22.66
N VAL B 662 50.29 30.82 -22.46
CA VAL B 662 49.99 30.34 -21.11
C VAL B 662 51.18 29.64 -20.47
N VAL B 663 51.88 28.83 -21.26
CA VAL B 663 53.11 28.18 -20.79
C VAL B 663 54.31 29.15 -20.64
N ASN B 664 54.33 30.23 -21.41
CA ASN B 664 55.38 31.22 -21.21
C ASN B 664 55.12 32.02 -19.93
N GLU B 665 53.83 32.35 -19.70
CA GLU B 665 53.47 33.03 -18.46
C GLU B 665 53.89 32.16 -17.29
N ARG B 666 53.52 30.88 -17.35
CA ARG B 666 53.84 29.93 -16.30
C ARG B 666 55.34 29.73 -16.11
N ALA B 667 56.10 29.83 -17.20
CA ALA B 667 57.54 29.67 -17.12
C ALA B 667 58.21 30.87 -16.46
N VAL B 668 57.87 32.08 -16.88
CA VAL B 668 58.48 33.27 -16.31
C VAL B 668 58.08 33.47 -14.84
N GLN B 669 56.85 33.08 -14.49
CA GLN B 669 56.44 33.14 -13.09
C GLN B 669 57.25 32.16 -12.25
N ASP B 670 57.63 31.05 -12.86
CA ASP B 670 58.36 29.99 -12.16
C ASP B 670 59.83 29.97 -12.51
N ASP B 671 60.39 31.16 -12.76
CA ASP B 671 61.84 31.40 -12.85
C ASP B 671 62.64 30.38 -13.68
N MET B 672 62.05 29.91 -14.78
CA MET B 672 62.68 28.89 -15.62
C MET B 672 63.76 29.45 -16.54
N GLN B 673 64.77 28.62 -16.83
CA GLN B 673 65.85 28.98 -17.75
C GLN B 673 65.33 29.19 -19.16
N LYS B 674 65.95 30.10 -19.90
CA LYS B 674 65.47 30.45 -21.22
C LYS B 674 65.57 29.31 -22.21
N ALA B 675 66.54 28.42 -22.00
CA ALA B 675 66.76 27.31 -22.92
C ALA B 675 65.63 26.28 -22.88
N THR B 676 65.18 25.92 -21.67
CA THR B 676 64.10 24.96 -21.52
C THR B 676 62.80 25.52 -22.07
N ARG B 677 62.68 26.85 -21.98
CA ARG B 677 61.58 27.60 -22.57
C ARG B 677 61.63 27.53 -24.10
N SER B 678 62.84 27.67 -24.64
CA SER B 678 63.01 27.58 -26.08
C SER B 678 62.61 26.19 -26.51
N CYS B 679 62.87 25.21 -25.65
CA CYS B 679 62.58 23.82 -25.98
C CYS B 679 61.09 23.51 -25.99
N THR B 680 60.37 23.95 -24.96
CA THR B 680 58.91 23.74 -24.99
C THR B 680 58.26 24.52 -26.13
N LYS B 681 58.80 25.71 -26.41
CA LYS B 681 58.25 26.54 -27.46
C LYS B 681 58.45 25.91 -28.84
N GLN B 682 59.63 25.31 -29.03
CA GLN B 682 59.98 24.60 -30.26
C GLN B 682 59.17 23.33 -30.45
N TRP B 683 58.93 22.61 -29.35
CA TRP B 683 58.10 21.42 -29.44
C TRP B 683 56.66 21.82 -29.80
N LEU B 684 56.22 22.96 -29.29
CA LEU B 684 54.91 23.46 -29.64
C LEU B 684 54.79 23.83 -31.12
N ARG B 685 55.80 24.51 -31.66
CA ARG B 685 55.78 24.83 -33.08
C ARG B 685 55.79 23.54 -33.89
N HIS B 686 56.50 22.54 -33.37
CA HIS B 686 56.64 21.28 -34.06
C HIS B 686 55.28 20.61 -34.19
N LEU B 687 54.53 20.60 -33.10
CA LEU B 687 53.19 20.03 -33.16
C LEU B 687 52.34 20.85 -34.11
N GLU B 688 52.54 22.17 -34.13
CA GLU B 688 51.74 23.01 -35.01
C GLU B 688 51.91 22.59 -36.47
N THR B 689 53.15 22.37 -36.89
CA THR B 689 53.38 21.90 -38.26
C THR B 689 52.89 20.48 -38.50
N GLN B 690 53.00 19.61 -37.51
CA GLN B 690 52.55 18.22 -37.71
C GLN B 690 51.05 18.20 -37.94
N PHE B 691 50.36 19.07 -37.20
CA PHE B 691 48.93 19.25 -37.36
C PHE B 691 48.61 19.86 -38.73
N ASP B 692 49.48 20.76 -39.18
CA ASP B 692 49.31 21.37 -40.49
C ASP B 692 49.39 20.27 -41.55
N ASN B 693 50.19 19.24 -41.29
CA ASN B 693 50.28 18.11 -42.20
C ASN B 693 49.04 17.23 -42.23
N ILE B 694 48.59 16.78 -41.06
CA ILE B 694 47.48 15.81 -41.04
C ILE B 694 46.08 16.43 -41.21
N ALA B 695 46.02 17.77 -41.16
CA ALA B 695 44.73 18.46 -41.18
C ALA B 695 43.93 18.18 -42.44
N VAL B 696 44.62 17.98 -43.57
CA VAL B 696 43.92 17.67 -44.80
C VAL B 696 43.28 16.30 -44.70
N ALA B 697 44.04 15.33 -44.22
CA ALA B 697 43.59 13.95 -44.15
C ALA B 697 42.41 13.86 -43.22
N HIS B 698 42.29 14.81 -42.31
CA HIS B 698 41.08 14.83 -41.50
C HIS B 698 39.93 15.57 -42.18
N THR B 699 40.12 16.83 -42.52
CA THR B 699 39.01 17.62 -43.03
C THR B 699 38.46 17.06 -44.34
N ASP B 700 39.33 16.48 -45.15
CA ASP B 700 38.94 16.05 -46.49
C ASP B 700 38.69 14.54 -46.64
N HIS B 701 39.23 13.73 -45.74
CA HIS B 701 39.14 12.29 -45.90
C HIS B 701 38.48 11.52 -44.75
N LEU B 702 38.77 11.90 -43.51
CA LEU B 702 38.03 11.35 -42.37
C LEU B 702 36.58 11.83 -42.32
N SER B 703 36.33 13.04 -42.80
CA SER B 703 34.99 13.60 -42.70
C SER B 703 34.01 12.77 -43.51
N VAL B 704 34.47 12.24 -44.64
CA VAL B 704 33.56 11.42 -45.42
C VAL B 704 33.28 10.13 -44.68
N VAL B 705 34.31 9.54 -44.08
CA VAL B 705 34.12 8.26 -43.38
C VAL B 705 33.16 8.43 -42.21
N TYR B 706 33.24 9.57 -41.52
CA TYR B 706 32.26 9.87 -40.49
C TYR B 706 30.88 10.05 -41.09
N ALA B 707 30.78 10.59 -42.31
CA ALA B 707 29.46 10.76 -42.89
C ALA B 707 28.81 9.45 -43.38
N THR B 708 29.57 8.61 -44.09
CA THR B 708 29.01 7.34 -44.53
C THR B 708 28.72 6.48 -43.32
N MET B 709 29.59 6.53 -42.33
CA MET B 709 29.36 5.77 -41.12
C MET B 709 28.16 6.34 -40.41
N SER B 710 27.89 7.61 -40.63
CA SER B 710 26.72 8.21 -40.01
C SER B 710 25.45 7.57 -40.55
N ASN B 711 25.51 7.14 -41.81
CA ASN B 711 24.35 6.58 -42.50
C ASN B 711 24.09 5.10 -42.28
N PHE B 712 25.01 4.39 -41.63
CA PHE B 712 24.89 2.94 -41.48
C PHE B 712 23.64 2.61 -40.70
N MET B 713 23.07 1.43 -40.97
CA MET B 713 21.81 1.00 -40.38
C MET B 713 21.80 0.89 -38.87
N LEU B 714 22.91 0.44 -38.29
CA LEU B 714 22.93 0.17 -36.85
C LEU B 714 23.26 1.34 -35.94
N ASN B 715 23.67 2.47 -36.52
CA ASN B 715 24.03 3.63 -35.71
C ASN B 715 22.79 4.43 -35.37
N PHE B 716 21.81 3.76 -34.77
CA PHE B 716 20.46 4.28 -34.62
C PHE B 716 20.20 5.49 -33.72
N THR B 717 20.94 5.62 -32.62
CA THR B 717 20.79 6.79 -31.75
C THR B 717 21.52 8.03 -32.25
N ASN B 718 21.02 9.21 -31.89
CA ASN B 718 21.79 10.44 -32.07
C ASN B 718 22.90 10.49 -31.04
N ASN B 719 24.04 11.07 -31.41
CA ASN B 719 25.20 11.03 -30.52
C ASN B 719 25.57 12.35 -29.89
N PHE B 720 25.46 13.43 -30.66
CA PHE B 720 25.97 14.72 -30.22
C PHE B 720 25.45 15.81 -31.15
N SER B 721 24.84 16.84 -30.57
CA SER B 721 24.35 17.99 -31.34
C SER B 721 25.48 18.97 -31.61
N GLY B 722 26.63 18.72 -31.00
CA GLY B 722 27.78 19.58 -31.20
C GLY B 722 27.84 20.80 -30.30
N ASN B 723 26.86 20.95 -29.42
CA ASN B 723 26.88 22.02 -28.43
C ASN B 723 27.08 21.46 -27.04
N HIS B 724 28.31 21.54 -26.53
CA HIS B 724 28.64 20.95 -25.24
C HIS B 724 27.82 21.50 -24.08
N ALA B 725 27.44 22.77 -24.18
CA ALA B 725 26.81 23.47 -23.07
C ALA B 725 25.43 22.93 -22.71
N THR B 726 24.68 22.48 -23.71
CA THR B 726 23.32 22.06 -23.41
C THR B 726 22.96 20.66 -23.88
N PHE B 727 23.94 19.91 -24.37
CA PHE B 727 23.63 18.56 -24.84
C PHE B 727 23.27 17.59 -23.72
N LYS B 728 22.22 16.82 -23.96
CA LYS B 728 21.84 15.70 -23.11
C LYS B 728 21.23 14.65 -24.04
N PRO B 729 21.79 13.43 -24.03
CA PRO B 729 21.24 12.37 -24.89
C PRO B 729 19.80 12.06 -24.48
N ASP B 730 18.94 11.73 -25.45
CA ASP B 730 17.58 11.31 -25.11
C ASP B 730 17.67 9.96 -24.42
N GLN B 731 16.90 9.77 -23.34
CA GLN B 731 17.04 8.57 -22.53
C GLN B 731 15.79 7.73 -22.51
N TYR B 732 15.66 6.83 -23.49
CA TYR B 732 14.55 5.89 -23.52
C TYR B 732 14.75 4.77 -22.50
N VAL B 733 13.65 4.25 -21.99
CA VAL B 733 13.70 3.08 -21.13
C VAL B 733 12.68 2.08 -21.62
N ILE B 734 12.89 0.82 -21.26
CA ILE B 734 11.86 -0.17 -21.45
C ILE B 734 11.03 -0.25 -20.18
N THR B 735 10.05 0.64 -20.05
CA THR B 735 9.17 0.63 -18.90
C THR B 735 8.25 -0.58 -18.93
N SER B 736 7.93 -1.09 -17.74
CA SER B 736 6.84 -2.04 -17.60
C SER B 736 5.93 -1.64 -16.44
N PRO B 737 4.62 -1.75 -16.64
CA PRO B 737 3.65 -1.60 -15.55
C PRO B 737 3.88 -2.62 -14.43
N GLU B 738 4.35 -3.80 -14.81
CA GLU B 738 4.49 -4.92 -13.88
C GLU B 738 5.94 -5.15 -13.40
N GLY B 739 6.76 -4.10 -13.49
CA GLY B 739 8.12 -4.19 -13.02
C GLY B 739 8.80 -2.84 -13.02
N SER B 740 10.01 -2.80 -12.48
CA SER B 740 10.86 -1.62 -12.60
C SER B 740 11.37 -1.48 -14.03
N TYR B 741 11.44 -0.23 -14.51
CA TYR B 741 11.93 0.03 -15.87
C TYR B 741 13.43 -0.24 -16.03
N LYS B 742 13.85 -0.53 -17.24
CA LYS B 742 15.27 -0.68 -17.57
C LYS B 742 15.71 0.45 -18.48
N PRO B 743 16.59 1.33 -17.99
CA PRO B 743 17.14 2.35 -18.90
C PRO B 743 17.94 1.67 -20.01
N ILE B 744 17.88 2.18 -21.23
CA ILE B 744 18.78 1.69 -22.27
C ILE B 744 20.20 2.12 -21.93
N ILE B 745 20.32 3.26 -21.27
CA ILE B 745 21.63 3.88 -21.02
C ILE B 745 21.88 4.01 -19.53
N GLU B 746 22.89 3.33 -19.03
CA GLU B 746 23.29 3.48 -17.63
C GLU B 746 24.75 3.10 -17.38
N ARG B 747 25.25 3.43 -16.20
CA ARG B 747 26.63 3.10 -15.82
C ARG B 747 26.76 1.68 -15.32
N GLN B 748 26.37 0.69 -16.12
CA GLN B 748 26.15 -0.66 -15.60
C GLN B 748 27.45 -1.38 -15.23
N GLY B 749 28.59 -0.82 -15.64
CA GLY B 749 29.86 -1.41 -15.26
C GLY B 749 30.22 -2.62 -16.10
N GLU B 750 29.46 -2.81 -17.19
CA GLU B 750 29.87 -3.72 -18.25
C GLU B 750 30.73 -2.92 -19.19
N THR B 751 32.04 -3.07 -19.05
CA THR B 751 32.99 -2.23 -19.77
C THR B 751 33.20 -2.74 -21.21
N VAL B 752 32.56 -3.86 -21.54
CA VAL B 752 32.51 -4.35 -22.90
C VAL B 752 33.92 -4.67 -23.42
N ASP B 753 34.55 -5.63 -22.75
CA ASP B 753 35.95 -5.97 -23.03
C ASP B 753 36.85 -4.73 -22.97
N GLY B 754 36.54 -3.83 -22.04
CA GLY B 754 37.36 -2.64 -21.83
C GLY B 754 37.07 -1.44 -22.71
N LEU B 755 36.08 -1.57 -23.59
CA LEU B 755 35.80 -0.54 -24.58
C LEU B 755 35.42 0.83 -24.00
N THR B 756 34.71 0.85 -22.87
CA THR B 756 34.09 2.09 -22.40
C THR B 756 35.06 2.99 -21.66
N ILE B 757 36.26 2.47 -21.41
CA ILE B 757 37.35 3.26 -20.86
C ILE B 757 38.10 3.99 -21.98
N ILE B 758 38.29 5.29 -21.81
CA ILE B 758 38.76 6.14 -22.89
C ILE B 758 40.19 6.66 -22.68
N ASP B 759 41.12 6.20 -23.51
CA ASP B 759 42.48 6.74 -23.44
C ASP B 759 42.61 7.93 -24.38
N THR B 760 42.63 9.13 -23.80
CA THR B 760 42.81 10.36 -24.56
C THR B 760 44.20 10.45 -25.22
N SER B 761 45.15 9.69 -24.67
CA SER B 761 46.53 9.70 -25.12
C SER B 761 46.64 9.26 -26.58
N ILE B 762 45.54 8.72 -27.09
CA ILE B 762 45.47 8.28 -28.49
C ILE B 762 45.68 9.45 -29.45
N VAL B 763 45.51 10.69 -28.98
CA VAL B 763 45.85 11.81 -29.87
C VAL B 763 47.35 11.86 -30.22
N TRP B 764 48.22 11.43 -29.32
CA TRP B 764 49.66 11.52 -29.64
C TRP B 764 50.13 10.67 -30.83
N PRO B 765 49.79 9.37 -30.87
CA PRO B 765 50.13 8.58 -32.06
C PRO B 765 49.48 9.09 -33.33
N ILE B 766 48.28 9.63 -33.19
CA ILE B 766 47.48 10.04 -34.33
C ILE B 766 48.06 11.27 -34.99
N LEU B 767 48.41 12.26 -34.18
CA LEU B 767 49.07 13.45 -34.68
C LEU B 767 50.48 13.13 -35.16
N CYS B 768 51.23 12.40 -34.34
CA CYS B 768 52.68 12.38 -34.47
C CYS B 768 53.35 11.06 -34.80
N GLN B 769 52.59 10.04 -35.20
CA GLN B 769 53.21 8.84 -35.76
C GLN B 769 52.34 7.94 -36.65
N CYS B 770 51.52 8.56 -37.48
CA CYS B 770 50.65 7.81 -38.38
C CYS B 770 50.47 8.52 -39.72
N THR B 771 50.85 7.85 -40.81
CA THR B 771 50.65 8.39 -42.15
C THR B 771 49.19 8.24 -42.59
N TYR B 772 48.79 9.08 -43.53
CA TYR B 772 47.44 9.03 -44.10
C TYR B 772 47.55 8.98 -45.62
N PRO B 773 46.59 8.33 -46.28
CA PRO B 773 46.62 8.26 -47.74
C PRO B 773 46.61 9.64 -48.39
N LEU B 774 45.88 10.57 -47.78
CA LEU B 774 45.70 11.88 -48.38
C LEU B 774 46.93 12.77 -48.26
N VAL B 775 47.87 12.36 -47.42
CA VAL B 775 49.08 13.14 -47.19
C VAL B 775 50.32 12.36 -47.61
N ARG B 776 50.62 12.40 -48.90
CA ARG B 776 51.85 11.83 -49.42
C ARG B 776 52.86 12.95 -49.66
N GLN B 777 54.13 12.67 -49.42
CA GLN B 777 55.17 13.70 -49.54
C GLN B 777 56.57 13.13 -49.79
N SER B 786 55.39 13.07 -52.95
CA SER B 786 53.99 12.67 -53.02
C SER B 786 53.80 11.35 -53.78
N ILE B 787 53.68 10.26 -53.03
CA ILE B 787 53.49 8.93 -53.60
C ILE B 787 52.15 8.79 -54.32
N MET B 788 51.17 9.60 -53.90
CA MET B 788 49.82 9.57 -54.47
C MET B 788 49.16 8.20 -54.41
N GLU B 789 49.11 7.61 -53.23
CA GLU B 789 48.42 6.34 -53.04
C GLU B 789 46.94 6.51 -53.38
N GLU B 790 46.38 5.59 -54.16
CA GLU B 790 44.97 5.68 -54.54
C GLU B 790 44.05 5.41 -53.34
N ILE B 791 43.01 6.23 -53.21
CA ILE B 791 42.07 6.14 -52.10
C ILE B 791 41.21 4.89 -52.17
N VAL B 792 40.93 4.28 -51.01
CA VAL B 792 40.05 3.11 -50.97
C VAL B 792 38.63 3.49 -50.61
N TYR B 793 37.68 2.98 -51.38
CA TYR B 793 36.26 3.12 -51.09
C TYR B 793 35.71 1.72 -50.86
N PRO B 794 35.46 1.36 -49.59
CA PRO B 794 35.10 0.00 -49.17
C PRO B 794 33.78 -0.47 -49.77
N ASP B 795 33.66 -1.78 -50.04
CA ASP B 795 32.40 -2.35 -50.52
C ASP B 795 31.39 -2.19 -49.40
N PRO B 796 30.24 -1.59 -49.71
CA PRO B 796 29.17 -1.42 -48.72
C PRO B 796 28.73 -2.77 -48.17
N SER B 797 28.83 -3.79 -49.02
CA SER B 797 28.21 -5.08 -48.75
C SER B 797 28.69 -5.73 -47.47
N THR B 798 29.93 -5.50 -47.08
CA THR B 798 30.44 -6.15 -45.87
C THR B 798 29.79 -5.61 -44.60
N THR B 799 29.87 -4.30 -44.41
CA THR B 799 29.27 -3.67 -43.24
C THR B 799 27.74 -3.80 -43.30
N LEU B 800 27.19 -3.78 -44.51
CA LEU B 800 25.75 -3.94 -44.68
C LEU B 800 25.34 -5.32 -44.21
N SER B 801 26.03 -6.34 -44.70
CA SER B 801 25.70 -7.71 -44.33
C SER B 801 25.89 -8.01 -42.84
N GLN B 802 26.91 -7.43 -42.21
CA GLN B 802 26.97 -7.61 -40.74
C GLN B 802 25.88 -6.86 -39.99
N SER B 803 25.50 -5.70 -40.49
CA SER B 803 24.40 -4.95 -39.88
C SER B 803 23.13 -5.80 -39.94
N LEU B 804 22.82 -6.28 -41.14
CA LEU B 804 21.60 -7.04 -41.35
C LEU B 804 21.60 -8.32 -40.53
N SER B 805 22.78 -8.92 -40.40
CA SER B 805 22.88 -10.16 -39.64
C SER B 805 22.55 -9.90 -38.17
N VAL B 806 23.07 -8.78 -37.66
CA VAL B 806 22.77 -8.40 -36.28
C VAL B 806 21.27 -8.18 -36.12
N ALA B 807 20.66 -7.54 -37.10
CA ALA B 807 19.25 -7.23 -36.99
C ALA B 807 18.39 -8.50 -36.92
N GLN B 808 18.59 -9.41 -37.87
CA GLN B 808 17.73 -10.59 -37.89
C GLN B 808 17.96 -11.44 -36.65
N VAL B 809 19.20 -11.48 -36.17
CA VAL B 809 19.50 -12.23 -34.96
C VAL B 809 18.75 -11.65 -33.78
N LEU B 810 18.59 -10.33 -33.79
CA LEU B 810 17.92 -9.65 -32.69
C LEU B 810 16.42 -9.91 -32.65
N SER B 811 15.78 -9.79 -33.81
CA SER B 811 14.34 -10.06 -33.83
C SER B 811 14.06 -11.51 -33.42
N LYS B 812 14.75 -12.43 -34.07
CA LYS B 812 14.56 -13.84 -33.79
C LYS B 812 14.90 -14.11 -32.32
N LEU B 813 15.74 -13.27 -31.76
CA LEU B 813 16.13 -13.42 -30.36
C LEU B 813 14.98 -13.11 -29.45
N THR B 814 14.36 -11.95 -29.66
CA THR B 814 13.26 -11.56 -28.79
C THR B 814 12.06 -12.50 -28.90
N LEU B 815 11.93 -13.19 -30.03
CA LEU B 815 10.64 -13.77 -30.39
C LEU B 815 9.89 -14.67 -29.39
N PRO B 816 10.52 -15.73 -28.85
CA PRO B 816 9.75 -16.59 -27.91
C PRO B 816 9.21 -15.91 -26.65
N ASP B 817 9.95 -14.96 -26.09
CA ASP B 817 9.53 -14.29 -24.86
C ASP B 817 8.37 -13.39 -25.21
N ALA B 818 8.51 -12.71 -26.34
CA ALA B 818 7.55 -11.73 -26.80
C ALA B 818 6.21 -12.37 -27.14
N PHE B 819 6.25 -13.64 -27.53
CA PHE B 819 5.03 -14.36 -27.82
C PHE B 819 4.24 -14.67 -26.55
N ILE B 820 4.91 -15.23 -25.55
CA ILE B 820 4.23 -15.58 -24.30
C ILE B 820 3.69 -14.34 -23.58
N ASN B 821 4.46 -13.26 -23.61
CA ASN B 821 4.03 -12.03 -22.96
C ASN B 821 2.78 -11.45 -23.59
N MET B 822 2.59 -11.73 -24.88
CA MET B 822 1.36 -11.33 -25.56
C MET B 822 0.18 -12.21 -25.13
N ILE B 823 0.44 -13.49 -24.93
CA ILE B 823 -0.58 -14.43 -24.50
C ILE B 823 -1.08 -14.11 -23.10
N LEU B 824 -0.19 -13.59 -22.26
CA LEU B 824 -0.52 -13.34 -20.88
C LEU B 824 -0.72 -11.86 -20.58
N SER B 825 -0.77 -11.04 -21.61
CA SER B 825 -0.82 -9.59 -21.41
C SER B 825 -2.08 -9.17 -20.65
N GLY B 826 -3.18 -9.90 -20.85
CA GLY B 826 -4.42 -9.60 -20.14
C GLY B 826 -4.50 -10.23 -18.76
N GLY B 827 -3.46 -10.99 -18.40
CA GLY B 827 -3.49 -11.79 -17.19
C GLY B 827 -3.19 -11.10 -15.87
N ASP B 828 -2.65 -9.88 -15.94
CA ASP B 828 -2.43 -9.09 -14.73
C ASP B 828 -3.79 -8.67 -14.20
N SER B 829 -3.93 -8.63 -12.89
CA SER B 829 -5.26 -8.50 -12.32
C SER B 829 -5.28 -7.79 -10.97
N VAL B 830 -6.41 -7.19 -10.64
CA VAL B 830 -6.55 -6.52 -9.37
C VAL B 830 -7.66 -7.14 -8.52
N VAL B 831 -7.41 -7.22 -7.21
CA VAL B 831 -8.44 -7.70 -6.28
C VAL B 831 -9.51 -6.65 -6.18
N MET B 832 -10.76 -7.09 -6.12
CA MET B 832 -11.88 -6.17 -6.22
C MET B 832 -13.07 -6.65 -5.43
N ARG B 833 -13.45 -5.91 -4.39
CA ARG B 833 -14.72 -6.19 -3.72
C ARG B 833 -15.88 -5.77 -4.61
N THR B 834 -16.93 -6.59 -4.63
CA THR B 834 -18.16 -6.18 -5.27
C THR B 834 -19.26 -6.15 -4.22
N TYR B 835 -19.50 -4.97 -3.69
CA TYR B 835 -20.61 -4.75 -2.77
C TYR B 835 -21.91 -4.81 -3.56
N GLN B 836 -22.93 -5.42 -2.99
CA GLN B 836 -24.22 -5.53 -3.67
C GLN B 836 -25.17 -4.44 -3.18
N THR B 837 -25.97 -3.89 -4.08
CA THR B 837 -26.85 -2.79 -3.73
C THR B 837 -28.27 -3.04 -4.22
N GLU B 838 -28.71 -4.29 -4.14
CA GLU B 838 -30.06 -4.65 -4.54
C GLU B 838 -30.52 -5.86 -3.73
N ALA B 839 -31.83 -6.05 -3.64
CA ALA B 839 -32.39 -7.13 -2.83
C ALA B 839 -32.02 -8.52 -3.34
N ASP B 840 -31.90 -8.65 -4.65
CA ASP B 840 -31.69 -9.96 -5.26
C ASP B 840 -30.42 -10.01 -6.12
N ASP B 841 -29.41 -9.25 -5.71
CA ASP B 841 -28.16 -9.21 -6.46
C ASP B 841 -27.44 -10.55 -6.47
N ASP B 842 -26.97 -10.94 -7.65
CA ASP B 842 -26.09 -12.10 -7.78
C ASP B 842 -24.73 -11.74 -7.19
N LEU B 843 -23.90 -12.74 -6.95
CA LEU B 843 -22.62 -12.51 -6.30
C LEU B 843 -21.73 -11.56 -7.12
N ASP B 844 -21.94 -11.55 -8.44
CA ASP B 844 -21.18 -10.67 -9.33
C ASP B 844 -21.78 -9.26 -9.44
N GLU B 845 -23.10 -9.18 -9.39
CA GLU B 845 -23.80 -7.89 -9.54
C GLU B 845 -23.51 -6.98 -8.34
N GLY B 846 -23.59 -5.68 -8.56
CA GLY B 846 -23.39 -4.73 -7.48
C GLY B 846 -22.60 -3.49 -7.85
N ILE B 847 -21.80 -3.01 -6.91
CA ILE B 847 -20.90 -1.88 -7.15
C ILE B 847 -19.46 -2.39 -7.09
N ARG B 848 -18.78 -2.39 -8.22
CA ARG B 848 -17.38 -2.81 -8.24
C ARG B 848 -16.49 -1.79 -7.57
N MET B 849 -15.50 -2.26 -6.80
CA MET B 849 -14.50 -1.34 -6.25
C MET B 849 -13.19 -1.99 -5.83
N THR B 850 -12.13 -1.17 -5.84
CA THR B 850 -10.78 -1.64 -5.50
C THR B 850 -9.99 -0.59 -4.71
N THR B 851 -9.10 -1.08 -3.87
CA THR B 851 -8.25 -0.21 -3.06
C THR B 851 -7.31 0.60 -3.93
N TYR B 852 -7.02 1.82 -3.48
CA TYR B 852 -6.19 2.75 -4.24
C TYR B 852 -4.80 2.19 -4.49
N ASP B 853 -4.31 1.37 -3.57
CA ASP B 853 -2.99 0.78 -3.72
C ASP B 853 -2.95 -0.20 -4.90
N GLN B 854 -4.02 -0.97 -5.07
CA GLN B 854 -4.10 -1.85 -6.22
C GLN B 854 -4.13 -1.02 -7.49
N TYR B 855 -4.78 0.14 -7.42
CA TYR B 855 -4.95 1.01 -8.57
C TYR B 855 -3.62 1.59 -9.01
N LEU B 856 -2.80 2.03 -8.06
CA LEU B 856 -1.45 2.47 -8.38
C LEU B 856 -0.60 1.31 -8.89
N SER B 857 -0.83 0.13 -8.33
CA SER B 857 0.04 -1.00 -8.62
C SER B 857 -0.19 -1.61 -9.99
N HIS B 858 -1.31 -1.29 -10.64
CA HIS B 858 -1.66 -1.93 -11.91
C HIS B 858 -2.33 -1.01 -12.92
N ILE B 859 -3.47 -0.45 -12.55
CA ILE B 859 -4.26 0.35 -13.49
C ILE B 859 -3.60 1.66 -13.97
N ARG B 860 -2.85 2.31 -13.10
CA ARG B 860 -2.39 3.65 -13.40
C ARG B 860 -1.31 3.71 -14.47
N GLU B 861 -0.28 2.87 -14.36
CA GLU B 861 0.81 2.93 -15.34
C GLU B 861 0.25 2.59 -16.70
N ARG B 862 -0.71 1.69 -16.74
CA ARG B 862 -1.37 1.33 -17.98
C ARG B 862 -2.20 2.48 -18.55
N LEU B 863 -2.78 3.32 -17.68
CA LEU B 863 -3.40 4.54 -18.17
C LEU B 863 -2.36 5.48 -18.77
N HIS B 864 -1.19 5.56 -18.13
CA HIS B 864 -0.15 6.46 -18.64
C HIS B 864 0.32 6.00 -19.99
N ILE B 865 0.36 4.69 -20.17
CA ILE B 865 0.73 4.11 -21.44
C ILE B 865 -0.35 4.36 -22.50
N THR B 866 -1.62 4.27 -22.12
CA THR B 866 -2.70 4.49 -23.07
C THR B 866 -2.88 5.97 -23.35
N ASN B 867 -2.18 6.79 -22.58
CA ASN B 867 -2.08 8.22 -22.84
C ASN B 867 -3.42 8.95 -22.74
N VAL B 868 -4.19 8.62 -21.71
CA VAL B 868 -5.48 9.26 -21.50
C VAL B 868 -5.44 10.08 -20.22
N PRO B 869 -6.30 11.12 -20.12
CA PRO B 869 -6.32 11.96 -18.92
C PRO B 869 -6.69 11.09 -17.72
N ASP B 870 -6.16 11.38 -16.54
CA ASP B 870 -6.42 10.55 -15.38
C ASP B 870 -7.90 10.58 -15.07
N PRO B 871 -8.44 9.46 -14.54
CA PRO B 871 -9.86 9.36 -14.24
C PRO B 871 -10.29 10.38 -13.19
N ILE B 872 -11.50 10.88 -13.29
CA ILE B 872 -12.02 11.86 -12.35
C ILE B 872 -12.11 11.33 -10.94
N TYR B 873 -11.88 12.22 -9.99
CA TYR B 873 -12.32 11.97 -8.63
C TYR B 873 -13.83 12.18 -8.57
N ILE B 874 -14.51 11.46 -7.68
CA ILE B 874 -15.94 11.65 -7.51
C ILE B 874 -16.26 12.11 -6.09
N THR B 875 -16.62 13.39 -5.98
CA THR B 875 -16.75 14.07 -4.69
C THR B 875 -18.11 13.88 -4.01
N GLY B 876 -19.01 13.15 -4.66
CA GLY B 876 -20.33 12.92 -4.13
C GLY B 876 -21.29 13.99 -4.62
N ALA B 877 -20.71 15.03 -5.23
CA ALA B 877 -21.49 16.02 -5.96
C ALA B 877 -21.61 15.58 -7.42
N SER B 878 -20.96 14.47 -7.75
CA SER B 878 -20.86 14.00 -9.13
C SER B 878 -22.20 13.60 -9.77
N THR B 879 -22.40 14.07 -10.99
CA THR B 879 -23.51 13.65 -11.84
C THR B 879 -23.11 12.31 -12.44
N PRO B 880 -24.09 11.45 -12.78
CA PRO B 880 -23.73 10.29 -13.60
C PRO B 880 -23.10 10.70 -14.94
N ASP B 881 -23.54 11.83 -15.50
CA ASP B 881 -23.00 12.31 -16.77
C ASP B 881 -21.51 12.69 -16.71
N GLN B 882 -21.05 13.22 -15.57
CA GLN B 882 -19.63 13.54 -15.40
C GLN B 882 -18.78 12.28 -15.40
N ILE B 883 -19.35 11.22 -14.82
CA ILE B 883 -18.70 9.93 -14.76
C ILE B 883 -18.69 9.28 -16.13
N ALA B 884 -19.79 9.43 -16.86
CA ALA B 884 -19.86 8.91 -18.22
C ALA B 884 -18.82 9.60 -19.06
N ALA B 885 -18.64 10.89 -18.79
CA ALA B 885 -17.69 11.71 -19.55
C ALA B 885 -16.27 11.23 -19.31
N SER B 886 -15.94 11.00 -18.03
CA SER B 886 -14.60 10.50 -17.74
C SER B 886 -14.37 9.11 -18.29
N VAL B 887 -15.40 8.28 -18.24
CA VAL B 887 -15.25 6.91 -18.73
C VAL B 887 -15.03 6.88 -20.23
N GLN B 888 -15.75 7.72 -20.96
CA GLN B 888 -15.57 7.75 -22.41
C GLN B 888 -14.32 8.53 -22.79
N ALA B 889 -13.79 9.30 -21.85
CA ALA B 889 -12.55 10.04 -22.11
C ALA B 889 -11.30 9.18 -21.86
N THR B 890 -11.38 8.31 -20.87
CA THR B 890 -10.24 7.46 -20.54
C THR B 890 -10.48 6.01 -20.94
N HIS B 891 -11.58 5.78 -21.65
CA HIS B 891 -11.86 4.48 -22.27
C HIS B 891 -11.84 3.33 -21.29
N VAL B 892 -11.91 3.65 -20.01
CA VAL B 892 -11.79 2.65 -18.96
C VAL B 892 -12.79 2.97 -17.85
N ALA B 893 -13.52 1.96 -17.40
CA ALA B 893 -14.55 2.17 -16.40
C ALA B 893 -13.94 2.24 -15.00
N VAL B 894 -13.23 3.34 -14.73
CA VAL B 894 -12.60 3.54 -13.43
C VAL B 894 -12.73 5.00 -12.99
N VAL B 895 -13.07 5.20 -11.71
CA VAL B 895 -13.23 6.52 -11.10
C VAL B 895 -12.67 6.46 -9.69
N LEU B 896 -12.13 7.57 -9.21
CA LEU B 896 -11.49 7.60 -7.90
C LEU B 896 -12.33 8.32 -6.85
N TYR B 897 -12.83 7.58 -5.86
CA TYR B 897 -13.58 8.22 -4.78
C TYR B 897 -12.71 9.18 -3.97
N GLN B 898 -13.24 10.37 -3.69
CA GLN B 898 -12.50 11.36 -2.92
C GLN B 898 -13.19 11.68 -1.60
N SER B 899 -14.40 12.20 -1.67
CA SER B 899 -15.16 12.54 -0.46
C SER B 899 -16.59 12.05 -0.60
N GLY B 900 -17.16 11.60 0.52
CA GLY B 900 -18.53 11.10 0.50
C GLY B 900 -19.51 12.24 0.55
N VAL B 901 -20.80 11.92 0.43
CA VAL B 901 -21.22 10.57 0.07
C VAL B 901 -21.73 10.58 -1.37
N ILE B 902 -21.48 9.49 -2.10
CA ILE B 902 -21.99 9.34 -3.45
C ILE B 902 -23.52 9.23 -3.44
N ASN B 903 -24.17 9.94 -4.35
CA ASN B 903 -25.63 10.01 -4.39
C ASN B 903 -26.27 8.86 -5.16
N GLY B 904 -27.59 8.76 -5.04
CA GLY B 904 -28.36 7.69 -5.67
C GLY B 904 -28.16 7.47 -7.16
N PRO B 905 -28.46 8.48 -8.01
CA PRO B 905 -28.32 8.25 -9.45
C PRO B 905 -26.91 7.85 -9.85
N ALA B 906 -25.92 8.41 -9.17
CA ALA B 906 -24.53 8.06 -9.42
C ALA B 906 -24.26 6.62 -9.05
N SER B 907 -24.93 6.14 -8.01
CA SER B 907 -24.75 4.75 -7.58
C SER B 907 -25.40 3.82 -8.59
N THR B 908 -26.57 4.22 -9.09
CA THR B 908 -27.25 3.40 -10.08
C THR B 908 -26.45 3.38 -11.37
N TYR B 909 -25.71 4.44 -11.62
CA TYR B 909 -24.88 4.48 -12.82
C TYR B 909 -23.65 3.61 -12.67
N LEU B 910 -22.98 3.70 -11.52
CA LEU B 910 -21.78 2.91 -11.25
C LEU B 910 -22.12 1.43 -11.20
N ARG B 911 -23.34 1.12 -10.77
CA ARG B 911 -23.80 -0.27 -10.72
C ARG B 911 -24.20 -0.77 -12.12
N GLU B 912 -25.02 -0.01 -12.82
CA GLU B 912 -25.50 -0.42 -14.14
C GLU B 912 -24.42 -0.49 -15.21
N ASN B 913 -23.42 0.39 -15.13
CA ASN B 913 -22.34 0.39 -16.11
C ASN B 913 -21.08 -0.37 -15.69
N GLU B 914 -21.12 -0.93 -14.48
CA GLU B 914 -19.99 -1.68 -13.94
C GLU B 914 -18.72 -0.85 -13.90
N VAL B 915 -18.87 0.47 -13.73
CA VAL B 915 -17.70 1.32 -13.48
C VAL B 915 -17.04 1.02 -12.14
N LEU B 916 -15.73 0.93 -12.13
CA LEU B 916 -14.99 0.47 -10.97
C LEU B 916 -14.50 1.63 -10.11
N VAL B 917 -15.14 1.84 -8.97
CA VAL B 917 -14.70 2.87 -8.02
C VAL B 917 -13.40 2.49 -7.32
N VAL B 918 -12.55 3.48 -7.08
CA VAL B 918 -11.29 3.22 -6.40
C VAL B 918 -11.21 3.92 -5.04
N MET B 919 -11.42 3.12 -3.99
CA MET B 919 -11.40 3.59 -2.61
C MET B 919 -9.99 3.72 -2.06
N PRO B 920 -9.73 4.79 -1.30
CA PRO B 920 -8.48 4.88 -0.51
C PRO B 920 -8.33 3.74 0.49
N ASP B 921 -9.46 3.29 1.05
CA ASP B 921 -9.50 2.20 2.03
C ASP B 921 -10.89 1.58 2.07
N TYR B 922 -11.03 0.44 2.74
CA TYR B 922 -12.36 -0.12 2.99
C TYR B 922 -12.92 0.14 4.41
N TYR B 923 -12.46 1.22 5.05
CA TYR B 923 -12.69 1.43 6.48
C TYR B 923 -14.14 1.58 6.94
N ASP B 924 -14.99 2.16 6.10
CA ASP B 924 -16.42 2.22 6.39
C ASP B 924 -17.14 2.50 5.09
N VAL B 925 -17.14 1.50 4.21
CA VAL B 925 -17.46 1.67 2.81
C VAL B 925 -18.87 2.23 2.54
N VAL B 926 -19.86 1.74 3.26
CA VAL B 926 -21.24 2.14 3.01
C VAL B 926 -21.49 3.60 3.36
N SER B 927 -20.74 4.11 4.33
CA SER B 927 -20.84 5.51 4.72
C SER B 927 -20.39 6.40 3.57
N ARG B 928 -19.61 5.84 2.65
CA ARG B 928 -19.15 6.58 1.47
C ARG B 928 -20.25 6.69 0.41
N PHE B 929 -21.33 5.95 0.59
CA PHE B 929 -22.47 5.99 -0.32
C PHE B 929 -23.75 6.47 0.35
N ALA B 930 -24.85 6.48 -0.40
CA ALA B 930 -26.13 6.93 0.12
C ALA B 930 -27.22 5.98 -0.33
N ASN B 931 -27.29 4.82 0.31
CA ASN B 931 -28.25 3.80 -0.11
C ASN B 931 -29.66 4.06 0.39
N ALA B 932 -30.51 4.53 -0.51
CA ALA B 932 -31.91 4.74 -0.20
C ALA B 932 -32.58 3.39 0.10
N ASN B 933 -32.09 2.35 -0.55
CA ASN B 933 -32.56 0.99 -0.31
C ASN B 933 -32.19 0.50 1.08
N LEU B 934 -31.13 1.07 1.64
CA LEU B 934 -30.46 0.54 2.83
C LEU B 934 -30.06 -0.92 2.60
N GLN B 935 -29.81 -1.23 1.33
CA GLN B 935 -29.45 -2.59 0.92
C GLN B 935 -27.96 -2.81 1.10
N MET B 936 -27.18 -1.77 0.81
CA MET B 936 -25.73 -1.84 0.93
C MET B 936 -25.31 -2.04 2.37
N ASN B 937 -24.28 -2.86 2.58
CA ASN B 937 -23.79 -3.16 3.92
C ASN B 937 -22.31 -3.52 3.92
N ASN B 938 -21.59 -3.09 4.96
CA ASN B 938 -20.15 -3.31 5.03
C ASN B 938 -19.74 -4.78 5.03
N ASN B 939 -20.59 -5.65 5.57
CA ASN B 939 -20.34 -7.08 5.54
C ASN B 939 -20.82 -7.76 4.25
N ARG B 940 -21.57 -7.04 3.44
CA ARG B 940 -22.16 -7.65 2.25
C ARG B 940 -21.37 -7.35 0.97
N TYR B 941 -20.46 -8.26 0.62
CA TYR B 941 -19.67 -8.10 -0.59
C TYR B 941 -19.13 -9.42 -1.14
N HIS B 942 -18.55 -9.37 -2.33
CA HIS B 942 -17.80 -10.51 -2.86
C HIS B 942 -16.46 -10.10 -3.48
N GLU B 943 -15.38 -10.47 -2.81
CA GLU B 943 -14.03 -10.23 -3.33
C GLU B 943 -13.77 -11.11 -4.55
N SER B 944 -13.12 -10.56 -5.56
CA SER B 944 -12.85 -11.34 -6.79
C SER B 944 -11.73 -10.74 -7.62
N VAL B 945 -11.20 -11.56 -8.54
CA VAL B 945 -10.10 -11.14 -9.41
C VAL B 945 -10.59 -10.42 -10.67
N LEU B 946 -9.98 -9.29 -10.98
CA LEU B 946 -10.32 -8.52 -12.19
C LEU B 946 -9.13 -8.47 -13.14
N GLU B 947 -9.18 -9.25 -14.21
CA GLU B 947 -8.09 -9.27 -15.19
C GLU B 947 -8.02 -7.92 -15.87
N ILE B 948 -6.80 -7.51 -16.21
CA ILE B 948 -6.61 -6.23 -16.88
C ILE B 948 -7.32 -6.25 -18.24
N ALA B 949 -7.40 -7.43 -18.82
CA ALA B 949 -8.10 -7.60 -20.09
C ALA B 949 -9.58 -7.32 -19.94
N ASP B 950 -10.10 -7.46 -18.72
CA ASP B 950 -11.50 -7.17 -18.44
C ASP B 950 -11.72 -5.68 -18.14
N ILE B 951 -10.62 -4.91 -18.16
CA ILE B 951 -10.70 -3.47 -18.08
C ILE B 951 -10.31 -2.84 -19.42
N PHE B 952 -9.02 -2.92 -19.71
CA PHE B 952 -8.42 -2.37 -20.93
C PHE B 952 -8.75 -3.23 -22.14
N ASP B 953 -8.74 -2.63 -23.32
CA ASP B 953 -8.80 -3.40 -24.58
C ASP B 953 -8.15 -2.66 -25.74
N GLN B 954 -7.06 -1.94 -25.47
CA GLN B 954 -6.31 -1.29 -26.53
C GLN B 954 -5.67 -2.36 -27.41
N ALA B 955 -5.72 -2.17 -28.72
CA ALA B 955 -5.48 -3.26 -29.67
C ALA B 955 -4.08 -3.89 -29.66
N ASP B 956 -3.03 -3.07 -29.77
CA ASP B 956 -1.66 -3.59 -29.78
C ASP B 956 -1.08 -3.73 -28.37
N PHE B 957 -1.82 -3.26 -27.36
CA PHE B 957 -1.33 -3.21 -25.99
C PHE B 957 -1.69 -4.47 -25.19
N ILE B 958 -2.97 -4.81 -25.20
CA ILE B 958 -3.48 -5.93 -24.42
C ILE B 958 -4.24 -6.87 -25.34
N GLN B 959 -3.64 -8.03 -25.63
CA GLN B 959 -4.35 -9.03 -26.41
C GLN B 959 -5.59 -9.50 -25.64
N THR B 960 -6.73 -9.56 -26.32
CA THR B 960 -8.00 -9.75 -25.66
C THR B 960 -8.98 -10.49 -26.55
N SER B 961 -8.48 -11.16 -27.56
CA SER B 961 -9.34 -11.98 -28.40
C SER B 961 -9.92 -13.08 -27.52
N ASP B 962 -11.18 -13.44 -27.76
CA ASP B 962 -11.86 -14.41 -26.91
C ASP B 962 -11.12 -15.74 -26.96
N ALA B 963 -10.43 -15.97 -28.08
CA ALA B 963 -9.56 -17.14 -28.23
C ALA B 963 -8.51 -17.14 -27.13
N VAL B 964 -7.76 -16.06 -27.06
CA VAL B 964 -6.65 -15.95 -26.11
C VAL B 964 -7.19 -16.00 -24.70
N ARG B 965 -8.42 -15.51 -24.55
CA ARG B 965 -9.07 -15.49 -23.27
C ARG B 965 -9.30 -16.92 -22.78
N GLN B 966 -9.97 -17.72 -23.61
CA GLN B 966 -10.31 -19.09 -23.17
C GLN B 966 -9.07 -19.97 -23.06
N LEU B 967 -8.08 -19.64 -23.88
CA LEU B 967 -6.77 -20.27 -23.78
C LEU B 967 -6.14 -19.97 -22.41
N ARG B 968 -6.34 -18.76 -21.91
CA ARG B 968 -5.87 -18.43 -20.56
C ARG B 968 -6.68 -19.16 -19.51
N ALA B 969 -7.97 -19.33 -19.79
CA ALA B 969 -8.85 -20.00 -18.85
C ALA B 969 -8.38 -21.44 -18.65
N LEU B 970 -7.79 -22.01 -19.69
CA LEU B 970 -7.21 -23.35 -19.58
C LEU B 970 -5.94 -23.43 -18.71
N MET B 971 -5.21 -22.32 -18.59
CA MET B 971 -3.93 -22.30 -17.87
C MET B 971 -4.03 -22.50 -16.36
N PRO B 972 -3.00 -23.13 -15.77
CA PRO B 972 -2.81 -23.23 -14.32
C PRO B 972 -2.42 -21.87 -13.75
N THR B 973 -2.53 -21.69 -12.44
CA THR B 973 -1.97 -20.51 -11.79
C THR B 973 -0.47 -20.47 -12.09
N LEU B 974 0.08 -19.28 -12.30
CA LEU B 974 1.46 -19.16 -12.72
C LEU B 974 2.34 -18.28 -11.81
N SER B 975 3.59 -18.70 -11.64
CA SER B 975 4.61 -17.85 -11.04
C SER B 975 5.36 -17.18 -12.17
N THR B 976 6.16 -16.16 -11.87
CA THR B 976 7.03 -15.58 -12.88
C THR B 976 8.08 -16.58 -13.34
N SER B 977 8.48 -17.47 -12.44
CA SER B 977 9.41 -18.55 -12.80
C SER B 977 8.78 -19.58 -13.75
N GLN B 978 7.48 -19.81 -13.60
CA GLN B 978 6.78 -20.73 -14.48
C GLN B 978 6.78 -20.16 -15.88
N ILE B 979 6.41 -18.89 -15.95
CA ILE B 979 6.32 -18.20 -17.22
C ILE B 979 7.70 -18.18 -17.85
N ARG B 980 8.73 -17.99 -17.02
CA ARG B 980 10.08 -17.97 -17.54
C ARG B 980 10.46 -19.33 -18.10
N HIS B 981 9.99 -20.38 -17.44
CA HIS B 981 10.31 -21.73 -17.88
C HIS B 981 9.63 -22.04 -19.20
N ALA B 982 8.41 -21.52 -19.37
CA ALA B 982 7.67 -21.68 -20.61
C ALA B 982 8.41 -21.00 -21.75
N ILE B 983 8.86 -19.78 -21.48
CA ILE B 983 9.59 -19.03 -22.48
C ILE B 983 10.87 -19.76 -22.87
N GLU B 984 11.56 -20.32 -21.87
CA GLU B 984 12.78 -21.06 -22.15
C GLU B 984 12.48 -22.28 -22.99
N ARG B 985 11.30 -22.86 -22.80
CA ARG B 985 10.96 -24.09 -23.52
C ARG B 985 10.66 -23.79 -24.97
N ILE B 986 9.95 -22.70 -25.21
CA ILE B 986 9.68 -22.31 -26.59
C ILE B 986 10.99 -21.95 -27.27
N ALA B 987 11.92 -21.36 -26.51
CA ALA B 987 13.22 -21.02 -27.04
C ALA B 987 13.99 -22.29 -27.41
N GLN B 988 13.84 -23.30 -26.57
CA GLN B 988 14.54 -24.56 -26.77
C GLN B 988 13.99 -25.26 -27.99
N ILE B 989 12.71 -25.03 -28.28
CA ILE B 989 12.08 -25.67 -29.43
C ILE B 989 12.47 -25.00 -30.74
N THR B 990 12.36 -23.68 -30.76
CA THR B 990 12.47 -22.94 -32.00
C THR B 990 13.89 -22.57 -32.37
N ASP B 991 14.85 -23.01 -31.57
CA ASP B 991 16.24 -22.67 -31.82
C ASP B 991 16.63 -23.17 -33.21
N VAL B 992 17.32 -22.30 -33.94
CA VAL B 992 17.78 -22.61 -35.29
C VAL B 992 19.13 -21.92 -35.45
N ASP B 993 20.08 -22.60 -36.07
CA ASP B 993 21.41 -22.05 -36.28
C ASP B 993 21.38 -20.81 -37.18
N SER B 994 22.10 -19.77 -36.77
CA SER B 994 22.11 -18.50 -37.49
C SER B 994 23.26 -18.44 -38.49
N THR B 995 23.26 -17.41 -39.33
CA THR B 995 24.42 -17.12 -40.17
C THR B 995 25.60 -16.86 -39.25
N ASP B 996 26.81 -17.21 -39.69
CA ASP B 996 27.94 -17.35 -38.77
C ASP B 996 28.24 -16.07 -38.01
N TYR B 997 28.07 -14.93 -38.66
CA TYR B 997 28.23 -13.65 -37.98
C TYR B 997 27.15 -13.43 -36.92
N GLY B 998 25.98 -14.03 -37.13
CA GLY B 998 24.91 -13.92 -36.17
C GLY B 998 25.20 -14.75 -34.94
N LYS B 999 25.84 -15.89 -35.15
CA LYS B 999 26.31 -16.71 -34.03
C LYS B 999 27.40 -15.97 -33.28
N LEU B 1000 28.22 -15.21 -34.01
CA LEU B 1000 29.26 -14.40 -33.36
C LEU B 1000 28.69 -13.27 -32.52
N THR B 1001 27.66 -12.59 -33.04
CA THR B 1001 26.99 -11.56 -32.25
C THR B 1001 26.25 -12.14 -31.06
N LEU B 1002 25.72 -13.35 -31.22
CA LEU B 1002 25.04 -13.99 -30.11
C LEU B 1002 26.01 -14.40 -29.01
N ARG B 1003 27.17 -14.89 -29.41
CA ARG B 1003 28.17 -15.27 -28.44
C ARG B 1003 28.74 -14.04 -27.72
N PHE B 1004 29.02 -12.99 -28.50
CA PHE B 1004 29.53 -11.75 -27.93
C PHE B 1004 28.52 -11.02 -27.07
N LEU B 1005 27.24 -11.24 -27.33
CA LEU B 1005 26.20 -10.58 -26.54
C LEU B 1005 26.18 -11.06 -25.10
N GLY B 1006 26.75 -12.24 -24.86
CA GLY B 1006 26.78 -12.82 -23.54
C GLY B 1006 25.55 -13.65 -23.21
N THR B 1007 25.51 -14.18 -21.99
CA THR B 1007 24.42 -15.05 -21.58
C THR B 1007 23.10 -14.29 -21.58
N LEU B 1008 22.05 -14.93 -22.10
CA LEU B 1008 20.75 -14.29 -22.24
C LEU B 1008 19.96 -14.39 -20.95
N THR B 1009 20.44 -13.72 -19.90
CA THR B 1009 19.84 -13.83 -18.58
C THR B 1009 18.40 -13.32 -18.53
N ARG B 1010 18.12 -12.28 -19.31
CA ARG B 1010 16.78 -11.71 -19.42
C ARG B 1010 16.04 -11.53 -18.08
N SER B 1011 16.63 -10.72 -17.21
CA SER B 1011 16.05 -10.39 -15.92
C SER B 1011 14.87 -9.44 -16.08
N LEU B 1012 14.75 -8.83 -17.26
CA LEU B 1012 13.71 -7.84 -17.53
C LEU B 1012 12.30 -8.40 -17.42
N LYS B 1013 11.43 -7.66 -16.74
CA LYS B 1013 10.02 -8.02 -16.70
C LYS B 1013 9.33 -7.31 -17.85
N MET B 1014 8.76 -8.09 -18.77
CA MET B 1014 8.30 -7.52 -20.03
C MET B 1014 6.78 -7.45 -20.22
N GLN B 1015 6.02 -7.74 -19.17
CA GLN B 1015 4.56 -7.69 -19.25
C GLN B 1015 4.10 -6.30 -19.65
N ASN B 1016 3.44 -6.20 -20.81
CA ASN B 1016 3.00 -4.92 -21.38
C ASN B 1016 4.12 -3.88 -21.45
N ALA B 1017 5.34 -4.31 -21.73
CA ALA B 1017 6.47 -3.38 -21.78
C ALA B 1017 6.34 -2.37 -22.92
N GLN B 1018 6.79 -1.13 -22.67
CA GLN B 1018 6.80 -0.10 -23.70
C GLN B 1018 8.18 0.51 -23.82
N ILE B 1019 8.31 1.49 -24.71
CA ILE B 1019 9.57 2.21 -24.87
C ILE B 1019 9.33 3.70 -24.69
N ARG B 1020 9.70 4.21 -23.53
CA ARG B 1020 9.42 5.60 -23.18
C ARG B 1020 10.68 6.34 -22.76
N ARG B 1021 10.75 7.62 -23.09
CA ARG B 1021 11.80 8.49 -22.55
C ARG B 1021 11.53 8.71 -21.08
N ILE B 1022 12.59 8.72 -20.27
CA ILE B 1022 12.49 9.20 -18.91
C ILE B 1022 13.05 10.60 -18.85
N ARG B 1023 12.55 11.41 -17.92
CA ARG B 1023 13.17 12.69 -17.64
C ARG B 1023 14.49 12.37 -16.96
N PRO B 1024 15.46 13.29 -17.05
CA PRO B 1024 16.70 13.09 -16.29
C PRO B 1024 16.39 12.99 -14.81
N ASP B 1025 15.32 13.67 -14.38
CA ASP B 1025 14.82 13.60 -13.01
C ASP B 1025 14.34 12.20 -12.65
N GLY B 1026 14.06 11.38 -13.65
CA GLY B 1026 13.77 9.98 -13.44
C GLY B 1026 12.34 9.49 -13.60
N THR B 1027 11.39 10.42 -13.71
CA THR B 1027 10.01 10.04 -14.02
C THR B 1027 9.87 9.56 -15.47
N VAL B 1028 9.07 8.53 -15.69
CA VAL B 1028 8.83 7.99 -17.03
C VAL B 1028 7.70 8.74 -17.73
N LEU B 1029 8.03 9.44 -18.81
CA LEU B 1029 7.06 10.27 -19.51
C LEU B 1029 6.06 9.47 -20.34
N ARG B 1030 4.87 10.03 -20.50
CA ARG B 1030 3.88 9.50 -21.43
C ARG B 1030 4.42 9.69 -22.84
N TYR B 1031 3.99 8.84 -23.78
CA TYR B 1031 4.43 9.00 -25.16
C TYR B 1031 3.97 10.35 -25.71
N ASP B 1032 4.89 11.04 -26.39
CA ASP B 1032 4.56 12.35 -26.94
C ASP B 1032 4.73 12.34 -28.42
N ASP B 1033 3.63 12.44 -29.15
CA ASP B 1033 3.72 12.77 -30.55
C ASP B 1033 4.35 14.16 -30.50
N GLN B 1034 5.20 14.47 -31.49
CA GLN B 1034 6.03 15.69 -31.54
C GLN B 1034 7.43 15.52 -30.94
N ILE B 1035 7.65 14.43 -30.21
CA ILE B 1035 9.01 14.12 -29.79
C ILE B 1035 9.37 12.67 -30.06
N ASP B 1036 8.68 11.75 -29.38
CA ASP B 1036 8.96 10.32 -29.55
C ASP B 1036 8.49 9.83 -30.94
N ILE B 1037 9.23 8.89 -31.53
CA ILE B 1037 8.86 8.36 -32.86
C ILE B 1037 7.63 7.45 -32.83
N GLU B 1038 6.91 7.40 -33.94
CA GLU B 1038 5.64 6.69 -34.00
C GLU B 1038 5.79 5.20 -33.70
N ALA B 1039 6.97 4.66 -33.98
CA ALA B 1039 7.24 3.25 -33.77
C ALA B 1039 7.23 2.85 -32.30
N PHE B 1040 7.50 3.81 -31.41
CA PHE B 1040 7.48 3.54 -29.98
C PHE B 1040 6.11 3.70 -29.30
N ARG B 1041 5.10 4.15 -30.03
CA ARG B 1041 3.80 4.39 -29.42
C ARG B 1041 3.17 3.12 -28.86
N TRP B 1042 3.39 1.98 -29.53
CA TRP B 1042 3.02 0.65 -28.98
C TRP B 1042 4.09 -0.36 -29.34
N SER B 1043 4.39 -1.25 -28.40
CA SER B 1043 5.39 -2.28 -28.64
C SER B 1043 4.88 -3.25 -29.70
N ARG B 1044 3.56 -3.35 -29.79
CA ARG B 1044 2.93 -4.41 -30.59
C ARG B 1044 3.48 -5.75 -30.12
N TYR B 1045 3.53 -5.91 -28.80
CA TYR B 1045 4.04 -7.12 -28.16
C TYR B 1045 5.41 -7.52 -28.69
N PHE B 1046 6.10 -6.59 -29.34
CA PHE B 1046 7.40 -6.83 -29.96
C PHE B 1046 7.41 -7.92 -31.04
N LEU B 1047 6.37 -7.97 -31.84
CA LEU B 1047 6.31 -8.91 -32.97
C LEU B 1047 6.27 -8.18 -34.33
N ASP B 1048 6.65 -8.91 -35.39
CA ASP B 1048 6.54 -8.40 -36.75
C ASP B 1048 5.06 -8.25 -37.11
N GLU B 1049 4.75 -7.34 -38.04
CA GLU B 1049 3.36 -7.12 -38.44
C GLU B 1049 2.76 -8.40 -39.03
N LEU B 1050 3.57 -9.14 -39.77
CA LEU B 1050 3.11 -10.41 -40.33
C LEU B 1050 2.83 -11.47 -39.27
N GLN B 1051 3.61 -11.46 -38.20
CA GLN B 1051 3.35 -12.40 -37.12
C GLN B 1051 2.04 -12.09 -36.43
N LEU B 1052 1.67 -10.81 -36.40
CA LEU B 1052 0.35 -10.42 -35.93
C LEU B 1052 -0.77 -10.86 -36.89
N ARG B 1053 -0.58 -10.59 -38.17
CA ARG B 1053 -1.61 -10.94 -39.14
C ARG B 1053 -1.84 -12.44 -39.21
N ARG B 1054 -0.77 -13.21 -39.01
CA ARG B 1054 -0.88 -14.66 -39.00
C ARG B 1054 -1.50 -15.12 -37.69
N LEU B 1055 -1.13 -14.40 -36.63
CA LEU B 1055 -1.59 -14.73 -35.28
C LEU B 1055 -3.10 -14.69 -35.27
N SER B 1056 -3.67 -13.79 -36.07
CA SER B 1056 -5.12 -13.69 -36.16
C SER B 1056 -5.75 -15.00 -36.62
N VAL B 1057 -5.29 -15.49 -37.77
CA VAL B 1057 -5.86 -16.69 -38.33
C VAL B 1057 -5.62 -17.87 -37.40
N GLY B 1058 -4.50 -17.84 -36.71
CA GLY B 1058 -4.21 -18.92 -35.77
C GLY B 1058 -5.21 -18.92 -34.64
N LEU B 1059 -5.60 -17.74 -34.17
CA LEU B 1059 -6.60 -17.68 -33.12
C LEU B 1059 -7.87 -18.26 -33.69
N ARG B 1060 -8.07 -18.08 -35.00
CA ARG B 1060 -9.22 -18.71 -35.62
C ARG B 1060 -9.12 -20.23 -35.66
N LEU B 1061 -7.91 -20.77 -35.70
CA LEU B 1061 -7.74 -22.23 -35.72
C LEU B 1061 -8.00 -22.78 -34.34
N ILE B 1062 -7.44 -22.12 -33.34
CA ILE B 1062 -7.45 -22.65 -31.98
C ILE B 1062 -8.86 -22.84 -31.42
N THR B 1063 -9.80 -22.01 -31.88
CA THR B 1063 -11.15 -22.03 -31.35
C THR B 1063 -12.12 -22.72 -32.29
N ASN B 1064 -11.59 -23.38 -33.30
CA ASN B 1064 -12.39 -24.27 -34.11
C ASN B 1064 -12.83 -25.46 -33.26
N PRO B 1065 -14.13 -25.77 -33.28
CA PRO B 1065 -14.71 -26.83 -32.46
C PRO B 1065 -14.11 -28.21 -32.72
N ARG B 1066 -13.71 -28.45 -33.96
CA ARG B 1066 -13.17 -29.75 -34.36
C ARG B 1066 -11.83 -30.05 -33.70
N ILE B 1067 -11.09 -29.00 -33.36
CA ILE B 1067 -9.81 -29.17 -32.68
C ILE B 1067 -10.03 -29.43 -31.19
N ALA B 1068 -11.05 -28.79 -30.63
CA ALA B 1068 -11.32 -28.88 -29.19
C ALA B 1068 -11.68 -30.29 -28.78
N ARG B 1069 -10.65 -31.12 -28.59
CA ARG B 1069 -10.85 -32.55 -28.41
C ARG B 1069 -10.37 -33.07 -27.06
N ARG B 1070 -10.10 -32.16 -26.14
CA ARG B 1070 -9.87 -32.56 -24.76
C ARG B 1070 -11.23 -32.51 -24.09
N PHE B 1071 -11.71 -33.65 -23.61
CA PHE B 1071 -13.06 -33.75 -23.06
C PHE B 1071 -13.07 -33.66 -21.53
N ASN B 1072 -14.12 -33.05 -20.98
CA ASN B 1072 -14.23 -32.82 -19.55
C ASN B 1072 -15.38 -33.52 -18.82
N GLY B 1073 -15.02 -34.41 -17.90
CA GLY B 1073 -16.01 -35.05 -17.03
C GLY B 1073 -16.59 -36.34 -17.59
N VAL B 1074 -16.79 -37.32 -16.72
CA VAL B 1074 -17.37 -38.61 -17.12
C VAL B 1074 -18.52 -39.02 -16.20
N ARG B 1075 -19.41 -39.82 -16.75
CA ARG B 1075 -20.57 -40.30 -16.04
C ARG B 1075 -20.41 -41.79 -15.85
N ILE B 1076 -20.20 -42.22 -14.60
CA ILE B 1076 -20.26 -43.64 -14.28
C ILE B 1076 -21.69 -44.11 -14.08
N MET B 1077 -22.04 -45.19 -14.78
CA MET B 1077 -23.38 -45.72 -14.79
C MET B 1077 -23.29 -47.19 -15.19
N TYR B 1078 -24.07 -48.05 -14.54
CA TYR B 1078 -23.97 -49.49 -14.78
C TYR B 1078 -24.90 -49.96 -15.87
N LEU B 1079 -24.45 -49.87 -17.12
CA LEU B 1079 -25.32 -50.16 -18.27
C LEU B 1079 -24.73 -51.18 -19.26
N THR B 1080 -25.61 -51.92 -19.93
CA THR B 1080 -25.20 -52.80 -21.01
C THR B 1080 -24.63 -52.00 -22.19
N ASP B 1081 -23.60 -52.53 -22.85
CA ASP B 1081 -23.11 -51.93 -24.08
C ASP B 1081 -23.79 -52.55 -25.29
N ASP B 1082 -25.10 -52.32 -25.42
CA ASP B 1082 -25.82 -52.70 -26.62
C ASP B 1082 -25.67 -51.59 -27.65
N ASP B 1083 -25.27 -51.94 -28.87
CA ASP B 1083 -25.11 -50.98 -29.98
C ASP B 1083 -24.33 -49.71 -29.59
N PRO B 1084 -23.05 -49.85 -29.26
CA PRO B 1084 -22.24 -48.71 -28.80
C PRO B 1084 -22.06 -47.62 -29.85
N ASP B 1085 -22.08 -46.36 -29.40
CA ASP B 1085 -21.77 -45.20 -30.24
C ASP B 1085 -21.02 -44.26 -29.33
N PRO B 1086 -19.94 -43.67 -29.82
CA PRO B 1086 -19.15 -42.75 -28.98
C PRO B 1086 -19.99 -41.57 -28.50
N ASP B 1087 -20.95 -41.16 -29.33
CA ASP B 1087 -21.73 -39.96 -29.03
C ASP B 1087 -22.84 -40.22 -28.02
N PHE B 1088 -23.11 -41.47 -27.70
CA PHE B 1088 -24.20 -41.79 -26.78
C PHE B 1088 -23.87 -41.45 -25.34
N VAL B 1089 -24.64 -40.53 -24.77
CA VAL B 1089 -24.52 -40.17 -23.36
C VAL B 1089 -25.82 -40.53 -22.69
N PRO B 1090 -25.81 -41.57 -21.83
CA PRO B 1090 -27.07 -42.04 -21.25
C PRO B 1090 -27.75 -40.96 -20.42
N ASP B 1091 -29.07 -40.90 -20.51
CA ASP B 1091 -29.83 -39.96 -19.69
C ASP B 1091 -30.00 -40.55 -18.30
N VAL B 1092 -30.11 -39.70 -17.28
CA VAL B 1092 -30.51 -40.17 -15.96
C VAL B 1092 -32.01 -40.49 -15.94
N PRO B 1093 -32.36 -41.70 -15.50
CA PRO B 1093 -33.75 -42.16 -15.51
C PRO B 1093 -34.62 -41.33 -14.57
N GLU B 1094 -35.89 -41.19 -14.90
CA GLU B 1094 -36.81 -40.40 -14.09
C GLU B 1094 -36.93 -41.00 -12.69
N GLY B 1095 -37.04 -40.12 -11.69
CA GLY B 1095 -37.14 -40.56 -10.31
C GLY B 1095 -35.81 -40.67 -9.58
N TYR B 1096 -34.72 -40.46 -10.31
CA TYR B 1096 -33.41 -40.31 -9.66
C TYR B 1096 -33.33 -38.95 -9.02
N VAL B 1097 -32.52 -38.82 -7.97
CA VAL B 1097 -32.42 -37.57 -7.24
C VAL B 1097 -30.98 -37.06 -7.18
N ALA B 1098 -30.80 -35.79 -7.54
CA ALA B 1098 -29.48 -35.18 -7.51
C ALA B 1098 -28.94 -35.05 -6.09
N VAL B 1099 -27.66 -35.36 -5.92
CA VAL B 1099 -27.00 -35.23 -4.63
C VAL B 1099 -25.57 -34.79 -4.88
N GLN B 1100 -25.24 -33.58 -4.46
CA GLN B 1100 -23.85 -33.11 -4.53
C GLN B 1100 -22.99 -33.98 -3.63
N TYR B 1101 -21.85 -34.44 -4.13
CA TYR B 1101 -20.93 -35.14 -3.26
C TYR B 1101 -20.38 -34.19 -2.20
N ALA B 1102 -20.14 -34.73 -1.03
CA ALA B 1102 -19.49 -34.02 0.06
C ALA B 1102 -18.86 -35.11 0.87
N HIS B 1103 -17.76 -34.81 1.55
CA HIS B 1103 -17.13 -35.83 2.37
C HIS B 1103 -18.10 -36.22 3.47
N ARG B 1104 -18.92 -35.26 3.89
CA ARG B 1104 -19.79 -35.43 5.04
C ARG B 1104 -20.91 -36.46 4.81
N LEU B 1105 -21.22 -36.73 3.55
CA LEU B 1105 -22.28 -37.67 3.21
C LEU B 1105 -21.98 -39.13 3.58
N PHE B 1106 -20.69 -39.44 3.68
CA PHE B 1106 -20.28 -40.81 3.98
C PHE B 1106 -19.60 -40.84 5.33
N SER B 1107 -19.77 -41.93 6.07
CA SER B 1107 -19.06 -42.09 7.32
C SER B 1107 -18.99 -43.57 7.65
N SER B 1108 -17.99 -44.00 8.40
CA SER B 1108 -18.03 -45.34 8.94
C SER B 1108 -19.04 -45.35 10.07
N SER B 1109 -19.70 -46.48 10.27
CA SER B 1109 -20.63 -46.64 11.38
C SER B 1109 -20.88 -48.12 11.59
N LEU B 1110 -21.32 -48.48 12.79
CA LEU B 1110 -21.70 -49.85 13.06
C LEU B 1110 -23.00 -50.12 12.32
N ALA B 1111 -23.12 -51.31 11.76
CA ALA B 1111 -24.37 -51.78 11.17
C ALA B 1111 -24.36 -53.28 11.16
N ASN B 1112 -24.99 -53.88 12.16
CA ASN B 1112 -25.17 -55.32 12.19
C ASN B 1112 -23.83 -56.06 12.16
N LYS B 1113 -23.05 -55.86 13.22
CA LYS B 1113 -21.78 -56.56 13.42
C LYS B 1113 -20.72 -56.32 12.35
N ARG B 1114 -20.75 -55.14 11.72
CA ARG B 1114 -19.71 -54.75 10.77
C ARG B 1114 -19.63 -53.23 10.68
N ASN B 1115 -18.41 -52.72 10.52
CA ASN B 1115 -18.21 -51.28 10.37
C ASN B 1115 -18.42 -50.79 8.95
N ARG B 1116 -19.68 -50.70 8.57
CA ARG B 1116 -20.01 -50.32 7.21
C ARG B 1116 -19.84 -48.82 6.92
N VAL B 1117 -19.46 -48.51 5.67
CA VAL B 1117 -19.28 -47.15 5.18
C VAL B 1117 -20.63 -46.56 4.83
N THR B 1118 -21.42 -46.24 5.85
CA THR B 1118 -22.78 -45.73 5.64
C THR B 1118 -22.83 -44.44 4.82
N TYR B 1119 -23.80 -44.41 3.91
CA TYR B 1119 -24.11 -43.21 3.13
C TYR B 1119 -25.41 -42.61 3.61
N THR B 1120 -25.39 -41.35 4.04
CA THR B 1120 -26.62 -40.71 4.50
C THR B 1120 -27.18 -39.69 3.51
N HIS B 1121 -28.30 -40.08 2.89
CA HIS B 1121 -28.91 -39.37 1.78
C HIS B 1121 -29.43 -38.02 2.24
N PRO B 1122 -28.94 -36.94 1.64
CA PRO B 1122 -29.24 -35.58 2.11
C PRO B 1122 -30.72 -35.16 2.15
N PRO B 1123 -31.57 -35.63 1.22
CA PRO B 1123 -32.98 -35.26 1.37
C PRO B 1123 -33.63 -35.78 2.64
N THR B 1124 -33.91 -37.08 2.70
CA THR B 1124 -34.56 -37.68 3.88
C THR B 1124 -33.68 -37.75 5.13
N GLY B 1125 -32.37 -37.75 4.92
CA GLY B 1125 -31.42 -37.83 6.03
C GLY B 1125 -31.11 -39.27 6.43
N MET B 1126 -31.86 -40.22 5.87
CA MET B 1126 -31.69 -41.64 6.21
C MET B 1126 -30.32 -42.20 5.84
N ALA B 1127 -29.71 -42.93 6.77
CA ALA B 1127 -28.44 -43.61 6.50
C ALA B 1127 -28.66 -44.90 5.71
N TYR B 1128 -27.67 -45.25 4.91
CA TYR B 1128 -27.70 -46.45 4.08
C TYR B 1128 -26.40 -47.20 4.22
N PRO B 1129 -26.33 -48.08 5.23
CA PRO B 1129 -25.11 -48.82 5.58
C PRO B 1129 -24.57 -49.63 4.40
N SER B 1130 -25.47 -50.14 3.56
CA SER B 1130 -25.05 -50.97 2.45
C SER B 1130 -25.37 -50.31 1.11
N PRO B 1131 -24.54 -50.56 0.09
CA PRO B 1131 -24.80 -50.10 -1.28
C PRO B 1131 -26.11 -50.59 -1.85
N THR B 1132 -26.56 -51.77 -1.45
CA THR B 1132 -27.70 -52.41 -2.13
C THR B 1132 -29.07 -51.72 -2.06
N GLY B 1133 -29.39 -51.08 -0.94
CA GLY B 1133 -30.74 -50.54 -0.79
C GLY B 1133 -30.91 -49.08 -1.17
N ARG B 1134 -29.82 -48.45 -1.55
CA ARG B 1134 -29.77 -46.98 -1.63
C ARG B 1134 -30.73 -46.42 -2.67
N PRO B 1135 -31.24 -45.20 -2.40
CA PRO B 1135 -32.19 -44.54 -3.31
C PRO B 1135 -31.49 -44.24 -4.62
N HIS B 1136 -32.21 -44.24 -5.74
CA HIS B 1136 -31.56 -43.92 -7.02
C HIS B 1136 -30.98 -42.51 -7.00
N VAL B 1137 -29.66 -42.42 -7.14
CA VAL B 1137 -28.95 -41.18 -6.88
C VAL B 1137 -28.10 -40.75 -8.06
N HIS B 1138 -28.32 -39.52 -8.50
CA HIS B 1138 -27.50 -38.93 -9.55
C HIS B 1138 -26.42 -38.08 -8.89
N MET B 1139 -25.46 -38.75 -8.26
CA MET B 1139 -24.41 -38.04 -7.54
C MET B 1139 -23.47 -37.30 -8.48
N THR B 1140 -23.10 -36.09 -8.10
CA THR B 1140 -22.27 -35.23 -8.92
C THR B 1140 -21.01 -34.85 -8.17
N ILE B 1141 -19.91 -35.54 -8.47
CA ILE B 1141 -18.64 -35.28 -7.80
C ILE B 1141 -17.88 -34.15 -8.50
N ASN B 1142 -17.98 -32.95 -7.97
CA ASN B 1142 -17.29 -31.80 -8.54
C ASN B 1142 -15.78 -31.90 -8.42
N GLU B 1143 -15.32 -32.58 -7.38
CA GLU B 1143 -13.90 -32.68 -7.10
C GLU B 1143 -13.59 -33.91 -6.26
N ARG B 1144 -12.84 -34.86 -6.83
CA ARG B 1144 -12.52 -36.10 -6.14
C ARG B 1144 -11.55 -35.94 -4.98
N ALA B 1145 -10.85 -34.81 -4.93
CA ALA B 1145 -9.81 -34.61 -3.94
C ALA B 1145 -10.34 -34.68 -2.50
N GLY B 1146 -9.59 -35.38 -1.65
CA GLY B 1146 -9.91 -35.50 -0.24
C GLY B 1146 -10.78 -36.69 0.08
N MET B 1147 -11.37 -37.29 -0.96
CA MET B 1147 -12.24 -38.44 -0.81
C MET B 1147 -11.52 -39.66 -0.26
N SER B 1148 -12.12 -40.36 0.70
CA SER B 1148 -11.59 -41.65 1.13
C SER B 1148 -11.72 -42.67 0.01
N LYS B 1149 -10.69 -43.48 -0.17
CA LYS B 1149 -10.69 -44.49 -1.24
C LYS B 1149 -11.80 -45.51 -0.99
N LEU B 1150 -12.06 -45.80 0.27
CA LEU B 1150 -13.16 -46.67 0.64
C LEU B 1150 -14.51 -46.05 0.29
N VAL B 1151 -14.62 -44.73 0.43
CA VAL B 1151 -15.82 -44.04 0.00
C VAL B 1151 -15.96 -44.15 -1.52
N ALA B 1152 -14.84 -44.11 -2.25
CA ALA B 1152 -14.88 -44.24 -3.69
C ALA B 1152 -15.38 -45.63 -4.09
N ASP B 1153 -14.87 -46.66 -3.43
CA ASP B 1153 -15.30 -48.02 -3.70
C ASP B 1153 -16.78 -48.15 -3.37
N ASN B 1154 -17.21 -47.44 -2.33
CA ASN B 1154 -18.62 -47.52 -1.96
C ASN B 1154 -19.52 -46.87 -2.98
N ILE B 1155 -19.03 -45.79 -3.56
CA ILE B 1155 -19.82 -45.06 -4.54
C ILE B 1155 -19.94 -45.88 -5.81
N ILE B 1156 -18.84 -46.49 -6.23
CA ILE B 1156 -18.88 -47.34 -7.41
C ILE B 1156 -19.78 -48.54 -7.14
N ALA B 1157 -19.71 -49.07 -5.93
CA ALA B 1157 -20.51 -50.23 -5.58
C ALA B 1157 -21.98 -49.85 -5.51
N SER B 1158 -22.23 -48.56 -5.29
CA SER B 1158 -23.59 -48.04 -5.36
C SER B 1158 -24.03 -47.93 -6.80
N VAL B 1159 -23.10 -47.58 -7.68
CA VAL B 1159 -23.44 -47.46 -9.09
C VAL B 1159 -23.87 -48.82 -9.56
N ILE B 1160 -23.22 -49.85 -9.03
CA ILE B 1160 -23.50 -51.20 -9.50
C ILE B 1160 -24.72 -51.85 -8.84
N LYS B 1161 -24.80 -51.77 -7.51
CA LYS B 1161 -25.84 -52.50 -6.80
C LYS B 1161 -27.11 -51.70 -6.50
N SER B 1162 -27.01 -50.38 -6.55
CA SER B 1162 -28.18 -49.53 -6.40
C SER B 1162 -28.50 -48.71 -7.65
N ASN B 1163 -27.77 -48.97 -8.72
CA ASN B 1163 -27.92 -48.24 -9.98
C ASN B 1163 -27.70 -46.74 -9.86
N TRP B 1164 -26.73 -46.33 -9.08
CA TRP B 1164 -26.41 -44.91 -9.01
C TRP B 1164 -25.87 -44.48 -10.35
N VAL B 1165 -26.12 -43.21 -10.67
CA VAL B 1165 -25.46 -42.57 -11.80
C VAL B 1165 -24.58 -41.48 -11.21
N VAL B 1166 -23.27 -41.70 -11.14
CA VAL B 1166 -22.42 -40.69 -10.55
C VAL B 1166 -21.63 -39.92 -11.61
N ASP B 1167 -21.69 -38.60 -11.56
CA ASP B 1167 -21.09 -37.76 -12.60
C ASP B 1167 -19.84 -37.01 -12.13
N ILE B 1168 -18.67 -37.62 -12.35
CA ILE B 1168 -17.38 -37.03 -11.99
C ILE B 1168 -16.94 -35.88 -12.92
N LEU B 1169 -17.08 -34.65 -12.46
CA LEU B 1169 -16.77 -33.49 -13.31
C LEU B 1169 -15.29 -33.09 -13.37
N ASP B 1170 -14.50 -33.62 -12.44
CA ASP B 1170 -13.09 -33.24 -12.36
C ASP B 1170 -12.27 -33.72 -13.55
N ILE B 1171 -12.65 -34.86 -14.12
CA ILE B 1171 -11.83 -35.58 -15.10
C ILE B 1171 -11.67 -34.91 -16.46
N GLU B 1172 -10.45 -34.93 -16.98
CA GLU B 1172 -10.17 -34.54 -18.35
C GLU B 1172 -9.64 -35.77 -19.07
N TYR B 1173 -10.10 -35.98 -20.30
CA TYR B 1173 -9.71 -37.18 -21.02
C TYR B 1173 -9.75 -36.99 -22.53
N THR B 1174 -8.78 -37.58 -23.21
CA THR B 1174 -8.80 -37.75 -24.66
C THR B 1174 -9.65 -38.97 -24.98
N ALA B 1175 -10.18 -39.03 -26.20
CA ALA B 1175 -10.93 -40.22 -26.59
C ALA B 1175 -10.56 -40.69 -27.99
N GLU B 1176 -10.53 -42.00 -28.18
CA GLU B 1176 -10.25 -42.59 -29.47
C GLU B 1176 -11.42 -43.46 -29.86
N VAL B 1177 -12.03 -43.22 -31.02
CA VAL B 1177 -13.13 -44.04 -31.51
C VAL B 1177 -12.65 -45.25 -32.28
N MET B 1178 -12.51 -46.37 -31.58
CA MET B 1178 -12.03 -47.60 -32.17
C MET B 1178 -13.09 -48.23 -33.06
N THR B 1179 -12.65 -48.81 -34.17
CA THR B 1179 -13.53 -49.53 -35.08
C THR B 1179 -13.87 -50.91 -34.51
N PRO B 1180 -15.03 -51.47 -34.89
CA PRO B 1180 -15.41 -52.78 -34.37
C PRO B 1180 -14.37 -53.86 -34.72
N SER B 1181 -13.72 -53.71 -35.86
CA SER B 1181 -12.74 -54.71 -36.26
C SER B 1181 -11.57 -54.78 -35.29
N GLU B 1182 -11.14 -53.64 -34.76
CA GLU B 1182 -9.93 -53.62 -33.93
C GLU B 1182 -10.20 -53.87 -32.46
N GLY B 1183 -11.37 -53.46 -31.99
CA GLY B 1183 -11.74 -53.72 -30.61
C GLY B 1183 -11.03 -52.77 -29.67
N TYR B 1184 -11.29 -52.90 -28.38
CA TYR B 1184 -10.60 -52.07 -27.39
C TYR B 1184 -9.19 -52.57 -27.18
N THR B 1185 -8.29 -51.67 -26.82
CA THR B 1185 -6.92 -52.05 -26.50
C THR B 1185 -6.56 -51.62 -25.08
N GLN B 1186 -7.13 -50.50 -24.64
CA GLN B 1186 -6.85 -49.97 -23.32
C GLN B 1186 -8.13 -49.87 -22.51
N HIS B 1187 -8.07 -50.33 -21.27
CA HIS B 1187 -9.21 -50.23 -20.37
C HIS B 1187 -8.89 -49.38 -19.16
N VAL B 1188 -9.75 -48.42 -18.89
CA VAL B 1188 -9.57 -47.54 -17.74
C VAL B 1188 -10.34 -48.09 -16.54
N ASP B 1189 -9.61 -48.63 -15.57
CA ASP B 1189 -10.21 -49.13 -14.34
C ASP B 1189 -10.90 -47.99 -13.61
N ALA B 1190 -12.09 -48.25 -13.07
CA ALA B 1190 -12.84 -47.23 -12.34
C ALA B 1190 -12.07 -46.81 -11.09
N GLU B 1191 -11.18 -47.68 -10.63
CA GLU B 1191 -10.31 -47.36 -9.51
C GLU B 1191 -9.47 -46.13 -9.85
N SER B 1192 -8.80 -46.16 -10.99
CA SER B 1192 -7.96 -45.02 -11.38
C SER B 1192 -8.81 -43.78 -11.68
N ILE B 1193 -9.96 -43.97 -12.28
CA ILE B 1193 -10.86 -42.85 -12.58
C ILE B 1193 -11.29 -42.16 -11.29
N MET B 1194 -11.46 -42.93 -10.22
CA MET B 1194 -11.86 -42.36 -8.94
C MET B 1194 -10.70 -41.78 -8.12
N THR B 1195 -9.54 -42.43 -8.16
CA THR B 1195 -8.45 -42.07 -7.25
C THR B 1195 -7.28 -41.29 -7.83
N ALA B 1196 -7.32 -41.00 -9.13
CA ALA B 1196 -6.23 -40.26 -9.75
C ALA B 1196 -6.18 -38.81 -9.28
N PRO B 1197 -4.98 -38.21 -9.28
CA PRO B 1197 -4.80 -36.78 -9.05
C PRO B 1197 -5.50 -35.97 -10.13
N LYS B 1198 -6.03 -34.81 -9.80
CA LYS B 1198 -6.58 -33.91 -10.81
C LYS B 1198 -5.45 -33.54 -11.76
N GLY B 1199 -5.74 -33.45 -13.05
CA GLY B 1199 -4.71 -33.15 -14.02
C GLY B 1199 -4.11 -34.35 -14.76
N LYS B 1200 -4.44 -35.55 -14.32
CA LYS B 1200 -4.10 -36.73 -15.13
C LYS B 1200 -4.98 -36.65 -16.35
N LEU B 1201 -4.45 -37.10 -17.48
CA LEU B 1201 -5.22 -37.04 -18.71
C LEU B 1201 -5.55 -38.45 -19.17
N PHE B 1202 -6.77 -38.88 -18.89
CA PHE B 1202 -7.20 -40.23 -19.23
C PHE B 1202 -7.44 -40.43 -20.71
N HIS B 1203 -7.28 -41.66 -21.18
CA HIS B 1203 -7.52 -41.94 -22.59
C HIS B 1203 -8.59 -43.00 -22.78
N LEU B 1204 -9.84 -42.58 -22.70
CA LEU B 1204 -10.97 -43.46 -22.95
C LEU B 1204 -11.04 -43.91 -24.41
N GLN B 1205 -11.45 -45.15 -24.63
CA GLN B 1205 -11.71 -45.66 -25.97
C GLN B 1205 -13.21 -45.83 -26.13
N PHE B 1206 -13.67 -45.86 -27.38
CA PHE B 1206 -15.09 -46.01 -27.66
C PHE B 1206 -15.34 -46.75 -28.97
N MET B 1207 -15.93 -47.93 -28.89
CA MET B 1207 -16.28 -48.66 -30.10
C MET B 1207 -17.41 -47.93 -30.83
N ASP B 1208 -17.29 -47.82 -32.15
CA ASP B 1208 -18.42 -47.40 -32.97
C ASP B 1208 -19.02 -48.68 -33.56
N GLY B 1209 -20.16 -49.08 -32.99
CA GLY B 1209 -20.72 -50.38 -33.26
C GLY B 1209 -21.61 -50.45 -34.48
N LEU B 1210 -21.65 -49.38 -35.26
CA LEU B 1210 -22.51 -49.36 -36.44
C LEU B 1210 -22.16 -50.45 -37.46
N LEU B 1211 -20.89 -50.82 -37.53
CA LEU B 1211 -20.44 -51.82 -38.50
C LEU B 1211 -20.18 -53.21 -37.92
N ARG B 1212 -20.71 -53.48 -36.74
CA ARG B 1212 -20.59 -54.79 -36.13
C ARG B 1212 -21.31 -55.81 -37.03
N PRO B 1213 -20.67 -56.97 -37.27
CA PRO B 1213 -21.27 -58.04 -38.09
C PRO B 1213 -22.56 -58.62 -37.48
N GLU B 1214 -23.52 -58.96 -38.33
CA GLU B 1214 -24.76 -59.60 -37.88
C GLU B 1214 -24.56 -61.10 -37.67
N PRO B 1215 -25.06 -61.63 -36.54
CA PRO B 1215 -24.93 -63.05 -36.19
C PRO B 1215 -25.71 -63.95 -37.15
N SER B 1216 -25.20 -65.17 -37.36
CA SER B 1216 -25.88 -66.13 -38.21
C SER B 1216 -27.26 -66.46 -37.65
N ALA B 1217 -28.23 -66.64 -38.53
CA ALA B 1217 -29.64 -66.74 -38.11
C ALA B 1217 -29.91 -67.99 -37.27
N PHE B 1218 -29.04 -68.98 -37.40
CA PHE B 1218 -29.26 -70.27 -36.78
C PHE B 1218 -28.30 -70.53 -35.61
N ASP B 1219 -27.28 -69.70 -35.48
CA ASP B 1219 -26.24 -69.93 -34.46
C ASP B 1219 -26.80 -69.77 -33.05
N PRO B 1220 -26.42 -70.68 -32.14
CA PRO B 1220 -26.86 -70.70 -30.74
C PRO B 1220 -26.36 -69.48 -29.99
N PRO B 1221 -27.13 -69.00 -29.00
CA PRO B 1221 -26.84 -67.76 -28.27
C PRO B 1221 -25.53 -67.80 -27.52
N ALA B 1222 -24.83 -66.67 -27.51
CA ALA B 1222 -23.63 -66.53 -26.71
C ALA B 1222 -24.00 -66.38 -25.24
N SER B 1223 -23.15 -66.87 -24.34
CA SER B 1223 -23.36 -66.59 -22.91
C SER B 1223 -22.55 -65.37 -22.47
N GLY B 1224 -23.17 -64.50 -21.68
CA GLY B 1224 -22.51 -63.28 -21.24
C GLY B 1224 -23.06 -62.01 -21.86
N GLU B 1225 -22.80 -60.89 -21.19
CA GLU B 1225 -23.43 -59.61 -21.49
C GLU B 1225 -22.34 -58.55 -21.48
N ASP B 1226 -22.16 -57.84 -22.60
CA ASP B 1226 -21.22 -56.72 -22.60
C ASP B 1226 -21.75 -55.54 -21.78
N MET B 1227 -20.89 -54.89 -21.01
CA MET B 1227 -21.30 -53.80 -20.12
C MET B 1227 -20.32 -52.64 -20.18
N ARG B 1228 -20.82 -51.44 -20.45
CA ARG B 1228 -19.99 -50.23 -20.35
C ARG B 1228 -20.30 -49.50 -19.06
N LEU B 1229 -19.25 -49.13 -18.32
CA LEU B 1229 -19.39 -48.49 -17.01
C LEU B 1229 -19.18 -46.97 -17.04
N ILE B 1230 -18.24 -46.52 -17.88
CA ILE B 1230 -17.93 -45.10 -18.00
C ILE B 1230 -18.49 -44.48 -19.28
N TYR B 1231 -19.03 -43.26 -19.17
CA TYR B 1231 -19.57 -42.56 -20.33
C TYR B 1231 -19.13 -41.10 -20.46
N PRO B 1232 -19.07 -40.59 -21.70
CA PRO B 1232 -18.85 -39.16 -21.95
C PRO B 1232 -20.02 -38.34 -21.44
N LEU B 1233 -19.80 -37.09 -21.00
CA LEU B 1233 -20.90 -36.17 -20.75
C LEU B 1233 -21.25 -35.31 -21.96
N GLN B 1234 -20.36 -35.33 -22.95
CA GLN B 1234 -20.41 -34.44 -24.09
C GLN B 1234 -20.26 -35.27 -25.34
N PRO B 1235 -20.64 -34.73 -26.51
CA PRO B 1235 -20.36 -35.51 -27.72
C PRO B 1235 -18.85 -35.73 -27.88
N ILE B 1236 -18.47 -36.92 -28.31
CA ILE B 1236 -17.06 -37.29 -28.38
C ILE B 1236 -16.51 -37.12 -29.79
N SER B 1237 -17.26 -37.58 -30.79
CA SER B 1237 -16.83 -37.47 -32.17
C SER B 1237 -17.15 -36.08 -32.72
N VAL B 1238 -16.38 -35.09 -32.30
CA VAL B 1238 -16.55 -33.72 -32.76
C VAL B 1238 -15.75 -33.44 -34.01
N ALA B 1239 -14.95 -34.41 -34.42
CA ALA B 1239 -14.10 -34.25 -35.60
C ALA B 1239 -14.56 -35.12 -36.75
N ARG B 1240 -15.77 -35.67 -36.64
CA ARG B 1240 -16.25 -36.66 -37.60
C ARG B 1240 -16.69 -36.03 -38.91
N SER B 1241 -15.81 -36.04 -39.89
CA SER B 1241 -16.18 -35.57 -41.22
C SER B 1241 -17.19 -36.52 -41.82
N MET B 1242 -16.90 -37.82 -41.79
CA MET B 1242 -17.75 -38.83 -42.44
C MET B 1242 -17.88 -40.10 -41.62
N ARG B 1243 -18.95 -40.85 -41.86
CA ARG B 1243 -19.15 -42.11 -41.14
C ARG B 1243 -19.85 -43.19 -41.96
N ALA B 1244 -19.35 -44.42 -41.87
CA ALA B 1244 -19.89 -45.57 -42.61
C ALA B 1244 -19.89 -45.36 -44.13
N ILE B 1245 -18.71 -45.36 -44.72
CA ILE B 1245 -18.61 -45.30 -46.17
C ILE B 1245 -18.81 -46.73 -46.66
N VAL B 1246 -20.05 -47.21 -46.54
CA VAL B 1246 -20.43 -48.59 -46.89
C VAL B 1246 -21.89 -48.72 -47.29
N ASN B 1247 -22.14 -49.63 -48.21
CA ASN B 1247 -23.48 -49.97 -48.67
C ASN B 1247 -24.27 -50.89 -47.74
N HIS B 1248 -25.59 -50.83 -47.81
CA HIS B 1248 -26.45 -51.70 -47.03
C HIS B 1248 -27.49 -52.30 -47.96
N ASN B 1249 -27.78 -53.60 -47.80
CA ASN B 1249 -28.77 -54.23 -48.68
C ASN B 1249 -30.18 -53.72 -48.44
N GLU B 1250 -30.62 -53.84 -47.19
CA GLU B 1250 -32.00 -53.58 -46.84
C GLU B 1250 -32.41 -52.11 -46.94
N VAL B 1251 -31.45 -51.20 -46.79
CA VAL B 1251 -31.78 -49.77 -46.72
C VAL B 1251 -30.90 -48.89 -47.61
N ASP B 1252 -31.46 -47.78 -48.08
CA ASP B 1252 -30.78 -46.90 -49.03
C ASP B 1252 -29.49 -46.28 -48.48
N ARG B 1253 -29.46 -45.96 -47.19
CA ARG B 1253 -28.22 -45.62 -46.50
C ARG B 1253 -28.19 -46.18 -45.10
N PRO B 1254 -27.00 -46.59 -44.63
CA PRO B 1254 -26.92 -47.15 -43.28
C PRO B 1254 -27.33 -46.09 -42.27
N ARG B 1255 -28.00 -46.49 -41.19
CA ARG B 1255 -28.46 -45.50 -40.24
C ARG B 1255 -27.25 -44.85 -39.59
N GLY B 1256 -27.28 -43.53 -39.46
CA GLY B 1256 -26.20 -42.84 -38.78
C GLY B 1256 -24.94 -42.64 -39.61
N ALA B 1257 -25.02 -42.89 -40.91
CA ALA B 1257 -23.94 -42.54 -41.81
C ALA B 1257 -23.86 -41.03 -41.94
N VAL B 1258 -22.64 -40.51 -41.96
CA VAL B 1258 -22.43 -39.07 -42.01
C VAL B 1258 -21.80 -38.67 -43.33
N ALA B 1259 -22.52 -37.86 -44.10
CA ALA B 1259 -22.00 -37.28 -45.33
C ALA B 1259 -21.06 -36.09 -45.03
N PRO B 1260 -20.07 -35.84 -45.89
CA PRO B 1260 -19.18 -34.68 -45.76
C PRO B 1260 -19.96 -33.37 -45.87
N SER B 1261 -19.54 -32.33 -45.16
CA SER B 1261 -20.24 -31.05 -45.19
C SER B 1261 -20.04 -30.32 -46.50
N SER B 1262 -21.00 -29.48 -46.88
CA SER B 1262 -20.89 -28.73 -48.13
C SER B 1262 -19.68 -27.81 -48.12
N TYR B 1263 -19.35 -27.28 -46.95
CA TYR B 1263 -18.22 -26.40 -46.78
C TYR B 1263 -16.89 -27.11 -47.01
N GLU B 1264 -16.89 -28.44 -46.86
CA GLU B 1264 -15.68 -29.24 -47.08
C GLU B 1264 -15.27 -29.11 -48.53
N MET B 1265 -16.26 -28.86 -49.39
CA MET B 1265 -16.03 -28.87 -50.83
C MET B 1265 -16.20 -27.56 -51.60
N ASP B 1266 -16.57 -26.45 -50.95
CA ASP B 1266 -16.73 -25.18 -51.69
C ASP B 1266 -15.38 -24.55 -51.84
N THR B 1267 -14.79 -24.70 -53.02
CA THR B 1267 -13.44 -24.20 -53.28
C THR B 1267 -13.45 -22.68 -53.14
N GLY B 1268 -14.62 -22.10 -53.40
CA GLY B 1268 -14.83 -20.69 -53.17
C GLY B 1268 -14.08 -19.80 -54.12
N THR B 1269 -13.40 -18.78 -53.56
CA THR B 1269 -12.64 -17.80 -54.33
C THR B 1269 -11.67 -17.05 -53.46
N LEU B 1270 -10.66 -16.46 -54.11
CA LEU B 1270 -9.81 -15.50 -53.44
C LEU B 1270 -10.37 -14.10 -53.64
N SER B 1271 -10.76 -13.47 -52.55
CA SER B 1271 -11.22 -12.09 -52.58
C SER B 1271 -10.03 -11.23 -52.95
N ARG B 1272 -10.29 -10.06 -53.52
CA ARG B 1272 -9.21 -9.18 -53.97
C ARG B 1272 -8.31 -8.81 -52.81
N ASN B 1273 -8.87 -8.77 -51.61
CA ASN B 1273 -8.10 -8.47 -50.41
C ASN B 1273 -7.25 -9.65 -49.96
N GLY B 1274 -7.51 -10.81 -50.57
CA GLY B 1274 -6.72 -11.99 -50.28
C GLY B 1274 -7.29 -12.85 -49.17
N ASP B 1275 -8.42 -12.42 -48.58
CA ASP B 1275 -9.18 -13.30 -47.69
C ASP B 1275 -9.96 -14.33 -48.50
N LEU B 1276 -10.07 -15.56 -48.01
CA LEU B 1276 -10.84 -16.58 -48.72
C LEU B 1276 -12.34 -16.42 -48.52
N LEU B 1277 -13.10 -16.80 -49.53
CA LEU B 1277 -14.55 -16.68 -49.47
C LEU B 1277 -15.18 -17.97 -49.96
N TYR B 1278 -16.27 -18.36 -49.31
CA TYR B 1278 -17.12 -19.41 -49.84
C TYR B 1278 -17.88 -18.87 -51.06
N SER B 1279 -18.37 -19.76 -51.91
CA SER B 1279 -19.18 -19.35 -53.05
C SER B 1279 -20.46 -18.67 -52.56
N PRO B 1280 -20.92 -17.64 -53.29
CA PRO B 1280 -22.15 -16.93 -52.91
C PRO B 1280 -23.36 -17.87 -52.94
N VAL B 1281 -24.27 -17.72 -51.97
CA VAL B 1281 -25.44 -18.59 -51.91
C VAL B 1281 -26.49 -18.17 -52.94
N ALA B 1282 -26.35 -16.95 -53.45
CA ALA B 1282 -27.31 -16.40 -54.40
C ALA B 1282 -26.67 -15.30 -55.23
N ASN B 1283 -27.30 -14.96 -56.35
CA ASN B 1283 -26.83 -13.85 -57.16
C ASN B 1283 -26.99 -12.53 -56.41
N GLY B 1284 -26.02 -11.64 -56.57
CA GLY B 1284 -26.07 -10.32 -55.95
C GLY B 1284 -25.56 -10.33 -54.53
N GLN B 1285 -25.17 -11.50 -54.05
CA GLN B 1285 -24.57 -11.62 -52.73
C GLN B 1285 -23.09 -11.92 -52.86
N VAL B 1286 -22.28 -11.31 -52.00
CA VAL B 1286 -20.87 -11.66 -51.91
C VAL B 1286 -20.75 -12.96 -51.13
N GLY B 1287 -19.66 -13.70 -51.37
CA GLY B 1287 -19.42 -14.91 -50.62
C GLY B 1287 -19.00 -14.68 -49.17
N ILE B 1288 -19.49 -15.53 -48.29
CA ILE B 1288 -19.08 -15.50 -46.89
C ILE B 1288 -17.60 -15.86 -46.77
N PRO B 1289 -16.83 -15.05 -46.01
CA PRO B 1289 -15.43 -15.42 -45.75
C PRO B 1289 -15.31 -16.71 -44.95
N LYS B 1290 -14.30 -17.52 -45.27
CA LYS B 1290 -14.11 -18.81 -44.62
C LYS B 1290 -13.66 -18.70 -43.17
N LEU B 1291 -13.04 -17.59 -42.79
CA LEU B 1291 -12.64 -17.38 -41.40
C LEU B 1291 -13.77 -16.76 -40.56
N GLU B 1292 -14.74 -16.16 -41.25
CA GLU B 1292 -15.87 -15.52 -40.60
C GLU B 1292 -16.70 -16.57 -39.84
N VAL B 1293 -16.63 -17.81 -40.31
CA VAL B 1293 -17.43 -18.91 -39.77
C VAL B 1293 -16.56 -20.08 -39.31
N ASP B 1294 -17.11 -20.97 -38.49
CA ASP B 1294 -16.34 -22.06 -37.90
C ASP B 1294 -16.26 -23.37 -38.71
N HIS B 1295 -16.96 -23.42 -39.84
CA HIS B 1295 -16.92 -24.60 -40.71
C HIS B 1295 -15.54 -24.81 -41.32
N ILE B 1296 -15.13 -26.06 -41.49
CA ILE B 1296 -13.86 -26.34 -42.19
C ILE B 1296 -14.03 -26.51 -43.69
N SER B 1297 -13.12 -25.89 -44.46
CA SER B 1297 -13.16 -25.93 -45.92
C SER B 1297 -11.88 -26.52 -46.49
N PHE B 1298 -12.00 -27.64 -47.19
CA PHE B 1298 -10.81 -28.37 -47.65
C PHE B 1298 -10.42 -28.19 -49.11
N SER B 1299 -11.05 -27.23 -49.78
CA SER B 1299 -10.52 -26.75 -51.03
C SER B 1299 -10.43 -25.24 -50.92
N ASN B 1300 -9.26 -24.69 -51.18
CA ASN B 1300 -9.10 -23.24 -51.12
C ASN B 1300 -8.19 -22.78 -52.21
N VAL B 1301 -8.33 -21.53 -52.61
CA VAL B 1301 -7.57 -21.00 -53.73
C VAL B 1301 -6.28 -20.32 -53.30
N VAL B 1302 -5.19 -21.06 -53.27
CA VAL B 1302 -3.91 -20.50 -52.87
C VAL B 1302 -3.26 -19.82 -54.05
N SER B 1303 -3.00 -18.51 -53.93
CA SER B 1303 -2.20 -17.82 -54.92
C SER B 1303 -0.76 -18.19 -54.67
N MET B 1304 0.06 -18.19 -55.71
CA MET B 1304 1.44 -18.57 -55.56
C MET B 1304 2.24 -17.96 -56.68
N MET B 1305 3.51 -17.68 -56.42
CA MET B 1305 4.36 -17.14 -57.47
C MET B 1305 4.85 -18.22 -58.42
N THR B 1306 4.99 -17.85 -59.69
CA THR B 1306 5.51 -18.76 -60.71
C THR B 1306 7.01 -18.62 -60.82
N ALA B 1307 7.60 -19.45 -61.68
CA ALA B 1307 9.04 -19.49 -61.85
C ALA B 1307 9.61 -18.15 -62.31
N ASN B 1308 8.76 -17.32 -62.89
CA ASN B 1308 9.20 -16.01 -63.36
C ASN B 1308 9.47 -15.02 -62.22
N ILE B 1309 8.51 -14.86 -61.32
CA ILE B 1309 8.75 -14.06 -60.13
C ILE B 1309 9.75 -14.80 -59.28
N ARG B 1310 10.72 -14.09 -58.74
CA ARG B 1310 11.67 -14.68 -57.81
C ARG B 1310 11.98 -13.65 -56.74
N THR B 1311 12.17 -14.11 -55.51
CA THR B 1311 12.45 -13.18 -54.43
C THR B 1311 13.61 -13.69 -53.59
N GLY B 1312 14.40 -12.76 -53.07
CA GLY B 1312 15.45 -13.13 -52.14
C GLY B 1312 16.71 -13.58 -52.85
N ASP B 1313 16.67 -13.57 -54.18
CA ASP B 1313 17.86 -13.88 -54.94
C ASP B 1313 18.82 -12.71 -54.80
N ASP B 1314 20.12 -12.97 -54.91
CA ASP B 1314 21.12 -11.91 -54.86
C ASP B 1314 21.10 -11.10 -56.16
N MET B 1315 21.51 -9.83 -56.08
CA MET B 1315 21.35 -8.90 -57.21
C MET B 1315 22.64 -8.14 -57.57
N ALA B 1316 23.09 -8.30 -58.81
CA ALA B 1316 24.29 -7.62 -59.28
C ALA B 1316 24.08 -6.12 -59.52
N VAL B 1317 25.10 -5.31 -59.19
CA VAL B 1317 25.09 -3.89 -59.48
C VAL B 1317 26.49 -3.38 -59.73
N GLU B 1318 26.58 -2.27 -60.45
CA GLU B 1318 27.87 -1.67 -60.78
C GLU B 1318 28.11 -0.48 -59.86
N ARG B 1319 28.87 -0.70 -58.79
CA ARG B 1319 29.28 0.42 -57.97
C ARG B 1319 30.29 1.27 -58.70
N VAL B 1320 30.19 2.58 -58.56
CA VAL B 1320 31.18 3.48 -59.12
C VAL B 1320 31.51 4.56 -58.11
N ASN B 1321 32.76 4.52 -57.67
CA ASN B 1321 33.26 5.37 -56.59
C ASN B 1321 33.42 6.81 -57.07
N PRO B 1322 33.41 7.77 -56.12
CA PRO B 1322 33.64 9.16 -56.50
C PRO B 1322 35.04 9.30 -57.08
N ASP B 1323 35.23 10.18 -58.06
CA ASP B 1323 36.52 10.27 -58.74
C ASP B 1323 37.62 10.73 -57.80
N ASP B 1324 37.28 11.60 -56.84
CA ASP B 1324 38.27 12.18 -55.93
C ASP B 1324 37.66 12.40 -54.57
N VAL B 1325 38.30 11.85 -53.54
CA VAL B 1325 37.71 11.86 -52.20
C VAL B 1325 37.53 13.28 -51.67
N ARG B 1326 38.39 14.19 -52.13
CA ARG B 1326 38.34 15.58 -51.70
C ARG B 1326 37.26 16.42 -52.39
N ALA B 1327 36.74 15.93 -53.51
CA ALA B 1327 35.67 16.64 -54.21
C ALA B 1327 34.28 16.31 -53.67
N ILE B 1328 34.21 15.31 -52.78
CA ILE B 1328 32.94 14.80 -52.25
C ILE B 1328 32.19 15.79 -51.36
N ASN B 1329 30.87 15.87 -51.54
CA ASN B 1329 30.04 16.85 -50.83
C ASN B 1329 29.40 16.34 -49.54
N ILE B 1330 30.16 16.40 -48.46
CA ILE B 1330 29.71 15.93 -47.15
C ILE B 1330 28.52 16.73 -46.65
N ARG B 1331 28.51 18.02 -46.96
CA ARG B 1331 27.68 18.96 -46.23
C ARG B 1331 26.21 19.07 -46.67
N ASN B 1332 25.96 19.93 -47.64
CA ASN B 1332 24.64 20.56 -47.78
C ASN B 1332 23.50 19.60 -47.92
N ALA B 1333 22.37 19.99 -47.34
CA ALA B 1333 21.16 19.20 -47.39
C ALA B 1333 20.51 19.34 -48.76
N LYS C 74 12.85 -76.06 75.95
CA LYS C 74 12.57 -75.53 74.62
C LYS C 74 12.07 -74.08 74.70
N ILE C 75 12.89 -73.14 74.23
CA ILE C 75 12.64 -71.70 74.37
C ILE C 75 11.44 -71.19 73.57
N ALA C 76 10.71 -70.23 74.16
CA ALA C 76 9.60 -69.54 73.51
C ALA C 76 10.13 -68.62 72.44
N THR C 77 9.33 -68.35 71.42
CA THR C 77 9.75 -67.42 70.39
C THR C 77 8.62 -66.51 69.92
N ALA C 78 8.98 -65.27 69.62
CA ALA C 78 8.04 -64.35 69.00
C ALA C 78 8.10 -64.53 67.49
N SER C 79 7.13 -63.98 66.79
CA SER C 79 7.18 -63.94 65.33
C SER C 79 6.27 -62.84 64.83
N SER C 80 6.19 -62.72 63.51
CA SER C 80 5.30 -61.74 62.91
C SER C 80 4.97 -62.08 61.47
N ALA C 81 3.91 -61.46 60.96
CA ALA C 81 3.54 -61.59 59.56
C ALA C 81 2.76 -60.36 59.13
N ARG C 82 2.68 -60.11 57.84
CA ARG C 82 1.80 -59.08 57.34
C ARG C 82 1.31 -59.54 55.99
N GLN C 83 0.09 -59.16 55.63
CA GLN C 83 -0.51 -59.66 54.40
C GLN C 83 0.28 -59.17 53.19
N ALA C 84 0.54 -60.08 52.26
CA ALA C 84 1.36 -59.77 51.09
C ALA C 84 0.61 -58.99 50.02
N ASP C 85 1.33 -58.17 49.25
CA ASP C 85 0.79 -57.65 47.99
C ASP C 85 0.75 -58.76 46.95
N VAL C 86 -0.30 -58.79 46.14
CA VAL C 86 -0.38 -59.73 45.03
C VAL C 86 -0.92 -58.99 43.81
N GLU C 87 -0.61 -57.71 43.75
CA GLU C 87 -1.10 -56.83 42.71
C GLU C 87 -0.29 -57.06 41.44
N LYS C 88 -0.77 -57.99 40.62
CA LYS C 88 -0.28 -58.16 39.27
C LYS C 88 -0.84 -57.06 38.35
N PRO C 89 -0.05 -56.62 37.36
CA PRO C 89 -0.60 -55.79 36.29
C PRO C 89 -1.63 -56.60 35.51
N ALA C 90 -2.69 -55.97 35.02
CA ALA C 90 -3.86 -56.66 34.49
C ALA C 90 -3.57 -57.55 33.29
N ASP C 91 -4.13 -58.77 33.30
CA ASP C 91 -3.86 -59.78 32.28
C ASP C 91 -4.57 -59.49 30.96
N VAL C 92 -3.97 -59.95 29.86
CA VAL C 92 -4.57 -59.76 28.54
C VAL C 92 -5.14 -61.07 28.00
N THR C 93 -6.37 -61.38 28.40
CA THR C 93 -7.09 -62.52 27.85
C THR C 93 -7.50 -62.24 26.41
N PHE C 94 -7.41 -63.25 25.55
CA PHE C 94 -7.89 -63.12 24.18
C PHE C 94 -9.31 -63.66 24.04
N THR C 95 -9.73 -64.51 24.97
CA THR C 95 -11.10 -65.02 25.04
C THR C 95 -12.11 -63.94 25.43
N ILE C 96 -13.33 -64.03 24.92
CA ILE C 96 -14.38 -63.05 25.23
C ILE C 96 -15.45 -63.76 26.03
N GLU C 97 -16.17 -63.05 26.89
CA GLU C 97 -17.15 -63.76 27.74
C GLU C 97 -18.65 -63.63 27.36
N ASN C 98 -18.97 -62.79 26.37
CA ASN C 98 -20.33 -62.69 25.83
C ASN C 98 -20.42 -62.25 24.38
N VAL C 99 -21.56 -62.52 23.74
CA VAL C 99 -21.77 -62.22 22.33
C VAL C 99 -21.69 -60.73 22.06
N ASP C 100 -22.01 -59.92 23.06
CA ASP C 100 -21.94 -58.47 22.93
C ASP C 100 -20.51 -57.97 22.80
N ASP C 101 -19.58 -58.74 23.35
CA ASP C 101 -18.19 -58.31 23.49
C ASP C 101 -17.47 -58.11 22.15
N VAL C 102 -16.55 -57.15 22.13
CA VAL C 102 -15.67 -56.98 20.99
C VAL C 102 -14.80 -58.20 20.84
N GLY C 103 -14.69 -58.72 19.62
CA GLY C 103 -13.87 -59.89 19.38
C GLY C 103 -12.42 -59.51 19.55
N ILE C 104 -11.59 -60.46 19.92
CA ILE C 104 -10.18 -60.16 20.16
C ILE C 104 -9.31 -61.07 19.32
N MET C 105 -9.55 -62.37 19.42
CA MET C 105 -8.85 -63.31 18.55
C MET C 105 -9.34 -62.98 17.16
N GLN C 106 -8.48 -63.16 16.16
CA GLN C 106 -8.86 -62.86 14.78
C GLN C 106 -10.00 -63.78 14.33
N GLN C 107 -11.16 -63.20 14.01
CA GLN C 107 -12.30 -63.99 13.54
C GLN C 107 -12.13 -64.45 12.09
N LYS C 108 -12.73 -65.59 11.76
CA LYS C 108 -12.80 -66.08 10.38
C LYS C 108 -13.73 -65.20 9.55
N LYS C 109 -13.38 -64.98 8.28
CA LYS C 109 -14.13 -64.07 7.41
C LYS C 109 -14.52 -64.75 6.11
N PRO C 110 -15.62 -64.29 5.49
CA PRO C 110 -16.00 -64.80 4.18
C PRO C 110 -14.92 -64.45 3.16
N PRO C 111 -14.72 -65.30 2.15
CA PRO C 111 -13.70 -65.04 1.13
C PRO C 111 -13.98 -63.74 0.39
N THR C 112 -12.92 -63.00 0.05
CA THR C 112 -13.07 -61.68 -0.53
C THR C 112 -12.78 -61.60 -2.05
N VAL C 113 -13.82 -61.82 -2.84
CA VAL C 113 -13.76 -61.65 -4.28
C VAL C 113 -13.46 -60.19 -4.62
N VAL C 114 -12.53 -59.96 -5.56
CA VAL C 114 -12.19 -58.60 -5.95
C VAL C 114 -12.50 -58.31 -7.41
N GLN C 115 -13.74 -57.89 -7.66
CA GLN C 115 -14.12 -57.40 -8.97
C GLN C 115 -13.29 -56.16 -9.23
N SER C 116 -12.81 -55.98 -10.46
CA SER C 116 -12.17 -54.71 -10.81
C SER C 116 -12.80 -54.19 -12.09
N ARG C 117 -13.93 -53.53 -11.92
CA ARG C 117 -14.74 -53.07 -13.05
C ARG C 117 -14.04 -51.96 -13.83
N THR C 118 -14.11 -52.06 -15.16
CA THR C 118 -13.35 -51.19 -16.04
C THR C 118 -14.23 -50.34 -16.91
N ASP C 119 -13.63 -49.76 -17.95
CA ASP C 119 -14.36 -48.94 -18.89
C ASP C 119 -15.49 -49.80 -19.46
N VAL C 120 -15.10 -50.97 -19.95
CA VAL C 120 -16.04 -51.94 -20.49
C VAL C 120 -15.61 -53.32 -20.01
N PHE C 121 -16.58 -54.20 -19.83
CA PHE C 121 -16.28 -55.58 -19.48
C PHE C 121 -17.44 -56.49 -19.89
N ASN C 122 -17.17 -57.78 -20.02
CA ASN C 122 -18.23 -58.75 -20.29
C ASN C 122 -18.59 -59.57 -19.06
N GLU C 123 -19.61 -59.13 -18.30
CA GLU C 123 -20.01 -59.85 -17.09
C GLU C 123 -20.66 -61.21 -17.36
N GLN C 124 -20.27 -62.21 -16.56
CA GLN C 124 -20.76 -63.57 -16.69
C GLN C 124 -20.92 -64.16 -15.31
N PHE C 125 -22.00 -64.90 -15.08
CA PHE C 125 -22.27 -65.42 -13.74
C PHE C 125 -22.32 -66.93 -13.62
N ALA C 126 -21.90 -67.64 -14.68
CA ALA C 126 -21.64 -69.06 -14.57
C ALA C 126 -20.50 -69.22 -13.58
N ASN C 127 -20.54 -70.29 -12.79
CA ASN C 127 -19.61 -70.49 -11.67
C ASN C 127 -19.47 -69.29 -10.72
N GLU C 128 -20.57 -68.57 -10.48
CA GLU C 128 -20.66 -67.62 -9.37
C GLU C 128 -20.75 -68.34 -8.03
N ALA C 129 -20.06 -67.80 -7.02
CA ALA C 129 -20.07 -68.37 -5.66
C ALA C 129 -21.44 -68.26 -5.01
N LEU C 130 -21.82 -69.24 -4.20
CA LEU C 130 -23.18 -69.25 -3.62
C LEU C 130 -23.19 -68.97 -2.12
N HIS C 131 -22.14 -69.42 -1.45
CA HIS C 131 -21.94 -69.11 -0.05
C HIS C 131 -21.54 -67.65 0.02
N PRO C 132 -21.67 -67.02 1.20
CA PRO C 132 -21.40 -65.58 1.20
C PRO C 132 -19.98 -65.27 0.77
N THR C 133 -19.85 -64.19 0.00
CA THR C 133 -18.55 -63.65 -0.38
C THR C 133 -18.62 -62.15 -0.16
N THR C 134 -17.48 -61.54 0.11
CA THR C 134 -17.46 -60.09 0.15
C THR C 134 -16.92 -59.61 -1.19
N LYS C 135 -17.83 -59.13 -2.05
CA LYS C 135 -17.43 -58.45 -3.27
C LYS C 135 -16.80 -57.12 -2.92
N VAL C 136 -15.72 -56.76 -3.61
CA VAL C 136 -15.05 -55.49 -3.39
C VAL C 136 -14.40 -55.03 -4.69
N ILE C 137 -14.46 -53.74 -4.95
CA ILE C 137 -14.18 -53.22 -6.29
C ILE C 137 -12.73 -52.71 -6.50
N PHE C 138 -12.02 -52.44 -5.41
CA PHE C 138 -10.70 -51.81 -5.52
C PHE C 138 -9.55 -52.72 -5.07
N ASN C 139 -8.41 -52.60 -5.74
CA ASN C 139 -7.28 -53.49 -5.48
C ASN C 139 -6.59 -53.33 -4.13
N GLY C 140 -6.61 -52.12 -3.57
CA GLY C 140 -5.88 -51.86 -2.34
C GLY C 140 -6.66 -51.00 -1.37
N LEU C 141 -6.96 -51.56 -0.20
CA LEU C 141 -7.86 -50.89 0.74
C LEU C 141 -7.45 -50.98 2.21
N ASP C 142 -6.17 -51.21 2.46
CA ASP C 142 -5.63 -51.06 3.81
C ASP C 142 -5.16 -49.61 3.92
N VAL C 143 -6.06 -48.70 3.58
CA VAL C 143 -5.78 -47.27 3.53
C VAL C 143 -5.60 -46.60 4.91
N ASN C 144 -6.16 -47.23 5.95
CA ASN C 144 -6.06 -46.69 7.30
C ASN C 144 -4.77 -47.10 8.01
N THR C 145 -3.68 -46.41 7.72
CA THR C 145 -2.38 -46.83 8.24
C THR C 145 -1.77 -45.97 9.37
N GLU C 146 -2.39 -44.83 9.69
CA GLU C 146 -1.84 -43.96 10.73
C GLU C 146 -2.35 -44.28 12.15
N VAL C 147 -1.77 -45.30 12.77
CA VAL C 147 -2.21 -45.76 14.08
C VAL C 147 -2.04 -44.66 15.13
N GLN C 148 -3.03 -44.54 16.03
CA GLN C 148 -3.08 -43.44 16.98
C GLN C 148 -3.08 -43.93 18.41
N PRO C 149 -1.90 -43.98 19.04
CA PRO C 149 -1.73 -44.51 20.40
C PRO C 149 -2.49 -43.69 21.45
N LEU C 150 -3.05 -44.37 22.46
CA LEU C 150 -3.63 -43.68 23.60
C LEU C 150 -2.56 -43.35 24.63
N SER C 151 -2.78 -42.27 25.38
CA SER C 151 -1.92 -41.96 26.49
C SER C 151 -2.14 -42.98 27.59
N ASP C 152 -1.08 -43.36 28.28
CA ASP C 152 -1.19 -44.28 29.40
C ASP C 152 -1.59 -43.52 30.67
N ASP C 153 -2.81 -42.99 30.66
CA ASP C 153 -3.31 -42.19 31.78
C ASP C 153 -3.48 -43.01 33.05
N PHE C 154 -3.77 -44.30 32.90
CA PHE C 154 -3.96 -45.18 34.06
C PHE C 154 -3.02 -46.38 34.06
N LYS C 155 -3.17 -47.22 35.08
CA LYS C 155 -2.26 -48.33 35.29
C LYS C 155 -3.09 -49.55 35.64
N GLN C 156 -3.47 -50.30 34.61
CA GLN C 156 -4.38 -51.43 34.78
C GLN C 156 -3.75 -52.45 35.71
N ILE C 157 -4.51 -52.93 36.67
CA ILE C 157 -3.99 -53.87 37.66
C ILE C 157 -5.13 -54.71 38.14
N SER C 158 -4.80 -55.86 38.72
CA SER C 158 -5.79 -56.79 39.22
C SER C 158 -5.41 -57.13 40.64
N ASP C 159 -6.42 -57.44 41.46
CA ASP C 159 -6.20 -57.73 42.87
C ASP C 159 -5.37 -56.62 43.51
N PRO C 160 -5.94 -55.41 43.62
CA PRO C 160 -5.22 -54.19 44.01
C PRO C 160 -4.65 -54.24 45.41
N LYS C 161 -3.49 -53.64 45.61
CA LYS C 161 -2.92 -53.55 46.94
C LYS C 161 -3.35 -52.24 47.57
N GLY C 162 -3.74 -52.29 48.83
CA GLY C 162 -4.25 -51.12 49.52
C GLY C 162 -3.19 -50.26 50.16
N TYR C 163 -3.60 -49.15 50.78
CA TYR C 163 -2.64 -48.30 51.47
C TYR C 163 -2.32 -48.81 52.86
N LEU C 164 -3.33 -49.26 53.59
CA LEU C 164 -3.07 -49.86 54.90
C LEU C 164 -3.11 -51.38 54.85
N THR C 165 -2.28 -52.02 55.66
CA THR C 165 -2.30 -53.47 55.79
C THR C 165 -2.12 -53.86 57.26
N TYR C 166 -2.68 -54.99 57.61
CA TYR C 166 -2.56 -55.56 58.93
C TYR C 166 -1.17 -56.16 59.14
N SER C 167 -0.45 -55.68 60.14
CA SER C 167 0.77 -56.34 60.60
C SER C 167 0.36 -57.10 61.83
N VAL C 168 1.04 -58.20 62.13
CA VAL C 168 0.67 -58.96 63.33
C VAL C 168 1.86 -59.64 63.98
N LYS C 169 2.00 -59.48 65.29
CA LYS C 169 3.01 -60.18 66.06
C LYS C 169 2.39 -61.34 66.81
N TYR C 170 2.99 -62.51 66.66
CA TYR C 170 2.56 -63.73 67.35
C TYR C 170 3.47 -64.09 68.52
N GLU C 171 2.88 -64.59 69.61
CA GLU C 171 3.58 -65.36 70.65
C GLU C 171 3.46 -66.83 70.30
N ASP C 172 4.55 -67.44 69.90
CA ASP C 172 4.49 -68.72 69.20
C ASP C 172 4.28 -69.95 70.09
N GLN C 173 4.22 -69.76 71.41
CA GLN C 173 3.91 -70.85 72.33
C GLN C 173 2.42 -71.13 72.55
N PHE C 174 1.57 -70.29 71.99
CA PHE C 174 0.14 -70.48 72.10
C PHE C 174 -0.43 -71.14 70.86
N THR C 175 -0.87 -72.39 71.00
CA THR C 175 -1.61 -73.05 69.91
C THR C 175 -2.72 -73.88 70.51
N LYS C 176 -3.90 -73.83 69.91
CA LYS C 176 -5.01 -74.66 70.37
C LYS C 176 -4.70 -76.14 70.14
N LYS C 177 -4.97 -76.97 71.13
CA LYS C 177 -4.73 -78.39 71.01
C LYS C 177 -5.65 -78.98 69.94
N ASP C 178 -6.88 -78.46 69.85
CA ASP C 178 -7.83 -78.93 68.86
C ASP C 178 -7.48 -78.40 67.48
N LYS C 179 -7.84 -79.14 66.45
CA LYS C 179 -7.52 -78.77 65.09
C LYS C 179 -8.79 -78.64 64.23
N LEU C 180 -9.04 -77.43 63.74
CA LEU C 180 -10.19 -77.17 62.88
C LEU C 180 -10.03 -77.89 61.54
N ARG C 181 -11.16 -78.26 60.92
CA ARG C 181 -11.13 -78.91 59.62
C ARG C 181 -12.19 -78.31 58.71
N ALA C 182 -11.93 -77.10 58.21
CA ALA C 182 -12.84 -76.43 57.29
C ALA C 182 -12.83 -77.10 55.92
N SER C 183 -13.92 -76.92 55.18
CA SER C 183 -14.01 -77.43 53.81
C SER C 183 -13.03 -76.67 52.93
N GLU C 184 -12.60 -77.29 51.84
CA GLU C 184 -11.53 -76.71 51.04
C GLU C 184 -11.90 -75.32 50.54
N ALA C 185 -13.18 -75.11 50.24
CA ALA C 185 -13.61 -73.82 49.68
C ALA C 185 -13.68 -72.74 50.75
N ASP C 186 -14.15 -73.13 51.93
CA ASP C 186 -14.16 -72.22 53.07
C ASP C 186 -12.74 -71.89 53.48
N ASP C 187 -11.80 -72.80 53.23
CA ASP C 187 -10.40 -72.48 53.47
C ASP C 187 -9.85 -71.57 52.37
N ARG C 188 -10.29 -71.76 51.14
CA ARG C 188 -9.86 -70.88 50.05
C ARG C 188 -10.32 -69.46 50.30
N ILE C 189 -11.44 -69.31 51.01
CA ILE C 189 -12.01 -67.98 51.24
C ILE C 189 -11.51 -67.37 52.54
N VAL C 190 -11.72 -68.10 53.61
CA VAL C 190 -11.44 -67.62 54.95
C VAL C 190 -9.97 -67.79 55.31
N GLY C 191 -9.25 -68.54 54.50
CA GLY C 191 -7.93 -69.02 54.86
C GLY C 191 -6.83 -68.00 55.11
N PRO C 192 -6.62 -67.04 54.19
CA PRO C 192 -5.55 -66.07 54.44
C PRO C 192 -5.79 -65.31 55.73
N THR C 193 -7.05 -65.06 56.04
CA THR C 193 -7.43 -64.40 57.28
C THR C 193 -7.07 -65.23 58.50
N VAL C 194 -7.50 -66.49 58.51
CA VAL C 194 -7.26 -67.34 59.67
C VAL C 194 -5.78 -67.62 59.86
N ASN C 195 -5.06 -67.74 58.77
CA ASN C 195 -3.61 -67.90 58.84
C ASN C 195 -2.94 -66.65 59.39
N LEU C 196 -3.53 -65.49 59.15
CA LEU C 196 -2.92 -64.27 59.66
C LEU C 196 -3.28 -64.02 61.11
N PHE C 197 -4.52 -64.30 61.48
CA PHE C 197 -4.97 -64.01 62.83
C PHE C 197 -5.00 -65.28 63.66
N LYS C 198 -3.98 -66.10 63.49
CA LYS C 198 -3.89 -67.39 64.15
C LYS C 198 -3.68 -67.20 65.63
N TYR C 199 -3.91 -68.26 66.38
CA TYR C 199 -3.80 -68.23 67.85
C TYR C 199 -2.40 -67.74 68.27
N GLY C 200 -2.34 -66.97 69.35
CA GLY C 200 -1.07 -66.50 69.85
C GLY C 200 -0.65 -65.19 69.25
N ALA C 201 -1.52 -64.62 68.44
CA ALA C 201 -1.25 -63.30 67.88
C ALA C 201 -1.33 -62.24 68.97
N ALA C 202 -0.18 -61.84 69.50
CA ALA C 202 -0.15 -60.88 70.59
C ALA C 202 -0.68 -59.53 70.15
N VAL C 203 -0.37 -59.13 68.91
CA VAL C 203 -0.94 -57.88 68.42
C VAL C 203 -1.24 -57.89 66.94
N VAL C 204 -2.22 -57.09 66.57
CA VAL C 204 -2.62 -56.93 65.19
C VAL C 204 -2.80 -55.44 64.97
N ASN C 205 -1.79 -54.87 64.31
CA ASN C 205 -1.67 -53.45 63.99
C ASN C 205 -2.14 -53.13 62.58
N ILE C 206 -2.39 -51.85 62.34
CA ILE C 206 -2.70 -51.39 60.99
C ILE C 206 -1.62 -50.41 60.52
N ASP C 207 -0.67 -50.92 59.76
CA ASP C 207 0.42 -50.08 59.27
C ASP C 207 0.11 -49.56 57.87
N LEU C 208 0.85 -48.55 57.42
CA LEU C 208 0.83 -48.17 56.01
C LEU C 208 1.48 -49.29 55.23
N ASN C 209 0.98 -49.57 54.02
CA ASN C 209 1.55 -50.69 53.26
C ASN C 209 2.97 -50.37 52.80
N ARG C 210 3.93 -51.11 53.32
CA ARG C 210 5.31 -50.88 52.91
C ARG C 210 5.43 -51.24 51.44
N ASP C 211 4.64 -52.23 51.01
CA ASP C 211 4.75 -52.76 49.65
C ASP C 211 4.24 -51.76 48.63
N PHE C 212 3.38 -50.85 49.07
CA PHE C 212 2.84 -49.82 48.18
C PHE C 212 3.63 -48.52 48.24
N PHE C 213 3.81 -47.99 49.43
CA PHE C 213 4.70 -46.85 49.63
C PHE C 213 6.15 -47.34 49.71
N ASP C 214 6.65 -47.82 48.58
CA ASP C 214 7.97 -48.43 48.48
C ASP C 214 9.09 -47.40 48.62
N THR C 215 10.32 -47.90 48.71
CA THR C 215 11.51 -47.06 48.75
C THR C 215 11.69 -46.29 47.44
N ALA C 216 11.07 -46.78 46.37
CA ALA C 216 11.07 -46.06 45.10
C ALA C 216 10.38 -44.71 45.27
N THR C 217 9.47 -44.63 46.23
CA THR C 217 8.84 -43.37 46.61
C THR C 217 9.67 -42.65 47.66
N GLY C 218 10.75 -43.30 48.11
CA GLY C 218 11.65 -42.69 49.06
C GLY C 218 11.20 -42.82 50.51
N ILE C 219 10.06 -43.47 50.73
CA ILE C 219 9.57 -43.74 52.09
C ILE C 219 10.33 -44.90 52.75
N ASP C 220 10.40 -44.88 54.08
CA ASP C 220 11.01 -45.96 54.86
C ASP C 220 10.14 -46.30 56.06
N LEU C 221 9.27 -47.30 55.91
CA LEU C 221 8.29 -47.60 56.95
C LEU C 221 8.77 -48.64 57.97
N THR C 222 10.08 -48.82 58.08
CA THR C 222 10.66 -49.83 58.98
C THR C 222 10.35 -49.60 60.45
N LYS C 223 10.38 -48.33 60.87
CA LYS C 223 9.84 -47.94 62.16
C LYS C 223 8.39 -47.57 61.82
N GLY C 224 7.54 -47.29 62.80
CA GLY C 224 6.13 -47.17 62.48
C GLY C 224 5.71 -46.07 61.52
N ILE C 225 6.38 -44.92 61.60
CA ILE C 225 6.09 -43.78 60.75
C ILE C 225 6.75 -43.84 59.37
N PRO C 226 6.19 -43.11 58.40
CA PRO C 226 6.89 -42.81 57.13
C PRO C 226 8.14 -42.00 57.44
N LEU C 227 9.23 -42.23 56.73
CA LEU C 227 10.42 -41.40 56.90
C LEU C 227 11.10 -41.15 55.56
N VAL C 228 11.11 -39.90 55.13
CA VAL C 228 11.74 -39.59 53.87
C VAL C 228 12.91 -38.64 54.07
N GLN C 229 14.09 -39.12 53.71
CA GLN C 229 15.30 -38.33 53.86
C GLN C 229 15.45 -37.26 52.79
N ASP C 230 16.18 -36.20 53.13
CA ASP C 230 16.59 -35.16 52.18
C ASP C 230 15.43 -34.38 51.54
N LEU C 231 14.30 -34.26 52.24
CA LEU C 231 13.28 -33.32 51.80
C LEU C 231 13.39 -32.03 52.61
N LEU C 232 12.90 -32.07 53.84
CA LEU C 232 13.05 -30.94 54.74
C LEU C 232 14.34 -31.11 55.49
N VAL C 233 15.35 -30.37 55.08
CA VAL C 233 16.70 -30.51 55.62
C VAL C 233 17.31 -29.17 55.98
N PRO C 234 18.29 -29.17 56.89
CA PRO C 234 19.09 -27.96 57.01
C PRO C 234 19.83 -27.71 55.71
N ILE C 235 20.00 -26.45 55.36
CA ILE C 235 20.82 -26.08 54.22
C ILE C 235 22.24 -25.80 54.71
N GLY C 236 23.22 -26.29 53.96
CA GLY C 236 24.61 -25.90 54.18
C GLY C 236 25.35 -26.72 55.22
N VAL C 237 24.64 -27.65 55.86
CA VAL C 237 25.26 -28.66 56.72
C VAL C 237 24.54 -29.97 56.47
N THR C 238 25.20 -31.10 56.67
CA THR C 238 24.55 -32.38 56.45
C THR C 238 23.45 -32.60 57.48
N ALA C 239 22.30 -33.09 57.02
CA ALA C 239 21.20 -33.40 57.92
C ALA C 239 21.56 -34.59 58.81
N GLY C 240 21.12 -34.56 60.06
CA GLY C 240 21.40 -35.66 60.97
C GLY C 240 20.57 -36.87 60.61
N ALA C 241 21.09 -38.06 60.90
CA ALA C 241 20.34 -39.29 60.68
C ALA C 241 19.26 -39.46 61.76
N GLU C 242 18.22 -40.21 61.43
CA GLU C 242 17.08 -40.44 62.32
C GLU C 242 16.45 -39.12 62.75
N GLN C 243 16.51 -38.12 61.87
CA GLN C 243 15.94 -36.82 62.15
C GLN C 243 14.41 -36.94 62.17
N SER C 244 13.78 -36.24 63.12
CA SER C 244 12.32 -36.25 63.23
C SER C 244 11.64 -35.61 62.03
N ALA C 245 12.33 -34.70 61.37
CA ALA C 245 11.76 -33.96 60.24
C ALA C 245 11.39 -34.93 59.15
N GLU C 246 12.08 -36.07 59.12
CA GLU C 246 11.86 -37.09 58.10
C GLU C 246 10.41 -37.51 58.12
N TYR C 247 9.82 -37.55 59.32
CA TYR C 247 8.43 -37.93 59.46
C TYR C 247 7.54 -37.01 58.68
N VAL C 248 7.71 -35.70 58.85
CA VAL C 248 6.89 -34.78 58.08
C VAL C 248 7.16 -34.94 56.60
N SER C 249 8.43 -35.14 56.26
CA SER C 249 8.83 -35.33 54.87
C SER C 249 8.12 -36.58 54.35
N GLY C 250 8.05 -37.59 55.21
CA GLY C 250 7.44 -38.84 54.84
C GLY C 250 5.97 -38.65 54.60
N LEU C 251 5.32 -37.79 55.38
CA LEU C 251 3.89 -37.64 55.18
C LEU C 251 3.63 -37.07 53.80
N LEU C 252 4.52 -36.21 53.32
CA LEU C 252 4.28 -35.63 52.03
C LEU C 252 4.29 -36.74 51.01
N MET C 253 5.23 -37.67 51.16
CA MET C 253 5.31 -38.73 50.19
C MET C 253 4.12 -39.65 50.25
N VAL C 254 3.50 -39.80 51.41
CA VAL C 254 2.28 -40.59 51.41
C VAL C 254 1.26 -39.78 50.60
N LEU C 255 1.10 -38.52 50.98
CA LEU C 255 0.10 -37.67 50.36
C LEU C 255 0.35 -37.62 48.87
N PHE C 256 1.60 -37.31 48.50
CA PHE C 256 1.96 -37.23 47.10
C PHE C 256 1.73 -38.55 46.39
N LYS C 257 2.16 -39.65 47.00
CA LYS C 257 2.05 -40.93 46.32
C LYS C 257 0.58 -41.29 46.15
N VAL C 258 -0.25 -40.82 47.07
CA VAL C 258 -1.68 -41.10 46.97
C VAL C 258 -2.33 -40.11 46.02
N MET C 259 -1.75 -38.92 45.90
CA MET C 259 -2.27 -37.90 45.00
C MET C 259 -2.17 -38.37 43.56
N THR C 260 -1.25 -39.28 43.32
CA THR C 260 -0.93 -39.66 41.95
C THR C 260 -1.05 -41.16 41.71
N ASP C 261 -1.88 -41.83 42.51
CA ASP C 261 -2.17 -43.23 42.22
C ASP C 261 -3.10 -43.28 41.02
N ASN C 262 -2.63 -43.84 39.92
CA ASN C 262 -3.40 -43.96 38.71
C ASN C 262 -3.84 -45.41 38.44
N ARG C 263 -3.80 -46.26 39.48
CA ARG C 263 -4.23 -47.65 39.33
C ARG C 263 -5.71 -47.66 39.07
N LEU C 264 -6.11 -48.59 38.21
CA LEU C 264 -7.49 -48.73 37.75
C LEU C 264 -7.76 -50.22 37.72
N VAL C 265 -8.62 -50.71 38.62
CA VAL C 265 -8.77 -52.15 38.82
C VAL C 265 -9.42 -52.92 37.66
N ILE C 266 -8.84 -54.07 37.34
CA ILE C 266 -9.42 -55.02 36.41
C ILE C 266 -9.66 -56.29 37.22
N VAL C 267 -10.73 -57.03 36.91
CA VAL C 267 -11.03 -58.20 37.72
C VAL C 267 -9.93 -59.26 37.57
N GLY C 268 -9.52 -59.83 38.69
CA GLY C 268 -8.53 -60.90 38.69
C GLY C 268 -9.22 -62.24 38.58
N GLU C 269 -8.48 -63.31 38.87
CA GLU C 269 -9.08 -64.64 38.84
C GLU C 269 -10.18 -64.69 39.89
N THR C 270 -11.32 -65.25 39.54
CA THR C 270 -12.43 -65.37 40.48
C THR C 270 -12.87 -66.81 40.68
N THR C 271 -13.82 -66.99 41.59
CA THR C 271 -14.27 -68.33 41.96
C THR C 271 -15.75 -68.22 42.29
N THR C 272 -16.52 -69.23 41.91
CA THR C 272 -17.94 -69.24 42.18
C THR C 272 -18.22 -70.54 42.88
N PRO C 273 -17.95 -70.59 44.19
CA PRO C 273 -18.23 -71.80 44.94
C PRO C 273 -19.72 -72.08 44.88
N MET C 274 -20.06 -73.36 44.80
CA MET C 274 -21.40 -73.82 45.07
C MET C 274 -21.70 -73.61 46.54
N SER C 275 -22.94 -73.24 46.84
CA SER C 275 -23.31 -72.92 48.21
C SER C 275 -23.09 -74.12 49.13
N ASN C 276 -23.25 -75.33 48.59
CA ASN C 276 -23.13 -76.53 49.39
C ASN C 276 -21.71 -76.82 49.88
N THR C 277 -20.71 -76.25 49.22
CA THR C 277 -19.32 -76.43 49.67
C THR C 277 -18.84 -75.36 50.64
N LEU C 278 -19.70 -74.38 50.92
CA LEU C 278 -19.36 -73.34 51.88
C LEU C 278 -20.13 -73.45 53.20
N SER C 279 -19.41 -73.32 54.31
CA SER C 279 -20.04 -73.28 55.62
C SER C 279 -20.93 -72.05 55.66
N THR C 280 -22.08 -72.17 56.32
CA THR C 280 -23.20 -71.27 56.05
C THR C 280 -22.91 -69.79 56.26
N VAL C 281 -22.06 -69.47 57.23
CA VAL C 281 -21.76 -68.08 57.51
C VAL C 281 -21.03 -67.46 56.34
N VAL C 282 -20.12 -68.23 55.75
CA VAL C 282 -19.37 -67.77 54.59
C VAL C 282 -20.30 -67.54 53.42
N ASN C 283 -21.31 -68.39 53.30
CA ASN C 283 -22.33 -68.22 52.28
C ASN C 283 -23.15 -66.95 52.50
N ASN C 284 -23.38 -66.60 53.76
CA ASN C 284 -24.05 -65.35 54.08
C ASN C 284 -23.18 -64.17 53.68
N VAL C 285 -21.88 -64.34 53.78
CA VAL C 285 -20.95 -63.25 53.53
C VAL C 285 -20.55 -63.14 52.06
N LEU C 286 -20.44 -64.28 51.39
CA LEU C 286 -20.07 -64.31 49.98
C LEU C 286 -21.21 -63.83 49.14
N ARG C 287 -20.88 -63.33 47.96
CA ARG C 287 -21.87 -62.84 47.04
C ARG C 287 -21.66 -63.48 45.67
N THR C 288 -22.07 -64.74 45.56
CA THR C 288 -21.93 -65.55 44.34
C THR C 288 -20.50 -65.87 43.91
N THR C 289 -19.64 -64.85 43.91
CA THR C 289 -18.25 -65.04 43.48
C THR C 289 -17.27 -64.05 44.11
N TYR C 290 -16.00 -64.40 44.13
CA TYR C 290 -14.97 -63.59 44.79
C TYR C 290 -13.60 -63.74 44.14
N HIS C 291 -12.73 -62.75 44.31
CA HIS C 291 -11.38 -62.86 43.79
C HIS C 291 -10.62 -63.93 44.53
N ASN C 292 -9.77 -64.69 43.84
CA ASN C 292 -9.04 -65.76 44.48
C ASN C 292 -8.15 -65.21 45.57
N ASN C 293 -7.68 -63.99 45.36
CA ASN C 293 -6.86 -63.33 46.35
C ASN C 293 -7.69 -62.45 47.29
N VAL C 294 -8.62 -63.05 48.01
CA VAL C 294 -9.21 -62.36 49.14
C VAL C 294 -8.07 -62.15 50.10
N GLY C 295 -7.95 -60.94 50.62
CA GLY C 295 -6.93 -60.65 51.60
C GLY C 295 -7.57 -60.94 52.93
N VAL C 296 -6.90 -60.54 54.01
CA VAL C 296 -7.48 -60.73 55.32
C VAL C 296 -8.61 -59.73 55.57
N ASN C 297 -9.55 -60.12 56.42
CA ASN C 297 -10.50 -59.22 57.04
C ASN C 297 -11.08 -59.94 58.25
N PRO C 298 -11.07 -59.29 59.42
CA PRO C 298 -11.43 -59.97 60.68
C PRO C 298 -12.84 -60.57 60.68
N ALA C 299 -13.77 -59.98 59.93
CA ALA C 299 -15.14 -60.51 59.93
C ALA C 299 -15.15 -61.95 59.44
N LEU C 300 -14.13 -62.32 58.68
CA LEU C 300 -14.04 -63.69 58.18
C LEU C 300 -13.83 -64.71 59.29
N LEU C 301 -13.21 -64.28 60.38
CA LEU C 301 -12.88 -65.19 61.49
C LEU C 301 -14.11 -65.78 62.16
N ARG C 302 -15.29 -65.23 61.87
CA ARG C 302 -16.52 -65.67 62.53
C ARG C 302 -16.71 -67.15 62.30
N ASP C 303 -17.02 -67.86 63.38
CA ASP C 303 -17.12 -69.31 63.39
C ASP C 303 -15.88 -70.01 62.81
N PHE C 304 -14.69 -69.46 63.10
CA PHE C 304 -13.45 -70.01 62.54
C PHE C 304 -12.26 -69.93 63.47
N THR C 305 -12.12 -68.80 64.16
CA THR C 305 -11.14 -68.71 65.22
C THR C 305 -11.61 -69.55 66.39
N GLN C 306 -10.68 -70.27 67.02
CA GLN C 306 -11.06 -71.03 68.21
C GLN C 306 -11.00 -70.17 69.45
N VAL C 307 -10.42 -68.97 69.30
CA VAL C 307 -10.39 -67.98 70.37
C VAL C 307 -11.82 -67.51 70.58
N ASN C 308 -12.45 -68.00 71.65
CA ASN C 308 -13.88 -67.87 71.79
C ASN C 308 -14.42 -66.47 72.00
N TRP C 309 -13.74 -65.67 72.81
CA TRP C 309 -14.26 -64.34 73.09
C TRP C 309 -14.29 -63.54 71.80
N LEU C 310 -13.29 -63.79 70.94
CA LEU C 310 -13.14 -63.02 69.72
C LEU C 310 -14.28 -63.35 68.81
N ASN C 311 -14.54 -64.65 68.71
CA ASN C 311 -15.60 -65.12 67.84
C ASN C 311 -16.98 -64.65 68.32
N ARG C 312 -17.14 -64.57 69.64
CA ARG C 312 -18.37 -64.08 70.22
C ARG C 312 -18.56 -62.60 69.88
N ASP C 313 -17.46 -61.85 69.97
CA ASP C 313 -17.52 -60.41 69.78
C ASP C 313 -17.75 -60.03 68.32
N ILE C 314 -17.02 -60.69 67.43
CA ILE C 314 -17.20 -60.51 66.00
C ILE C 314 -18.61 -60.95 65.59
N THR C 315 -19.13 -61.99 66.22
CA THR C 315 -20.51 -62.38 65.92
C THR C 315 -21.46 -61.26 66.34
N ASN C 316 -21.16 -60.60 67.46
CA ASN C 316 -22.02 -59.52 67.91
C ASN C 316 -22.01 -58.39 66.93
N MET C 317 -20.81 -57.96 66.51
CA MET C 317 -20.71 -56.84 65.60
C MET C 317 -21.30 -57.17 64.23
N LEU C 318 -21.28 -58.45 63.85
CA LEU C 318 -21.85 -58.83 62.56
C LEU C 318 -23.36 -58.78 62.62
N GLN C 319 -23.93 -59.32 63.69
CA GLN C 319 -25.38 -59.37 63.85
C GLN C 319 -26.02 -58.02 64.15
N GLN C 320 -25.22 -57.06 64.60
CA GLN C 320 -25.71 -55.69 64.76
C GLN C 320 -26.11 -55.16 63.39
N ALA C 321 -27.19 -54.37 63.34
CA ALA C 321 -27.70 -53.87 62.07
C ALA C 321 -26.72 -52.94 61.36
N GLY C 322 -25.90 -52.25 62.15
CA GLY C 322 -25.11 -51.15 61.62
C GLY C 322 -23.94 -51.60 60.76
N THR C 323 -23.56 -52.86 60.85
CA THR C 323 -22.41 -53.37 60.10
C THR C 323 -22.74 -54.69 59.42
N LYS C 324 -22.25 -54.84 58.19
CA LYS C 324 -22.63 -55.98 57.34
C LYS C 324 -21.53 -56.40 56.38
N TYR C 325 -20.64 -57.28 56.83
CA TYR C 325 -19.59 -57.75 55.95
C TYR C 325 -20.13 -58.56 54.78
N GLY C 326 -19.48 -58.41 53.63
CA GLY C 326 -19.89 -59.06 52.39
C GLY C 326 -18.67 -59.16 51.49
N LEU C 327 -18.72 -59.95 50.44
CA LEU C 327 -17.49 -60.19 49.74
C LEU C 327 -17.75 -60.56 48.29
N GLY C 328 -16.87 -60.11 47.41
CA GLY C 328 -17.06 -60.39 46.00
C GLY C 328 -18.17 -59.59 45.36
N LEU C 329 -18.66 -60.09 44.22
CA LEU C 329 -19.48 -59.29 43.31
C LEU C 329 -20.76 -58.75 43.95
N THR C 330 -21.05 -57.47 43.70
CA THR C 330 -22.20 -56.80 44.31
C THR C 330 -22.89 -55.91 43.28
N GLU C 331 -24.13 -55.55 43.54
CA GLU C 331 -24.90 -54.74 42.61
C GLU C 331 -24.60 -53.24 42.72
N THR C 332 -23.60 -52.80 41.96
CA THR C 332 -23.26 -51.38 41.84
C THR C 332 -24.28 -50.66 40.95
N ARG C 333 -24.46 -49.36 41.17
CA ARG C 333 -25.30 -48.54 40.31
C ARG C 333 -24.70 -48.50 38.91
N LEU C 334 -23.41 -48.77 38.84
CA LEU C 334 -22.65 -48.75 37.60
C LEU C 334 -22.72 -50.05 36.80
N ASP C 335 -23.43 -51.05 37.32
CA ASP C 335 -23.50 -52.33 36.63
C ASP C 335 -24.11 -52.21 35.22
N TYR C 336 -23.50 -52.94 34.28
CA TYR C 336 -23.90 -53.00 32.87
C TYR C 336 -23.42 -51.80 32.07
N VAL C 337 -22.87 -50.79 32.76
CA VAL C 337 -22.26 -49.67 32.06
C VAL C 337 -21.09 -50.23 31.28
N ARG C 338 -20.98 -49.85 30.02
CA ARG C 338 -19.93 -50.43 29.17
C ARG C 338 -18.85 -49.41 28.84
N LEU C 339 -17.60 -49.88 28.86
CA LEU C 339 -16.45 -49.03 28.58
C LEU C 339 -15.43 -49.91 27.88
N VAL C 340 -15.64 -50.17 26.60
CA VAL C 340 -15.02 -51.30 25.90
C VAL C 340 -15.36 -52.62 26.61
N LYS C 341 -14.99 -52.74 27.89
CA LYS C 341 -15.40 -53.85 28.72
C LYS C 341 -16.44 -53.34 29.71
N THR C 342 -17.29 -54.22 30.22
CA THR C 342 -18.28 -53.83 31.22
C THR C 342 -17.68 -53.61 32.63
N ILE C 343 -18.32 -52.71 33.40
CA ILE C 343 -17.98 -52.50 34.80
C ILE C 343 -18.79 -53.42 35.71
N VAL C 344 -18.16 -53.89 36.78
CA VAL C 344 -18.85 -54.60 37.84
C VAL C 344 -18.24 -54.15 39.16
N GLY C 345 -18.94 -54.38 40.26
CA GLY C 345 -18.43 -53.98 41.56
C GLY C 345 -18.08 -55.21 42.39
N HIS C 346 -16.93 -55.15 43.07
CA HIS C 346 -16.57 -56.24 43.99
C HIS C 346 -16.32 -55.67 45.35
N ALA C 347 -16.86 -56.31 46.38
CA ALA C 347 -16.54 -55.92 47.73
C ALA C 347 -15.27 -56.66 48.07
N LEU C 348 -14.16 -55.96 47.85
CA LEU C 348 -12.82 -56.41 48.21
C LEU C 348 -12.48 -56.19 49.69
N ASN C 349 -11.60 -57.01 50.22
CA ASN C 349 -10.98 -56.69 51.50
C ASN C 349 -9.82 -55.74 51.25
N ILE C 350 -10.11 -54.44 51.24
CA ILE C 350 -9.08 -53.41 51.06
C ILE C 350 -9.38 -52.21 51.97
N ASP C 351 -8.40 -51.34 52.20
CA ASP C 351 -8.63 -50.12 52.99
C ASP C 351 -9.57 -49.19 52.24
N HIS C 352 -10.40 -48.45 52.96
CA HIS C 352 -11.33 -47.55 52.31
C HIS C 352 -10.66 -46.39 51.58
N PHE C 353 -9.43 -46.05 51.97
CA PHE C 353 -8.69 -44.98 51.28
C PHE C 353 -8.26 -45.37 49.86
N ALA C 354 -7.58 -46.51 49.74
CA ALA C 354 -7.23 -47.06 48.43
C ALA C 354 -8.48 -47.38 47.62
N ALA C 355 -9.51 -47.87 48.29
CA ALA C 355 -10.76 -48.15 47.61
C ALA C 355 -11.35 -46.88 47.04
N SER C 356 -11.29 -45.80 47.82
CA SER C 356 -11.89 -44.53 47.41
C SER C 356 -11.18 -44.00 46.19
N VAL C 357 -9.86 -44.08 46.21
CA VAL C 357 -9.02 -43.65 45.09
C VAL C 357 -9.18 -44.50 43.82
N LEU C 358 -9.30 -45.81 43.99
CA LEU C 358 -9.57 -46.68 42.87
C LEU C 358 -10.94 -46.38 42.22
N ASN C 359 -11.94 -46.13 43.07
CA ASN C 359 -13.25 -45.76 42.58
C ASN C 359 -13.17 -44.47 41.79
N ILE C 360 -12.42 -43.50 42.33
CA ILE C 360 -12.31 -42.20 41.69
C ILE C 360 -11.67 -42.34 40.32
N ASN C 361 -10.61 -43.14 40.24
CA ASN C 361 -9.95 -43.34 38.97
C ASN C 361 -10.89 -43.95 37.94
N LEU C 362 -11.63 -44.98 38.34
CA LEU C 362 -12.47 -45.66 37.35
C LEU C 362 -13.58 -44.75 36.88
N ARG C 363 -14.18 -44.02 37.81
CA ARG C 363 -15.24 -43.11 37.42
C ARG C 363 -14.69 -41.98 36.55
N ALA C 364 -13.41 -41.67 36.74
CA ALA C 364 -12.75 -40.66 35.92
C ALA C 364 -12.68 -41.12 34.48
N LEU C 365 -12.19 -42.34 34.28
CA LEU C 365 -12.08 -42.85 32.91
C LEU C 365 -13.47 -43.02 32.32
N MET C 366 -14.41 -43.35 33.20
CA MET C 366 -15.79 -43.57 32.84
C MET C 366 -16.49 -42.30 32.32
N GLU C 367 -16.13 -41.15 32.87
CA GLU C 367 -16.81 -39.91 32.49
C GLU C 367 -16.19 -39.09 31.34
N ALA C 368 -14.97 -39.43 30.93
CA ALA C 368 -14.22 -38.56 30.01
C ALA C 368 -14.80 -38.37 28.61
N ASN C 369 -15.49 -39.39 28.11
CA ASN C 369 -16.14 -39.32 26.80
C ASN C 369 -15.23 -38.89 25.67
N VAL C 370 -13.96 -39.28 25.76
CA VAL C 370 -13.05 -39.03 24.66
C VAL C 370 -13.37 -39.99 23.51
N THR C 371 -13.79 -39.43 22.38
CA THR C 371 -14.08 -40.25 21.21
C THR C 371 -12.96 -40.09 20.16
N ALA C 372 -13.13 -40.74 19.03
CA ALA C 372 -12.16 -40.61 17.95
C ALA C 372 -12.19 -39.22 17.35
N ASP C 373 -13.35 -38.56 17.39
CA ASP C 373 -13.52 -37.26 16.74
C ASP C 373 -12.59 -36.24 17.37
N ASP C 374 -12.35 -36.42 18.67
CA ASP C 374 -11.50 -35.49 19.41
C ASP C 374 -10.07 -35.60 18.87
N ARG C 375 -9.59 -36.83 18.77
CA ARG C 375 -8.25 -37.07 18.28
C ARG C 375 -8.10 -36.65 16.81
N ILE C 376 -9.17 -36.83 16.04
CA ILE C 376 -9.15 -36.38 14.66
C ILE C 376 -9.03 -34.86 14.65
N LYS C 377 -9.65 -34.23 15.64
CA LYS C 377 -9.58 -32.77 15.70
C LYS C 377 -8.16 -32.30 15.99
N ALA C 378 -7.48 -33.01 16.91
CA ALA C 378 -6.09 -32.64 17.17
C ALA C 378 -5.20 -32.91 15.96
N LEU C 379 -5.44 -34.01 15.26
CA LEU C 379 -4.61 -34.33 14.10
C LEU C 379 -4.80 -33.30 13.02
N GLN C 380 -6.02 -32.80 12.92
CA GLN C 380 -6.30 -31.80 11.90
C GLN C 380 -5.65 -30.48 12.28
N ALA C 381 -5.55 -30.22 13.59
CA ALA C 381 -4.88 -29.00 14.02
C ALA C 381 -3.41 -29.02 13.67
N HIS C 382 -2.80 -30.19 13.66
CA HIS C 382 -1.39 -30.31 13.31
C HIS C 382 -1.14 -30.78 11.89
N SER C 383 -2.07 -30.44 10.99
CA SER C 383 -1.93 -30.87 9.62
C SER C 383 -2.16 -29.73 8.64
N MET C 384 -1.59 -29.87 7.45
CA MET C 384 -1.63 -28.83 6.43
C MET C 384 -3.10 -28.55 6.16
N ILE C 385 -3.43 -27.30 5.88
CA ILE C 385 -4.77 -26.79 6.19
C ILE C 385 -5.96 -27.51 5.53
N SER C 386 -5.79 -28.10 4.36
CA SER C 386 -6.93 -28.82 3.77
C SER C 386 -6.94 -30.35 3.90
N THR C 387 -6.08 -30.91 4.76
CA THR C 387 -6.00 -32.36 4.90
C THR C 387 -7.34 -32.95 5.33
N GLN C 388 -7.69 -34.09 4.76
CA GLN C 388 -8.91 -34.77 5.15
C GLN C 388 -8.61 -36.02 5.95
N PHE C 389 -9.29 -36.20 7.07
CA PHE C 389 -9.11 -37.42 7.85
C PHE C 389 -10.31 -38.35 7.75
N HIS C 390 -10.01 -39.64 7.65
CA HIS C 390 -11.05 -40.63 7.51
C HIS C 390 -10.72 -41.82 8.36
N GLY C 391 -11.76 -42.54 8.79
CA GLY C 391 -11.55 -43.82 9.43
C GLY C 391 -12.67 -44.22 10.34
N PRO C 392 -12.41 -44.15 11.65
CA PRO C 392 -13.25 -44.66 12.73
C PRO C 392 -14.56 -43.88 12.82
N ASN C 393 -15.60 -44.49 13.38
CA ASN C 393 -16.81 -43.73 13.64
C ASN C 393 -16.50 -42.60 14.60
N GLN C 394 -17.14 -41.45 14.41
CA GLN C 394 -16.85 -40.28 15.25
C GLN C 394 -17.10 -40.55 16.71
N GLY C 395 -18.02 -41.46 17.00
CA GLY C 395 -18.38 -41.73 18.37
C GLY C 395 -17.46 -42.69 19.08
N ALA C 396 -16.53 -43.29 18.32
CA ALA C 396 -15.74 -44.41 18.84
C ALA C 396 -14.99 -43.98 20.09
N LEU C 397 -15.29 -44.65 21.18
CA LEU C 397 -14.86 -44.17 22.48
C LEU C 397 -13.42 -44.59 22.79
N ARG C 398 -12.49 -43.65 22.62
CA ARG C 398 -11.13 -43.89 23.07
C ARG C 398 -11.11 -43.88 24.61
N PRO C 399 -10.61 -44.98 25.19
CA PRO C 399 -10.56 -45.13 26.65
C PRO C 399 -9.36 -44.44 27.27
N GLU C 400 -9.44 -43.12 27.38
CA GLU C 400 -8.39 -42.33 27.97
C GLU C 400 -9.03 -41.06 28.52
N LEU C 401 -8.35 -40.41 29.46
CA LEU C 401 -8.87 -39.18 30.05
C LEU C 401 -8.90 -38.03 29.06
N ALA C 402 -9.89 -37.17 29.21
CA ALA C 402 -10.03 -35.99 28.37
C ALA C 402 -8.84 -35.06 28.54
N PHE C 403 -8.36 -34.51 27.43
CA PHE C 403 -7.26 -33.56 27.46
C PHE C 403 -7.71 -32.29 28.18
N ASP C 404 -7.08 -31.99 29.31
CA ASP C 404 -7.58 -30.94 30.20
C ASP C 404 -7.07 -29.58 29.74
N HIS C 405 -7.89 -28.89 28.96
CA HIS C 405 -7.46 -27.62 28.38
C HIS C 405 -7.12 -26.63 29.48
N ASP C 406 -7.94 -26.63 30.53
CA ASP C 406 -7.81 -25.66 31.60
C ASP C 406 -6.53 -25.89 32.41
N HIS C 407 -6.33 -27.15 32.80
CA HIS C 407 -5.15 -27.49 33.57
C HIS C 407 -3.86 -27.30 32.79
N ILE C 408 -3.90 -27.54 31.49
CA ILE C 408 -2.71 -27.40 30.68
C ILE C 408 -2.38 -25.94 30.40
N ILE C 409 -3.39 -25.10 30.18
CA ILE C 409 -3.08 -23.70 30.02
C ILE C 409 -2.57 -23.11 31.34
N ARG C 410 -3.11 -23.57 32.46
CA ARG C 410 -2.61 -23.11 33.74
C ARG C 410 -1.15 -23.54 33.95
N CYS C 411 -0.86 -24.82 33.76
CA CYS C 411 0.49 -25.33 33.95
C CYS C 411 1.48 -24.72 32.98
N LEU C 412 1.01 -24.37 31.78
CA LEU C 412 1.86 -23.66 30.83
C LEU C 412 2.17 -22.24 31.30
N MET C 413 1.19 -21.59 31.92
CA MET C 413 1.45 -20.27 32.45
C MET C 413 2.46 -20.37 33.58
N LEU C 414 2.34 -21.43 34.37
CA LEU C 414 3.25 -21.65 35.48
C LEU C 414 4.67 -21.90 34.96
N ALA C 415 4.77 -22.71 33.92
CA ALA C 415 6.06 -23.03 33.35
C ALA C 415 6.68 -21.77 32.77
N ALA C 416 5.87 -20.96 32.10
CA ALA C 416 6.37 -19.74 31.48
C ALA C 416 6.86 -18.75 32.54
N ALA C 417 6.18 -18.73 33.68
CA ALA C 417 6.69 -17.93 34.80
C ALA C 417 7.97 -18.50 35.41
N ASN C 418 8.14 -19.82 35.38
CA ASN C 418 9.27 -20.43 36.11
C ASN C 418 10.35 -21.19 35.34
N TYR C 419 10.01 -21.73 34.17
CA TYR C 419 10.93 -22.60 33.45
C TYR C 419 11.35 -21.94 32.15
N PRO C 420 12.55 -21.35 32.14
CA PRO C 420 13.09 -20.57 31.01
C PRO C 420 13.18 -21.39 29.73
N ARG C 421 13.44 -22.68 29.88
CA ARG C 421 13.66 -23.54 28.72
C ARG C 421 12.41 -23.72 27.88
N LEU C 422 11.26 -23.42 28.49
CA LEU C 422 9.97 -23.69 27.86
C LEU C 422 9.86 -22.99 26.52
N GLU C 423 10.29 -21.73 26.48
CA GLU C 423 10.24 -20.97 25.25
C GLU C 423 10.93 -21.79 24.20
N GLY C 424 12.18 -22.15 24.48
CA GLY C 424 13.00 -22.84 23.50
C GLY C 424 12.37 -24.16 23.18
N ILE C 425 11.79 -24.80 24.20
CA ILE C 425 11.20 -26.12 24.03
C ILE C 425 10.17 -26.04 22.94
N ILE C 426 9.27 -25.08 23.11
CA ILE C 426 8.18 -24.93 22.16
C ILE C 426 8.74 -24.54 20.82
N VAL C 427 9.74 -23.65 20.84
CA VAL C 427 10.32 -23.20 19.60
C VAL C 427 10.92 -24.39 18.86
N GLN C 428 11.52 -25.34 19.58
CA GLN C 428 12.19 -26.42 18.88
C GLN C 428 11.17 -27.20 18.09
N ILE C 429 9.98 -27.37 18.67
CA ILE C 429 8.92 -28.10 18.00
C ILE C 429 8.61 -27.39 16.68
N ASN C 430 8.38 -26.09 16.76
CA ASN C 430 8.06 -25.35 15.57
C ASN C 430 9.22 -25.40 14.58
N THR C 431 10.45 -25.30 15.09
CA THR C 431 11.59 -25.29 14.21
C THR C 431 11.56 -26.61 13.48
N GLY C 432 11.33 -27.67 14.25
CA GLY C 432 11.38 -29.01 13.69
C GLY C 432 10.27 -29.15 12.67
N TYR C 433 9.11 -28.57 12.98
CA TYR C 433 8.02 -28.72 12.03
C TYR C 433 8.35 -28.01 10.74
N VAL C 434 8.98 -26.84 10.84
CA VAL C 434 9.29 -26.08 9.66
C VAL C 434 10.22 -26.95 8.83
N ALA C 435 11.17 -27.60 9.50
CA ALA C 435 12.14 -28.40 8.80
C ALA C 435 11.45 -29.57 8.09
N SER C 436 10.40 -30.11 8.69
CA SER C 436 9.77 -31.28 8.11
C SER C 436 8.93 -30.89 6.91
N ALA C 437 8.55 -29.61 6.84
CA ALA C 437 7.68 -29.19 5.75
C ALA C 437 8.47 -28.99 4.46
N ASN C 438 9.79 -28.93 4.60
CA ASN C 438 10.71 -28.69 3.49
C ASN C 438 10.47 -27.38 2.75
N VAL C 439 9.99 -26.35 3.45
CA VAL C 439 9.60 -25.11 2.80
C VAL C 439 10.73 -24.30 2.22
N ILE C 440 11.92 -24.38 2.83
CA ILE C 440 13.06 -23.61 2.37
C ILE C 440 14.36 -24.38 2.60
N ARG C 441 15.30 -24.23 1.69
CA ARG C 441 16.62 -24.83 1.83
C ARG C 441 17.63 -23.78 1.40
N PRO C 442 18.81 -23.79 2.04
CA PRO C 442 19.84 -22.82 1.67
C PRO C 442 20.70 -23.31 0.50
N VAL C 443 20.56 -22.69 -0.67
CA VAL C 443 21.43 -22.97 -1.79
C VAL C 443 22.80 -22.29 -1.64
N SER C 444 23.82 -22.87 -2.25
CA SER C 444 25.18 -22.32 -2.18
C SER C 444 25.39 -20.99 -2.90
N GLU C 445 24.62 -20.73 -3.96
CA GLU C 445 24.90 -19.60 -4.84
C GLU C 445 24.15 -18.30 -4.50
N LYS C 446 24.86 -17.36 -3.89
CA LYS C 446 24.27 -16.08 -3.49
C LYS C 446 23.85 -15.28 -4.71
N ARG C 447 22.70 -14.62 -4.62
CA ARG C 447 22.21 -13.82 -5.74
C ARG C 447 22.02 -12.36 -5.37
N TYR C 448 22.92 -11.83 -4.54
CA TYR C 448 22.78 -10.49 -4.01
C TYR C 448 22.92 -9.37 -5.03
N PHE C 449 23.67 -9.62 -6.11
CA PHE C 449 23.94 -8.54 -7.05
C PHE C 449 23.58 -8.89 -8.49
N PRO C 450 23.26 -7.86 -9.29
CA PRO C 450 23.12 -8.00 -10.74
C PRO C 450 24.48 -8.39 -11.29
N GLU C 451 24.48 -9.15 -12.39
CA GLU C 451 25.73 -9.50 -13.04
C GLU C 451 26.47 -8.20 -13.38
N ASN C 452 27.80 -8.24 -13.22
CA ASN C 452 28.71 -7.12 -13.49
C ASN C 452 28.78 -6.06 -12.39
N LEU C 453 27.65 -5.77 -11.74
CA LEU C 453 27.64 -4.74 -10.70
C LEU C 453 28.53 -5.10 -9.52
N GLU C 454 28.71 -6.39 -9.25
CA GLU C 454 29.59 -6.79 -8.16
C GLU C 454 31.03 -6.44 -8.49
N GLN C 455 31.42 -6.67 -9.74
CA GLN C 455 32.79 -6.40 -10.20
C GLN C 455 32.99 -4.97 -10.69
N ASN C 456 31.91 -4.21 -10.77
CA ASN C 456 32.00 -2.79 -11.12
C ASN C 456 32.74 -2.01 -10.05
N GLN C 457 33.66 -1.15 -10.47
CA GLN C 457 34.54 -0.44 -9.55
C GLN C 457 33.88 0.68 -8.75
N SER C 458 32.86 1.32 -9.31
CA SER C 458 32.19 2.42 -8.62
C SER C 458 31.08 1.91 -7.71
N ALA C 459 30.77 0.62 -7.84
CA ALA C 459 29.73 0.00 -7.01
C ALA C 459 30.27 -0.49 -5.66
N ALA C 460 31.58 -0.41 -5.48
CA ALA C 460 32.25 -1.11 -4.38
C ALA C 460 31.77 -0.70 -3.00
N ARG C 461 31.33 0.53 -2.83
CA ARG C 461 30.82 0.93 -1.54
C ARG C 461 29.52 0.22 -1.24
N LEU C 462 28.61 0.25 -2.21
CA LEU C 462 27.32 -0.41 -2.06
C LEU C 462 27.52 -1.91 -1.87
N VAL C 463 28.38 -2.50 -2.69
CA VAL C 463 28.64 -3.93 -2.59
C VAL C 463 29.26 -4.30 -1.25
N SER C 464 30.13 -3.43 -0.73
CA SER C 464 30.72 -3.69 0.58
C SER C 464 29.64 -3.62 1.63
N ALA C 465 28.64 -2.77 1.40
CA ALA C 465 27.58 -2.57 2.37
C ALA C 465 26.65 -3.77 2.42
N VAL C 466 26.24 -4.23 1.23
CA VAL C 466 25.38 -5.39 1.11
C VAL C 466 26.10 -6.63 1.61
N LYS C 467 27.41 -6.70 1.37
CA LYS C 467 28.19 -7.79 1.93
C LYS C 467 28.26 -7.69 3.45
N ALA C 468 28.20 -6.45 3.95
CA ALA C 468 28.21 -6.22 5.39
C ALA C 468 26.92 -6.65 6.03
N ARG C 469 25.84 -6.69 5.26
CA ARG C 469 24.57 -7.16 5.82
C ARG C 469 24.15 -8.58 5.45
N ALA C 470 24.76 -9.15 4.43
CA ALA C 470 24.31 -10.44 3.90
C ALA C 470 24.89 -11.64 4.64
N SER C 471 24.24 -12.02 5.74
CA SER C 471 24.64 -13.21 6.47
C SER C 471 24.43 -14.48 5.64
N GLU C 472 25.37 -15.42 5.74
CA GLU C 472 25.29 -16.68 5.00
C GLU C 472 24.09 -17.51 5.45
N ALA C 473 23.41 -18.13 4.49
CA ALA C 473 22.26 -18.97 4.80
C ALA C 473 22.63 -20.20 5.61
N ASP C 474 21.86 -20.45 6.66
CA ASP C 474 22.08 -21.57 7.57
C ASP C 474 20.72 -22.12 7.94
N ILE C 475 20.50 -23.42 7.73
CA ILE C 475 19.15 -23.97 7.84
C ILE C 475 18.57 -23.79 9.22
N SER C 476 19.42 -23.88 10.23
CA SER C 476 18.96 -23.76 11.60
C SER C 476 18.46 -22.35 11.86
N SER C 477 19.25 -21.37 11.41
CA SER C 477 18.93 -19.97 11.65
C SER C 477 17.67 -19.54 10.91
N ILE C 478 17.49 -20.09 9.71
CA ILE C 478 16.33 -19.73 8.92
C ILE C 478 15.07 -20.40 9.46
N HIS C 479 15.18 -21.70 9.75
CA HIS C 479 14.06 -22.46 10.24
C HIS C 479 13.61 -21.85 11.53
N LEU C 480 14.57 -21.41 12.33
CA LEU C 480 14.26 -20.77 13.58
C LEU C 480 13.58 -19.44 13.31
N ALA C 481 14.08 -18.70 12.32
CA ALA C 481 13.58 -17.35 12.08
C ALA C 481 12.13 -17.40 11.69
N ILE C 482 11.77 -18.45 10.96
CA ILE C 482 10.40 -18.65 10.51
C ILE C 482 9.55 -19.18 11.64
N ALA C 483 10.09 -20.14 12.37
CA ALA C 483 9.34 -20.83 13.40
C ALA C 483 8.98 -19.88 14.53
N ARG C 484 9.87 -18.92 14.78
CA ARG C 484 9.74 -18.06 15.94
C ARG C 484 8.63 -17.05 15.74
N GLU C 485 8.23 -16.87 14.48
CA GLU C 485 7.17 -15.94 14.13
C GLU C 485 5.87 -16.36 14.82
N VAL C 486 5.68 -17.66 15.02
CA VAL C 486 4.46 -18.15 15.66
C VAL C 486 4.62 -18.51 17.14
N SER C 487 5.84 -18.85 17.54
CA SER C 487 6.09 -19.36 18.88
C SER C 487 5.89 -18.25 19.89
N PRO C 488 5.35 -18.59 21.07
CA PRO C 488 5.17 -17.65 22.18
C PRO C 488 6.50 -17.08 22.65
N MET C 489 6.53 -15.81 23.02
CA MET C 489 7.75 -15.18 23.48
C MET C 489 7.62 -14.81 24.95
N PHE C 490 8.60 -15.19 25.76
CA PHE C 490 8.48 -14.95 27.20
C PHE C 490 9.50 -13.94 27.72
N ASN C 491 10.73 -14.05 27.26
CA ASN C 491 11.67 -12.96 27.47
C ASN C 491 11.52 -12.01 26.30
N VAL C 492 11.34 -10.72 26.58
CA VAL C 492 11.12 -9.75 25.52
C VAL C 492 12.30 -9.79 24.56
N HIS C 493 12.02 -9.85 23.27
CA HIS C 493 13.07 -9.87 22.25
C HIS C 493 13.74 -8.52 22.06
N GLU C 494 15.01 -8.53 21.71
CA GLU C 494 15.76 -7.31 21.42
C GLU C 494 16.36 -7.43 20.03
N LEU C 495 16.33 -6.33 19.30
CA LEU C 495 17.03 -6.27 18.03
C LEU C 495 18.51 -6.40 18.30
N LYS C 496 19.21 -7.22 17.52
CA LYS C 496 20.66 -7.16 17.52
C LYS C 496 20.96 -5.79 16.96
N LYS C 497 21.67 -4.96 17.72
CA LYS C 497 21.81 -3.55 17.34
C LYS C 497 22.66 -3.31 16.09
N ILE C 498 22.27 -2.31 15.30
CA ILE C 498 22.99 -1.96 14.09
C ILE C 498 23.53 -0.54 14.22
N ALA C 499 24.84 -0.37 14.03
CA ALA C 499 25.43 0.95 14.02
C ALA C 499 25.46 1.47 12.59
N GLU C 500 24.50 2.33 12.25
CA GLU C 500 24.47 2.89 10.90
C GLU C 500 24.21 4.39 10.93
N SER C 501 25.18 5.16 10.44
CA SER C 501 25.09 6.62 10.45
C SER C 501 24.26 7.15 9.29
N PHE C 502 23.98 6.27 8.33
CA PHE C 502 23.22 6.63 7.13
C PHE C 502 23.80 7.80 6.35
N GLU C 503 25.12 7.83 6.17
CA GLU C 503 25.77 8.80 5.31
C GLU C 503 25.63 8.40 3.84
N ASP C 504 26.21 7.25 3.49
CA ASP C 504 26.19 6.78 2.12
C ASP C 504 24.77 6.44 1.71
N PRO C 505 24.45 6.60 0.43
CA PRO C 505 23.19 6.10 -0.13
C PRO C 505 23.03 4.60 0.11
N SER C 506 24.14 3.87 0.10
CA SER C 506 24.11 2.43 0.30
C SER C 506 23.58 2.05 1.67
N SER C 507 23.58 3.00 2.60
CA SER C 507 23.03 2.79 3.93
C SER C 507 21.55 2.45 3.86
N ILE C 508 20.91 2.81 2.74
CA ILE C 508 19.50 2.50 2.54
C ILE C 508 19.29 0.99 2.64
N VAL C 509 20.33 0.21 2.41
CA VAL C 509 20.26 -1.25 2.56
C VAL C 509 19.65 -1.60 3.90
N VAL C 510 20.16 -0.97 4.96
CA VAL C 510 19.69 -1.30 6.29
C VAL C 510 18.20 -1.05 6.41
N VAL C 511 17.73 0.04 5.81
CA VAL C 511 16.30 0.35 5.89
C VAL C 511 15.53 -0.77 5.24
N LEU C 512 16.01 -1.19 4.08
CA LEU C 512 15.33 -2.23 3.33
C LEU C 512 15.38 -3.52 4.12
N GLU C 513 16.46 -3.69 4.88
CA GLU C 513 16.64 -4.91 5.66
C GLU C 513 15.51 -4.99 6.67
N PHE C 514 15.06 -3.85 7.18
CA PHE C 514 13.94 -3.85 8.11
C PHE C 514 12.61 -4.08 7.40
N ILE C 515 12.48 -3.50 6.23
CA ILE C 515 11.22 -3.58 5.52
C ILE C 515 10.96 -5.05 5.21
N LEU C 516 12.01 -5.75 4.80
CA LEU C 516 11.90 -7.16 4.47
C LEU C 516 11.50 -7.92 5.71
N PHE C 517 12.14 -7.56 6.81
CA PHE C 517 11.86 -8.18 8.08
C PHE C 517 10.43 -7.90 8.51
N ALA C 518 9.94 -6.72 8.14
CA ALA C 518 8.56 -6.37 8.44
C ALA C 518 7.58 -7.21 7.64
N LEU C 519 7.99 -7.65 6.46
CA LEU C 519 7.07 -8.37 5.58
C LEU C 519 7.13 -9.87 5.78
N PHE C 520 8.35 -10.41 5.74
CA PHE C 520 8.56 -11.83 5.95
C PHE C 520 8.19 -12.26 7.37
N PHE C 521 8.40 -11.38 8.35
CA PHE C 521 8.11 -11.72 9.74
C PHE C 521 7.40 -10.62 10.51
N PRO C 522 6.13 -10.34 10.18
CA PRO C 522 5.46 -9.19 10.82
C PRO C 522 5.37 -9.24 12.36
N THR C 523 5.19 -10.42 12.94
CA THR C 523 4.99 -10.52 14.39
C THR C 523 6.24 -10.17 15.19
N GLU C 524 7.32 -10.85 14.82
CA GLU C 524 8.61 -10.67 15.47
C GLU C 524 9.07 -9.21 15.28
N PHE C 525 8.66 -8.65 14.14
CA PHE C 525 8.86 -7.24 13.90
C PHE C 525 8.14 -6.43 14.96
N ASN C 526 6.87 -6.76 15.20
CA ASN C 526 6.07 -5.98 16.15
C ASN C 526 6.73 -6.03 17.50
N ARG C 527 7.43 -7.13 17.77
CA ARG C 527 8.16 -7.21 19.03
C ARG C 527 9.36 -6.26 19.07
N ILE C 528 10.19 -6.27 18.03
CA ILE C 528 11.42 -5.45 18.10
C ILE C 528 11.33 -4.06 17.48
N LYS C 529 10.12 -3.60 17.21
CA LYS C 529 9.95 -2.43 16.38
C LYS C 529 10.47 -1.11 16.96
N GLY C 530 10.43 -0.92 18.26
CA GLY C 530 10.95 0.33 18.80
C GLY C 530 12.47 0.34 18.68
N ASP C 531 13.06 -0.82 18.91
CA ASP C 531 14.50 -0.97 18.82
C ASP C 531 14.93 -0.84 17.37
N ILE C 532 14.01 -1.08 16.44
CA ILE C 532 14.21 -0.68 15.04
C ILE C 532 14.06 0.84 14.84
N GLN C 533 13.11 1.43 15.58
CA GLN C 533 12.81 2.83 15.45
C GLN C 533 14.01 3.68 15.84
N ASN C 534 14.81 3.16 16.77
CA ASN C 534 16.04 3.87 17.15
C ASN C 534 17.01 4.01 16.00
N VAL C 535 17.04 3.01 15.12
CA VAL C 535 17.89 3.05 13.92
C VAL C 535 17.27 3.95 12.84
N LEU C 536 15.98 3.71 12.59
CA LEU C 536 15.28 4.46 11.57
C LEU C 536 15.25 5.95 11.86
N LEU C 537 15.27 6.33 13.12
CA LEU C 537 15.34 7.74 13.48
C LEU C 537 16.64 8.39 13.10
N LEU C 538 17.74 7.63 13.16
CA LEU C 538 19.01 8.15 12.69
C LEU C 538 18.86 8.35 11.21
N PHE C 539 18.23 7.37 10.54
CA PHE C 539 18.05 7.46 9.09
C PHE C 539 17.18 8.64 8.68
N PHE C 540 16.18 8.97 9.48
CA PHE C 540 15.29 10.07 9.14
C PHE C 540 15.95 11.41 9.40
N SER C 541 16.62 11.53 10.55
CA SER C 541 17.30 12.77 10.88
C SER C 541 18.40 13.06 9.86
N ARG C 542 18.99 12.02 9.31
CA ARG C 542 20.09 12.20 8.35
C ARG C 542 19.61 12.35 6.91
N TRP C 543 18.49 11.71 6.56
CA TRP C 543 17.96 11.77 5.20
C TRP C 543 16.82 12.76 5.00
N TYR C 544 15.95 12.91 5.99
CA TYR C 544 14.84 13.85 5.87
C TYR C 544 14.78 14.73 7.11
N PRO C 545 15.79 15.59 7.27
CA PRO C 545 15.96 16.31 8.54
C PRO C 545 14.78 17.18 8.96
N VAL C 546 14.10 17.84 8.02
CA VAL C 546 13.04 18.76 8.41
C VAL C 546 11.79 17.98 8.84
N GLU C 547 11.46 16.97 8.04
CA GLU C 547 10.32 16.12 8.33
C GLU C 547 10.61 15.45 9.65
N TYR C 548 11.89 15.14 9.86
CA TYR C 548 12.31 14.52 11.10
C TYR C 548 12.00 15.46 12.25
N GLY C 549 12.36 16.73 12.09
CA GLY C 549 12.21 17.67 13.18
C GLY C 549 10.75 17.82 13.54
N ILE C 550 9.87 17.78 12.55
CA ILE C 550 8.44 17.88 12.84
C ILE C 550 7.94 16.64 13.58
N PHE C 551 8.34 15.48 13.08
CA PHE C 551 7.88 14.22 13.68
C PHE C 551 8.32 14.11 15.14
N VAL C 552 9.60 14.32 15.38
CA VAL C 552 10.14 14.24 16.74
C VAL C 552 9.57 15.36 17.60
N GLN C 553 9.19 16.47 16.98
CA GLN C 553 8.52 17.50 17.76
C GLN C 553 7.17 17.00 18.25
N ARG C 554 6.51 16.14 17.47
CA ARG C 554 5.26 15.57 17.97
C ARG C 554 5.49 14.61 19.11
N GLY C 555 6.67 13.98 19.11
CA GLY C 555 7.00 13.02 20.15
C GLY C 555 7.40 11.68 19.54
N ALA C 556 8.38 11.04 20.17
CA ALA C 556 8.94 9.79 19.66
C ALA C 556 8.10 8.59 20.07
N THR C 557 7.12 8.83 20.92
CA THR C 557 6.33 7.75 21.50
C THR C 557 4.92 8.23 21.77
N TYR C 558 4.03 7.29 22.08
CA TYR C 558 2.66 7.64 22.44
C TYR C 558 1.97 6.55 23.23
N THR C 559 0.88 6.93 23.88
CA THR C 559 0.03 5.96 24.56
C THR C 559 -1.31 5.94 23.84
N ILE C 560 -2.22 5.12 24.34
CA ILE C 560 -3.56 5.05 23.77
C ILE C 560 -4.62 5.14 24.87
N ASN C 561 -5.29 6.30 24.95
CA ASN C 561 -6.32 6.52 25.96
C ASN C 561 -7.54 5.64 25.72
N ALA C 562 -8.48 5.67 26.66
CA ALA C 562 -9.64 4.78 26.62
C ALA C 562 -10.49 5.00 25.36
N ALA C 563 -10.48 6.23 24.85
CA ALA C 563 -11.17 6.54 23.60
C ALA C 563 -10.55 5.80 22.41
N GLY C 564 -9.28 5.44 22.55
CA GLY C 564 -8.52 4.83 21.48
C GLY C 564 -7.68 5.84 20.71
N GLU C 565 -7.88 7.12 20.99
CA GLU C 565 -7.06 8.16 20.39
C GLU C 565 -5.62 8.04 20.85
N PHE C 566 -4.67 8.26 19.94
CA PHE C 566 -3.27 8.23 20.31
C PHE C 566 -2.89 9.50 21.05
N GLU C 567 -1.95 9.40 21.96
CA GLU C 567 -1.50 10.56 22.70
C GLU C 567 0.03 10.58 22.72
N PHE C 568 0.62 11.40 21.84
CA PHE C 568 2.07 11.46 21.69
C PHE C 568 2.75 12.27 22.79
N SER C 569 3.98 11.89 23.12
CA SER C 569 4.70 12.45 24.26
C SER C 569 5.07 13.91 24.12
N GLY C 570 5.35 14.32 22.89
CA GLY C 570 5.90 15.65 22.65
C GLY C 570 7.40 15.63 22.87
N ARG C 571 7.92 14.48 23.26
CA ARG C 571 9.32 14.38 23.66
C ARG C 571 10.12 13.39 22.84
N ASN C 572 11.38 13.75 22.60
CA ASN C 572 12.31 12.83 21.99
C ASN C 572 12.99 12.03 23.11
N GLU C 573 13.03 10.72 22.94
CA GLU C 573 13.74 9.86 23.88
C GLU C 573 14.11 8.57 23.18
N LYS C 574 15.29 8.02 23.48
CA LYS C 574 15.63 6.70 22.95
C LYS C 574 14.73 5.64 23.53
N TRP C 575 14.25 4.77 22.66
CA TRP C 575 13.38 3.67 23.06
C TRP C 575 14.23 2.56 23.66
N ASP C 576 13.63 1.80 24.58
CA ASP C 576 14.28 0.62 25.12
C ASP C 576 13.20 -0.45 25.17
N GLN C 577 13.58 -1.72 25.09
CA GLN C 577 12.56 -2.77 25.05
C GLN C 577 11.91 -2.92 26.41
N ALA C 578 12.43 -2.17 27.37
CA ALA C 578 11.79 -2.02 28.67
C ALA C 578 10.40 -1.44 28.43
N LEU C 579 10.25 -0.71 27.34
CA LEU C 579 8.97 -0.15 26.99
C LEU C 579 7.99 -1.09 26.29
N TYR C 580 8.46 -2.26 25.85
CA TYR C 580 7.58 -3.16 25.10
C TYR C 580 6.41 -3.64 25.97
N LEU C 581 6.65 -3.69 27.28
CA LEU C 581 5.65 -4.18 28.22
C LEU C 581 4.90 -3.05 28.91
N SER C 582 4.92 -1.85 28.32
CA SER C 582 4.25 -0.70 28.93
C SER C 582 3.22 -0.05 28.01
N GLU C 583 2.64 1.04 28.50
CA GLU C 583 1.60 1.77 27.78
C GLU C 583 2.13 2.40 26.49
N HIS C 584 3.42 2.71 26.47
CA HIS C 584 4.04 3.46 25.37
C HIS C 584 4.27 2.66 24.08
N PHE C 585 4.18 3.35 22.95
CA PHE C 585 4.38 2.75 21.64
C PHE C 585 5.36 3.61 20.90
N PRO C 586 6.20 3.00 20.05
CA PRO C 586 7.08 3.80 19.19
C PRO C 586 6.20 4.64 18.26
N ALA C 587 6.54 5.89 18.01
CA ALA C 587 5.61 6.75 17.28
C ALA C 587 5.69 6.56 15.78
N LEU C 588 6.79 5.98 15.31
CA LEU C 588 6.99 5.80 13.87
C LEU C 588 5.93 4.88 13.25
N PHE C 589 5.35 4.02 14.07
CA PHE C 589 4.35 3.09 13.59
C PHE C 589 2.96 3.46 14.04
N SER C 590 2.79 4.72 14.44
CA SER C 590 1.47 5.20 14.81
C SER C 590 0.56 5.14 13.60
N ASP C 591 1.15 5.32 12.42
CA ASP C 591 0.42 5.44 11.17
C ASP C 591 -0.61 6.57 11.21
N VAL C 592 -0.33 7.55 12.06
CA VAL C 592 -1.12 8.78 12.11
C VAL C 592 -0.45 9.81 11.21
N PRO C 593 -1.19 10.33 10.21
CA PRO C 593 -0.62 11.34 9.33
C PRO C 593 -0.25 12.60 10.10
N LEU C 594 0.84 13.25 9.69
CA LEU C 594 1.33 14.46 10.35
C LEU C 594 1.46 15.57 9.33
N ALA C 595 1.36 16.82 9.80
CA ALA C 595 1.21 17.97 8.90
C ALA C 595 2.36 18.17 7.92
N GLY C 596 3.58 17.80 8.31
CA GLY C 596 4.74 18.09 7.48
C GLY C 596 5.78 17.00 7.39
N ALA C 597 5.49 15.85 7.97
CA ALA C 597 6.43 14.73 7.95
C ALA C 597 5.97 13.67 6.96
N ASN C 598 5.35 14.10 5.88
CA ASN C 598 4.67 13.18 4.99
C ASN C 598 5.58 12.15 4.32
N THR C 599 6.81 12.52 3.98
CA THR C 599 7.73 11.53 3.38
C THR C 599 8.08 10.46 4.41
N ILE C 600 8.12 10.88 5.67
CA ILE C 600 8.41 9.97 6.76
C ILE C 600 7.25 9.02 6.97
N ILE C 601 6.04 9.55 7.01
CA ILE C 601 4.88 8.71 7.25
C ILE C 601 4.71 7.76 6.08
N ALA C 602 4.87 8.29 4.87
CA ALA C 602 4.68 7.50 3.66
C ALA C 602 5.72 6.39 3.54
N ILE C 603 6.93 6.65 4.00
CA ILE C 603 7.91 5.57 4.08
C ILE C 603 7.52 4.58 5.19
N MET C 604 6.94 5.08 6.27
CA MET C 604 6.54 4.20 7.36
C MET C 604 5.45 3.24 6.94
N ARG C 605 4.64 3.64 5.98
CA ARG C 605 3.60 2.76 5.47
C ARG C 605 4.20 1.57 4.74
N LEU C 606 5.46 1.70 4.31
CA LEU C 606 6.16 0.59 3.65
C LEU C 606 6.30 -0.56 4.62
N PHE C 607 6.18 -0.28 5.91
CA PHE C 607 6.25 -1.33 6.92
C PHE C 607 4.95 -2.08 7.19
N THR C 608 3.82 -1.63 6.64
CA THR C 608 2.53 -2.25 6.99
C THR C 608 2.47 -3.70 6.53
N PRO C 609 2.14 -4.61 7.46
CA PRO C 609 2.13 -6.06 7.20
C PRO C 609 1.10 -6.43 6.15
N GLN C 610 1.44 -7.43 5.32
CA GLN C 610 0.64 -7.73 4.13
C GLN C 610 -0.22 -8.99 4.19
N GLY C 611 -0.28 -9.62 5.35
CA GLY C 611 -1.10 -10.81 5.53
C GLY C 611 -2.48 -10.53 6.09
N PHE C 612 -2.93 -11.39 7.00
CA PHE C 612 -4.26 -11.27 7.59
C PHE C 612 -4.34 -11.99 8.92
N LEU C 613 -5.30 -11.58 9.75
CA LEU C 613 -5.44 -12.14 11.09
C LEU C 613 -6.30 -13.39 11.07
N ARG C 614 -5.67 -14.54 10.90
CA ARG C 614 -6.38 -15.81 10.93
C ARG C 614 -6.83 -16.14 12.34
N THR C 615 -8.08 -16.62 12.48
CA THR C 615 -8.51 -17.18 13.75
C THR C 615 -8.00 -18.61 13.83
N ASP C 616 -7.65 -19.07 15.04
CA ASP C 616 -7.12 -20.42 15.18
C ASP C 616 -8.22 -21.46 15.32
N ASP C 617 -9.02 -21.63 14.27
CA ASP C 617 -10.21 -22.46 14.33
C ASP C 617 -9.93 -23.93 14.61
N LEU C 618 -8.87 -24.48 14.02
CA LEU C 618 -8.59 -25.89 14.20
C LEU C 618 -8.20 -26.19 15.63
N ALA C 619 -7.52 -25.22 16.26
CA ALA C 619 -7.02 -25.38 17.62
C ALA C 619 -8.14 -25.15 18.65
N ILE C 620 -9.03 -24.21 18.36
CA ILE C 620 -10.20 -24.02 19.18
C ILE C 620 -11.08 -25.26 19.10
N ALA C 621 -11.09 -25.89 17.94
CA ALA C 621 -11.84 -27.14 17.77
C ALA C 621 -11.25 -28.29 18.59
N ALA C 622 -9.93 -28.30 18.72
CA ALA C 622 -9.23 -29.36 19.43
C ALA C 622 -9.21 -29.13 20.94
N ASN C 623 -9.70 -27.97 21.37
CA ASN C 623 -9.61 -27.56 22.76
C ASN C 623 -8.16 -27.49 23.24
N PHE C 624 -7.28 -27.07 22.35
CA PHE C 624 -5.88 -26.86 22.69
C PHE C 624 -5.76 -25.66 23.61
N PRO C 625 -4.72 -25.64 24.45
CA PRO C 625 -4.57 -24.49 25.35
C PRO C 625 -4.36 -23.22 24.54
N ARG C 626 -4.90 -22.12 25.03
CA ARG C 626 -4.79 -20.86 24.35
C ARG C 626 -5.22 -19.77 25.32
N ALA C 627 -4.29 -18.91 25.68
CA ALA C 627 -4.53 -17.90 26.72
C ALA C 627 -5.52 -16.78 26.33
N SER C 628 -5.63 -16.49 25.03
CA SER C 628 -6.62 -15.52 24.56
C SER C 628 -8.01 -16.13 24.50
N ARG C 629 -9.04 -15.33 24.79
CA ARG C 629 -10.40 -15.86 24.68
C ARG C 629 -10.96 -15.76 23.27
N ASN C 630 -10.21 -15.07 22.40
CA ASN C 630 -10.43 -15.12 20.96
C ASN C 630 -9.10 -15.32 20.24
N PRO C 631 -8.62 -16.57 20.18
CA PRO C 631 -7.29 -16.86 19.62
C PRO C 631 -7.18 -16.45 18.16
N GLN C 632 -6.01 -15.92 17.80
CA GLN C 632 -5.74 -15.43 16.45
C GLN C 632 -4.24 -15.34 16.25
N THR C 633 -3.82 -15.46 15.00
CA THR C 633 -2.43 -15.20 14.63
C THR C 633 -2.37 -14.53 13.27
N TYR C 634 -1.46 -13.59 13.14
CA TYR C 634 -1.35 -12.83 11.91
C TYR C 634 -0.47 -13.56 10.93
N ILE C 635 -1.10 -14.22 9.96
CA ILE C 635 -0.34 -14.88 8.90
C ILE C 635 0.25 -13.80 7.99
N PRO C 636 1.55 -13.89 7.70
CA PRO C 636 2.34 -12.88 6.98
C PRO C 636 1.83 -12.54 5.59
N TYR C 637 1.28 -13.52 4.87
CA TYR C 637 0.81 -13.27 3.51
C TYR C 637 -0.18 -14.30 3.02
N THR C 638 -1.21 -13.84 2.33
CA THR C 638 -2.21 -14.71 1.73
C THR C 638 -1.68 -15.35 0.45
N ASN C 639 -2.22 -16.51 0.07
CA ASN C 639 -1.87 -17.12 -1.20
C ASN C 639 -2.45 -16.34 -2.38
N GLN C 640 -1.78 -16.44 -3.53
CA GLN C 640 -2.12 -15.68 -4.74
C GLN C 640 -3.47 -16.09 -5.32
N ARG C 641 -4.49 -15.26 -5.10
CA ARG C 641 -5.81 -15.55 -5.66
C ARG C 641 -5.89 -15.18 -7.13
N GLY C 642 -4.90 -14.43 -7.62
CA GLY C 642 -4.85 -14.06 -9.02
C GLY C 642 -4.32 -15.21 -9.85
N THR C 643 -4.38 -15.09 -11.17
CA THR C 643 -3.82 -16.12 -12.04
C THR C 643 -2.32 -15.89 -12.31
N VAL C 644 -1.92 -14.63 -12.37
CA VAL C 644 -0.52 -14.29 -12.62
C VAL C 644 0.04 -13.31 -11.60
N THR C 645 -0.72 -12.24 -11.33
CA THR C 645 -0.27 -11.25 -10.37
C THR C 645 -0.19 -11.85 -8.97
N ASN C 646 0.90 -11.56 -8.28
CA ASN C 646 1.10 -11.99 -6.91
C ASN C 646 1.23 -10.76 -6.03
N GLU C 647 0.27 -10.56 -5.14
CA GLU C 647 0.11 -9.28 -4.46
C GLU C 647 1.35 -8.90 -3.66
N PHE C 648 2.07 -9.92 -3.20
CA PHE C 648 3.24 -9.71 -2.36
C PHE C 648 4.39 -9.11 -3.18
N ALA C 649 4.70 -9.74 -4.31
CA ALA C 649 5.76 -9.23 -5.17
C ALA C 649 5.42 -7.84 -5.68
N SER C 650 4.13 -7.59 -5.91
CA SER C 650 3.70 -6.28 -6.36
C SER C 650 3.89 -5.23 -5.26
N ARG C 651 3.62 -5.60 -4.00
CA ARG C 651 3.81 -4.66 -2.92
C ARG C 651 5.29 -4.33 -2.82
N PHE C 652 6.12 -5.35 -2.97
CA PHE C 652 7.56 -5.11 -2.91
C PHE C 652 8.01 -4.26 -4.08
N ARG C 653 7.28 -4.33 -5.20
CA ARG C 653 7.58 -3.46 -6.33
C ARG C 653 7.33 -2.03 -5.92
N THR C 654 6.21 -1.76 -5.27
CA THR C 654 5.98 -0.35 -4.91
C THR C 654 6.96 0.11 -3.83
N ILE C 655 7.40 -0.83 -3.01
CA ILE C 655 8.33 -0.51 -1.93
C ILE C 655 9.68 -0.11 -2.51
N VAL C 656 10.18 -0.93 -3.43
CA VAL C 656 11.43 -0.62 -4.12
C VAL C 656 11.29 0.62 -5.00
N ALA C 657 10.08 0.88 -5.49
CA ALA C 657 9.80 2.10 -6.23
C ALA C 657 10.02 3.31 -5.33
N THR C 658 9.47 3.25 -4.13
CA THR C 658 9.60 4.34 -3.18
C THR C 658 11.04 4.51 -2.77
N LEU C 659 11.71 3.40 -2.46
CA LEU C 659 13.09 3.46 -1.99
C LEU C 659 14.07 3.94 -3.05
N ALA C 660 13.80 3.60 -4.30
CA ALA C 660 14.66 4.09 -5.38
C ALA C 660 14.40 5.56 -5.60
N ASN C 661 13.14 5.98 -5.49
CA ASN C 661 12.84 7.39 -5.62
C ASN C 661 13.50 8.18 -4.50
N VAL C 662 13.63 7.56 -3.33
CA VAL C 662 14.25 8.19 -2.17
C VAL C 662 15.77 8.22 -2.27
N VAL C 663 16.36 7.15 -2.79
CA VAL C 663 17.80 7.13 -3.00
C VAL C 663 18.14 8.18 -4.05
N ASN C 664 17.28 8.30 -5.05
CA ASN C 664 17.51 9.27 -6.12
C ASN C 664 17.35 10.71 -5.64
N GLU C 665 16.49 10.91 -4.64
CA GLU C 665 16.23 12.23 -4.11
C GLU C 665 17.20 12.58 -2.98
N ARG C 666 18.20 11.72 -2.78
CA ARG C 666 19.23 11.89 -1.77
C ARG C 666 20.43 12.70 -2.27
N ALA C 667 20.51 13.97 -1.88
CA ALA C 667 21.63 14.82 -2.28
C ALA C 667 22.93 14.42 -1.59
N VAL C 668 24.05 14.47 -2.31
CA VAL C 668 25.35 14.19 -1.68
C VAL C 668 26.48 15.14 -2.11
N GLN C 669 27.58 15.14 -1.35
CA GLN C 669 28.76 15.94 -1.70
C GLN C 669 29.82 15.13 -2.42
N ASP C 670 30.17 13.97 -1.86
CA ASP C 670 31.25 13.15 -2.40
C ASP C 670 30.95 12.61 -3.80
N ASP C 671 31.98 12.46 -4.62
CA ASP C 671 31.83 11.86 -5.94
C ASP C 671 31.42 10.39 -5.81
N MET C 672 32.08 9.70 -4.89
CA MET C 672 31.83 8.29 -4.68
C MET C 672 30.41 8.06 -4.17
N GLN C 673 29.93 8.99 -3.34
CA GLN C 673 28.55 8.91 -2.88
C GLN C 673 27.56 9.13 -4.01
N LYS C 674 27.97 9.92 -4.99
CA LYS C 674 27.14 10.12 -6.16
C LYS C 674 27.06 8.79 -6.93
N ALA C 675 28.22 8.15 -7.07
CA ALA C 675 28.32 6.87 -7.77
C ALA C 675 27.46 5.79 -7.13
N THR C 676 27.60 5.62 -5.83
CA THR C 676 26.79 4.62 -5.16
C THR C 676 25.33 5.01 -5.18
N ARG C 677 25.06 6.31 -5.24
CA ARG C 677 23.66 6.73 -5.29
C ARG C 677 23.08 6.15 -6.54
N SER C 678 23.89 6.08 -7.59
CA SER C 678 23.35 5.49 -8.81
C SER C 678 23.31 3.95 -8.75
N CYS C 679 24.39 3.34 -8.26
CA CYS C 679 24.48 1.87 -8.27
C CYS C 679 23.44 1.19 -7.37
N THR C 680 23.06 1.88 -6.30
CA THR C 680 22.04 1.36 -5.41
C THR C 680 20.70 1.26 -6.10
N LYS C 681 20.41 2.18 -7.03
CA LYS C 681 19.15 2.09 -7.75
C LYS C 681 19.08 0.82 -8.61
N GLN C 682 20.21 0.47 -9.21
CA GLN C 682 20.31 -0.75 -9.98
C GLN C 682 20.14 -1.96 -9.07
N TRP C 683 20.82 -1.95 -7.93
CA TRP C 683 20.72 -3.06 -7.00
C TRP C 683 19.31 -3.22 -6.46
N LEU C 684 18.62 -2.10 -6.27
CA LEU C 684 17.24 -2.09 -5.81
C LEU C 684 16.40 -2.80 -6.84
N ARG C 685 16.57 -2.40 -8.10
CA ARG C 685 15.78 -2.96 -9.18
C ARG C 685 16.01 -4.48 -9.26
N HIS C 686 17.24 -4.88 -8.97
CA HIS C 686 17.61 -6.29 -9.03
C HIS C 686 16.95 -7.10 -7.91
N LEU C 687 16.92 -6.52 -6.72
CA LEU C 687 16.26 -7.15 -5.60
C LEU C 687 14.79 -7.29 -5.92
N GLU C 688 14.28 -6.33 -6.67
CA GLU C 688 12.88 -6.34 -7.01
C GLU C 688 12.60 -7.58 -7.84
N THR C 689 13.42 -7.81 -8.87
CA THR C 689 13.17 -9.01 -9.68
C THR C 689 13.36 -10.30 -8.90
N GLN C 690 14.35 -10.33 -8.00
CA GLN C 690 14.62 -11.53 -7.22
C GLN C 690 13.46 -11.88 -6.27
N PHE C 691 12.87 -10.82 -5.73
CA PHE C 691 11.74 -10.96 -4.84
C PHE C 691 10.55 -11.47 -5.62
N ASP C 692 10.39 -10.98 -6.86
CA ASP C 692 9.32 -11.46 -7.72
C ASP C 692 9.50 -12.94 -7.96
N ASN C 693 10.76 -13.36 -8.04
CA ASN C 693 11.06 -14.77 -8.22
C ASN C 693 10.60 -15.65 -7.05
N ILE C 694 10.95 -15.31 -5.81
CA ILE C 694 10.52 -16.15 -4.65
C ILE C 694 9.12 -15.91 -4.05
N ALA C 695 8.43 -14.89 -4.54
CA ALA C 695 7.21 -14.47 -3.88
C ALA C 695 6.13 -15.53 -3.90
N VAL C 696 6.07 -16.31 -4.97
CA VAL C 696 5.08 -17.38 -5.04
C VAL C 696 5.37 -18.46 -4.02
N ALA C 697 6.63 -18.65 -3.67
CA ALA C 697 6.97 -19.62 -2.64
C ALA C 697 6.48 -19.10 -1.31
N HIS C 698 6.78 -17.86 -0.98
CA HIS C 698 6.29 -17.41 0.33
C HIS C 698 4.78 -17.37 0.42
N THR C 699 4.11 -16.82 -0.58
CA THR C 699 2.67 -16.64 -0.45
C THR C 699 1.96 -17.96 -0.55
N ASP C 700 2.32 -18.73 -1.58
CA ASP C 700 1.54 -19.90 -1.96
C ASP C 700 2.01 -21.20 -1.30
N HIS C 701 2.95 -21.10 -0.36
CA HIS C 701 3.41 -22.29 0.34
C HIS C 701 3.71 -22.04 1.81
N LEU C 702 4.63 -21.11 2.07
CA LEU C 702 5.08 -20.84 3.43
C LEU C 702 3.95 -20.32 4.30
N SER C 703 3.03 -19.61 3.66
CA SER C 703 1.87 -19.09 4.34
C SER C 703 0.97 -20.18 4.85
N VAL C 704 0.86 -21.28 4.10
CA VAL C 704 0.03 -22.36 4.61
C VAL C 704 0.70 -23.01 5.81
N VAL C 705 2.02 -23.11 5.77
CA VAL C 705 2.76 -23.65 6.91
C VAL C 705 2.57 -22.80 8.14
N TYR C 706 2.53 -21.48 7.95
CA TYR C 706 2.18 -20.59 9.05
C TYR C 706 0.78 -20.88 9.53
N ALA C 707 -0.15 -21.10 8.60
CA ALA C 707 -1.52 -21.29 9.00
C ALA C 707 -1.66 -22.55 9.83
N THR C 708 -0.88 -23.59 9.54
CA THR C 708 -1.04 -24.80 10.33
C THR C 708 -0.33 -24.68 11.67
N MET C 709 0.87 -24.09 11.66
CA MET C 709 1.63 -23.99 12.91
C MET C 709 0.85 -23.09 13.83
N SER C 710 0.01 -22.25 13.23
CA SER C 710 -0.83 -21.32 13.96
C SER C 710 -1.77 -22.08 14.89
N ASN C 711 -2.07 -23.32 14.54
CA ASN C 711 -2.95 -24.17 15.35
C ASN C 711 -2.30 -25.24 16.21
N PHE C 712 -0.98 -25.37 16.18
CA PHE C 712 -0.33 -26.39 16.99
C PHE C 712 -0.65 -26.14 18.46
N MET C 713 -0.72 -27.22 19.23
CA MET C 713 -1.28 -27.18 20.58
C MET C 713 -0.52 -26.25 21.53
N LEU C 714 0.77 -26.06 21.30
CA LEU C 714 1.60 -25.31 22.24
C LEU C 714 1.90 -23.87 21.82
N ASN C 715 1.21 -23.40 20.80
CA ASN C 715 1.34 -22.02 20.37
C ASN C 715 0.30 -21.15 21.07
N PHE C 716 0.21 -21.29 22.39
CA PHE C 716 -0.93 -20.78 23.14
C PHE C 716 -1.16 -19.27 23.26
N THR C 717 -0.10 -18.48 23.22
CA THR C 717 -0.26 -17.02 23.28
C THR C 717 -0.78 -16.42 21.98
N ASN C 718 -1.46 -15.28 22.07
CA ASN C 718 -1.67 -14.43 20.90
C ASN C 718 -0.50 -13.48 20.74
N ASN C 719 0.12 -13.46 19.56
CA ASN C 719 1.38 -12.75 19.40
C ASN C 719 1.32 -11.35 18.76
N PHE C 720 0.32 -11.11 17.92
CA PHE C 720 0.27 -9.89 17.12
C PHE C 720 -1.06 -9.80 16.40
N SER C 721 -1.72 -8.66 16.49
CA SER C 721 -3.06 -8.50 15.92
C SER C 721 -3.04 -8.09 14.45
N GLY C 722 -1.85 -7.86 13.90
CA GLY C 722 -1.73 -7.37 12.55
C GLY C 722 -1.82 -5.86 12.48
N ASN C 723 -1.72 -5.23 13.64
CA ASN C 723 -1.81 -3.78 13.72
C ASN C 723 -0.69 -3.22 14.57
N HIS C 724 0.41 -2.83 13.93
CA HIS C 724 1.58 -2.35 14.66
C HIS C 724 1.24 -1.12 15.47
N ALA C 725 0.26 -0.35 14.99
CA ALA C 725 -0.12 0.92 15.60
C ALA C 725 -0.70 0.79 17.02
N THR C 726 -1.38 -0.31 17.30
CA THR C 726 -2.11 -0.42 18.55
C THR C 726 -1.74 -1.62 19.43
N PHE C 727 -1.29 -2.71 18.82
CA PHE C 727 -1.15 -3.97 19.53
C PHE C 727 -0.16 -3.99 20.69
N LYS C 728 -0.60 -4.55 21.82
CA LYS C 728 0.28 -4.92 22.93
C LYS C 728 -0.11 -6.32 23.34
N PRO C 729 0.88 -7.14 23.76
CA PRO C 729 0.58 -8.49 24.24
C PRO C 729 -0.26 -8.44 25.50
N ASP C 730 -1.15 -9.39 25.69
CA ASP C 730 -1.88 -9.49 26.95
C ASP C 730 -0.84 -9.92 27.98
N GLN C 731 -0.91 -9.38 29.20
CA GLN C 731 0.14 -9.67 30.20
C GLN C 731 -0.36 -10.28 31.51
N TYR C 732 -0.02 -11.54 31.73
CA TYR C 732 -0.39 -12.21 32.96
C TYR C 732 0.78 -12.44 33.91
N VAL C 733 0.49 -12.44 35.21
CA VAL C 733 1.46 -12.82 36.23
C VAL C 733 0.83 -13.85 37.17
N ILE C 734 1.61 -14.84 37.56
CA ILE C 734 1.25 -15.65 38.72
C ILE C 734 1.49 -14.67 39.86
N THR C 735 0.60 -14.68 40.85
CA THR C 735 0.73 -13.73 41.97
C THR C 735 -0.11 -14.15 43.16
N SER C 736 0.40 -13.93 44.35
CA SER C 736 -0.28 -14.34 45.55
C SER C 736 -0.22 -13.25 46.61
N PRO C 737 -1.24 -13.20 47.48
CA PRO C 737 -1.27 -12.25 48.59
C PRO C 737 -0.06 -12.47 49.47
N GLU C 738 0.42 -13.70 49.48
CA GLU C 738 1.57 -14.09 50.28
C GLU C 738 2.86 -13.49 49.70
N GLY C 739 2.71 -12.71 48.64
CA GLY C 739 3.78 -11.87 48.13
C GLY C 739 4.47 -12.27 46.84
N SER C 740 4.19 -13.46 46.33
CA SER C 740 4.82 -13.92 45.09
C SER C 740 4.36 -13.10 43.90
N TYR C 741 5.25 -12.87 42.95
CA TYR C 741 4.89 -12.14 41.74
C TYR C 741 5.79 -12.54 40.59
N LYS C 742 5.32 -13.48 39.77
CA LYS C 742 6.08 -13.94 38.63
C LYS C 742 5.36 -13.52 37.35
N PRO C 743 5.88 -12.49 36.66
CA PRO C 743 5.42 -12.15 35.32
C PRO C 743 5.67 -13.26 34.32
N ILE C 744 4.76 -13.49 33.37
CA ILE C 744 4.99 -14.51 32.35
C ILE C 744 5.86 -13.97 31.21
N ILE C 745 5.64 -12.72 30.83
CA ILE C 745 6.58 -12.06 29.96
C ILE C 745 7.34 -11.05 30.80
N GLU C 746 8.66 -11.06 30.67
CA GLU C 746 9.52 -10.13 31.40
C GLU C 746 10.75 -9.92 30.54
N ARG C 747 11.47 -8.83 30.78
CA ARG C 747 12.61 -8.48 29.94
C ARG C 747 13.89 -8.63 30.73
N GLN C 748 14.45 -9.83 30.76
CA GLN C 748 15.70 -10.03 31.49
C GLN C 748 16.96 -9.85 30.64
N GLY C 749 16.77 -9.54 29.36
CA GLY C 749 17.91 -9.31 28.48
C GLY C 749 18.43 -10.58 27.85
N GLU C 750 19.60 -10.49 27.22
CA GLU C 750 20.16 -11.61 26.47
C GLU C 750 20.31 -12.83 27.39
N THR C 751 19.94 -14.01 26.89
CA THR C 751 19.99 -15.22 27.70
C THR C 751 20.59 -16.40 26.96
N VAL C 752 20.99 -17.40 27.73
CA VAL C 752 21.72 -18.55 27.19
C VAL C 752 20.91 -19.36 26.18
N ASP C 753 19.59 -19.25 26.25
CA ASP C 753 18.72 -19.97 25.32
C ASP C 753 19.02 -19.57 23.88
N GLY C 754 19.54 -18.36 23.70
CA GLY C 754 19.92 -17.87 22.38
C GLY C 754 18.74 -17.39 21.55
N LEU C 755 17.62 -17.12 22.20
CA LEU C 755 16.44 -16.66 21.50
C LEU C 755 16.06 -15.19 21.76
N THR C 756 16.69 -14.57 22.75
CA THR C 756 16.37 -13.20 23.14
C THR C 756 16.74 -12.13 22.09
N ILE C 757 17.81 -12.37 21.34
CA ILE C 757 18.30 -11.40 20.36
C ILE C 757 17.98 -11.85 18.94
N ILE C 758 17.48 -10.94 18.12
CA ILE C 758 17.12 -11.23 16.73
C ILE C 758 18.13 -10.62 15.76
N ASP C 759 18.68 -11.41 14.83
CA ASP C 759 19.46 -10.82 13.73
C ASP C 759 18.56 -10.72 12.51
N THR C 760 18.13 -9.51 12.23
CA THR C 760 17.19 -9.23 11.15
C THR C 760 17.80 -9.58 9.80
N SER C 761 19.13 -9.60 9.74
CA SER C 761 19.84 -9.83 8.48
C SER C 761 19.56 -11.22 7.89
N ILE C 762 18.80 -12.01 8.65
CA ILE C 762 18.34 -13.30 8.19
C ILE C 762 17.51 -13.13 6.94
N VAL C 763 16.95 -11.95 6.73
CA VAL C 763 16.15 -11.74 5.53
C VAL C 763 17.01 -11.94 4.29
N TRP C 764 18.27 -11.53 4.34
CA TRP C 764 19.10 -11.56 3.13
C TRP C 764 19.30 -12.96 2.52
N PRO C 765 19.71 -13.95 3.34
CA PRO C 765 19.80 -15.31 2.78
C PRO C 765 18.48 -15.83 2.23
N ILE C 766 17.38 -15.42 2.84
CA ILE C 766 16.05 -15.82 2.39
C ILE C 766 15.71 -15.24 1.02
N LEU C 767 16.08 -13.99 0.81
CA LEU C 767 15.79 -13.31 -0.45
C LEU C 767 16.79 -13.68 -1.52
N CYS C 768 17.88 -14.34 -1.14
CA CYS C 768 18.93 -14.65 -2.10
C CYS C 768 19.39 -16.11 -2.10
N GLN C 769 20.29 -16.50 -1.20
CA GLN C 769 20.79 -17.86 -1.27
C GLN C 769 19.90 -18.90 -0.60
N CYS C 770 18.70 -19.09 -1.14
CA CYS C 770 17.79 -20.09 -0.63
C CYS C 770 16.83 -20.45 -1.72
N THR C 771 16.85 -21.72 -2.11
CA THR C 771 15.87 -22.25 -3.05
C THR C 771 14.61 -22.72 -2.33
N TYR C 772 13.58 -23.00 -3.12
CA TYR C 772 12.30 -23.42 -2.59
C TYR C 772 11.74 -24.58 -3.41
N PRO C 773 10.84 -25.38 -2.81
CA PRO C 773 10.07 -26.39 -3.54
C PRO C 773 9.23 -25.82 -4.69
N LEU C 774 8.70 -24.61 -4.54
CA LEU C 774 7.91 -24.00 -5.62
C LEU C 774 8.76 -23.23 -6.66
N VAL C 775 10.06 -23.13 -6.41
CA VAL C 775 10.97 -22.45 -7.34
C VAL C 775 12.39 -23.00 -7.22
N ARG C 776 12.71 -24.03 -7.99
CA ARG C 776 11.78 -24.58 -8.97
C ARG C 776 11.22 -25.92 -8.51
N ILE C 787 11.56 -28.11 -13.02
CA ILE C 787 10.60 -27.12 -12.52
C ILE C 787 9.69 -27.73 -11.45
N MET C 788 9.44 -29.03 -11.56
CA MET C 788 8.65 -29.78 -10.60
C MET C 788 9.41 -30.13 -9.31
N GLU C 789 8.67 -30.23 -8.20
CA GLU C 789 9.16 -30.78 -6.95
C GLU C 789 7.95 -31.10 -6.10
N GLU C 790 7.82 -32.36 -5.68
CA GLU C 790 6.67 -32.77 -4.88
C GLU C 790 6.69 -32.11 -3.51
N ILE C 791 5.54 -31.60 -3.07
CA ILE C 791 5.40 -31.00 -1.75
C ILE C 791 5.37 -32.05 -0.65
N VAL C 792 5.90 -31.72 0.51
CA VAL C 792 5.80 -32.59 1.68
C VAL C 792 4.65 -32.14 2.57
N TYR C 793 3.80 -33.06 2.97
CA TYR C 793 2.76 -32.78 3.94
C TYR C 793 3.01 -33.69 5.12
N PRO C 794 3.63 -33.13 6.17
CA PRO C 794 4.16 -33.87 7.33
C PRO C 794 3.07 -34.60 8.12
N ASP C 795 3.39 -35.77 8.69
CA ASP C 795 2.43 -36.46 9.57
C ASP C 795 2.20 -35.60 10.80
N PRO C 796 0.92 -35.37 11.13
CA PRO C 796 0.64 -34.64 12.35
C PRO C 796 1.24 -35.30 13.57
N SER C 797 1.29 -36.63 13.58
CA SER C 797 1.63 -37.37 14.78
C SER C 797 3.01 -37.01 15.29
N THR C 798 3.92 -36.70 14.37
CA THR C 798 5.30 -36.40 14.75
C THR C 798 5.40 -35.13 15.58
N THR C 799 4.45 -34.23 15.41
CA THR C 799 4.52 -32.96 16.12
C THR C 799 3.43 -32.85 17.16
N LEU C 800 2.36 -33.62 16.96
CA LEU C 800 1.30 -33.66 17.95
C LEU C 800 1.81 -34.38 19.17
N SER C 801 2.42 -35.54 18.95
CA SER C 801 2.87 -36.37 20.05
C SER C 801 3.90 -35.62 20.84
N GLN C 802 4.87 -35.03 20.13
CA GLN C 802 5.91 -34.28 20.83
C GLN C 802 5.33 -33.08 21.55
N SER C 803 4.20 -32.58 21.05
CA SER C 803 3.50 -31.54 21.79
C SER C 803 2.95 -32.16 23.06
N LEU C 804 2.21 -33.25 22.92
CA LEU C 804 1.51 -33.84 24.06
C LEU C 804 2.47 -34.31 25.13
N SER C 805 3.57 -34.92 24.69
CA SER C 805 4.58 -35.41 25.61
C SER C 805 5.21 -34.25 26.37
N VAL C 806 5.30 -33.10 25.72
CA VAL C 806 5.78 -31.93 26.42
C VAL C 806 4.79 -31.52 27.50
N ALA C 807 3.50 -31.55 27.14
CA ALA C 807 2.48 -31.05 28.04
C ALA C 807 2.54 -31.83 29.33
N GLN C 808 2.47 -33.16 29.21
CA GLN C 808 2.47 -33.97 30.42
C GLN C 808 3.76 -33.74 31.17
N VAL C 809 4.86 -33.54 30.45
CA VAL C 809 6.15 -33.30 31.10
C VAL C 809 6.06 -32.06 31.98
N LEU C 810 5.52 -30.97 31.42
CA LEU C 810 5.47 -29.74 32.18
C LEU C 810 4.60 -29.96 33.39
N SER C 811 3.55 -30.77 33.24
CA SER C 811 2.66 -30.99 34.37
C SER C 811 3.51 -31.67 35.43
N LYS C 812 4.19 -32.72 34.99
CA LYS C 812 5.00 -33.52 35.88
C LYS C 812 6.08 -32.62 36.47
N LEU C 813 6.55 -31.64 35.69
CA LEU C 813 7.58 -30.72 36.18
C LEU C 813 7.05 -29.70 37.19
N THR C 814 5.85 -29.18 36.96
CA THR C 814 5.34 -28.19 37.89
C THR C 814 4.60 -28.81 39.06
N LEU C 815 4.39 -30.12 39.00
CA LEU C 815 3.68 -30.77 40.08
C LEU C 815 4.35 -30.59 41.44
N PRO C 816 5.66 -30.91 41.57
CA PRO C 816 6.27 -30.69 42.89
C PRO C 816 6.26 -29.24 43.36
N ASP C 817 6.36 -28.29 42.43
CA ASP C 817 6.33 -26.87 42.78
C ASP C 817 4.95 -26.45 43.24
N ALA C 818 3.93 -27.04 42.62
CA ALA C 818 2.54 -26.74 42.93
C ALA C 818 2.06 -27.50 44.15
N PHE C 819 2.45 -28.77 44.23
CA PHE C 819 2.10 -29.59 45.38
C PHE C 819 2.64 -29.01 46.66
N ILE C 820 3.94 -28.77 46.70
CA ILE C 820 4.56 -28.28 47.92
C ILE C 820 4.01 -26.91 48.32
N ASN C 821 3.69 -26.09 47.32
CA ASN C 821 3.10 -24.78 47.59
C ASN C 821 1.71 -24.83 48.19
N MET C 822 0.96 -25.88 47.87
CA MET C 822 -0.37 -26.02 48.44
C MET C 822 -0.23 -26.17 49.95
N ILE C 823 0.83 -26.83 50.38
CA ILE C 823 0.99 -27.13 51.79
C ILE C 823 1.35 -25.87 52.57
N LEU C 824 2.27 -25.07 52.03
CA LEU C 824 2.69 -23.82 52.67
C LEU C 824 1.55 -22.81 52.78
N SER C 825 0.64 -22.86 51.82
CA SER C 825 -0.52 -21.98 51.82
C SER C 825 -1.45 -22.29 52.98
N GLY C 826 -1.46 -23.55 53.41
CA GLY C 826 -2.36 -23.97 54.47
C GLY C 826 -3.71 -24.38 53.95
N GLY C 827 -3.87 -24.33 52.62
CA GLY C 827 -5.08 -24.84 52.00
C GLY C 827 -6.29 -23.96 52.21
N ASP C 828 -7.47 -24.55 52.05
CA ASP C 828 -8.74 -23.83 52.09
C ASP C 828 -9.34 -23.78 53.49
N SER C 829 -8.67 -23.07 54.40
CA SER C 829 -9.10 -22.98 55.80
C SER C 829 -8.42 -21.80 56.48
N VAL C 830 -9.02 -21.27 57.54
CA VAL C 830 -8.42 -20.14 58.26
C VAL C 830 -8.46 -20.28 59.77
N VAL C 831 -7.39 -19.86 60.44
CA VAL C 831 -7.37 -19.80 61.89
C VAL C 831 -8.37 -18.75 62.37
N MET C 832 -9.07 -19.04 63.46
CA MET C 832 -10.20 -18.23 63.88
C MET C 832 -10.43 -18.30 65.40
N ARG C 833 -10.22 -17.18 66.06
CA ARG C 833 -10.56 -17.06 67.47
C ARG C 833 -12.08 -17.00 67.63
N THR C 834 -12.58 -17.51 68.75
CA THR C 834 -14.01 -17.46 69.02
C THR C 834 -14.25 -16.99 70.45
N TYR C 835 -14.13 -15.68 70.65
CA TYR C 835 -14.36 -15.07 71.96
C TYR C 835 -15.83 -15.27 72.37
N GLN C 836 -16.06 -15.63 73.63
CA GLN C 836 -17.41 -15.95 74.08
C GLN C 836 -18.13 -14.78 74.75
N THR C 837 -19.31 -14.45 74.23
CA THR C 837 -20.05 -13.27 74.68
C THR C 837 -20.90 -13.45 75.93
N GLU C 838 -21.14 -14.69 76.35
CA GLU C 838 -22.08 -14.95 77.44
C GLU C 838 -21.66 -16.12 78.32
N ALA C 839 -22.28 -16.22 79.50
CA ALA C 839 -22.06 -17.34 80.41
C ALA C 839 -22.62 -18.64 79.82
N ASP C 840 -21.97 -19.75 80.15
CA ASP C 840 -22.38 -21.07 79.68
C ASP C 840 -22.39 -21.15 78.14
N ASP C 841 -21.41 -20.49 77.51
CA ASP C 841 -21.25 -20.61 76.07
C ASP C 841 -20.24 -21.72 75.73
N ASP C 842 -20.62 -22.57 74.79
CA ASP C 842 -19.75 -23.64 74.31
C ASP C 842 -18.56 -23.02 73.60
N LEU C 843 -17.44 -23.73 73.55
CA LEU C 843 -16.26 -23.22 72.89
C LEU C 843 -16.54 -22.90 71.43
N ASP C 844 -17.39 -23.70 70.80
CA ASP C 844 -17.84 -23.43 69.43
C ASP C 844 -18.70 -22.18 69.37
N GLU C 845 -19.46 -21.93 70.43
CA GLU C 845 -20.33 -20.78 70.52
C GLU C 845 -19.52 -19.52 70.82
N GLY C 846 -20.05 -18.36 70.43
CA GLY C 846 -19.40 -17.09 70.71
C GLY C 846 -19.26 -16.25 69.46
N ILE C 847 -18.43 -15.21 69.51
CA ILE C 847 -18.16 -14.40 68.33
C ILE C 847 -16.99 -14.94 67.54
N ARG C 848 -17.25 -15.39 66.32
CA ARG C 848 -16.21 -15.83 65.41
C ARG C 848 -15.42 -14.62 64.94
N MET C 849 -14.11 -14.78 64.82
CA MET C 849 -13.28 -13.73 64.21
C MET C 849 -11.92 -14.25 63.75
N THR C 850 -11.33 -13.55 62.79
CA THR C 850 -10.04 -13.95 62.23
C THR C 850 -9.19 -12.73 61.89
N THR C 851 -7.89 -12.93 61.83
CA THR C 851 -6.97 -11.86 61.44
C THR C 851 -7.07 -11.57 59.94
N TYR C 852 -6.76 -10.33 59.58
CA TYR C 852 -6.86 -9.84 58.22
C TYR C 852 -5.98 -10.60 57.24
N ASP C 853 -4.85 -11.08 57.74
CA ASP C 853 -3.92 -11.84 56.91
C ASP C 853 -4.58 -13.11 56.37
N GLN C 854 -5.34 -13.79 57.24
CA GLN C 854 -6.07 -14.98 56.84
C GLN C 854 -7.09 -14.62 55.78
N TYR C 855 -7.62 -13.40 55.92
CA TYR C 855 -8.64 -12.93 55.01
C TYR C 855 -8.08 -12.75 53.60
N LEU C 856 -6.98 -12.00 53.47
CA LEU C 856 -6.42 -11.81 52.13
C LEU C 856 -5.94 -13.13 51.56
N SER C 857 -5.39 -13.96 52.44
CA SER C 857 -4.83 -15.22 51.96
C SER C 857 -5.90 -16.16 51.42
N HIS C 858 -7.10 -16.12 52.00
CA HIS C 858 -8.08 -17.17 51.69
C HIS C 858 -9.46 -16.70 51.24
N ILE C 859 -10.06 -15.78 52.00
CA ILE C 859 -11.42 -15.34 51.68
C ILE C 859 -11.54 -14.38 50.48
N ARG C 860 -10.62 -13.41 50.40
CA ARG C 860 -10.82 -12.27 49.52
C ARG C 860 -10.80 -12.54 48.03
N GLU C 861 -9.81 -13.30 47.56
CA GLU C 861 -9.70 -13.57 46.12
C GLU C 861 -10.93 -14.33 45.68
N ARG C 862 -11.41 -15.20 46.55
CA ARG C 862 -12.62 -15.95 46.30
C ARG C 862 -13.83 -15.02 46.26
N LEU C 863 -13.80 -13.96 47.05
CA LEU C 863 -14.89 -13.00 46.97
C LEU C 863 -14.87 -12.29 45.63
N HIS C 864 -13.66 -11.97 45.16
CA HIS C 864 -13.53 -11.27 43.89
C HIS C 864 -14.03 -12.15 42.76
N ILE C 865 -13.79 -13.45 42.92
CA ILE C 865 -14.10 -14.45 41.91
C ILE C 865 -15.60 -14.71 41.71
N THR C 866 -16.40 -14.49 42.76
CA THR C 866 -17.83 -14.71 42.69
C THR C 866 -18.60 -13.44 42.28
N ASN C 867 -17.85 -12.35 42.12
CA ASN C 867 -18.43 -11.06 41.74
C ASN C 867 -19.47 -10.56 42.72
N VAL C 868 -19.03 -10.27 43.94
CA VAL C 868 -19.90 -9.70 44.95
C VAL C 868 -19.21 -8.45 45.49
N PRO C 869 -20.00 -7.48 45.99
CA PRO C 869 -19.37 -6.27 46.55
C PRO C 869 -18.51 -6.63 47.74
N ASP C 870 -17.42 -5.91 47.96
CA ASP C 870 -16.54 -6.20 49.09
C ASP C 870 -17.30 -5.98 50.39
N PRO C 871 -17.17 -6.93 51.34
CA PRO C 871 -17.96 -6.95 52.57
C PRO C 871 -17.73 -5.70 53.41
N ILE C 872 -18.79 -5.21 54.05
CA ILE C 872 -18.75 -3.91 54.69
C ILE C 872 -17.86 -3.87 55.92
N TYR C 873 -17.25 -2.71 56.14
CA TYR C 873 -16.54 -2.43 57.38
C TYR C 873 -17.56 -2.21 58.49
N ILE C 874 -17.20 -2.57 59.70
CA ILE C 874 -18.10 -2.37 60.84
C ILE C 874 -17.54 -1.38 61.84
N THR C 875 -17.91 -0.12 61.66
CA THR C 875 -17.55 0.94 62.61
C THR C 875 -18.52 0.95 63.78
N GLY C 876 -18.38 1.93 64.66
CA GLY C 876 -19.21 1.99 65.85
C GLY C 876 -20.68 2.22 65.54
N ALA C 877 -20.95 2.89 64.43
CA ALA C 877 -22.33 3.16 64.02
C ALA C 877 -22.83 2.13 63.00
N SER C 878 -22.77 0.85 63.36
CA SER C 878 -23.21 -0.19 62.44
C SER C 878 -24.42 -0.97 62.96
N THR C 879 -25.59 -0.64 62.42
CA THR C 879 -26.82 -1.35 62.79
C THR C 879 -26.77 -2.77 62.24
N PRO C 880 -27.44 -3.71 62.93
CA PRO C 880 -27.50 -5.11 62.49
C PRO C 880 -28.08 -5.26 61.08
N ASP C 881 -29.02 -4.40 60.70
CA ASP C 881 -29.63 -4.47 59.37
C ASP C 881 -28.62 -4.24 58.24
N GLN C 882 -27.64 -3.39 58.48
CA GLN C 882 -26.59 -3.13 57.51
C GLN C 882 -25.73 -4.37 57.30
N ILE C 883 -25.41 -5.01 58.43
CA ILE C 883 -24.63 -6.23 58.42
C ILE C 883 -25.39 -7.36 57.72
N ALA C 884 -26.71 -7.37 57.91
CA ALA C 884 -27.56 -8.37 57.26
C ALA C 884 -27.59 -8.15 55.75
N ALA C 885 -27.64 -6.88 55.34
CA ALA C 885 -27.60 -6.54 53.93
C ALA C 885 -26.26 -6.93 53.32
N SER C 886 -25.18 -6.76 54.07
CA SER C 886 -23.86 -7.12 53.56
C SER C 886 -23.67 -8.63 53.45
N VAL C 887 -24.16 -9.36 54.45
CA VAL C 887 -24.05 -10.82 54.46
C VAL C 887 -24.86 -11.39 53.32
N GLN C 888 -26.07 -10.87 53.12
CA GLN C 888 -26.88 -11.33 52.00
C GLN C 888 -26.27 -10.91 50.67
N ALA C 889 -25.49 -9.83 50.70
CA ALA C 889 -24.85 -9.35 49.47
C ALA C 889 -23.68 -10.22 49.03
N THR C 890 -22.76 -10.50 49.94
CA THR C 890 -21.53 -11.23 49.61
C THR C 890 -21.70 -12.74 49.65
N HIS C 891 -22.82 -13.22 50.18
CA HIS C 891 -23.08 -14.65 50.33
C HIS C 891 -21.95 -15.33 51.12
N VAL C 892 -21.38 -14.64 52.09
CA VAL C 892 -20.21 -15.19 52.77
C VAL C 892 -20.20 -14.99 54.29
N ALA C 893 -21.09 -14.13 54.79
CA ALA C 893 -21.21 -13.88 56.23
C ALA C 893 -19.92 -13.40 56.87
N VAL C 894 -19.26 -12.43 56.23
CA VAL C 894 -18.03 -11.85 56.75
C VAL C 894 -18.12 -10.32 56.76
N VAL C 895 -17.58 -9.69 57.80
CA VAL C 895 -17.47 -8.22 57.83
C VAL C 895 -16.15 -7.75 58.45
N LEU C 896 -15.34 -7.02 57.66
CA LEU C 896 -14.06 -6.51 58.17
C LEU C 896 -14.30 -5.44 59.24
N TYR C 897 -13.56 -5.51 60.35
CA TYR C 897 -13.64 -4.48 61.39
C TYR C 897 -13.02 -3.18 60.92
N GLN C 898 -13.67 -2.07 61.25
CA GLN C 898 -13.19 -0.76 60.82
C GLN C 898 -12.55 -0.02 61.98
N SER C 899 -13.37 0.64 62.80
CA SER C 899 -12.87 1.45 63.89
C SER C 899 -13.98 1.73 64.91
N GLY C 900 -13.58 1.95 66.16
CA GLY C 900 -14.51 2.32 67.21
C GLY C 900 -15.13 1.12 67.88
N VAL C 901 -15.64 1.32 69.08
CA VAL C 901 -16.30 0.26 69.84
C VAL C 901 -17.60 -0.14 69.15
N ILE C 902 -17.86 -1.44 69.08
CA ILE C 902 -19.09 -1.92 68.46
C ILE C 902 -20.24 -1.97 69.46
N ASN C 903 -21.39 -1.43 69.05
CA ASN C 903 -22.57 -1.42 69.91
C ASN C 903 -23.19 -2.81 70.05
N GLY C 904 -23.91 -3.02 71.15
CA GLY C 904 -24.38 -4.34 71.51
C GLY C 904 -25.39 -5.07 70.63
N PRO C 905 -26.39 -4.38 70.05
CA PRO C 905 -27.29 -5.10 69.13
C PRO C 905 -26.55 -5.73 67.93
N ALA C 906 -25.51 -5.04 67.47
CA ALA C 906 -24.67 -5.57 66.41
C ALA C 906 -23.94 -6.81 66.91
N SER C 907 -23.49 -6.76 68.17
CA SER C 907 -22.74 -7.87 68.74
C SER C 907 -23.61 -9.11 68.87
N THR C 908 -24.84 -8.93 69.35
CA THR C 908 -25.77 -10.05 69.46
C THR C 908 -26.11 -10.58 68.07
N TYR C 909 -26.14 -9.68 67.09
CA TYR C 909 -26.40 -10.12 65.72
C TYR C 909 -25.26 -10.99 65.18
N LEU C 910 -24.02 -10.54 65.37
CA LEU C 910 -22.85 -11.28 64.89
C LEU C 910 -22.73 -12.61 65.61
N ARG C 911 -23.13 -12.62 66.88
CA ARG C 911 -23.00 -13.83 67.66
C ARG C 911 -24.05 -14.86 67.26
N GLU C 912 -25.29 -14.43 67.16
CA GLU C 912 -26.36 -15.35 66.76
C GLU C 912 -26.27 -15.80 65.30
N ASN C 913 -25.79 -14.93 64.42
CA ASN C 913 -25.69 -15.25 63.00
C ASN C 913 -24.35 -15.85 62.60
N GLU C 914 -23.45 -16.00 63.57
CA GLU C 914 -22.13 -16.57 63.35
C GLU C 914 -21.35 -15.84 62.27
N VAL C 915 -21.60 -14.54 62.15
CA VAL C 915 -20.86 -13.70 61.20
C VAL C 915 -19.37 -13.60 61.55
N LEU C 916 -18.52 -13.77 60.54
CA LEU C 916 -17.08 -13.80 60.76
C LEU C 916 -16.48 -12.41 60.66
N VAL C 917 -16.25 -11.79 61.80
CA VAL C 917 -15.51 -10.53 61.83
C VAL C 917 -14.04 -10.75 61.51
N VAL C 918 -13.46 -9.82 60.76
CA VAL C 918 -12.03 -9.80 60.53
C VAL C 918 -11.46 -8.63 61.30
N MET C 919 -10.38 -8.85 62.03
CA MET C 919 -9.78 -7.80 62.83
C MET C 919 -8.36 -7.62 62.35
N PRO C 920 -7.85 -6.38 62.41
CA PRO C 920 -6.47 -6.12 61.99
C PRO C 920 -5.49 -6.95 62.79
N ASP C 921 -5.82 -7.16 64.07
CA ASP C 921 -4.89 -7.75 65.02
C ASP C 921 -5.66 -8.17 66.27
N TYR C 922 -4.99 -8.88 67.17
CA TYR C 922 -5.65 -9.35 68.37
C TYR C 922 -5.34 -8.58 69.66
N TYR C 923 -4.63 -7.45 69.56
CA TYR C 923 -4.42 -6.62 70.74
C TYR C 923 -5.72 -6.01 71.22
N ASP C 924 -5.96 -6.06 72.54
CA ASP C 924 -7.11 -5.41 73.17
C ASP C 924 -8.44 -5.63 72.44
N VAL C 925 -8.73 -6.89 72.11
CA VAL C 925 -9.93 -7.20 71.32
C VAL C 925 -11.22 -6.79 72.03
N VAL C 926 -11.25 -6.94 73.35
CA VAL C 926 -12.44 -6.64 74.14
C VAL C 926 -12.83 -5.17 74.01
N SER C 927 -11.82 -4.31 73.87
CA SER C 927 -12.05 -2.88 73.76
C SER C 927 -12.81 -2.53 72.47
N ARG C 928 -12.74 -3.42 71.49
CA ARG C 928 -13.42 -3.20 70.22
C ARG C 928 -14.91 -3.54 70.27
N PHE C 929 -15.36 -4.17 71.35
CA PHE C 929 -16.77 -4.45 71.54
C PHE C 929 -17.27 -3.82 72.84
N ALA C 930 -18.49 -3.30 72.83
CA ALA C 930 -19.09 -2.82 74.07
C ALA C 930 -19.56 -4.01 74.89
N ASN C 931 -18.99 -4.15 76.07
CA ASN C 931 -19.36 -5.25 76.95
C ASN C 931 -20.53 -4.89 77.86
N ALA C 932 -21.75 -5.16 77.39
CA ALA C 932 -22.93 -4.87 78.18
C ALA C 932 -22.92 -5.73 79.45
N ASN C 933 -22.77 -7.03 79.27
CA ASN C 933 -22.74 -7.97 80.38
C ASN C 933 -21.36 -8.16 81.00
N LEU C 934 -20.35 -7.58 80.36
CA LEU C 934 -18.95 -7.74 80.80
C LEU C 934 -18.53 -9.21 80.89
N GLN C 935 -19.13 -10.06 80.06
CA GLN C 935 -18.80 -11.47 80.02
C GLN C 935 -17.58 -11.74 79.15
N MET C 936 -17.46 -10.99 78.07
CA MET C 936 -16.36 -11.12 77.12
C MET C 936 -15.02 -10.71 77.75
N ASN C 937 -13.96 -11.45 77.43
CA ASN C 937 -12.65 -11.20 77.99
C ASN C 937 -11.54 -11.58 77.01
N ASN C 938 -10.41 -10.89 77.09
CA ASN C 938 -9.33 -11.07 76.13
C ASN C 938 -8.77 -12.48 76.12
N ASN C 939 -8.78 -13.13 77.28
CA ASN C 939 -8.26 -14.49 77.38
C ASN C 939 -9.33 -15.54 77.16
N ARG C 940 -10.58 -15.13 77.16
CA ARG C 940 -11.70 -16.06 76.98
C ARG C 940 -12.06 -16.24 75.51
N TYR C 941 -11.28 -17.07 74.81
CA TYR C 941 -11.52 -17.37 73.41
C TYR C 941 -11.15 -18.82 73.09
N HIS C 942 -11.57 -19.29 71.92
CA HIS C 942 -11.17 -20.61 71.45
C HIS C 942 -10.63 -20.60 70.03
N GLU C 943 -9.31 -20.58 69.89
CA GLU C 943 -8.67 -20.63 68.58
C GLU C 943 -8.98 -21.97 67.91
N SER C 944 -9.28 -21.94 66.61
CA SER C 944 -9.56 -23.16 65.87
C SER C 944 -9.53 -22.95 64.35
N VAL C 945 -9.12 -23.97 63.63
CA VAL C 945 -9.17 -23.95 62.16
C VAL C 945 -10.62 -23.95 61.72
N LEU C 946 -10.90 -23.21 60.64
CA LEU C 946 -12.25 -23.09 60.11
C LEU C 946 -12.17 -23.20 58.59
N GLU C 947 -12.63 -24.34 58.06
CA GLU C 947 -12.54 -24.61 56.64
C GLU C 947 -13.39 -23.63 55.82
N ILE C 948 -12.87 -23.24 54.66
CA ILE C 948 -13.53 -22.27 53.79
C ILE C 948 -14.87 -22.82 53.29
N ALA C 949 -14.96 -24.15 53.23
CA ALA C 949 -16.17 -24.82 52.77
C ALA C 949 -17.37 -24.54 53.67
N ASP C 950 -17.12 -24.24 54.94
CA ASP C 950 -18.19 -23.93 55.86
C ASP C 950 -18.70 -22.48 55.74
N ILE C 951 -18.00 -21.65 54.97
CA ILE C 951 -18.47 -20.28 54.75
C ILE C 951 -18.87 -19.95 53.30
N PHE C 952 -18.03 -20.30 52.32
CA PHE C 952 -18.44 -20.30 50.92
C PHE C 952 -19.42 -21.43 50.58
N ASP C 953 -20.44 -21.13 49.79
CA ASP C 953 -21.41 -22.14 49.39
C ASP C 953 -21.02 -22.85 48.09
N GLN C 954 -20.40 -22.11 47.18
CA GLN C 954 -20.07 -22.63 45.85
C GLN C 954 -18.84 -23.54 45.88
N ALA C 955 -19.04 -24.80 45.53
CA ALA C 955 -18.01 -25.83 45.68
C ALA C 955 -16.91 -25.76 44.62
N ASP C 956 -17.14 -25.01 43.57
CA ASP C 956 -16.19 -24.93 42.46
C ASP C 956 -14.84 -24.35 42.87
N PHE C 957 -14.84 -23.49 43.89
CA PHE C 957 -13.65 -22.75 44.28
C PHE C 957 -13.07 -23.18 45.61
N ILE C 958 -13.40 -24.39 46.05
CA ILE C 958 -12.80 -24.93 47.27
C ILE C 958 -12.23 -26.32 46.97
N GLN C 959 -10.96 -26.53 47.30
CA GLN C 959 -10.30 -27.79 46.98
C GLN C 959 -9.95 -28.64 48.20
N THR C 960 -9.37 -28.02 49.21
CA THR C 960 -8.82 -28.77 50.33
C THR C 960 -9.60 -28.62 51.64
N SER C 961 -8.99 -29.04 52.74
CA SER C 961 -9.63 -29.00 54.05
C SER C 961 -8.69 -28.46 55.13
N ASP C 962 -9.08 -28.65 56.38
CA ASP C 962 -8.28 -28.26 57.54
C ASP C 962 -6.98 -29.08 57.58
N ALA C 963 -7.02 -30.22 56.89
CA ALA C 963 -5.96 -31.20 56.92
C ALA C 963 -4.63 -30.64 56.45
N VAL C 964 -4.69 -29.83 55.40
CA VAL C 964 -3.48 -29.23 54.86
C VAL C 964 -2.88 -28.29 55.90
N ARG C 965 -3.75 -27.64 56.67
CA ARG C 965 -3.30 -26.68 57.67
C ARG C 965 -2.60 -27.42 58.79
N GLN C 966 -3.15 -28.57 59.13
CA GLN C 966 -2.60 -29.42 60.18
C GLN C 966 -1.21 -29.91 59.78
N LEU C 967 -1.12 -30.43 58.56
CA LEU C 967 0.14 -30.94 58.04
C LEU C 967 1.17 -29.82 57.89
N ARG C 968 0.71 -28.61 57.59
CA ARG C 968 1.63 -27.50 57.52
C ARG C 968 2.13 -27.16 58.92
N ALA C 969 1.26 -27.29 59.92
CA ALA C 969 1.65 -27.00 61.29
C ALA C 969 2.70 -28.00 61.74
N LEU C 970 2.68 -29.17 61.13
CA LEU C 970 3.74 -30.15 61.35
C LEU C 970 5.11 -29.76 60.77
N MET C 971 5.12 -28.89 59.78
CA MET C 971 6.38 -28.46 59.12
C MET C 971 7.21 -27.46 59.92
N PRO C 972 8.54 -27.55 59.77
CA PRO C 972 9.52 -26.55 60.23
C PRO C 972 9.36 -25.26 59.43
N THR C 973 9.73 -24.12 60.00
CA THR C 973 9.73 -22.87 59.25
C THR C 973 10.70 -23.04 58.09
N LEU C 974 10.29 -22.61 56.89
CA LEU C 974 11.08 -22.91 55.70
C LEU C 974 11.62 -21.69 54.97
N SER C 975 12.94 -21.68 54.78
CA SER C 975 13.58 -20.68 53.96
C SER C 975 13.23 -20.98 52.51
N THR C 976 13.30 -19.96 51.66
CA THR C 976 13.00 -20.16 50.25
C THR C 976 13.96 -21.18 49.65
N SER C 977 15.21 -21.16 50.11
CA SER C 977 16.22 -22.12 49.63
C SER C 977 15.87 -23.53 50.06
N GLN C 978 15.38 -23.67 51.29
CA GLN C 978 14.91 -24.95 51.77
C GLN C 978 13.73 -25.44 50.95
N ILE C 979 12.86 -24.51 50.57
CA ILE C 979 11.66 -24.88 49.85
C ILE C 979 12.05 -25.38 48.47
N ARG C 980 13.02 -24.71 47.88
CA ARG C 980 13.53 -25.15 46.59
C ARG C 980 14.11 -26.52 46.78
N HIS C 981 14.72 -26.76 47.94
CA HIS C 981 15.31 -28.08 48.15
C HIS C 981 14.25 -29.16 48.17
N ALA C 982 13.14 -28.90 48.88
CA ALA C 982 12.07 -29.89 48.98
C ALA C 982 11.49 -30.17 47.62
N ILE C 983 11.34 -29.11 46.83
CA ILE C 983 10.78 -29.25 45.51
C ILE C 983 11.67 -30.10 44.60
N GLU C 984 12.95 -29.77 44.57
CA GLU C 984 13.90 -30.52 43.74
C GLU C 984 13.98 -31.97 44.18
N ARG C 985 13.83 -32.20 45.48
CA ARG C 985 13.84 -33.56 46.02
C ARG C 985 12.60 -34.35 45.59
N ILE C 986 11.45 -33.69 45.62
CA ILE C 986 10.21 -34.34 45.18
C ILE C 986 10.29 -34.63 43.69
N ALA C 987 10.98 -33.77 42.95
CA ALA C 987 11.21 -34.05 41.54
C ALA C 987 12.11 -35.25 41.38
N GLN C 988 13.12 -35.34 42.23
CA GLN C 988 14.10 -36.42 42.15
C GLN C 988 13.45 -37.76 42.45
N ILE C 989 12.53 -37.75 43.41
CA ILE C 989 11.81 -38.96 43.81
C ILE C 989 10.96 -39.41 42.64
N THR C 990 10.57 -38.46 41.80
CA THR C 990 9.61 -38.72 40.74
C THR C 990 10.21 -38.60 39.34
N ASP C 991 11.55 -38.65 39.27
CA ASP C 991 12.25 -38.67 37.99
C ASP C 991 11.88 -37.51 37.02
N VAL C 992 11.97 -36.29 37.53
CA VAL C 992 11.80 -35.10 36.71
C VAL C 992 13.11 -34.31 36.64
N ASP C 993 13.47 -33.82 35.45
CA ASP C 993 14.65 -32.97 35.31
C ASP C 993 14.27 -31.54 35.67
N SER C 994 14.42 -31.21 36.94
CA SER C 994 13.96 -29.95 37.50
C SER C 994 14.98 -28.85 37.31
N THR C 995 16.06 -29.17 36.60
CA THR C 995 17.18 -28.25 36.44
C THR C 995 16.76 -26.94 35.78
N ASP C 996 17.42 -25.86 36.21
CA ASP C 996 17.20 -24.49 35.71
C ASP C 996 15.74 -24.06 35.82
N TYR C 997 15.10 -24.45 36.91
CA TYR C 997 13.71 -24.12 37.13
C TYR C 997 13.64 -23.13 38.29
N GLY C 998 12.89 -22.06 38.12
CA GLY C 998 12.92 -20.99 39.09
C GLY C 998 14.20 -20.19 38.91
N LYS C 999 14.86 -20.38 37.78
CA LYS C 999 16.17 -19.79 37.55
C LYS C 999 16.26 -19.04 36.23
N LEU C 1000 16.59 -17.76 36.30
CA LEU C 1000 16.97 -17.01 35.12
C LEU C 1000 18.30 -17.58 34.65
N THR C 1001 18.49 -17.66 33.34
CA THR C 1001 19.77 -18.09 32.81
C THR C 1001 20.27 -17.04 31.84
N LEU C 1002 20.64 -15.88 32.39
CA LEU C 1002 21.12 -14.75 31.61
C LEU C 1002 22.49 -15.07 31.01
N ARG C 1003 22.75 -14.54 29.82
CA ARG C 1003 24.04 -14.78 29.19
C ARG C 1003 25.18 -14.17 29.98
N PHE C 1004 24.93 -13.01 30.58
CA PHE C 1004 26.03 -12.26 31.18
C PHE C 1004 25.98 -12.19 32.69
N LEU C 1005 24.79 -12.24 33.25
CA LEU C 1005 24.66 -12.23 34.70
C LEU C 1005 24.75 -13.66 35.26
N GLY C 1006 24.73 -14.64 34.37
CA GLY C 1006 24.75 -16.04 34.76
C GLY C 1006 23.39 -16.57 35.18
N THR C 1007 23.40 -17.74 35.80
CA THR C 1007 22.21 -18.28 36.46
C THR C 1007 21.86 -17.46 37.69
N LEU C 1008 20.57 -17.18 37.86
CA LEU C 1008 20.08 -16.49 39.04
C LEU C 1008 18.82 -17.20 39.50
N THR C 1009 18.93 -18.00 40.54
CA THR C 1009 17.75 -18.62 41.13
C THR C 1009 16.84 -17.58 41.78
N ARG C 1010 15.54 -17.74 41.55
CA ARG C 1010 14.53 -16.94 42.23
C ARG C 1010 13.79 -17.87 43.17
N SER C 1011 12.95 -17.31 44.03
CA SER C 1011 12.13 -18.12 44.94
C SER C 1011 11.13 -19.01 44.20
N LEU C 1012 10.92 -20.22 44.70
CA LEU C 1012 9.86 -21.09 44.18
C LEU C 1012 8.59 -20.99 45.00
N LYS C 1013 8.65 -20.19 46.06
CA LYS C 1013 7.55 -20.06 47.00
C LYS C 1013 6.48 -19.13 46.46
N MET C 1014 5.38 -19.72 46.01
CA MET C 1014 4.23 -18.98 45.53
C MET C 1014 2.96 -19.56 46.11
N GLN C 1015 2.86 -19.55 47.43
CA GLN C 1015 1.72 -20.18 48.08
C GLN C 1015 0.45 -19.44 47.72
N ASN C 1016 -0.61 -20.17 47.38
CA ASN C 1016 -1.91 -19.56 47.06
C ASN C 1016 -1.91 -18.58 45.87
N ALA C 1017 -1.06 -18.84 44.89
CA ALA C 1017 -0.92 -17.96 43.72
C ALA C 1017 -2.03 -18.12 42.66
N GLN C 1018 -2.25 -17.06 41.89
CA GLN C 1018 -3.33 -16.97 40.90
C GLN C 1018 -2.79 -16.37 39.61
N ILE C 1019 -3.33 -16.76 38.46
CA ILE C 1019 -2.91 -16.16 37.19
C ILE C 1019 -3.79 -14.96 36.91
N ARG C 1020 -3.17 -13.81 36.68
CA ARG C 1020 -3.90 -12.54 36.70
C ARG C 1020 -3.34 -11.56 35.70
N ARG C 1021 -4.21 -10.91 34.95
CA ARG C 1021 -3.77 -9.89 34.00
C ARG C 1021 -3.33 -8.67 34.79
N ILE C 1022 -2.26 -8.02 34.34
CA ILE C 1022 -1.78 -6.80 34.99
C ILE C 1022 -1.84 -5.62 34.06
N ARG C 1023 -1.97 -4.45 34.66
CA ARG C 1023 -1.92 -3.21 33.92
C ARG C 1023 -0.47 -3.09 33.51
N PRO C 1024 -0.19 -2.36 32.42
CA PRO C 1024 1.19 -2.16 31.96
C PRO C 1024 2.04 -1.53 33.06
N ASP C 1025 1.41 -0.80 33.97
CA ASP C 1025 2.09 -0.25 35.14
C ASP C 1025 2.72 -1.35 36.01
N GLY C 1026 2.24 -2.58 35.81
CA GLY C 1026 2.81 -3.75 36.46
C GLY C 1026 1.97 -4.24 37.62
N THR C 1027 1.05 -3.39 38.07
CA THR C 1027 0.06 -3.76 39.08
C THR C 1027 -1.09 -4.62 38.53
N VAL C 1028 -1.63 -5.46 39.39
CA VAL C 1028 -2.61 -6.49 39.03
C VAL C 1028 -4.05 -5.97 38.87
N LEU C 1029 -4.85 -6.61 38.01
CA LEU C 1029 -6.28 -6.29 37.89
C LEU C 1029 -7.14 -7.48 38.29
N ARG C 1030 -8.30 -7.20 38.89
CA ARG C 1030 -9.22 -8.23 39.34
C ARG C 1030 -9.66 -9.03 38.13
N TYR C 1031 -9.75 -10.35 38.28
CA TYR C 1031 -9.98 -11.24 37.15
C TYR C 1031 -11.30 -10.92 36.44
N ASP C 1032 -11.22 -10.46 35.20
CA ASP C 1032 -12.41 -10.09 34.45
C ASP C 1032 -12.80 -11.22 33.52
N ASP C 1033 -14.06 -11.63 33.56
CA ASP C 1033 -14.57 -12.66 32.67
C ASP C 1033 -14.63 -12.15 31.23
N GLN C 1034 -14.70 -10.83 31.08
CA GLN C 1034 -14.78 -10.22 29.76
C GLN C 1034 -13.54 -10.44 28.90
N ILE C 1035 -12.38 -10.50 29.52
CA ILE C 1035 -11.14 -10.65 28.78
C ILE C 1035 -10.43 -11.97 29.10
N ASP C 1036 -9.96 -12.09 30.33
CA ASP C 1036 -9.24 -13.29 30.74
C ASP C 1036 -10.11 -14.56 30.67
N ILE C 1037 -9.54 -15.67 30.20
CA ILE C 1037 -10.27 -16.93 30.04
C ILE C 1037 -10.66 -17.59 31.36
N GLU C 1038 -11.71 -18.41 31.33
CA GLU C 1038 -12.26 -19.01 32.53
C GLU C 1038 -11.28 -19.94 33.24
N ALA C 1039 -10.37 -20.52 32.46
CA ALA C 1039 -9.36 -21.41 33.02
C ALA C 1039 -8.46 -20.67 33.99
N PHE C 1040 -8.36 -19.35 33.80
CA PHE C 1040 -7.58 -18.47 34.68
C PHE C 1040 -8.33 -17.98 35.91
N ARG C 1041 -9.60 -18.38 36.04
CA ARG C 1041 -10.43 -17.87 37.13
C ARG C 1041 -9.85 -18.19 38.49
N TRP C 1042 -9.53 -19.47 38.68
CA TRP C 1042 -9.06 -19.97 39.97
C TRP C 1042 -8.08 -21.10 39.70
N SER C 1043 -6.85 -20.94 40.16
CA SER C 1043 -5.76 -21.85 39.78
C SER C 1043 -5.93 -23.28 40.29
N ARG C 1044 -6.69 -23.44 41.37
CA ARG C 1044 -6.83 -24.73 42.02
C ARG C 1044 -5.45 -25.30 42.33
N TYR C 1045 -4.62 -24.50 42.97
CA TYR C 1045 -3.27 -24.89 43.37
C TYR C 1045 -2.43 -25.47 42.23
N PHE C 1046 -2.89 -25.29 41.00
CA PHE C 1046 -2.23 -25.82 39.81
C PHE C 1046 -2.12 -27.34 39.79
N LEU C 1047 -3.21 -28.02 40.10
CA LEU C 1047 -3.26 -29.48 39.96
C LEU C 1047 -4.44 -29.92 39.10
N ASP C 1048 -4.33 -31.11 38.52
CA ASP C 1048 -5.39 -31.66 37.66
C ASP C 1048 -6.58 -31.88 38.57
N GLU C 1049 -7.78 -31.85 37.99
CA GLU C 1049 -8.98 -32.05 38.80
C GLU C 1049 -8.85 -33.37 39.54
N LEU C 1050 -8.37 -34.38 38.81
CA LEU C 1050 -8.25 -35.72 39.36
C LEU C 1050 -7.27 -35.83 40.52
N GLN C 1051 -6.16 -35.10 40.41
CA GLN C 1051 -5.17 -35.07 41.49
C GLN C 1051 -5.75 -34.44 42.75
N LEU C 1052 -6.70 -33.52 42.58
CA LEU C 1052 -7.40 -32.93 43.71
C LEU C 1052 -8.32 -33.97 44.32
N ARG C 1053 -8.97 -34.71 43.42
CA ARG C 1053 -9.91 -35.74 43.82
C ARG C 1053 -9.19 -36.73 44.73
N ARG C 1054 -8.03 -37.22 44.27
CA ARG C 1054 -7.20 -38.12 45.10
C ARG C 1054 -6.56 -37.45 46.33
N LEU C 1055 -6.28 -36.16 46.19
CA LEU C 1055 -5.67 -35.39 47.26
C LEU C 1055 -6.57 -35.39 48.49
N SER C 1056 -7.88 -35.42 48.26
CA SER C 1056 -8.78 -35.43 49.41
C SER C 1056 -8.66 -36.73 50.21
N VAL C 1057 -8.57 -37.84 49.48
CA VAL C 1057 -8.39 -39.12 50.15
C VAL C 1057 -7.09 -39.11 50.91
N GLY C 1058 -6.05 -38.56 50.30
CA GLY C 1058 -4.74 -38.59 50.91
C GLY C 1058 -4.69 -37.77 52.18
N LEU C 1059 -5.38 -36.64 52.20
CA LEU C 1059 -5.44 -35.84 53.39
C LEU C 1059 -6.20 -36.58 54.47
N ARG C 1060 -7.24 -37.31 54.10
CA ARG C 1060 -7.93 -38.08 55.12
C ARG C 1060 -7.06 -39.20 55.68
N LEU C 1061 -6.14 -39.71 54.86
CA LEU C 1061 -5.22 -40.76 55.31
C LEU C 1061 -4.15 -40.19 56.25
N ILE C 1062 -3.54 -39.08 55.87
CA ILE C 1062 -2.52 -38.43 56.70
C ILE C 1062 -3.06 -37.93 58.05
N THR C 1063 -4.31 -37.47 58.06
CA THR C 1063 -4.90 -36.89 59.26
C THR C 1063 -5.61 -37.93 60.09
N ASN C 1064 -5.51 -39.18 59.65
CA ASN C 1064 -6.00 -40.31 60.42
C ASN C 1064 -5.14 -40.58 61.64
N PRO C 1065 -5.76 -40.75 62.82
CA PRO C 1065 -5.04 -40.95 64.07
C PRO C 1065 -4.13 -42.19 64.04
N ARG C 1066 -4.54 -43.22 63.31
CA ARG C 1066 -3.81 -44.48 63.29
C ARG C 1066 -2.45 -44.40 62.62
N ILE C 1067 -2.25 -43.37 61.80
CA ILE C 1067 -0.97 -43.18 61.13
C ILE C 1067 -0.02 -42.27 61.93
N ALA C 1068 -0.54 -41.64 62.98
CA ALA C 1068 0.27 -40.72 63.79
C ALA C 1068 1.07 -41.47 64.85
N ARG C 1069 2.23 -41.99 64.46
CA ARG C 1069 3.03 -42.77 65.39
C ARG C 1069 4.33 -42.08 65.81
N ARG C 1070 4.45 -40.78 65.53
CA ARG C 1070 5.57 -40.00 66.05
C ARG C 1070 5.18 -39.37 67.37
N PHE C 1071 5.32 -40.15 68.44
CA PHE C 1071 4.99 -39.70 69.79
C PHE C 1071 6.02 -38.74 70.35
N ASN C 1072 5.58 -37.83 71.21
CA ASN C 1072 6.50 -36.91 71.87
C ASN C 1072 6.25 -36.80 73.37
N GLY C 1073 7.33 -36.87 74.14
CA GLY C 1073 7.26 -36.67 75.57
C GLY C 1073 7.19 -37.96 76.35
N VAL C 1074 8.08 -38.11 77.32
CA VAL C 1074 8.10 -39.30 78.17
C VAL C 1074 8.08 -38.96 79.66
N ARG C 1075 7.55 -39.87 80.46
CA ARG C 1075 7.57 -39.73 81.89
C ARG C 1075 8.62 -40.67 82.46
N ILE C 1076 9.53 -40.12 83.24
CA ILE C 1076 10.55 -40.90 83.93
C ILE C 1076 10.11 -41.01 85.37
N MET C 1077 9.86 -42.24 85.82
CA MET C 1077 9.31 -42.49 87.14
C MET C 1077 9.78 -43.86 87.65
N TYR C 1078 10.17 -43.93 88.92
CA TYR C 1078 10.71 -45.17 89.46
C TYR C 1078 9.57 -46.04 89.96
N LEU C 1079 9.34 -47.15 89.27
CA LEU C 1079 8.16 -47.96 89.48
C LEU C 1079 8.45 -49.43 89.21
N THR C 1080 7.81 -50.32 89.95
CA THR C 1080 7.91 -51.74 89.65
C THR C 1080 7.09 -52.02 88.40
N ASP C 1081 7.55 -52.91 87.54
CA ASP C 1081 6.86 -53.19 86.29
C ASP C 1081 5.62 -54.05 86.54
N ASP C 1082 4.46 -53.40 86.61
CA ASP C 1082 3.22 -54.10 86.87
C ASP C 1082 2.34 -54.20 85.61
N ASP C 1083 1.81 -53.08 85.13
CA ASP C 1083 0.80 -53.13 84.06
C ASP C 1083 1.35 -53.64 82.75
N PRO C 1084 0.73 -54.71 82.22
CA PRO C 1084 1.04 -55.31 80.92
C PRO C 1084 0.87 -54.36 79.73
N ASP C 1085 -0.08 -53.44 79.81
CA ASP C 1085 -0.39 -52.59 78.67
C ASP C 1085 0.75 -51.62 78.39
N PRO C 1086 1.19 -51.55 77.13
CA PRO C 1086 2.23 -50.62 76.68
C PRO C 1086 1.82 -49.18 76.96
N ASP C 1087 0.51 -48.94 76.87
CA ASP C 1087 -0.04 -47.60 76.91
C ASP C 1087 -0.17 -47.07 78.35
N PHE C 1088 0.50 -47.74 79.29
CA PHE C 1088 0.45 -47.34 80.69
C PHE C 1088 1.26 -46.08 80.94
N VAL C 1089 0.57 -45.03 81.37
CA VAL C 1089 1.19 -43.82 81.87
C VAL C 1089 0.81 -43.73 83.33
N PRO C 1090 1.78 -43.89 84.23
CA PRO C 1090 1.44 -43.84 85.65
C PRO C 1090 0.89 -42.47 86.05
N ASP C 1091 -0.12 -42.46 86.91
CA ASP C 1091 -0.63 -41.21 87.44
C ASP C 1091 0.37 -40.59 88.41
N VAL C 1092 0.56 -39.28 88.36
CA VAL C 1092 1.31 -38.60 89.39
C VAL C 1092 0.46 -38.60 90.66
N PRO C 1093 1.02 -39.11 91.76
CA PRO C 1093 0.27 -39.31 93.02
C PRO C 1093 -0.24 -38.00 93.64
N GLU C 1094 -0.69 -38.07 94.89
CA GLU C 1094 -1.43 -36.97 95.49
C GLU C 1094 -0.58 -35.79 96.00
N GLY C 1095 0.52 -36.09 96.67
CA GLY C 1095 1.26 -35.04 97.38
C GLY C 1095 2.21 -34.25 96.51
N TYR C 1096 2.31 -34.64 95.24
CA TYR C 1096 3.34 -34.10 94.36
C TYR C 1096 3.11 -32.64 94.00
N VAL C 1097 4.21 -31.89 93.93
CA VAL C 1097 4.16 -30.48 93.55
C VAL C 1097 4.77 -30.32 92.18
N ALA C 1098 4.01 -29.77 91.24
CA ALA C 1098 4.53 -29.54 89.91
C ALA C 1098 5.62 -28.48 89.96
N VAL C 1099 6.70 -28.70 89.23
CA VAL C 1099 7.78 -27.71 89.13
C VAL C 1099 8.31 -27.69 87.69
N GLN C 1100 8.18 -26.55 87.03
CA GLN C 1100 8.80 -26.41 85.71
C GLN C 1100 10.30 -26.45 85.91
N TYR C 1101 10.99 -27.21 85.08
CA TYR C 1101 12.44 -27.25 85.20
C TYR C 1101 12.99 -25.94 84.75
N ALA C 1102 14.01 -25.47 85.45
CA ALA C 1102 14.69 -24.25 85.07
C ALA C 1102 16.08 -24.36 85.64
N HIS C 1103 17.02 -23.68 85.02
CA HIS C 1103 18.40 -23.75 85.49
C HIS C 1103 18.53 -23.11 86.86
N ARG C 1104 17.66 -22.16 87.17
CA ARG C 1104 17.79 -21.40 88.41
C ARG C 1104 17.58 -22.30 89.63
N LEU C 1105 16.92 -23.43 89.40
CA LEU C 1105 16.62 -24.37 90.47
C LEU C 1105 17.86 -25.08 90.98
N PHE C 1106 18.39 -25.97 90.16
CA PHE C 1106 19.65 -26.63 90.49
C PHE C 1106 20.85 -25.67 90.48
N SER C 1107 21.74 -25.83 91.45
CA SER C 1107 22.87 -24.94 91.61
C SER C 1107 23.94 -25.63 92.45
N SER C 1108 25.16 -25.10 92.48
CA SER C 1108 26.15 -25.61 93.40
C SER C 1108 25.91 -25.06 94.81
N SER C 1109 26.25 -25.84 95.83
CA SER C 1109 26.29 -25.30 97.20
C SER C 1109 27.15 -26.14 98.12
N LEU C 1110 27.76 -25.51 99.11
CA LEU C 1110 28.49 -26.22 100.12
C LEU C 1110 27.49 -26.96 100.95
N ALA C 1111 27.80 -28.22 101.28
CA ALA C 1111 26.91 -29.07 102.04
C ALA C 1111 27.71 -30.23 102.61
N ASN C 1112 27.92 -30.21 103.92
CA ASN C 1112 28.71 -31.24 104.58
C ASN C 1112 30.02 -31.50 103.84
N LYS C 1113 30.89 -30.49 103.85
CA LYS C 1113 32.22 -30.59 103.24
C LYS C 1113 32.20 -31.20 101.85
N ARG C 1114 31.21 -30.83 101.04
CA ARG C 1114 31.15 -31.23 99.64
C ARG C 1114 30.37 -30.19 98.84
N ASN C 1115 30.62 -30.14 97.54
CA ASN C 1115 30.06 -29.10 96.67
C ASN C 1115 28.82 -29.56 95.95
N ARG C 1116 27.82 -29.96 96.73
CA ARG C 1116 26.68 -30.69 96.18
C ARG C 1116 25.75 -29.89 95.23
N VAL C 1117 25.25 -30.60 94.22
CA VAL C 1117 24.37 -30.03 93.19
C VAL C 1117 22.99 -29.77 93.76
N THR C 1118 22.89 -28.81 94.67
CA THR C 1118 21.66 -28.58 95.43
C THR C 1118 20.43 -28.20 94.57
N TYR C 1119 19.27 -28.72 94.94
CA TYR C 1119 18.03 -28.31 94.28
C TYR C 1119 17.24 -27.44 95.25
N THR C 1120 16.66 -26.32 94.79
CA THR C 1120 15.79 -25.57 95.71
C THR C 1120 14.33 -25.65 95.28
N HIS C 1121 13.47 -25.90 96.25
CA HIS C 1121 12.06 -26.17 95.96
C HIS C 1121 11.28 -24.86 96.05
N PRO C 1122 10.74 -24.41 94.90
CA PRO C 1122 10.09 -23.09 94.83
C PRO C 1122 8.88 -22.86 95.77
N PRO C 1123 8.07 -23.89 96.06
CA PRO C 1123 7.03 -23.64 97.06
C PRO C 1123 7.54 -23.20 98.43
N THR C 1124 8.71 -23.66 98.84
CA THR C 1124 9.24 -23.25 100.15
C THR C 1124 10.57 -22.52 100.06
N GLY C 1125 11.30 -22.73 98.96
CA GLY C 1125 12.57 -22.07 98.75
C GLY C 1125 13.70 -22.79 99.45
N MET C 1126 13.37 -23.86 100.15
CA MET C 1126 14.35 -24.69 100.85
C MET C 1126 15.32 -25.38 99.89
N ALA C 1127 16.59 -25.50 100.29
CA ALA C 1127 17.59 -26.20 99.48
C ALA C 1127 17.82 -27.65 99.94
N TYR C 1128 18.02 -28.52 98.96
CA TYR C 1128 18.12 -29.97 99.15
C TYR C 1128 19.34 -30.43 98.37
N PRO C 1129 20.52 -30.33 98.99
CA PRO C 1129 21.77 -30.76 98.33
C PRO C 1129 21.79 -32.22 97.89
N SER C 1130 21.21 -33.11 98.70
CA SER C 1130 21.17 -34.51 98.35
C SER C 1130 19.92 -34.88 97.57
N PRO C 1131 20.06 -35.73 96.54
CA PRO C 1131 18.87 -36.22 95.83
C PRO C 1131 17.91 -36.95 96.77
N THR C 1132 18.42 -37.62 97.80
CA THR C 1132 17.56 -38.22 98.81
C THR C 1132 16.93 -37.18 99.73
N GLY C 1133 15.68 -37.41 100.13
CA GLY C 1133 15.02 -36.54 101.08
C GLY C 1133 14.32 -35.33 100.49
N ARG C 1134 14.36 -35.21 99.17
CA ARG C 1134 13.66 -34.15 98.45
C ARG C 1134 12.15 -34.36 98.41
N PRO C 1135 11.39 -33.26 98.41
CA PRO C 1135 9.92 -33.29 98.40
C PRO C 1135 9.45 -33.88 97.09
N HIS C 1136 8.28 -34.52 97.07
CA HIS C 1136 7.78 -35.09 95.83
C HIS C 1136 7.60 -34.00 94.78
N VAL C 1137 8.09 -34.26 93.57
CA VAL C 1137 8.17 -33.22 92.56
C VAL C 1137 7.78 -33.75 91.17
N HIS C 1138 6.67 -33.24 90.64
CA HIS C 1138 6.30 -33.52 89.27
C HIS C 1138 7.03 -32.49 88.44
N MET C 1139 8.29 -32.78 88.12
CA MET C 1139 9.08 -31.81 87.39
C MET C 1139 8.97 -31.93 85.88
N THR C 1140 8.25 -31.00 85.28
CA THR C 1140 8.16 -30.94 83.83
C THR C 1140 9.48 -30.41 83.31
N ILE C 1141 9.87 -30.81 82.11
CA ILE C 1141 11.15 -30.38 81.54
C ILE C 1141 10.97 -30.08 80.06
N ASN C 1142 10.61 -28.84 79.77
CA ASN C 1142 10.26 -28.48 78.39
C ASN C 1142 11.42 -28.56 77.43
N GLU C 1143 12.64 -28.31 77.92
CA GLU C 1143 13.81 -28.34 77.06
C GLU C 1143 15.06 -28.74 77.82
N ARG C 1144 15.81 -29.68 77.28
CA ARG C 1144 17.03 -30.16 77.91
C ARG C 1144 18.26 -29.41 77.42
N ALA C 1145 18.03 -28.22 76.88
CA ALA C 1145 19.07 -27.38 76.27
C ALA C 1145 20.40 -27.37 77.02
N GLY C 1146 20.48 -26.51 78.03
CA GLY C 1146 21.74 -26.29 78.73
C GLY C 1146 21.94 -27.19 79.91
N MET C 1147 21.03 -28.13 80.11
CA MET C 1147 21.02 -28.96 81.31
C MET C 1147 22.33 -29.74 81.43
N SER C 1148 23.08 -29.42 82.48
CA SER C 1148 24.40 -30.01 82.68
C SER C 1148 24.29 -31.44 83.17
N LYS C 1149 25.31 -32.24 82.86
CA LYS C 1149 25.26 -33.66 83.17
C LYS C 1149 25.12 -33.90 84.66
N LEU C 1150 25.71 -33.02 85.47
CA LEU C 1150 25.58 -33.17 86.92
C LEU C 1150 24.14 -32.99 87.31
N VAL C 1151 23.47 -32.10 86.59
CA VAL C 1151 22.09 -31.77 86.92
C VAL C 1151 21.15 -32.83 86.40
N ALA C 1152 21.39 -33.28 85.17
CA ALA C 1152 20.55 -34.31 84.59
C ALA C 1152 20.62 -35.54 85.47
N ASP C 1153 21.85 -35.95 85.77
CA ASP C 1153 22.06 -37.11 86.61
C ASP C 1153 21.47 -36.90 88.00
N ASN C 1154 21.57 -35.69 88.54
CA ASN C 1154 21.00 -35.40 89.86
C ASN C 1154 19.48 -35.46 89.89
N ILE C 1155 18.88 -35.11 88.77
CA ILE C 1155 17.44 -35.17 88.61
C ILE C 1155 17.06 -36.64 88.62
N ILE C 1156 17.76 -37.44 87.81
CA ILE C 1156 17.42 -38.86 87.71
C ILE C 1156 17.59 -39.52 89.07
N ALA C 1157 18.63 -39.12 89.78
CA ALA C 1157 18.86 -39.61 91.12
C ALA C 1157 17.72 -39.18 92.02
N SER C 1158 17.12 -38.03 91.74
CA SER C 1158 15.96 -37.65 92.52
C SER C 1158 14.73 -38.48 92.18
N VAL C 1159 14.67 -38.93 90.92
CA VAL C 1159 13.59 -39.78 90.45
C VAL C 1159 13.63 -41.11 91.18
N ILE C 1160 14.84 -41.56 91.47
CA ILE C 1160 14.98 -42.85 92.14
C ILE C 1160 14.93 -42.70 93.64
N LYS C 1161 15.94 -42.04 94.19
CA LYS C 1161 16.06 -41.89 95.63
C LYS C 1161 14.91 -41.10 96.27
N SER C 1162 14.31 -40.19 95.51
CA SER C 1162 13.21 -39.39 96.07
C SER C 1162 11.84 -39.50 95.39
N ASN C 1163 11.71 -40.43 94.44
CA ASN C 1163 10.47 -40.65 93.70
C ASN C 1163 9.95 -39.41 92.99
N TRP C 1164 10.85 -38.59 92.49
CA TRP C 1164 10.45 -37.51 91.62
C TRP C 1164 9.84 -38.13 90.39
N VAL C 1165 8.79 -37.52 89.88
CA VAL C 1165 8.25 -37.91 88.59
C VAL C 1165 8.59 -36.84 87.58
N VAL C 1166 9.55 -37.10 86.71
CA VAL C 1166 9.88 -36.05 85.75
C VAL C 1166 9.22 -36.31 84.40
N ASP C 1167 8.82 -35.25 83.71
CA ASP C 1167 8.19 -35.41 82.41
C ASP C 1167 8.96 -34.60 81.38
N ILE C 1168 9.71 -35.30 80.54
CA ILE C 1168 10.50 -34.69 79.47
C ILE C 1168 9.66 -34.53 78.23
N LEU C 1169 9.23 -33.30 77.95
CA LEU C 1169 8.38 -33.05 76.80
C LEU C 1169 9.16 -32.83 75.51
N ASP C 1170 10.47 -32.64 75.62
CA ASP C 1170 11.35 -32.40 74.46
C ASP C 1170 11.46 -33.60 73.53
N ILE C 1171 11.36 -34.81 74.09
CA ILE C 1171 11.56 -36.04 73.34
C ILE C 1171 10.52 -36.27 72.24
N GLU C 1172 10.96 -36.82 71.11
CA GLU C 1172 10.07 -37.29 70.06
C GLU C 1172 10.53 -38.70 69.69
N TYR C 1173 9.62 -39.66 69.70
CA TYR C 1173 10.02 -41.04 69.47
C TYR C 1173 9.02 -41.90 68.70
N THR C 1174 9.55 -42.84 67.93
CA THR C 1174 8.79 -44.00 67.49
C THR C 1174 8.73 -45.02 68.63
N ALA C 1175 7.68 -45.84 68.64
CA ALA C 1175 7.59 -46.88 69.66
C ALA C 1175 7.20 -48.24 69.12
N GLU C 1176 8.19 -49.12 68.96
CA GLU C 1176 7.90 -50.52 68.65
C GLU C 1176 7.22 -51.16 69.89
N VAL C 1177 6.18 -51.96 69.67
CA VAL C 1177 5.59 -52.70 70.80
C VAL C 1177 5.92 -54.18 70.78
N MET C 1178 6.81 -54.58 71.68
CA MET C 1178 7.28 -55.95 71.80
C MET C 1178 6.24 -56.91 72.39
N THR C 1179 6.23 -58.14 71.87
CA THR C 1179 5.56 -59.26 72.52
C THR C 1179 6.51 -59.71 73.61
N PRO C 1180 5.99 -60.34 74.67
CA PRO C 1180 6.89 -60.75 75.76
C PRO C 1180 8.01 -61.69 75.29
N SER C 1181 7.76 -62.53 74.30
CA SER C 1181 8.79 -63.44 73.81
C SER C 1181 9.99 -62.74 73.16
N GLU C 1182 9.77 -61.62 72.47
CA GLU C 1182 10.90 -60.93 71.85
C GLU C 1182 11.63 -59.98 72.80
N GLY C 1183 11.05 -59.74 73.98
CA GLY C 1183 11.73 -59.00 75.03
C GLY C 1183 12.10 -57.58 74.64
N TYR C 1184 13.35 -57.19 74.91
CA TYR C 1184 13.81 -55.86 74.57
C TYR C 1184 15.14 -55.89 73.82
N THR C 1185 15.09 -55.74 72.50
CA THR C 1185 16.28 -55.72 71.69
C THR C 1185 17.16 -54.49 71.96
N GLN C 1186 16.53 -53.38 72.36
CA GLN C 1186 17.27 -52.15 72.64
C GLN C 1186 17.41 -51.86 74.13
N HIS C 1187 18.37 -51.02 74.50
CA HIS C 1187 18.61 -50.73 75.91
C HIS C 1187 19.01 -49.27 76.17
N VAL C 1188 18.04 -48.50 76.63
CA VAL C 1188 18.17 -47.05 76.79
C VAL C 1188 18.69 -46.65 78.16
N ASP C 1189 19.92 -46.13 78.19
CA ASP C 1189 20.50 -45.57 79.40
C ASP C 1189 19.74 -44.31 79.76
N ALA C 1190 19.74 -43.92 81.04
CA ALA C 1190 19.09 -42.68 81.42
C ALA C 1190 19.78 -41.50 80.75
N GLU C 1191 21.10 -41.62 80.63
CA GLU C 1191 21.93 -40.56 80.10
C GLU C 1191 21.55 -40.28 78.65
N SER C 1192 21.22 -41.32 77.90
CA SER C 1192 20.86 -41.13 76.51
C SER C 1192 19.53 -40.40 76.34
N ILE C 1193 18.58 -40.64 77.24
CA ILE C 1193 17.32 -39.90 77.19
C ILE C 1193 17.50 -38.46 77.66
N MET C 1194 18.53 -38.21 78.45
CA MET C 1194 18.78 -36.84 78.93
C MET C 1194 19.79 -36.07 78.07
N THR C 1195 20.26 -36.67 76.99
CA THR C 1195 21.27 -36.04 76.15
C THR C 1195 21.07 -36.25 74.65
N ALA C 1196 20.00 -36.92 74.25
CA ALA C 1196 19.72 -37.10 72.83
C ALA C 1196 19.39 -35.76 72.22
N PRO C 1197 19.97 -35.47 71.04
CA PRO C 1197 19.79 -34.14 70.44
C PRO C 1197 18.34 -33.87 70.16
N LYS C 1198 17.93 -32.62 70.31
CA LYS C 1198 16.55 -32.23 70.03
C LYS C 1198 16.33 -32.42 68.55
N GLY C 1199 15.17 -32.98 68.19
CA GLY C 1199 14.88 -33.23 66.79
C GLY C 1199 15.33 -34.57 66.25
N LYS C 1200 16.27 -35.23 66.91
CA LYS C 1200 16.51 -36.65 66.60
C LYS C 1200 15.35 -37.52 67.09
N LEU C 1201 14.96 -38.50 66.28
CA LEU C 1201 13.89 -39.41 66.67
C LEU C 1201 14.43 -40.50 67.56
N PHE C 1202 13.96 -40.55 68.79
CA PHE C 1202 14.29 -41.65 69.67
C PHE C 1202 13.46 -42.86 69.26
N HIS C 1203 13.97 -44.05 69.51
CA HIS C 1203 13.18 -45.24 69.22
C HIS C 1203 13.04 -46.12 70.45
N LEU C 1204 11.86 -46.06 71.06
CA LEU C 1204 11.60 -46.81 72.26
C LEU C 1204 10.80 -48.08 72.01
N GLN C 1205 11.03 -49.07 72.86
CA GLN C 1205 10.29 -50.31 72.80
C GLN C 1205 9.42 -50.49 74.05
N PHE C 1206 8.22 -51.05 73.86
CA PHE C 1206 7.31 -51.22 74.98
C PHE C 1206 6.65 -52.59 74.98
N MET C 1207 6.78 -53.29 76.10
CA MET C 1207 6.19 -54.61 76.25
C MET C 1207 4.67 -54.58 76.29
N ASP C 1208 4.03 -55.51 75.58
CA ASP C 1208 2.64 -55.85 75.84
C ASP C 1208 2.68 -57.23 76.46
N GLY C 1209 2.82 -57.25 77.78
CA GLY C 1209 3.09 -58.48 78.51
C GLY C 1209 1.82 -59.22 78.84
N LEU C 1210 0.72 -58.84 78.20
CA LEU C 1210 -0.57 -59.49 78.42
C LEU C 1210 -0.53 -60.97 78.03
N LEU C 1211 0.22 -61.30 76.99
CA LEU C 1211 0.35 -62.68 76.56
C LEU C 1211 1.45 -63.43 77.32
N ARG C 1212 1.50 -63.22 78.63
CA ARG C 1212 2.54 -63.84 79.45
C ARG C 1212 1.94 -64.82 80.45
N PRO C 1213 2.23 -66.12 80.26
CA PRO C 1213 1.70 -67.27 81.01
C PRO C 1213 2.07 -67.26 82.49
N GLU C 1214 1.18 -67.80 83.33
CA GLU C 1214 1.37 -67.82 84.79
C GLU C 1214 2.62 -68.61 85.17
N PRO C 1215 3.32 -68.16 86.24
CA PRO C 1215 4.53 -68.83 86.73
C PRO C 1215 4.20 -70.20 87.25
N SER C 1216 5.12 -71.14 87.11
CA SER C 1216 4.95 -72.49 87.65
C SER C 1216 4.81 -72.41 89.15
N ALA C 1217 3.95 -73.26 89.70
CA ALA C 1217 3.61 -73.18 91.12
C ALA C 1217 4.82 -73.47 92.02
N PHE C 1218 5.81 -74.18 91.49
CA PHE C 1218 6.99 -74.50 92.26
C PHE C 1218 8.24 -73.77 91.79
N ASP C 1219 8.06 -72.78 90.91
CA ASP C 1219 9.17 -71.91 90.51
C ASP C 1219 9.65 -71.12 91.72
N PRO C 1220 10.99 -70.95 91.85
CA PRO C 1220 11.55 -70.32 93.05
C PRO C 1220 11.09 -68.89 93.18
N PRO C 1221 10.89 -68.43 94.41
CA PRO C 1221 10.49 -67.04 94.65
C PRO C 1221 11.53 -66.08 94.14
N ALA C 1222 11.08 -64.94 93.63
CA ALA C 1222 12.00 -63.88 93.18
C ALA C 1222 12.27 -62.86 94.28
N SER C 1223 13.43 -62.97 94.95
CA SER C 1223 13.73 -62.11 96.09
C SER C 1223 13.59 -60.62 95.79
N GLY C 1224 14.30 -60.16 94.76
CA GLY C 1224 14.30 -58.75 94.38
C GLY C 1224 13.18 -58.34 93.44
N GLU C 1225 13.10 -57.03 93.17
CA GLU C 1225 12.01 -56.48 92.36
C GLU C 1225 12.36 -56.22 90.89
N ASP C 1226 11.34 -56.15 90.04
CA ASP C 1226 11.50 -55.71 88.65
C ASP C 1226 11.03 -54.27 88.48
N MET C 1227 11.97 -53.34 88.31
CA MET C 1227 11.65 -51.91 88.19
C MET C 1227 11.73 -51.35 86.76
N ARG C 1228 11.06 -50.21 86.54
CA ARG C 1228 10.91 -49.62 85.21
C ARG C 1228 10.82 -48.09 85.28
N LEU C 1229 11.53 -47.39 84.38
CA LEU C 1229 11.62 -45.93 84.47
C LEU C 1229 10.96 -45.16 83.32
N ILE C 1230 11.01 -45.71 82.10
CA ILE C 1230 10.53 -44.97 80.95
C ILE C 1230 9.09 -45.29 80.73
N TYR C 1231 8.26 -44.26 80.66
CA TYR C 1231 6.84 -44.44 80.34
C TYR C 1231 6.38 -43.45 79.27
N PRO C 1232 5.40 -43.86 78.45
CA PRO C 1232 4.78 -42.93 77.49
C PRO C 1232 3.98 -41.84 78.20
N LEU C 1233 3.82 -40.68 77.55
CA LEU C 1233 2.94 -39.63 78.05
C LEU C 1233 1.56 -39.63 77.38
N GLN C 1234 1.46 -40.37 76.28
CA GLN C 1234 0.27 -40.40 75.44
C GLN C 1234 -0.02 -41.86 75.10
N PRO C 1235 -1.23 -42.16 74.64
CA PRO C 1235 -1.47 -43.53 74.15
C PRO C 1235 -0.52 -43.89 72.99
N ILE C 1236 -0.03 -45.11 72.99
CA ILE C 1236 0.98 -45.55 72.02
C ILE C 1236 0.36 -46.51 71.02
N SER C 1237 -0.36 -47.49 71.54
CA SER C 1237 -0.96 -48.51 70.70
C SER C 1237 -2.16 -47.95 69.95
N VAL C 1238 -1.90 -47.06 69.00
CA VAL C 1238 -2.98 -46.44 68.24
C VAL C 1238 -3.24 -47.19 66.94
N ALA C 1239 -2.24 -47.91 66.46
CA ALA C 1239 -2.40 -48.70 65.24
C ALA C 1239 -3.02 -50.05 65.55
N ARG C 1240 -3.14 -50.34 66.84
CA ARG C 1240 -3.63 -51.63 67.29
C ARG C 1240 -5.08 -51.87 66.90
N SER C 1241 -5.35 -53.06 66.39
CA SER C 1241 -6.66 -53.41 65.89
C SER C 1241 -7.16 -54.56 66.73
N MET C 1242 -6.33 -55.60 66.87
CA MET C 1242 -6.71 -56.75 67.69
C MET C 1242 -5.62 -57.09 68.66
N ARG C 1243 -5.99 -57.48 69.87
CA ARG C 1243 -5.00 -57.71 70.91
C ARG C 1243 -5.29 -58.98 71.67
N ALA C 1244 -4.28 -59.84 71.78
CA ALA C 1244 -4.37 -61.09 72.54
C ALA C 1244 -5.43 -62.04 71.97
N ILE C 1245 -5.14 -62.56 70.79
CA ILE C 1245 -5.97 -63.60 70.18
C ILE C 1245 -5.65 -64.95 70.81
N VAL C 1246 -5.98 -65.10 72.10
CA VAL C 1246 -5.85 -66.38 72.80
C VAL C 1246 -6.97 -66.48 73.85
N ASN C 1247 -7.35 -67.70 74.19
CA ASN C 1247 -8.38 -67.91 75.20
C ASN C 1247 -7.89 -67.67 76.60
N HIS C 1248 -8.84 -67.38 77.47
CA HIS C 1248 -8.63 -67.41 78.91
C HIS C 1248 -9.69 -68.33 79.52
N ASN C 1249 -9.27 -69.50 79.99
CA ASN C 1249 -10.18 -70.54 80.47
C ASN C 1249 -11.19 -71.03 79.43
N GLU C 1250 -10.79 -70.98 78.17
CA GLU C 1250 -11.60 -71.51 77.07
C GLU C 1250 -12.99 -70.93 76.94
N VAL C 1251 -13.17 -69.72 77.45
CA VAL C 1251 -14.38 -68.93 77.20
C VAL C 1251 -14.13 -67.46 77.55
N ASP C 1252 -13.71 -67.21 78.79
CA ASP C 1252 -13.52 -65.86 79.27
C ASP C 1252 -12.45 -65.15 78.47
N ARG C 1253 -12.65 -63.87 78.17
CA ARG C 1253 -11.61 -63.08 77.48
C ARG C 1253 -10.54 -62.67 78.46
N PRO C 1254 -9.27 -62.66 78.01
CA PRO C 1254 -8.22 -62.13 78.88
C PRO C 1254 -8.50 -60.66 79.13
N ARG C 1255 -8.19 -60.16 80.32
CA ARG C 1255 -8.39 -58.74 80.57
C ARG C 1255 -7.47 -57.99 79.62
N GLY C 1256 -8.01 -56.97 78.95
CA GLY C 1256 -7.21 -56.17 78.05
C GLY C 1256 -7.09 -56.62 76.61
N ALA C 1257 -7.70 -57.76 76.26
CA ALA C 1257 -7.75 -58.20 74.85
C ALA C 1257 -8.72 -57.34 74.05
N VAL C 1258 -8.40 -57.08 72.79
CA VAL C 1258 -9.18 -56.15 71.98
C VAL C 1258 -9.69 -56.78 70.70
N ALA C 1259 -11.01 -56.87 70.57
CA ALA C 1259 -11.66 -57.26 69.32
C ALA C 1259 -11.57 -56.11 68.32
N PRO C 1260 -11.54 -56.43 67.03
CA PRO C 1260 -11.48 -55.36 66.03
C PRO C 1260 -12.71 -54.48 66.08
N SER C 1261 -12.56 -53.19 65.78
CA SER C 1261 -13.71 -52.29 65.73
C SER C 1261 -14.65 -52.72 64.62
N SER C 1262 -15.94 -52.44 64.77
CA SER C 1262 -16.93 -52.89 63.82
C SER C 1262 -16.71 -52.32 62.42
N TYR C 1263 -16.15 -51.13 62.34
CA TYR C 1263 -15.95 -50.46 61.06
C TYR C 1263 -15.00 -51.20 60.15
N GLU C 1264 -14.13 -52.02 60.73
CA GLU C 1264 -13.17 -52.80 59.94
C GLU C 1264 -13.94 -53.77 59.05
N MET C 1265 -15.16 -54.08 59.45
CA MET C 1265 -15.94 -55.10 58.76
C MET C 1265 -17.24 -54.60 58.08
N ASP C 1266 -17.47 -53.29 57.98
CA ASP C 1266 -18.78 -52.79 57.50
C ASP C 1266 -19.12 -53.03 56.02
N THR C 1267 -18.14 -52.89 55.12
CA THR C 1267 -18.39 -52.90 53.66
C THR C 1267 -19.80 -52.48 53.26
N GLY C 1268 -20.05 -51.18 53.32
CA GLY C 1268 -21.39 -50.68 53.13
C GLY C 1268 -21.77 -50.65 51.67
N THR C 1269 -21.78 -49.44 51.10
CA THR C 1269 -22.21 -49.27 49.73
C THR C 1269 -21.68 -47.99 49.14
N LEU C 1270 -21.71 -47.93 47.81
CA LEU C 1270 -21.48 -46.68 47.10
C LEU C 1270 -22.64 -45.71 47.26
N SER C 1271 -22.34 -44.42 47.40
CA SER C 1271 -23.39 -43.41 47.52
C SER C 1271 -23.97 -43.09 46.15
N ARG C 1272 -25.00 -42.27 46.14
CA ARG C 1272 -25.69 -41.91 44.90
C ARG C 1272 -24.70 -41.30 43.90
N ASN C 1273 -23.76 -40.53 44.41
CA ASN C 1273 -22.70 -39.96 43.58
C ASN C 1273 -21.55 -40.95 43.40
N GLY C 1274 -21.55 -42.03 44.17
CA GLY C 1274 -20.47 -43.00 44.11
C GLY C 1274 -19.41 -42.96 45.20
N ASP C 1275 -19.63 -42.16 46.24
CA ASP C 1275 -18.76 -42.20 47.42
C ASP C 1275 -18.98 -43.49 48.22
N LEU C 1276 -17.93 -43.99 48.88
CA LEU C 1276 -18.08 -45.08 49.84
C LEU C 1276 -18.85 -44.66 51.09
N LEU C 1277 -19.64 -45.57 51.66
CA LEU C 1277 -20.40 -45.28 52.87
C LEU C 1277 -20.50 -46.52 53.76
N TYR C 1278 -20.44 -46.30 55.06
CA TYR C 1278 -20.83 -47.34 56.02
C TYR C 1278 -22.32 -47.58 55.92
N SER C 1279 -22.75 -48.76 56.34
CA SER C 1279 -24.15 -49.14 56.31
C SER C 1279 -24.93 -48.28 57.30
N PRO C 1280 -26.25 -48.12 57.07
CA PRO C 1280 -27.08 -47.34 57.99
C PRO C 1280 -27.10 -47.95 59.40
N VAL C 1281 -27.11 -47.10 60.42
CA VAL C 1281 -27.17 -47.55 61.81
C VAL C 1281 -28.59 -47.89 62.25
N ALA C 1282 -29.39 -46.86 62.48
CA ALA C 1282 -30.83 -47.02 62.61
C ALA C 1282 -31.39 -47.27 61.22
N ASN C 1283 -32.53 -47.92 61.13
CA ASN C 1283 -33.09 -48.25 59.82
C ASN C 1283 -33.45 -47.03 58.97
N GLY C 1284 -33.91 -45.96 59.62
CA GLY C 1284 -34.34 -44.78 58.90
C GLY C 1284 -33.27 -43.85 58.36
N GLN C 1285 -32.14 -43.76 59.07
CA GLN C 1285 -31.06 -42.85 58.69
C GLN C 1285 -30.18 -43.38 57.55
N VAL C 1286 -29.61 -42.46 56.77
CA VAL C 1286 -28.68 -42.83 55.71
C VAL C 1286 -27.29 -43.12 56.28
N GLY C 1287 -26.52 -43.95 55.58
CA GLY C 1287 -25.18 -44.33 56.02
C GLY C 1287 -24.11 -43.28 55.88
N ILE C 1288 -23.33 -43.09 56.96
CA ILE C 1288 -22.26 -42.12 57.02
C ILE C 1288 -21.08 -42.47 56.12
N PRO C 1289 -20.61 -41.51 55.29
CA PRO C 1289 -19.52 -41.81 54.35
C PRO C 1289 -18.24 -42.17 55.07
N LYS C 1290 -17.50 -43.14 54.54
CA LYS C 1290 -16.33 -43.67 55.25
C LYS C 1290 -15.21 -42.65 55.36
N LEU C 1291 -15.09 -41.76 54.39
CA LEU C 1291 -14.12 -40.68 54.43
C LEU C 1291 -14.50 -39.61 55.47
N GLU C 1292 -15.80 -39.47 55.72
CA GLU C 1292 -16.29 -38.44 56.63
C GLU C 1292 -15.87 -38.66 58.09
N VAL C 1293 -15.71 -39.93 58.49
CA VAL C 1293 -15.32 -40.26 59.86
C VAL C 1293 -13.89 -40.82 59.95
N ASP C 1294 -13.33 -40.87 61.16
CA ASP C 1294 -11.93 -41.24 61.35
C ASP C 1294 -11.62 -42.74 61.37
N HIS C 1295 -12.65 -43.58 61.40
CA HIS C 1295 -12.45 -45.03 61.47
C HIS C 1295 -11.83 -45.61 60.21
N ILE C 1296 -10.88 -46.53 60.37
CA ILE C 1296 -10.43 -47.35 59.25
C ILE C 1296 -11.44 -48.48 58.95
N SER C 1297 -11.60 -48.82 57.68
CA SER C 1297 -12.57 -49.82 57.25
C SER C 1297 -11.97 -50.74 56.19
N PHE C 1298 -11.91 -52.04 56.47
CA PHE C 1298 -11.15 -52.95 55.61
C PHE C 1298 -11.93 -53.78 54.60
N SER C 1299 -13.19 -53.43 54.40
CA SER C 1299 -13.93 -54.02 53.30
C SER C 1299 -14.71 -52.91 52.61
N ASN C 1300 -14.59 -52.84 51.29
CA ASN C 1300 -15.15 -51.74 50.53
C ASN C 1300 -15.56 -52.18 49.15
N VAL C 1301 -16.55 -51.51 48.55
CA VAL C 1301 -16.96 -51.86 47.19
C VAL C 1301 -16.21 -51.08 46.11
N VAL C 1302 -15.30 -51.77 45.44
CA VAL C 1302 -14.49 -51.20 44.39
C VAL C 1302 -15.07 -51.56 43.02
N SER C 1303 -15.36 -50.55 42.22
CA SER C 1303 -15.75 -50.74 40.83
C SER C 1303 -14.54 -51.14 40.01
N MET C 1304 -14.75 -52.00 39.02
CA MET C 1304 -13.66 -52.48 38.19
C MET C 1304 -14.15 -53.01 36.85
N MET C 1305 -13.32 -52.88 35.83
CA MET C 1305 -13.63 -53.44 34.53
C MET C 1305 -13.49 -54.95 34.59
N THR C 1306 -14.37 -55.66 33.89
CA THR C 1306 -14.39 -57.12 33.94
C THR C 1306 -13.18 -57.75 33.25
N ALA C 1307 -12.59 -57.02 32.32
CA ALA C 1307 -11.42 -57.48 31.61
C ALA C 1307 -10.66 -56.28 31.07
N ASN C 1308 -9.47 -56.51 30.52
CA ASN C 1308 -8.57 -55.40 30.19
C ASN C 1308 -9.13 -54.41 29.16
N ILE C 1309 -8.97 -53.12 29.47
CA ILE C 1309 -9.46 -52.02 28.64
C ILE C 1309 -8.71 -51.90 27.30
N ARG C 1310 -7.43 -52.25 27.32
CA ARG C 1310 -6.59 -52.15 26.13
C ARG C 1310 -6.69 -53.40 25.28
N THR C 1311 -7.76 -53.50 24.51
CA THR C 1311 -8.05 -54.66 23.67
C THR C 1311 -6.99 -54.86 22.59
N GLY C 1312 -6.35 -53.76 22.17
CA GLY C 1312 -5.34 -53.82 21.14
C GLY C 1312 -5.78 -53.42 19.75
N ASP C 1313 -7.05 -53.07 19.59
CA ASP C 1313 -7.52 -52.49 18.33
C ASP C 1313 -7.35 -50.97 18.33
N ASP C 1314 -6.10 -50.51 18.30
CA ASP C 1314 -5.82 -49.07 18.30
C ASP C 1314 -6.31 -48.40 17.02
N MET C 1315 -6.85 -47.21 17.18
CA MET C 1315 -7.44 -46.45 16.08
C MET C 1315 -6.39 -46.05 15.05
N ALA C 1316 -6.76 -46.11 13.77
CA ALA C 1316 -5.88 -45.72 12.68
C ALA C 1316 -6.70 -44.99 11.65
N VAL C 1317 -6.06 -44.11 10.88
CA VAL C 1317 -6.81 -43.19 10.02
C VAL C 1317 -6.23 -43.04 8.64
N GLU C 1318 -7.08 -42.62 7.71
CA GLU C 1318 -6.68 -42.37 6.33
C GLU C 1318 -6.48 -40.88 6.17
N ARG C 1319 -5.28 -40.40 6.46
CA ARG C 1319 -4.96 -39.02 6.14
C ARG C 1319 -4.87 -38.91 4.64
N VAL C 1320 -5.47 -37.86 4.09
CA VAL C 1320 -5.31 -37.60 2.67
C VAL C 1320 -4.96 -36.14 2.49
N ASN C 1321 -3.89 -35.90 1.75
CA ASN C 1321 -3.28 -34.59 1.59
C ASN C 1321 -4.09 -33.67 0.68
N PRO C 1322 -3.88 -32.35 0.83
CA PRO C 1322 -4.44 -31.41 -0.16
C PRO C 1322 -3.84 -31.72 -1.54
N ASP C 1323 -4.64 -31.59 -2.59
CA ASP C 1323 -4.18 -31.98 -3.92
C ASP C 1323 -3.08 -31.04 -4.45
N ASP C 1324 -3.32 -29.73 -4.34
CA ASP C 1324 -2.38 -28.70 -4.79
C ASP C 1324 -2.18 -27.67 -3.71
N VAL C 1325 -0.93 -27.43 -3.33
CA VAL C 1325 -0.63 -26.53 -2.20
C VAL C 1325 -1.03 -25.08 -2.47
N ARG C 1326 -0.99 -24.67 -3.74
CA ARG C 1326 -1.34 -23.31 -4.07
C ARG C 1326 -2.83 -23.02 -3.88
N ALA C 1327 -3.66 -24.05 -4.05
CA ALA C 1327 -5.10 -23.88 -4.01
C ALA C 1327 -5.68 -23.88 -2.60
N ILE C 1328 -4.85 -24.21 -1.61
CA ILE C 1328 -5.32 -24.34 -0.22
C ILE C 1328 -5.84 -23.02 0.33
N ASN C 1329 -6.98 -23.06 1.03
CA ASN C 1329 -7.55 -21.83 1.56
C ASN C 1329 -7.15 -21.55 3.00
N ILE C 1330 -6.08 -20.78 3.15
CA ILE C 1330 -5.59 -20.36 4.45
C ILE C 1330 -6.63 -19.47 5.15
N ARG C 1331 -7.37 -18.72 4.34
CA ARG C 1331 -8.25 -17.65 4.79
C ARG C 1331 -9.44 -18.16 5.60
N ASN C 1332 -10.29 -17.21 6.02
CA ASN C 1332 -11.51 -17.48 6.76
C ASN C 1332 -11.26 -18.22 8.06
N ALA C 1333 -10.71 -17.52 9.04
CA ALA C 1333 -10.47 -18.07 10.36
C ALA C 1333 -9.66 -19.36 10.28
N MET D 1 -20.03 -5.10 -74.07
CA MET D 1 -20.22 -3.85 -73.34
C MET D 1 -21.48 -3.84 -72.50
N LEU D 2 -21.33 -3.60 -71.21
CA LEU D 2 -22.47 -3.39 -70.32
C LEU D 2 -23.01 -1.99 -70.55
N GLN D 3 -24.28 -1.88 -70.93
CA GLN D 3 -24.89 -0.56 -71.04
C GLN D 3 -25.15 0.04 -69.66
N GLN D 4 -25.00 1.35 -69.56
CA GLN D 4 -25.31 2.04 -68.31
C GLN D 4 -26.78 2.41 -68.27
N PRO D 5 -27.48 2.01 -67.20
CA PRO D 5 -28.93 2.23 -67.10
C PRO D 5 -29.27 3.72 -66.96
N THR D 6 -30.55 4.05 -66.78
CA THR D 6 -30.91 5.44 -66.53
C THR D 6 -30.36 5.87 -65.18
N GLY D 7 -30.23 4.92 -64.27
CA GLY D 7 -29.48 5.10 -63.04
C GLY D 7 -28.05 4.76 -63.37
N GLY D 8 -27.20 4.56 -62.37
CA GLY D 8 -25.83 4.16 -62.65
C GLY D 8 -25.68 2.66 -62.83
N TYR D 9 -24.45 2.20 -62.97
CA TYR D 9 -24.17 0.76 -62.98
C TYR D 9 -24.50 0.19 -61.62
N THR D 10 -24.51 1.07 -60.61
CA THR D 10 -24.81 0.66 -59.24
C THR D 10 -26.23 0.12 -59.08
N THR D 11 -27.13 0.53 -59.97
CA THR D 11 -28.50 0.05 -59.96
C THR D 11 -28.58 -1.45 -60.25
N LEU D 12 -27.59 -1.98 -60.97
CA LEU D 12 -27.50 -3.41 -61.22
C LEU D 12 -27.16 -4.18 -59.95
N GLU D 13 -27.82 -5.31 -59.75
CA GLU D 13 -27.59 -6.11 -58.54
C GLU D 13 -26.19 -6.71 -58.54
N GLN D 14 -25.60 -6.78 -59.73
CA GLN D 14 -24.26 -7.32 -59.92
C GLN D 14 -23.19 -6.46 -59.25
N PHE D 15 -23.47 -5.16 -59.09
CA PHE D 15 -22.51 -4.23 -58.52
C PHE D 15 -22.79 -3.80 -57.09
N ALA D 16 -23.75 -4.44 -56.43
CA ALA D 16 -24.17 -4.01 -55.10
C ALA D 16 -23.05 -4.08 -54.06
N PHE D 17 -22.93 -3.03 -53.25
CA PHE D 17 -21.87 -2.91 -52.25
C PHE D 17 -22.40 -3.24 -50.86
N THR D 18 -21.82 -4.25 -50.22
CA THR D 18 -22.28 -4.65 -48.89
C THR D 18 -21.11 -5.11 -48.02
N ILE D 19 -21.18 -4.80 -46.73
CA ILE D 19 -20.22 -5.34 -45.76
C ILE D 19 -20.83 -6.45 -44.95
N ARG D 20 -20.04 -7.49 -44.70
CA ARG D 20 -20.50 -8.59 -43.87
C ARG D 20 -20.64 -8.07 -42.45
N ASN D 21 -21.73 -8.44 -41.77
CA ASN D 21 -21.96 -7.98 -40.40
C ASN D 21 -23.09 -8.74 -39.73
N ASP D 22 -22.80 -9.31 -38.55
CA ASP D 22 -23.74 -10.13 -37.80
C ASP D 22 -24.28 -11.27 -38.68
N GLY D 23 -23.38 -11.92 -39.39
CA GLY D 23 -23.70 -13.15 -40.09
C GLY D 23 -24.42 -13.00 -41.41
N THR D 24 -24.56 -11.77 -41.90
CA THR D 24 -25.24 -11.51 -43.15
C THR D 24 -24.56 -10.42 -43.96
N ASN D 25 -24.90 -10.36 -45.24
CA ASN D 25 -24.36 -9.33 -46.12
C ASN D 25 -25.14 -8.04 -45.95
N ALA D 26 -24.81 -7.27 -44.92
CA ALA D 26 -25.51 -6.03 -44.64
C ALA D 26 -25.15 -4.94 -45.64
N THR D 27 -26.15 -4.11 -46.00
CA THR D 27 -25.93 -2.93 -46.83
C THR D 27 -25.17 -1.90 -45.99
N PRO D 28 -24.38 -1.04 -46.63
CA PRO D 28 -23.54 -0.11 -45.87
C PRO D 28 -24.36 0.80 -44.93
N THR D 29 -25.56 1.18 -45.36
CA THR D 29 -26.40 2.08 -44.59
C THR D 29 -26.77 1.48 -43.25
N GLN D 30 -26.97 0.17 -43.23
CA GLN D 30 -27.30 -0.51 -41.97
C GLN D 30 -26.08 -0.87 -41.13
N PHE D 31 -24.87 -0.64 -41.65
CA PHE D 31 -23.72 -0.59 -40.77
C PHE D 31 -23.60 0.79 -40.14
N LEU D 32 -23.76 1.81 -40.98
CA LEU D 32 -23.60 3.18 -40.51
C LEU D 32 -24.66 3.55 -39.48
N GLN D 33 -25.76 2.80 -39.48
CA GLN D 33 -26.77 2.95 -38.44
C GLN D 33 -26.23 2.58 -37.06
N LEU D 34 -25.31 1.62 -37.01
CA LEU D 34 -24.70 1.22 -35.74
C LEU D 34 -23.85 2.33 -35.16
N LEU D 35 -23.32 3.18 -36.04
CA LEU D 35 -22.39 4.24 -35.66
C LEU D 35 -23.01 5.30 -34.77
N SER D 36 -22.27 5.66 -33.73
CA SER D 36 -22.69 6.68 -32.77
C SER D 36 -21.49 7.59 -32.56
N TYR D 37 -21.71 8.79 -32.04
CA TYR D 37 -20.62 9.75 -31.96
C TYR D 37 -20.48 10.48 -30.62
N GLU D 38 -19.27 10.93 -30.34
CA GLU D 38 -18.99 11.73 -29.16
C GLU D 38 -18.28 13.01 -29.60
N ALA D 39 -18.98 14.12 -29.56
CA ALA D 39 -18.38 15.42 -29.85
C ALA D 39 -17.36 15.81 -28.78
N THR D 40 -16.30 16.48 -29.21
CA THR D 40 -15.32 17.05 -28.27
C THR D 40 -15.26 18.56 -28.45
N GLU D 41 -14.43 19.23 -27.65
CA GLU D 41 -14.33 20.68 -27.72
C GLU D 41 -13.78 21.20 -29.06
N ASN D 42 -12.93 20.40 -29.71
CA ASN D 42 -12.34 20.79 -30.99
C ASN D 42 -13.36 20.89 -32.11
N GLU D 43 -13.16 21.85 -33.01
CA GLU D 43 -14.11 22.05 -34.12
C GLU D 43 -13.47 21.89 -35.49
N LEU D 44 -14.31 21.56 -36.47
CA LEU D 44 -13.90 21.37 -37.86
C LEU D 44 -14.68 22.31 -38.77
N VAL D 45 -13.98 23.26 -39.37
CA VAL D 45 -14.56 24.12 -40.39
C VAL D 45 -14.02 23.73 -41.77
N LYS D 46 -14.92 23.38 -42.69
CA LYS D 46 -14.47 22.99 -44.02
C LYS D 46 -14.17 24.20 -44.90
N LYS D 47 -12.94 24.28 -45.39
CA LYS D 47 -12.55 25.28 -46.36
C LYS D 47 -12.92 24.78 -47.75
N THR D 48 -12.96 25.68 -48.73
CA THR D 48 -13.22 25.28 -50.10
C THR D 48 -12.09 24.37 -50.57
N ILE D 49 -12.44 23.30 -51.26
CA ILE D 49 -11.45 22.41 -51.85
C ILE D 49 -10.87 23.05 -53.10
N PRO D 50 -9.54 23.06 -53.23
CA PRO D 50 -8.92 23.61 -54.43
C PRO D 50 -9.36 22.79 -55.63
N THR D 51 -9.54 23.42 -56.78
CA THR D 51 -9.98 22.69 -57.95
C THR D 51 -8.89 21.71 -58.32
N PRO D 52 -9.28 20.54 -58.84
CA PRO D 52 -8.28 19.60 -59.33
C PRO D 52 -7.50 20.21 -60.50
N GLU D 53 -6.23 19.86 -60.59
CA GLU D 53 -5.37 20.33 -61.66
C GLU D 53 -5.96 19.97 -63.03
N THR D 54 -5.81 20.87 -63.99
CA THR D 54 -6.32 20.62 -65.35
C THR D 54 -5.60 19.47 -66.03
N HIS D 55 -4.31 19.34 -65.74
CA HIS D 55 -3.41 18.46 -66.49
C HIS D 55 -3.56 16.95 -66.24
N LEU D 56 -3.82 16.20 -67.31
CA LEU D 56 -3.90 14.74 -67.25
C LEU D 56 -2.55 14.09 -67.47
N PRO D 57 -2.11 13.25 -66.52
CA PRO D 57 -0.80 12.62 -66.65
C PRO D 57 -0.79 11.72 -67.86
N SER D 58 0.33 11.65 -68.58
CA SER D 58 0.39 10.72 -69.69
C SER D 58 0.42 9.30 -69.14
N ALA D 59 -0.34 8.40 -69.76
CA ALA D 59 -0.12 6.99 -69.50
C ALA D 59 1.16 6.71 -70.21
N ARG D 60 1.98 5.83 -69.65
CA ARG D 60 3.20 5.47 -70.34
C ARG D 60 2.82 4.40 -71.35
N ASN D 61 3.79 3.99 -72.15
CA ASN D 61 3.57 2.91 -73.08
C ASN D 61 3.58 1.56 -72.36
N VAL D 62 2.41 1.09 -71.94
CA VAL D 62 2.31 -0.13 -71.13
C VAL D 62 1.54 -1.24 -71.84
N PRO D 63 2.27 -2.27 -72.30
CA PRO D 63 1.74 -3.41 -73.08
C PRO D 63 0.66 -4.22 -72.34
N GLY D 64 0.80 -4.33 -71.04
CA GLY D 64 -0.05 -5.22 -70.28
C GLY D 64 -1.40 -4.60 -70.04
N ASN D 65 -2.31 -5.39 -69.51
CA ASN D 65 -3.61 -4.90 -69.12
C ASN D 65 -3.54 -4.56 -67.65
N VAL D 66 -3.32 -3.28 -67.35
CA VAL D 66 -3.15 -2.83 -65.97
C VAL D 66 -4.44 -3.01 -65.15
N TYR D 67 -4.28 -3.53 -63.93
CA TYR D 67 -5.40 -3.82 -63.06
C TYR D 67 -5.73 -2.61 -62.20
N ILE D 68 -6.40 -1.63 -62.80
CA ILE D 68 -6.60 -0.37 -62.12
C ILE D 68 -7.53 -0.40 -60.88
N GLU D 69 -8.52 -1.28 -60.87
CA GLU D 69 -9.45 -1.29 -59.74
C GLU D 69 -8.79 -1.87 -58.50
N ASP D 70 -8.02 -2.93 -58.69
CA ASP D 70 -7.34 -3.54 -57.56
C ASP D 70 -6.30 -2.55 -57.05
N ALA D 71 -5.74 -1.77 -57.97
CA ALA D 71 -4.71 -0.82 -57.58
C ALA D 71 -5.31 0.28 -56.71
N ILE D 72 -6.42 0.85 -57.17
CA ILE D 72 -7.07 1.92 -56.41
C ILE D 72 -7.62 1.43 -55.07
N THR D 73 -8.41 0.37 -55.11
CA THR D 73 -9.01 -0.15 -53.89
C THR D 73 -7.97 -0.58 -52.86
N GLN D 74 -6.93 -1.26 -53.29
CA GLN D 74 -5.89 -1.60 -52.33
C GLN D 74 -5.13 -0.38 -51.85
N ALA D 75 -5.00 0.64 -52.70
CA ALA D 75 -4.33 1.87 -52.29
C ALA D 75 -5.08 2.59 -51.19
N LEU D 76 -6.41 2.54 -51.24
CA LEU D 76 -7.19 3.26 -50.24
C LEU D 76 -7.45 2.42 -49.01
N PHE D 77 -8.00 1.23 -49.21
CA PHE D 77 -8.46 0.43 -48.07
C PHE D 77 -7.62 -0.82 -47.84
N GLY D 78 -6.59 -1.02 -48.65
CA GLY D 78 -5.79 -2.22 -48.58
C GLY D 78 -5.08 -2.39 -47.26
N ILE D 79 -5.12 -3.60 -46.71
CA ILE D 79 -4.46 -3.90 -45.45
C ILE D 79 -2.93 -3.84 -45.51
N SER D 80 -2.34 -4.09 -46.68
CA SER D 80 -0.88 -4.07 -46.76
C SER D 80 -0.28 -3.46 -48.03
N ALA D 81 -1.01 -2.59 -48.71
CA ALA D 81 -0.42 -1.82 -49.80
C ALA D 81 0.62 -0.84 -49.28
N GLN D 82 1.68 -0.64 -50.05
CA GLN D 82 2.73 0.32 -49.74
C GLN D 82 3.34 0.82 -51.04
N ASN D 83 4.01 1.97 -50.98
CA ASN D 83 4.68 2.53 -52.15
C ASN D 83 3.74 2.66 -53.33
N VAL D 84 2.50 3.02 -53.07
CA VAL D 84 1.46 3.02 -54.09
C VAL D 84 1.72 4.01 -55.22
N ASN D 85 2.53 5.04 -54.95
CA ASN D 85 2.90 6.00 -55.98
C ASN D 85 4.10 5.59 -56.82
N ALA D 86 4.79 4.52 -56.42
CA ALA D 86 6.04 4.14 -57.06
C ALA D 86 5.85 3.59 -58.47
N HIS D 87 4.96 2.60 -58.62
CA HIS D 87 4.71 1.99 -59.93
C HIS D 87 4.07 2.98 -60.91
N GLY D 88 3.23 3.87 -60.39
CA GLY D 88 2.66 4.94 -61.19
C GLY D 88 1.62 4.51 -62.20
N TYR D 89 0.99 3.37 -61.97
CA TYR D 89 0.08 2.80 -62.97
C TYR D 89 -1.30 3.44 -63.03
N PHE D 90 -1.63 4.27 -62.04
CA PHE D 90 -2.91 4.96 -62.04
C PHE D 90 -3.02 5.87 -63.26
N SER D 91 -1.87 6.32 -63.77
CA SER D 91 -1.82 7.23 -64.93
C SER D 91 -2.45 6.55 -66.12
N ARG D 92 -2.51 5.21 -66.07
CA ARG D 92 -3.00 4.43 -67.18
C ARG D 92 -4.45 4.76 -67.45
N LEU D 93 -5.13 5.29 -66.44
CA LEU D 93 -6.53 5.68 -66.59
C LEU D 93 -6.65 6.66 -67.73
N SER D 94 -5.61 7.47 -67.95
CA SER D 94 -5.63 8.51 -68.96
C SER D 94 -5.77 7.92 -70.37
N ALA D 95 -5.37 6.66 -70.53
CA ALA D 95 -5.52 5.99 -71.82
C ALA D 95 -6.99 5.91 -72.18
N LEU D 96 -7.84 5.75 -71.18
CA LEU D 96 -9.28 5.70 -71.38
C LEU D 96 -9.87 7.07 -71.70
N ALA D 97 -9.16 8.13 -71.33
CA ALA D 97 -9.72 9.47 -71.34
C ALA D 97 -10.04 10.02 -72.74
N LEU D 98 -9.31 9.55 -73.74
CA LEU D 98 -9.44 10.07 -75.11
C LEU D 98 -10.76 9.70 -75.77
N PRO D 99 -11.25 10.57 -76.66
CA PRO D 99 -12.36 10.14 -77.52
C PRO D 99 -11.88 8.98 -78.40
N ASN D 100 -12.78 8.03 -78.67
CA ASN D 100 -12.50 6.89 -79.56
C ASN D 100 -11.17 6.16 -79.33
N THR D 101 -10.82 5.96 -78.06
CA THR D 101 -9.67 5.13 -77.73
C THR D 101 -9.98 3.65 -77.96
N SER D 102 -8.94 2.89 -78.28
CA SER D 102 -9.10 1.47 -78.53
C SER D 102 -9.15 0.68 -77.24
N ALA D 103 -8.83 1.33 -76.12
CA ALA D 103 -8.84 0.70 -74.79
C ALA D 103 -10.24 0.60 -74.22
N ARG D 104 -10.44 -0.38 -73.35
CA ARG D 104 -11.73 -0.57 -72.68
C ARG D 104 -11.47 -0.89 -71.22
N LEU D 105 -12.40 -0.46 -70.36
CA LEU D 105 -12.28 -0.75 -68.93
C LEU D 105 -13.16 -1.93 -68.60
N GLY D 106 -12.54 -3.01 -68.15
CA GLY D 106 -13.28 -4.22 -67.85
C GLY D 106 -14.07 -4.09 -66.58
N LEU D 107 -15.14 -4.87 -66.47
CA LEU D 107 -15.92 -4.92 -65.24
C LEU D 107 -15.04 -5.53 -64.16
N ASP D 108 -14.05 -6.29 -64.60
CA ASP D 108 -13.01 -6.82 -63.73
C ASP D 108 -12.17 -5.69 -63.14
N GLY D 109 -12.21 -4.53 -63.80
CA GLY D 109 -11.41 -3.39 -63.40
C GLY D 109 -10.04 -3.36 -64.02
N VAL D 110 -9.85 -4.19 -65.05
CA VAL D 110 -8.61 -4.18 -65.83
C VAL D 110 -8.73 -3.27 -67.06
N ILE D 111 -7.70 -2.44 -67.32
CA ILE D 111 -7.70 -1.59 -68.51
C ILE D 111 -7.03 -2.25 -69.72
N TYR D 112 -7.80 -2.93 -70.55
CA TYR D 112 -7.28 -3.57 -71.76
C TYR D 112 -6.89 -2.54 -72.82
N ASN D 113 -5.79 -2.78 -73.52
CA ASN D 113 -5.31 -1.82 -74.52
C ASN D 113 -6.11 -1.88 -75.82
N SER D 114 -6.89 -2.93 -75.92
CA SER D 114 -7.81 -3.12 -77.04
C SER D 114 -8.98 -3.99 -76.57
N GLU D 115 -10.09 -3.91 -77.28
CA GLU D 115 -11.28 -4.69 -76.96
C GLU D 115 -10.92 -6.18 -77.13
N THR D 116 -11.32 -7.01 -76.17
CA THR D 116 -11.09 -8.46 -76.27
C THR D 116 -12.35 -9.30 -76.04
N ILE D 117 -12.43 -10.45 -76.69
CA ILE D 117 -13.63 -11.30 -76.64
C ILE D 117 -13.92 -11.84 -75.24
N ASN D 118 -15.21 -11.95 -74.93
CA ASN D 118 -15.71 -12.49 -73.65
C ASN D 118 -15.24 -11.74 -72.42
N ILE D 119 -14.90 -10.47 -72.59
CA ILE D 119 -14.65 -9.61 -71.43
C ILE D 119 -15.55 -8.39 -71.46
N PRO D 120 -16.60 -8.40 -70.62
CA PRO D 120 -17.56 -7.30 -70.52
C PRO D 120 -16.88 -6.02 -70.05
N PHE D 121 -17.34 -4.87 -70.56
CA PHE D 121 -16.68 -3.60 -70.25
C PHE D 121 -17.67 -2.43 -70.18
N TYR D 122 -17.34 -1.41 -69.37
CA TYR D 122 -18.19 -0.22 -69.21
C TYR D 122 -18.30 0.61 -70.50
N ASP D 123 -19.42 1.31 -70.69
CA ASP D 123 -19.62 2.07 -71.93
C ASP D 123 -18.57 3.15 -72.02
N PRO D 124 -17.83 3.16 -73.13
CA PRO D 124 -16.61 3.95 -73.28
C PRO D 124 -16.82 5.45 -73.11
N ALA D 125 -17.99 5.98 -73.46
CA ALA D 125 -18.25 7.41 -73.25
C ALA D 125 -18.26 7.73 -71.75
N ALA D 126 -18.94 6.89 -70.97
CA ALA D 126 -19.02 7.07 -69.53
C ALA D 126 -17.64 6.91 -68.91
N VAL D 127 -16.90 5.90 -69.37
CA VAL D 127 -15.57 5.66 -68.86
C VAL D 127 -14.64 6.82 -69.22
N ALA D 128 -14.87 7.44 -70.37
CA ALA D 128 -14.08 8.61 -70.72
C ALA D 128 -14.38 9.72 -69.75
N ASN D 129 -15.65 9.81 -69.34
CA ASN D 129 -16.01 10.83 -68.36
C ASN D 129 -15.30 10.59 -67.06
N PHE D 130 -15.20 9.32 -66.68
CA PHE D 130 -14.59 8.93 -65.41
C PHE D 130 -13.06 9.10 -65.42
N ALA D 131 -12.43 8.64 -66.49
CA ALA D 131 -10.99 8.74 -66.67
C ALA D 131 -10.54 10.19 -66.78
N ALA D 132 -11.40 11.03 -67.35
CA ALA D 132 -11.07 12.42 -67.64
C ALA D 132 -10.76 13.17 -66.35
N THR D 133 -11.30 12.67 -65.25
CA THR D 133 -10.96 13.22 -63.94
C THR D 133 -9.99 12.30 -63.22
N TYR D 134 -10.38 11.05 -63.04
CA TYR D 134 -9.67 10.18 -62.12
C TYR D 134 -8.27 9.76 -62.56
N ALA D 135 -7.92 10.05 -63.81
CA ALA D 135 -6.56 9.80 -64.23
C ALA D 135 -5.65 10.68 -63.40
N LYS D 136 -6.22 11.72 -62.80
CA LYS D 136 -5.48 12.66 -61.98
C LYS D 136 -4.98 12.00 -60.67
N LEU D 137 -5.47 10.79 -60.41
CA LEU D 137 -4.87 9.96 -59.37
C LEU D 137 -3.43 9.69 -59.75
N GLY D 138 -3.15 9.81 -61.05
CA GLY D 138 -1.80 9.63 -61.56
C GLY D 138 -0.81 10.64 -61.02
N ASN D 139 -1.26 11.85 -60.70
CA ASN D 139 -0.33 12.86 -60.20
C ASN D 139 -0.29 13.04 -58.69
N ALA D 140 -0.79 12.06 -57.95
CA ALA D 140 -0.77 12.16 -56.48
C ALA D 140 0.65 12.28 -55.94
N SER D 141 1.59 11.64 -56.64
CA SER D 141 2.98 11.66 -56.22
C SER D 141 3.69 12.94 -56.62
N THR D 142 3.42 13.43 -57.83
CA THR D 142 4.21 14.53 -58.39
C THR D 142 4.00 15.80 -57.58
N PRO D 143 5.10 16.44 -57.16
CA PRO D 143 5.08 17.53 -56.19
C PRO D 143 4.20 18.71 -56.57
N ARG D 144 4.13 19.05 -57.85
CA ARG D 144 3.36 20.23 -58.27
C ARG D 144 1.85 20.01 -58.13
N TYR D 145 1.44 18.76 -57.97
CA TYR D 145 0.02 18.42 -58.00
C TYR D 145 -0.55 17.78 -56.74
N ARG D 146 0.25 17.71 -55.68
CA ARG D 146 -0.18 17.00 -54.47
C ARG D 146 -1.40 17.62 -53.81
N ALA D 147 -2.31 16.78 -53.33
CA ALA D 147 -3.46 17.26 -52.57
C ALA D 147 -3.09 17.62 -51.12
N ASP D 148 -3.85 18.51 -50.49
CA ASP D 148 -3.73 18.70 -49.04
C ASP D 148 -4.13 17.41 -48.36
N MET D 149 -3.39 17.02 -47.33
CA MET D 149 -3.76 15.81 -46.59
C MET D 149 -4.20 16.11 -45.16
N ILE D 150 -4.42 17.38 -44.86
CA ILE D 150 -4.96 17.77 -43.56
C ILE D 150 -6.40 18.29 -43.69
N ASP D 151 -6.57 19.40 -44.41
CA ASP D 151 -7.87 20.07 -44.47
C ASP D 151 -8.99 19.24 -45.10
N ILE D 152 -8.64 18.41 -46.07
CA ILE D 152 -9.62 17.64 -46.82
C ILE D 152 -10.39 16.70 -45.90
N TYR D 153 -9.73 16.23 -44.84
CA TYR D 153 -10.38 15.29 -43.94
C TYR D 153 -11.55 15.90 -43.20
N ALA D 154 -11.56 17.22 -43.08
CA ALA D 154 -12.71 17.89 -42.51
C ALA D 154 -13.95 17.47 -43.29
N HIS D 155 -13.86 17.55 -44.62
CA HIS D 155 -14.98 17.21 -45.48
C HIS D 155 -15.35 15.76 -45.26
N VAL D 156 -14.35 14.91 -45.05
CA VAL D 156 -14.62 13.49 -44.83
C VAL D 156 -15.52 13.38 -43.62
N GLY D 157 -15.12 14.05 -42.54
CA GLY D 157 -15.87 13.93 -41.31
C GLY D 157 -17.26 14.47 -41.53
N LEU D 158 -17.35 15.55 -42.30
CA LEU D 158 -18.64 16.20 -42.49
C LEU D 158 -19.57 15.26 -43.22
N GLU D 159 -19.00 14.47 -44.14
CA GLU D 159 -19.86 13.61 -44.94
C GLU D 159 -20.13 12.31 -44.19
N LEU D 160 -19.36 12.08 -43.13
CA LEU D 160 -19.55 10.87 -42.34
C LEU D 160 -20.42 11.17 -41.14
N ALA D 161 -19.78 11.71 -40.10
CA ALA D 161 -20.43 12.01 -38.84
C ALA D 161 -21.47 13.13 -38.90
N GLY D 162 -21.30 14.06 -39.83
CA GLY D 162 -22.07 15.29 -39.84
C GLY D 162 -23.59 15.15 -39.94
N THR D 163 -24.28 15.79 -39.01
CA THR D 163 -25.74 15.89 -39.02
C THR D 163 -26.16 16.90 -40.08
N ASP D 164 -27.39 16.81 -40.54
CA ASP D 164 -27.87 17.67 -41.62
C ASP D 164 -27.71 19.15 -41.27
N ALA D 165 -27.85 19.46 -39.99
CA ALA D 165 -27.67 20.84 -39.52
C ALA D 165 -26.20 21.24 -39.55
N GLU D 166 -25.33 20.38 -39.02
CA GLU D 166 -23.89 20.63 -39.03
C GLU D 166 -23.36 20.63 -40.45
N ARG D 167 -24.01 19.85 -41.32
CA ARG D 167 -23.59 19.76 -42.71
C ARG D 167 -23.97 21.01 -43.50
N ALA D 168 -25.18 21.50 -43.30
CA ALA D 168 -25.57 22.76 -43.93
C ALA D 168 -24.72 23.91 -43.38
N ALA D 169 -24.38 23.82 -42.09
CA ALA D 169 -23.57 24.86 -41.45
C ALA D 169 -22.13 24.90 -41.95
N GLY D 170 -21.60 23.75 -42.35
CA GLY D 170 -20.23 23.66 -42.78
C GLY D 170 -19.22 23.56 -41.65
N VAL D 171 -19.70 23.35 -40.43
CA VAL D 171 -18.84 23.20 -39.26
C VAL D 171 -19.38 22.09 -38.36
N MET D 172 -18.50 21.29 -37.78
CA MET D 172 -18.96 20.30 -36.79
C MET D 172 -17.95 20.09 -35.67
N PRO D 173 -18.41 19.73 -34.47
CA PRO D 173 -17.44 19.36 -33.44
C PRO D 173 -16.67 18.13 -33.90
N VAL D 174 -15.39 18.02 -33.56
CA VAL D 174 -14.60 16.89 -34.03
C VAL D 174 -15.07 15.61 -33.35
N LYS D 175 -15.98 14.92 -34.02
CA LYS D 175 -16.64 13.76 -33.44
C LYS D 175 -15.76 12.52 -33.32
N ARG D 176 -15.98 11.77 -32.26
CA ARG D 176 -15.30 10.51 -32.00
C ARG D 176 -16.29 9.37 -32.23
N ALA D 177 -16.04 8.55 -33.25
CA ALA D 177 -16.98 7.49 -33.63
C ALA D 177 -16.89 6.26 -32.74
N LYS D 178 -18.01 5.54 -32.64
CA LYS D 178 -18.08 4.31 -31.85
C LYS D 178 -19.21 3.38 -32.31
N PHE D 179 -19.02 2.08 -32.15
CA PHE D 179 -20.05 1.11 -32.51
C PHE D 179 -19.91 -0.22 -31.76
N ASP D 180 -21.01 -0.92 -31.54
CA ASP D 180 -20.94 -2.26 -30.97
C ASP D 180 -20.13 -3.10 -31.94
N SER D 181 -19.17 -3.85 -31.42
CA SER D 181 -18.14 -4.40 -32.28
C SER D 181 -17.84 -5.87 -32.03
N TRP D 182 -17.60 -6.58 -33.13
CA TRP D 182 -17.08 -7.94 -33.12
C TRP D 182 -15.55 -7.89 -33.15
N GLU D 183 -14.89 -9.02 -32.93
CA GLU D 183 -13.43 -9.06 -33.00
C GLU D 183 -12.92 -8.69 -34.39
N GLY D 184 -11.92 -7.80 -34.43
CA GLY D 184 -11.31 -7.37 -35.67
C GLY D 184 -12.24 -6.64 -36.63
N SER D 185 -13.19 -5.90 -36.10
CA SER D 185 -14.29 -5.37 -36.90
C SER D 185 -13.84 -4.45 -38.01
N LEU D 186 -12.78 -3.69 -37.73
CA LEU D 186 -12.28 -2.71 -38.68
C LEU D 186 -11.49 -3.33 -39.82
N ILE D 187 -10.69 -4.34 -39.51
CA ILE D 187 -9.93 -5.00 -40.56
C ILE D 187 -10.89 -5.73 -41.50
N SER D 188 -11.82 -6.48 -40.93
CA SER D 188 -12.76 -7.25 -41.72
C SER D 188 -13.65 -6.31 -42.52
N LEU D 189 -13.93 -5.14 -41.96
CA LEU D 189 -14.71 -4.15 -42.68
C LEU D 189 -13.92 -3.65 -43.87
N SER D 190 -12.62 -3.41 -43.64
CA SER D 190 -11.75 -2.89 -44.67
C SER D 190 -11.59 -3.88 -45.81
N ARG D 191 -11.63 -5.17 -45.48
CA ARG D 191 -11.49 -6.20 -46.50
C ARG D 191 -12.78 -6.47 -47.20
N ASP D 192 -13.90 -6.23 -46.53
CA ASP D 192 -15.17 -6.33 -47.23
C ASP D 192 -15.19 -5.20 -48.26
N VAL D 193 -14.75 -4.02 -47.85
CA VAL D 193 -14.72 -2.87 -48.76
C VAL D 193 -13.72 -2.99 -49.91
N VAL D 194 -12.58 -3.65 -49.69
CA VAL D 194 -11.58 -3.79 -50.74
C VAL D 194 -12.11 -4.60 -51.94
N ASN D 195 -13.04 -5.51 -51.67
CA ASN D 195 -13.65 -6.30 -52.73
C ASN D 195 -14.76 -5.56 -53.45
N TRP D 196 -15.05 -4.34 -52.99
CA TRP D 196 -16.08 -3.53 -53.65
C TRP D 196 -15.65 -3.14 -55.04
N LYS D 197 -16.61 -3.16 -55.96
CA LYS D 197 -16.38 -2.77 -57.34
C LYS D 197 -16.52 -1.25 -57.49
N ILE D 198 -15.59 -0.52 -56.89
CA ILE D 198 -15.76 0.92 -56.73
C ILE D 198 -15.74 1.65 -58.06
N LEU D 199 -15.18 1.01 -59.07
CA LEU D 199 -15.15 1.63 -60.39
C LEU D 199 -16.57 1.88 -60.84
N ALA D 200 -17.50 1.02 -60.45
CA ALA D 200 -18.90 1.22 -60.83
C ALA D 200 -19.44 2.52 -60.24
N PHE D 201 -19.21 2.69 -58.94
CA PHE D 201 -19.65 3.87 -58.22
C PHE D 201 -18.97 5.16 -58.74
N LEU D 202 -17.71 5.07 -59.15
CA LEU D 202 -17.00 6.25 -59.66
C LEU D 202 -17.43 6.60 -61.07
N ILE D 203 -17.72 5.58 -61.86
CA ILE D 203 -18.15 5.80 -63.23
C ILE D 203 -19.51 6.46 -63.20
N ASP D 204 -20.39 5.95 -62.35
CA ASP D 204 -21.70 6.56 -62.21
C ASP D 204 -21.57 7.98 -61.63
N LEU D 205 -20.62 8.19 -60.74
CA LEU D 205 -20.39 9.52 -60.18
C LEU D 205 -19.92 10.53 -61.21
N CYS D 206 -19.12 10.07 -62.18
CA CYS D 206 -18.52 10.99 -63.13
C CYS D 206 -19.31 11.13 -64.43
N SER D 207 -20.22 10.19 -64.69
CA SER D 207 -20.90 10.18 -65.97
C SER D 207 -22.36 10.62 -65.86
N LEU D 208 -23.03 10.21 -64.78
CA LEU D 208 -24.43 10.58 -64.58
C LEU D 208 -24.58 12.08 -64.41
N GLU D 209 -25.63 12.64 -64.99
CA GLU D 209 -25.88 14.07 -64.85
C GLU D 209 -27.33 14.34 -64.48
N GLY D 210 -27.57 15.53 -63.93
CA GLY D 210 -28.91 15.98 -63.59
C GLY D 210 -29.61 15.10 -62.57
N GLU D 211 -30.88 14.83 -62.83
CA GLU D 211 -31.75 14.14 -61.88
C GLU D 211 -31.28 12.73 -61.56
N ALA D 212 -30.71 12.07 -62.56
CA ALA D 212 -30.20 10.71 -62.38
C ALA D 212 -28.99 10.71 -61.44
N LEU D 213 -28.17 11.75 -61.58
CA LEU D 213 -27.00 11.90 -60.74
C LEU D 213 -27.37 12.26 -59.31
N ARG D 214 -28.35 13.15 -59.14
CA ARG D 214 -28.75 13.54 -57.80
C ARG D 214 -29.40 12.36 -57.08
N ALA D 215 -30.18 11.60 -57.84
CA ALA D 215 -30.76 10.37 -57.31
C ALA D 215 -29.66 9.37 -56.98
N PHE D 216 -28.58 9.41 -57.73
CA PHE D 216 -27.43 8.55 -57.44
C PHE D 216 -26.75 8.96 -56.14
N LYS D 217 -26.58 10.27 -55.93
CA LYS D 217 -25.93 10.75 -54.71
C LYS D 217 -26.76 10.42 -53.49
N THR D 218 -28.09 10.42 -53.64
CA THR D 218 -28.93 10.03 -52.51
C THR D 218 -28.93 8.52 -52.28
N ARG D 219 -28.97 7.77 -53.38
CA ARG D 219 -28.99 6.31 -53.32
C ARG D 219 -27.70 5.70 -52.78
N ASN D 220 -26.57 6.36 -53.04
CA ASN D 220 -25.26 5.79 -52.70
C ASN D 220 -24.49 6.53 -51.61
N ARG D 221 -25.17 7.40 -50.88
CA ARG D 221 -24.48 8.24 -49.91
C ARG D 221 -23.82 7.39 -48.82
N ASP D 222 -24.50 6.33 -48.42
CA ASP D 222 -23.97 5.43 -47.39
C ASP D 222 -22.76 4.61 -47.84
N VAL D 223 -22.69 4.30 -49.13
CA VAL D 223 -21.54 3.58 -49.69
C VAL D 223 -20.32 4.49 -49.63
N PHE D 224 -20.52 5.71 -50.10
CA PHE D 224 -19.51 6.75 -50.04
C PHE D 224 -19.04 6.88 -48.61
N ARG D 225 -19.99 6.97 -47.68
CA ARG D 225 -19.67 7.19 -46.29
C ARG D 225 -18.88 6.01 -45.76
N MET D 226 -19.16 4.81 -46.27
CA MET D 226 -18.46 3.62 -45.81
C MET D 226 -16.99 3.66 -46.19
N MET D 227 -16.73 4.06 -47.43
CA MET D 227 -15.35 4.20 -47.86
C MET D 227 -14.67 5.25 -47.02
N LEU D 228 -15.42 6.33 -46.73
CA LEU D 228 -14.87 7.44 -45.96
C LEU D 228 -14.55 6.97 -44.56
N PHE D 229 -15.32 6.01 -44.09
CA PHE D 229 -15.16 5.48 -42.75
C PHE D 229 -13.89 4.67 -42.69
N ILE D 230 -13.69 3.79 -43.67
CA ILE D 230 -12.46 3.01 -43.71
C ILE D 230 -11.25 3.92 -43.78
N MET D 231 -11.31 4.94 -44.63
CA MET D 231 -10.20 5.89 -44.73
C MET D 231 -9.95 6.64 -43.42
N SER D 232 -11.04 7.01 -42.74
CA SER D 232 -10.93 7.73 -41.49
C SER D 232 -10.35 6.86 -40.37
N THR D 233 -10.63 5.56 -40.41
CA THR D 233 -9.96 4.66 -39.48
C THR D 233 -8.49 4.57 -39.86
N ALA D 234 -8.19 4.72 -41.15
CA ALA D 234 -6.79 4.68 -41.55
C ALA D 234 -6.04 5.87 -40.97
N VAL D 235 -6.71 7.01 -40.89
CA VAL D 235 -6.05 8.21 -40.37
C VAL D 235 -6.24 8.48 -38.88
N ALA D 236 -7.10 7.70 -38.23
CA ALA D 236 -7.47 8.00 -36.85
C ALA D 236 -6.26 7.92 -35.94
N ALA D 237 -6.13 8.90 -35.05
CA ALA D 237 -4.97 8.97 -34.17
C ALA D 237 -4.90 7.77 -33.24
N ASN D 238 -6.07 7.25 -32.84
CA ASN D 238 -6.13 6.01 -32.07
C ASN D 238 -7.48 5.32 -32.18
N VAL D 239 -7.49 4.03 -31.90
CA VAL D 239 -8.70 3.22 -32.00
C VAL D 239 -8.75 2.29 -30.80
N VAL D 240 -9.46 2.72 -29.76
CA VAL D 240 -9.58 1.92 -28.54
C VAL D 240 -10.85 1.11 -28.52
N ASN D 241 -10.89 0.11 -27.65
CA ASN D 241 -12.11 -0.59 -27.36
C ASN D 241 -12.59 -0.24 -25.97
N ARG D 242 -13.89 -0.32 -25.73
CA ARG D 242 -14.42 -0.05 -24.41
C ARG D 242 -15.31 -1.19 -23.94
N LYS D 243 -14.95 -1.80 -22.80
CA LYS D 243 -15.82 -2.79 -22.18
C LYS D 243 -17.10 -2.12 -21.71
N VAL D 244 -18.23 -2.79 -21.89
CA VAL D 244 -19.51 -2.21 -21.52
C VAL D 244 -20.56 -3.30 -21.28
N THR D 245 -20.55 -3.85 -20.06
CA THR D 245 -21.49 -4.87 -19.62
C THR D 245 -21.63 -6.02 -20.62
N LYS D 246 -20.59 -6.83 -20.72
CA LYS D 246 -20.57 -7.98 -21.63
C LYS D 246 -20.76 -7.57 -23.10
N ARG D 247 -20.21 -6.41 -23.44
CA ARG D 247 -20.21 -5.89 -24.82
C ARG D 247 -18.94 -5.08 -25.00
N VAL D 248 -18.51 -4.92 -26.24
CA VAL D 248 -17.34 -4.09 -26.52
C VAL D 248 -17.64 -3.06 -27.58
N ASP D 249 -17.48 -1.79 -27.23
CA ASP D 249 -17.69 -0.70 -28.18
C ASP D 249 -16.37 -0.27 -28.79
N ARG D 250 -16.21 -0.53 -30.09
CA ARG D 250 -15.07 -0.02 -30.82
C ARG D 250 -15.21 1.49 -30.89
N VAL D 251 -14.11 2.20 -30.71
CA VAL D 251 -14.11 3.66 -30.76
C VAL D 251 -12.90 4.18 -31.51
N LEU D 252 -13.15 4.93 -32.58
CA LEU D 252 -12.08 5.59 -33.29
C LEU D 252 -12.14 7.09 -33.07
N GLU D 253 -10.97 7.67 -32.83
CA GLU D 253 -10.86 9.08 -32.53
C GLU D 253 -9.62 9.65 -33.19
N TYR D 254 -9.82 10.69 -34.00
CA TYR D 254 -11.13 11.30 -34.15
C TYR D 254 -11.50 11.43 -35.62
N ILE D 255 -12.79 11.41 -35.92
CA ILE D 255 -13.26 11.63 -37.28
C ILE D 255 -12.92 13.05 -37.76
N GLY D 256 -12.46 13.17 -39.00
CA GLY D 256 -12.16 14.48 -39.57
C GLY D 256 -10.76 14.99 -39.28
N VAL D 257 -10.00 14.22 -38.53
CA VAL D 257 -8.63 14.59 -38.20
C VAL D 257 -7.64 13.58 -38.76
N ASN D 258 -6.76 14.03 -39.64
CA ASN D 258 -5.68 13.17 -40.14
C ASN D 258 -4.44 13.33 -39.27
N SER D 259 -4.06 12.26 -38.58
CA SER D 259 -2.92 12.27 -37.69
C SER D 259 -1.63 12.11 -38.47
N MET D 260 -1.76 11.79 -39.75
CA MET D 260 -0.63 11.50 -40.62
C MET D 260 0.21 10.35 -40.08
N ARG D 261 -0.40 9.48 -39.29
CA ARG D 261 0.33 8.37 -38.70
C ARG D 261 0.78 7.39 -39.78
N THR D 262 1.99 6.86 -39.64
CA THR D 262 2.50 5.91 -40.61
C THR D 262 2.84 4.58 -39.98
N ALA D 263 3.26 4.61 -38.71
CA ALA D 263 3.53 3.37 -38.00
C ALA D 263 2.24 2.56 -37.89
N GLY D 264 2.32 1.27 -38.21
CA GLY D 264 1.13 0.45 -38.34
C GLY D 264 0.50 0.08 -37.01
N ARG D 265 -0.71 -0.46 -37.06
CA ARG D 265 -1.36 -1.03 -35.89
C ARG D 265 -2.29 -2.15 -36.29
N THR D 266 -2.51 -3.10 -35.38
CA THR D 266 -3.35 -4.24 -35.70
C THR D 266 -4.82 -3.86 -35.85
N ALA D 267 -5.22 -2.76 -35.21
CA ALA D 267 -6.61 -2.33 -35.21
C ALA D 267 -7.16 -1.93 -36.59
N THR D 268 -6.32 -1.35 -37.44
CA THR D 268 -6.78 -0.80 -38.73
C THR D 268 -5.69 -0.78 -39.81
N ILE D 269 -6.11 -0.61 -41.06
CA ILE D 269 -5.15 -0.47 -42.16
C ILE D 269 -4.36 0.84 -42.04
N THR D 270 -3.09 0.81 -42.44
CA THR D 270 -2.22 1.98 -42.22
C THR D 270 -1.66 2.57 -43.50
N TYR D 271 -1.62 3.89 -43.56
CA TYR D 271 -1.13 4.59 -44.73
C TYR D 271 0.37 4.93 -44.68
N ASP D 272 1.13 4.36 -45.62
CA ASP D 272 2.49 4.82 -45.88
C ASP D 272 2.28 6.18 -46.44
N LEU D 273 3.28 7.05 -46.36
CA LEU D 273 3.06 8.44 -46.75
C LEU D 273 2.52 8.55 -48.17
N SER D 274 2.95 7.64 -49.03
CA SER D 274 2.45 7.60 -50.39
C SER D 274 0.95 7.35 -50.38
N ARG D 275 0.49 6.49 -49.47
CA ARG D 275 -0.93 6.19 -49.37
C ARG D 275 -1.67 7.41 -48.86
N HIS D 276 -0.99 8.22 -48.06
CA HIS D 276 -1.60 9.45 -47.58
C HIS D 276 -1.81 10.43 -48.73
N GLU D 277 -0.79 10.55 -49.61
CA GLU D 277 -0.90 11.43 -50.77
C GLU D 277 -1.98 10.93 -51.73
N PHE D 278 -2.05 9.61 -51.89
CA PHE D 278 -2.99 9.04 -52.84
C PHE D 278 -4.39 9.25 -52.31
N ALA D 279 -4.58 8.99 -51.03
CA ALA D 279 -5.91 9.13 -50.45
C ALA D 279 -6.36 10.57 -50.49
N ALA D 280 -5.43 11.49 -50.26
CA ALA D 280 -5.77 12.90 -50.26
C ALA D 280 -6.21 13.30 -51.65
N LYS D 281 -5.49 12.81 -52.66
CA LYS D 281 -5.83 13.15 -54.04
C LYS D 281 -7.19 12.57 -54.40
N PHE D 282 -7.42 11.34 -53.98
CA PHE D 282 -8.64 10.65 -54.32
C PHE D 282 -9.81 11.39 -53.73
N LEU D 283 -9.63 11.86 -52.50
CA LEU D 283 -10.67 12.61 -51.81
C LEU D 283 -10.90 13.94 -52.47
N GLN D 284 -9.85 14.52 -53.03
CA GLN D 284 -10.00 15.82 -53.65
C GLN D 284 -10.87 15.65 -54.87
N LEU D 285 -10.52 14.67 -55.69
CA LEU D 285 -11.23 14.47 -56.95
C LEU D 285 -12.68 14.05 -56.66
N THR D 286 -12.83 13.14 -55.71
CA THR D 286 -14.13 12.57 -55.43
C THR D 286 -15.08 13.58 -54.77
N PHE D 287 -14.59 14.36 -53.80
CA PHE D 287 -15.42 15.37 -53.18
C PHE D 287 -15.72 16.48 -54.17
N THR D 288 -14.79 16.71 -55.09
CA THR D 288 -15.02 17.72 -56.10
C THR D 288 -16.19 17.31 -56.98
N ARG D 289 -16.19 16.04 -57.39
CA ARG D 289 -17.31 15.53 -58.18
C ARG D 289 -18.60 15.44 -57.38
N TRP D 290 -18.46 15.22 -56.08
CA TRP D 290 -19.60 14.96 -55.20
C TRP D 290 -20.34 16.24 -54.82
N ASN D 291 -19.71 17.39 -55.05
CA ASN D 291 -20.34 18.66 -54.79
C ASN D 291 -20.42 19.51 -56.05
N ALA D 292 -21.42 19.24 -56.88
CA ALA D 292 -21.60 19.99 -58.12
C ALA D 292 -23.03 19.87 -58.62
N MET E 1 -55.47 -69.82 29.20
CA MET E 1 -55.71 -68.54 28.55
C MET E 1 -56.24 -67.46 29.48
N LEU E 2 -55.68 -66.26 29.38
CA LEU E 2 -56.16 -65.11 30.12
C LEU E 2 -57.20 -64.35 29.31
N GLN E 3 -58.44 -64.29 29.78
CA GLN E 3 -59.42 -63.42 29.17
C GLN E 3 -58.97 -61.98 29.36
N GLN E 4 -59.05 -61.17 28.32
CA GLN E 4 -58.58 -59.79 28.41
C GLN E 4 -59.57 -58.91 29.17
N PRO E 5 -59.08 -58.21 30.20
CA PRO E 5 -59.91 -57.32 31.02
C PRO E 5 -60.44 -56.19 30.13
N THR E 6 -61.63 -55.68 30.44
CA THR E 6 -62.21 -54.62 29.63
C THR E 6 -61.29 -53.41 29.59
N GLY E 7 -60.52 -53.22 30.66
CA GLY E 7 -59.56 -52.14 30.74
C GLY E 7 -58.25 -52.46 30.07
N GLY E 8 -58.14 -53.67 29.53
CA GLY E 8 -56.90 -54.16 28.92
C GLY E 8 -56.07 -54.92 29.94
N TYR E 9 -55.08 -55.67 29.46
CA TYR E 9 -54.25 -56.49 30.35
C TYR E 9 -53.46 -55.64 31.34
N THR E 10 -53.19 -54.40 30.96
CA THR E 10 -52.40 -53.50 31.77
C THR E 10 -53.04 -53.18 33.11
N THR E 11 -54.36 -53.32 33.21
CA THR E 11 -55.04 -53.12 34.48
C THR E 11 -54.67 -54.17 35.53
N LEU E 12 -54.28 -55.35 35.06
CA LEU E 12 -53.82 -56.42 35.97
C LEU E 12 -52.51 -56.05 36.65
N GLU E 13 -52.41 -56.35 37.95
CA GLU E 13 -51.22 -56.02 38.71
C GLU E 13 -50.05 -56.90 38.29
N GLN E 14 -50.38 -57.96 37.56
CA GLN E 14 -49.39 -58.86 36.97
C GLN E 14 -48.52 -58.14 35.94
N PHE E 15 -49.06 -57.09 35.34
CA PHE E 15 -48.35 -56.35 34.31
C PHE E 15 -48.06 -54.91 34.69
N ALA E 16 -47.87 -54.63 35.98
CA ALA E 16 -47.50 -53.27 36.39
C ALA E 16 -46.11 -52.94 35.86
N PHE E 17 -45.95 -51.74 35.31
CA PHE E 17 -44.65 -51.27 34.82
C PHE E 17 -44.06 -50.33 35.86
N THR E 18 -42.79 -50.55 36.20
CA THR E 18 -42.15 -49.78 37.27
C THR E 18 -40.66 -49.67 37.02
N ILE E 19 -40.06 -48.62 37.54
CA ILE E 19 -38.63 -48.40 37.36
C ILE E 19 -37.99 -47.96 38.65
N ARG E 20 -36.78 -48.46 38.91
CA ARG E 20 -36.05 -48.04 40.09
C ARG E 20 -35.56 -46.61 39.92
N ASN E 21 -35.65 -45.83 40.99
CA ASN E 21 -35.19 -44.45 41.01
C ASN E 21 -34.16 -44.35 42.13
N ASP E 22 -32.89 -44.38 41.76
CA ASP E 22 -31.79 -44.57 42.70
C ASP E 22 -32.03 -45.85 43.51
N GLY E 23 -32.49 -46.88 42.81
CA GLY E 23 -32.64 -48.20 43.39
C GLY E 23 -33.96 -48.52 44.07
N THR E 24 -34.84 -47.54 44.18
CA THR E 24 -36.15 -47.77 44.79
C THR E 24 -37.25 -47.78 43.74
N ASN E 25 -38.23 -48.68 43.89
CA ASN E 25 -39.32 -48.80 42.91
C ASN E 25 -40.18 -47.55 42.83
N ALA E 26 -40.55 -47.17 41.61
CA ALA E 26 -41.41 -46.02 41.40
C ALA E 26 -42.14 -46.14 40.06
N THR E 27 -43.35 -45.60 40.00
CA THR E 27 -44.13 -45.59 38.77
C THR E 27 -43.40 -44.69 37.78
N PRO E 28 -43.53 -44.98 36.47
CA PRO E 28 -42.78 -44.21 35.49
C PRO E 28 -43.10 -42.71 35.54
N THR E 29 -44.35 -42.39 35.88
CA THR E 29 -44.79 -41.01 35.93
C THR E 29 -43.99 -40.20 36.94
N GLN E 30 -43.69 -40.80 38.08
CA GLN E 30 -43.00 -40.06 39.13
C GLN E 30 -41.50 -39.98 38.87
N PHE E 31 -41.04 -40.71 37.84
CA PHE E 31 -39.68 -40.45 37.34
C PHE E 31 -39.76 -39.28 36.39
N LEU E 32 -40.77 -39.31 35.53
CA LEU E 32 -40.89 -38.28 34.50
C LEU E 32 -41.10 -36.90 35.14
N GLN E 33 -41.65 -36.90 36.36
CA GLN E 33 -41.78 -35.66 37.12
C GLN E 33 -40.43 -35.02 37.44
N LEU E 34 -39.40 -35.84 37.56
CA LEU E 34 -38.06 -35.36 37.84
C LEU E 34 -37.47 -34.62 36.64
N LEU E 35 -37.98 -34.91 35.46
CA LEU E 35 -37.47 -34.31 34.24
C LEU E 35 -37.77 -32.83 34.11
N SER E 36 -36.77 -32.08 33.66
CA SER E 36 -36.88 -30.64 33.49
C SER E 36 -36.31 -30.31 32.12
N TYR E 37 -36.83 -29.27 31.47
CA TYR E 37 -36.41 -29.01 30.10
C TYR E 37 -35.95 -27.57 29.85
N GLU E 38 -34.89 -27.42 29.06
CA GLU E 38 -34.44 -26.12 28.61
C GLU E 38 -34.51 -26.07 27.09
N ALA E 39 -35.46 -25.28 26.58
CA ALA E 39 -35.65 -25.14 25.15
C ALA E 39 -34.52 -24.35 24.49
N THR E 40 -34.31 -24.59 23.20
CA THR E 40 -33.31 -23.84 22.44
C THR E 40 -33.90 -23.23 21.16
N GLU E 41 -33.05 -22.63 20.34
CA GLU E 41 -33.50 -21.91 19.15
C GLU E 41 -34.18 -22.77 18.06
N ASN E 42 -33.80 -24.03 17.97
CA ASN E 42 -34.39 -24.94 16.98
C ASN E 42 -35.80 -25.40 17.33
N GLU E 43 -36.61 -25.70 16.32
CA GLU E 43 -38.00 -26.10 16.54
C GLU E 43 -38.40 -27.39 15.83
N LEU E 44 -38.71 -28.42 16.62
CA LEU E 44 -39.36 -29.63 16.12
C LEU E 44 -40.77 -29.33 15.62
N VAL E 45 -41.09 -29.87 14.45
CA VAL E 45 -42.35 -29.62 13.78
C VAL E 45 -42.79 -30.95 13.20
N LYS E 46 -43.70 -31.64 13.87
CA LYS E 46 -44.02 -32.99 13.42
C LYS E 46 -44.71 -33.03 12.06
N LYS E 47 -44.24 -33.95 11.22
CA LYS E 47 -44.83 -34.21 9.91
C LYS E 47 -45.87 -35.30 10.10
N THR E 48 -46.76 -35.46 9.13
CA THR E 48 -47.66 -36.59 9.16
C THR E 48 -46.81 -37.86 9.02
N ILE E 49 -47.09 -38.87 9.84
CA ILE E 49 -46.37 -40.14 9.75
C ILE E 49 -46.88 -40.95 8.57
N PRO E 50 -45.96 -41.43 7.71
CA PRO E 50 -46.38 -42.18 6.53
C PRO E 50 -47.11 -43.43 6.98
N THR E 51 -48.14 -43.83 6.25
CA THR E 51 -48.92 -44.99 6.65
C THR E 51 -48.09 -46.26 6.46
N PRO E 52 -48.09 -47.14 7.46
CA PRO E 52 -47.32 -48.39 7.43
C PRO E 52 -47.75 -49.34 6.33
N GLU E 53 -46.77 -50.06 5.78
CA GLU E 53 -46.98 -50.98 4.67
C GLU E 53 -47.89 -52.14 5.07
N THR E 54 -48.69 -52.63 4.15
CA THR E 54 -49.62 -53.72 4.43
C THR E 54 -48.98 -55.10 4.37
N HIS E 55 -47.72 -55.15 3.93
CA HIS E 55 -47.06 -56.42 3.69
C HIS E 55 -46.41 -57.02 4.94
N LEU E 56 -47.09 -57.97 5.57
CA LEU E 56 -46.48 -58.74 6.65
C LEU E 56 -45.52 -59.74 6.05
N PRO E 57 -44.45 -60.07 6.79
CA PRO E 57 -43.55 -61.11 6.30
C PRO E 57 -44.31 -62.43 6.20
N SER E 58 -43.95 -63.26 5.23
CA SER E 58 -44.67 -64.51 5.03
C SER E 58 -44.60 -65.35 6.30
N ALA E 59 -45.73 -65.94 6.68
CA ALA E 59 -45.84 -66.63 7.96
C ALA E 59 -45.25 -68.03 7.92
N ARG E 60 -43.98 -68.13 7.55
CA ARG E 60 -43.31 -69.41 7.43
C ARG E 60 -43.17 -70.13 8.77
N ASN E 61 -43.31 -71.45 8.75
CA ASN E 61 -43.10 -72.28 9.94
C ASN E 61 -41.64 -72.31 10.36
N VAL E 62 -41.38 -72.20 11.67
CA VAL E 62 -40.02 -72.15 12.17
C VAL E 62 -39.87 -73.08 13.40
N PRO E 63 -38.71 -73.74 13.53
CA PRO E 63 -38.36 -74.53 14.71
C PRO E 63 -38.21 -73.70 15.99
N GLY E 64 -38.56 -74.29 17.13
CA GLY E 64 -38.32 -73.68 18.42
C GLY E 64 -39.39 -72.73 18.93
N ASN E 65 -39.18 -72.19 20.13
CA ASN E 65 -40.06 -71.21 20.74
C ASN E 65 -39.51 -69.82 20.60
N VAL E 66 -40.08 -69.02 19.69
CA VAL E 66 -39.64 -67.64 19.55
C VAL E 66 -39.97 -66.88 20.82
N TYR E 67 -38.98 -66.13 21.32
CA TYR E 67 -39.14 -65.35 22.54
C TYR E 67 -39.35 -63.90 22.16
N ILE E 68 -40.53 -63.59 21.61
CA ILE E 68 -40.74 -62.33 20.95
C ILE E 68 -40.64 -61.08 21.83
N GLU E 69 -41.08 -61.18 23.08
CA GLU E 69 -41.09 -60.02 23.96
C GLU E 69 -39.66 -59.57 24.21
N ASP E 70 -38.80 -60.53 24.52
CA ASP E 70 -37.40 -60.24 24.81
C ASP E 70 -36.73 -59.65 23.59
N ALA E 71 -37.16 -60.09 22.41
CA ALA E 71 -36.59 -59.56 21.18
C ALA E 71 -36.92 -58.09 21.06
N ILE E 72 -38.20 -57.75 21.21
CA ILE E 72 -38.61 -56.36 21.03
C ILE E 72 -38.03 -55.43 22.09
N THR E 73 -38.15 -55.82 23.36
CA THR E 73 -37.64 -54.96 24.43
C THR E 73 -36.13 -54.84 24.39
N GLN E 74 -35.45 -55.88 23.90
CA GLN E 74 -34.02 -55.76 23.79
C GLN E 74 -33.65 -54.81 22.66
N ALA E 75 -34.29 -54.98 21.53
CA ALA E 75 -33.94 -54.17 20.36
C ALA E 75 -34.19 -52.71 20.64
N LEU E 76 -35.20 -52.42 21.45
CA LEU E 76 -35.46 -51.02 21.80
C LEU E 76 -34.58 -50.49 22.93
N PHE E 77 -34.42 -51.28 23.98
CA PHE E 77 -33.86 -50.75 25.23
C PHE E 77 -32.60 -51.47 25.71
N GLY E 78 -32.41 -52.70 25.24
CA GLY E 78 -31.33 -53.52 25.78
C GLY E 78 -29.99 -52.96 25.37
N ILE E 79 -28.97 -53.17 26.20
CA ILE E 79 -27.62 -52.72 25.86
C ILE E 79 -27.11 -53.49 24.65
N SER E 80 -26.59 -52.76 23.66
CA SER E 80 -25.92 -53.36 22.51
C SER E 80 -26.65 -54.55 21.93
N ALA E 81 -27.97 -54.44 21.72
CA ALA E 81 -28.77 -55.58 21.25
C ALA E 81 -28.30 -56.07 19.89
N GLN E 82 -28.43 -57.37 19.66
CA GLN E 82 -27.93 -57.96 18.42
C GLN E 82 -29.00 -58.63 17.57
N ASN E 83 -28.75 -58.67 16.26
CA ASN E 83 -29.58 -59.41 15.31
C ASN E 83 -31.04 -59.01 15.38
N VAL E 84 -31.28 -57.73 15.59
CA VAL E 84 -32.62 -57.23 15.84
C VAL E 84 -33.54 -57.44 14.64
N ASN E 85 -32.96 -57.52 13.45
CA ASN E 85 -33.74 -57.70 12.21
C ASN E 85 -33.65 -59.11 11.60
N ALA E 86 -33.26 -60.10 12.39
CA ALA E 86 -33.38 -61.49 11.96
C ALA E 86 -34.86 -61.80 11.71
N HIS E 87 -35.15 -62.45 10.60
CA HIS E 87 -36.54 -62.52 10.11
C HIS E 87 -37.48 -63.56 10.72
N GLY E 88 -36.92 -64.60 11.34
CA GLY E 88 -37.74 -65.73 11.76
C GLY E 88 -38.77 -65.39 12.82
N TYR E 89 -38.38 -64.51 13.73
CA TYR E 89 -39.24 -64.19 14.86
C TYR E 89 -40.53 -63.54 14.37
N PHE E 90 -40.39 -62.75 13.33
CA PHE E 90 -41.53 -62.04 12.80
C PHE E 90 -42.30 -62.90 11.80
N SER E 91 -41.66 -63.96 11.34
CA SER E 91 -42.38 -64.95 10.55
C SER E 91 -43.37 -65.63 11.48
N ARG E 92 -42.90 -65.93 12.68
CA ARG E 92 -43.81 -66.48 13.69
C ARG E 92 -44.87 -65.47 14.14
N LEU E 93 -44.49 -64.20 14.16
CA LEU E 93 -45.48 -63.19 14.51
C LEU E 93 -46.61 -63.16 13.50
N SER E 94 -46.25 -63.13 12.22
CA SER E 94 -47.25 -63.09 11.18
C SER E 94 -48.02 -64.40 11.19
N ALA E 95 -47.39 -65.46 11.70
CA ALA E 95 -48.12 -66.70 11.91
C ALA E 95 -49.22 -66.49 12.94
N LEU E 96 -48.93 -65.71 13.97
CA LEU E 96 -49.96 -65.36 14.97
C LEU E 96 -51.06 -64.52 14.35
N ALA E 97 -50.72 -63.76 13.32
CA ALA E 97 -51.69 -62.84 12.70
C ALA E 97 -52.83 -63.55 11.97
N LEU E 98 -52.63 -64.82 11.62
CA LEU E 98 -53.63 -65.60 10.90
C LEU E 98 -54.88 -65.87 11.76
N PRO E 99 -56.05 -65.97 11.12
CA PRO E 99 -57.34 -66.06 11.83
C PRO E 99 -57.49 -67.23 12.81
N ASN E 100 -56.89 -68.38 12.51
CA ASN E 100 -57.06 -69.54 13.37
C ASN E 100 -55.78 -70.36 13.58
N THR E 101 -54.67 -69.64 13.74
CA THR E 101 -53.37 -70.28 13.92
C THR E 101 -53.28 -71.05 15.23
N SER E 102 -52.54 -72.16 15.19
CA SER E 102 -52.32 -72.99 16.36
C SER E 102 -51.37 -72.36 17.39
N ALA E 103 -50.55 -71.40 16.96
CA ALA E 103 -49.59 -70.74 17.85
C ALA E 103 -50.27 -69.84 18.88
N ARG E 104 -49.69 -69.79 20.07
CA ARG E 104 -50.25 -69.02 21.17
C ARG E 104 -49.13 -68.22 21.78
N LEU E 105 -49.43 -67.01 22.24
CA LEU E 105 -48.42 -66.13 22.81
C LEU E 105 -48.59 -66.08 24.32
N GLY E 106 -47.69 -66.73 25.04
CA GLY E 106 -47.84 -66.87 26.48
C GLY E 106 -47.57 -65.56 27.18
N LEU E 107 -48.00 -65.47 28.43
CA LEU E 107 -47.79 -64.27 29.24
C LEU E 107 -46.30 -64.08 29.46
N ASP E 108 -45.57 -65.16 29.26
CA ASP E 108 -44.11 -65.16 29.31
C ASP E 108 -43.50 -64.22 28.27
N GLY E 109 -44.22 -64.00 27.17
CA GLY E 109 -43.68 -63.27 26.04
C GLY E 109 -43.19 -64.19 24.94
N VAL E 110 -43.17 -65.50 25.22
CA VAL E 110 -42.85 -66.53 24.25
C VAL E 110 -44.02 -66.89 23.32
N ILE E 111 -43.71 -67.32 22.09
CA ILE E 111 -44.71 -67.91 21.21
C ILE E 111 -44.46 -69.40 21.08
N TYR E 112 -45.51 -70.21 21.21
CA TYR E 112 -45.41 -71.67 21.18
C TYR E 112 -46.21 -72.24 20.02
N ASN E 113 -45.54 -72.95 19.11
CA ASN E 113 -46.22 -73.46 17.92
C ASN E 113 -47.27 -74.50 18.28
N SER E 114 -47.00 -75.26 19.33
CA SER E 114 -47.97 -76.23 19.81
C SER E 114 -49.05 -75.50 20.60
N GLU E 115 -50.15 -76.18 20.87
CA GLU E 115 -51.07 -75.74 21.90
C GLU E 115 -50.60 -76.33 23.24
N THR E 116 -49.50 -75.80 23.77
CA THR E 116 -48.93 -76.32 25.02
C THR E 116 -49.66 -75.69 26.20
N ILE E 117 -50.55 -76.48 26.79
CA ILE E 117 -51.59 -76.01 27.71
C ILE E 117 -51.12 -75.37 29.03
N ASN E 118 -50.05 -75.89 29.61
CA ASN E 118 -49.71 -75.54 30.99
C ASN E 118 -49.39 -74.06 31.24
N ILE E 119 -48.87 -73.39 30.24
CA ILE E 119 -48.56 -71.98 30.33
C ILE E 119 -49.76 -71.12 29.96
N PRO E 120 -50.16 -70.20 30.86
CA PRO E 120 -51.24 -69.27 30.53
C PRO E 120 -50.84 -68.39 29.35
N PHE E 121 -51.79 -68.01 28.50
CA PHE E 121 -51.47 -67.30 27.27
C PHE E 121 -52.56 -66.29 26.88
N TYR E 122 -52.17 -65.23 26.19
CA TYR E 122 -53.13 -64.16 25.81
C TYR E 122 -54.21 -64.68 24.89
N ASP E 123 -55.38 -64.03 24.93
CA ASP E 123 -56.50 -64.40 24.06
C ASP E 123 -56.07 -64.24 22.60
N PRO E 124 -56.28 -65.28 21.79
CA PRO E 124 -55.79 -65.35 20.42
C PRO E 124 -56.28 -64.20 19.53
N ALA E 125 -57.49 -63.70 19.77
CA ALA E 125 -58.02 -62.59 18.98
C ALA E 125 -57.19 -61.33 19.18
N ALA E 126 -56.84 -61.09 20.45
CA ALA E 126 -56.06 -59.91 20.78
C ALA E 126 -54.68 -59.99 20.15
N VAL E 127 -54.05 -61.16 20.25
CA VAL E 127 -52.71 -61.29 19.67
C VAL E 127 -52.78 -61.24 18.15
N ALA E 128 -53.92 -61.60 17.57
CA ALA E 128 -54.08 -61.49 16.12
C ALA E 128 -54.09 -60.03 15.77
N ASN E 129 -54.78 -59.23 16.58
CA ASN E 129 -54.80 -57.78 16.38
C ASN E 129 -53.40 -57.20 16.53
N PHE E 130 -52.62 -57.78 17.44
CA PHE E 130 -51.29 -57.27 17.76
C PHE E 130 -50.29 -57.58 16.66
N ALA E 131 -50.26 -58.85 16.25
CA ALA E 131 -49.36 -59.32 15.22
C ALA E 131 -49.71 -58.71 13.87
N ALA E 132 -50.99 -58.38 13.67
CA ALA E 132 -51.44 -57.85 12.39
C ALA E 132 -50.73 -56.54 12.08
N THR E 133 -50.28 -55.84 13.11
CA THR E 133 -49.49 -54.63 12.92
C THR E 133 -48.01 -54.81 13.24
N TYR E 134 -47.70 -55.47 14.36
CA TYR E 134 -46.31 -55.55 14.80
C TYR E 134 -45.47 -56.62 14.11
N ALA E 135 -46.08 -57.48 13.30
CA ALA E 135 -45.28 -58.35 12.45
C ALA E 135 -44.53 -57.47 11.46
N LYS E 136 -45.05 -56.27 11.21
CA LYS E 136 -44.46 -55.34 10.25
C LYS E 136 -43.08 -54.89 10.72
N LEU E 137 -42.79 -55.10 12.00
CA LEU E 137 -41.44 -54.88 12.54
C LEU E 137 -40.49 -55.79 11.79
N GLY E 138 -41.03 -56.82 11.16
CA GLY E 138 -40.24 -57.77 10.41
C GLY E 138 -39.70 -57.21 9.11
N ASN E 139 -40.25 -56.10 8.66
CA ASN E 139 -39.68 -55.46 7.46
C ASN E 139 -38.96 -54.15 7.77
N ALA E 140 -38.43 -54.05 8.98
CA ALA E 140 -37.76 -52.84 9.42
C ALA E 140 -36.53 -52.55 8.58
N SER E 141 -35.88 -53.60 8.08
CA SER E 141 -34.64 -53.44 7.35
C SER E 141 -34.83 -53.40 5.84
N THR E 142 -35.89 -54.04 5.34
CA THR E 142 -36.08 -54.17 3.90
C THR E 142 -36.27 -52.80 3.29
N PRO E 143 -35.50 -52.49 2.24
CA PRO E 143 -35.33 -51.11 1.75
C PRO E 143 -36.64 -50.44 1.39
N ARG E 144 -37.58 -51.21 0.85
CA ARG E 144 -38.85 -50.65 0.43
C ARG E 144 -39.67 -50.15 1.61
N TYR E 145 -39.40 -50.73 2.77
CA TYR E 145 -40.27 -50.51 3.92
C TYR E 145 -39.64 -49.77 5.09
N ARG E 146 -38.40 -49.31 4.91
CA ARG E 146 -37.70 -48.64 6.01
C ARG E 146 -38.40 -47.36 6.48
N ALA E 147 -38.50 -47.20 7.79
CA ALA E 147 -39.11 -46.00 8.38
C ALA E 147 -38.17 -44.80 8.29
N ASP E 148 -38.72 -43.59 8.21
CA ASP E 148 -37.88 -42.41 8.30
C ASP E 148 -37.32 -42.39 9.71
N MET E 149 -36.00 -42.53 9.81
CA MET E 149 -35.35 -42.64 11.11
C MET E 149 -35.17 -41.26 11.75
N ILE E 150 -35.48 -40.22 10.99
CA ILE E 150 -35.25 -38.85 11.47
C ILE E 150 -36.51 -38.12 11.95
N ASP E 151 -37.45 -37.87 11.04
CA ASP E 151 -38.60 -37.05 11.38
C ASP E 151 -39.46 -37.68 12.48
N ILE E 152 -39.46 -39.01 12.57
CA ILE E 152 -40.33 -39.71 13.51
C ILE E 152 -40.01 -39.34 14.95
N TYR E 153 -38.74 -39.03 15.21
CA TYR E 153 -38.34 -38.70 16.57
C TYR E 153 -38.93 -37.38 17.03
N ALA E 154 -39.37 -36.55 16.09
CA ALA E 154 -40.04 -35.32 16.50
C ALA E 154 -41.25 -35.72 17.32
N HIS E 155 -41.98 -36.74 16.87
CA HIS E 155 -43.16 -37.18 17.59
C HIS E 155 -42.73 -37.66 18.96
N VAL E 156 -41.56 -38.30 18.99
CA VAL E 156 -41.02 -38.81 20.23
C VAL E 156 -40.91 -37.63 21.17
N GLY E 157 -40.31 -36.55 20.68
CA GLY E 157 -40.04 -35.40 21.54
C GLY E 157 -41.37 -34.84 21.99
N LEU E 158 -42.34 -34.81 21.08
CA LEU E 158 -43.61 -34.18 21.39
C LEU E 158 -44.32 -34.98 22.48
N GLU E 159 -44.13 -36.29 22.49
CA GLU E 159 -44.87 -37.09 23.44
C GLU E 159 -44.11 -37.19 24.74
N LEU E 160 -42.86 -36.71 24.73
CA LEU E 160 -42.05 -36.76 25.94
C LEU E 160 -42.05 -35.39 26.59
N ALA E 161 -41.29 -34.46 26.01
CA ALA E 161 -41.11 -33.12 26.56
C ALA E 161 -42.24 -32.14 26.24
N GLY E 162 -43.15 -32.54 25.36
CA GLY E 162 -44.23 -31.66 24.92
C GLY E 162 -45.20 -31.24 26.01
N THR E 163 -45.39 -29.93 26.13
CA THR E 163 -46.46 -29.36 26.96
C THR E 163 -47.76 -29.59 26.23
N ASP E 164 -48.89 -29.60 26.93
CA ASP E 164 -50.17 -29.90 26.29
C ASP E 164 -50.48 -28.89 25.16
N ALA E 165 -50.07 -27.65 25.36
CA ALA E 165 -50.20 -26.62 24.33
C ALA E 165 -49.20 -26.85 23.18
N GLU E 166 -47.99 -27.28 23.53
CA GLU E 166 -46.97 -27.60 22.54
C GLU E 166 -47.43 -28.81 21.72
N ARG E 167 -48.15 -29.71 22.37
CA ARG E 167 -48.65 -30.91 21.71
C ARG E 167 -49.82 -30.61 20.78
N ALA E 168 -50.77 -29.81 21.25
CA ALA E 168 -51.88 -29.41 20.41
C ALA E 168 -51.40 -28.58 19.22
N ALA E 169 -50.37 -27.78 19.43
CA ALA E 169 -49.82 -26.95 18.36
C ALA E 169 -49.16 -27.81 17.28
N GLY E 170 -48.64 -28.97 17.68
CA GLY E 170 -47.96 -29.85 16.76
C GLY E 170 -46.50 -29.47 16.54
N VAL E 171 -46.05 -28.42 17.23
CA VAL E 171 -44.65 -28.02 17.18
C VAL E 171 -44.15 -27.68 18.57
N MET E 172 -42.86 -27.94 18.82
CA MET E 172 -42.25 -27.54 20.08
C MET E 172 -40.82 -27.09 19.85
N PRO E 173 -40.30 -26.19 20.71
CA PRO E 173 -38.88 -25.87 20.61
C PRO E 173 -38.07 -27.12 20.90
N VAL E 174 -36.93 -27.30 20.25
CA VAL E 174 -36.06 -28.43 20.56
C VAL E 174 -35.59 -28.28 22.00
N LYS E 175 -35.67 -29.35 22.77
CA LYS E 175 -35.42 -29.26 24.20
C LYS E 175 -34.22 -30.05 24.67
N ARG E 176 -33.59 -29.55 25.73
CA ARG E 176 -32.50 -30.25 26.38
C ARG E 176 -33.00 -30.68 27.75
N ALA E 177 -33.17 -31.99 27.92
CA ALA E 177 -33.64 -32.56 29.17
C ALA E 177 -32.54 -32.60 30.24
N LYS E 178 -32.96 -32.53 31.51
CA LYS E 178 -32.05 -32.69 32.63
C LYS E 178 -32.80 -33.17 33.85
N PHE E 179 -32.10 -33.83 34.77
CA PHE E 179 -32.70 -34.31 36.02
C PHE E 179 -31.65 -34.66 37.07
N ASP E 180 -32.03 -34.54 38.35
CA ASP E 180 -31.16 -34.98 39.44
C ASP E 180 -30.99 -36.48 39.29
N SER E 181 -29.76 -36.98 39.42
CA SER E 181 -29.55 -38.38 39.11
C SER E 181 -28.37 -39.05 39.82
N TRP E 182 -28.56 -40.35 40.04
CA TRP E 182 -27.55 -41.28 40.49
C TRP E 182 -26.67 -41.70 39.32
N GLU E 183 -25.45 -42.15 39.61
CA GLU E 183 -24.55 -42.60 38.55
C GLU E 183 -25.13 -43.81 37.82
N GLY E 184 -25.01 -43.79 36.49
CA GLY E 184 -25.51 -44.88 35.68
C GLY E 184 -27.02 -44.90 35.61
N SER E 185 -27.62 -43.73 35.85
CA SER E 185 -29.08 -43.63 35.94
C SER E 185 -29.77 -44.04 34.65
N LEU E 186 -29.12 -43.79 33.52
CA LEU E 186 -29.75 -44.07 32.25
C LEU E 186 -29.68 -45.56 31.94
N ILE E 187 -28.55 -46.18 32.27
CA ILE E 187 -28.40 -47.60 32.00
C ILE E 187 -29.37 -48.35 32.91
N SER E 188 -29.43 -47.96 34.17
CA SER E 188 -30.30 -48.66 35.12
C SER E 188 -31.76 -48.43 34.76
N LEU E 189 -32.05 -47.26 34.21
CA LEU E 189 -33.38 -46.97 33.72
C LEU E 189 -33.72 -47.92 32.55
N SER E 190 -32.76 -48.10 31.64
CA SER E 190 -32.95 -49.00 30.51
C SER E 190 -33.07 -50.46 30.92
N ARG E 191 -32.42 -50.83 32.02
CA ARG E 191 -32.53 -52.20 32.53
C ARG E 191 -33.91 -52.38 33.12
N ASP E 192 -34.39 -51.36 33.82
CA ASP E 192 -35.71 -51.41 34.41
C ASP E 192 -36.78 -51.47 33.32
N VAL E 193 -36.52 -50.82 32.20
CA VAL E 193 -37.47 -50.80 31.11
C VAL E 193 -37.47 -52.09 30.32
N VAL E 194 -36.28 -52.61 30.05
CA VAL E 194 -36.14 -53.78 29.19
C VAL E 194 -36.79 -55.01 29.84
N ASN E 195 -36.98 -54.97 31.16
CA ASN E 195 -37.73 -56.02 31.85
C ASN E 195 -39.26 -55.82 31.82
N TRP E 196 -39.72 -54.74 31.20
CA TRP E 196 -41.15 -54.51 31.09
C TRP E 196 -41.81 -55.50 30.16
N LYS E 197 -42.99 -55.95 30.55
CA LYS E 197 -43.80 -56.84 29.72
C LYS E 197 -44.58 -55.99 28.73
N ILE E 198 -43.88 -55.41 27.76
CA ILE E 198 -44.51 -54.45 26.87
C ILE E 198 -45.53 -55.09 25.97
N LEU E 199 -45.50 -56.42 25.86
CA LEU E 199 -46.50 -57.13 25.06
C LEU E 199 -47.91 -56.93 25.60
N ALA E 200 -48.05 -56.73 26.91
CA ALA E 200 -49.37 -56.42 27.44
C ALA E 200 -49.81 -55.05 26.95
N PHE E 201 -48.89 -54.09 27.01
CA PHE E 201 -49.17 -52.73 26.57
C PHE E 201 -49.48 -52.66 25.07
N LEU E 202 -48.83 -53.50 24.28
CA LEU E 202 -49.00 -53.45 22.83
C LEU E 202 -50.21 -54.27 22.38
N ILE E 203 -50.45 -55.39 23.03
CA ILE E 203 -51.64 -56.17 22.74
C ILE E 203 -52.86 -55.36 23.14
N ASP E 204 -52.74 -54.59 24.22
CA ASP E 204 -53.84 -53.73 24.63
C ASP E 204 -54.00 -52.56 23.66
N LEU E 205 -52.88 -51.97 23.25
CA LEU E 205 -52.89 -50.84 22.33
C LEU E 205 -53.48 -51.22 20.97
N CYS E 206 -53.30 -52.48 20.58
CA CYS E 206 -53.79 -52.93 19.29
C CYS E 206 -55.21 -53.49 19.34
N SER E 207 -55.55 -54.17 20.43
CA SER E 207 -56.83 -54.88 20.51
C SER E 207 -57.96 -54.03 21.06
N LEU E 208 -57.66 -53.18 22.03
CA LEU E 208 -58.68 -52.33 22.64
C LEU E 208 -59.27 -51.33 21.65
N GLU E 209 -60.55 -51.03 21.83
CA GLU E 209 -61.22 -50.07 20.94
C GLU E 209 -62.12 -49.11 21.72
N GLY E 210 -62.34 -47.94 21.12
CA GLY E 210 -63.24 -46.95 21.70
C GLY E 210 -62.82 -46.38 23.04
N GLU E 211 -63.81 -46.21 23.92
CA GLU E 211 -63.60 -45.52 25.17
C GLU E 211 -62.60 -46.22 26.08
N ALA E 212 -62.57 -47.56 26.00
CA ALA E 212 -61.65 -48.32 26.84
C ALA E 212 -60.20 -48.09 26.44
N LEU E 213 -59.95 -48.08 25.14
CA LEU E 213 -58.62 -47.79 24.62
C LEU E 213 -58.22 -46.33 24.84
N ARG E 214 -59.19 -45.41 24.75
CA ARG E 214 -58.87 -44.01 24.97
C ARG E 214 -58.48 -43.76 26.44
N ALA E 215 -59.22 -44.41 27.34
CA ALA E 215 -58.90 -44.38 28.76
C ALA E 215 -57.57 -45.07 29.01
N PHE E 216 -57.28 -46.07 28.19
CA PHE E 216 -56.01 -46.79 28.26
C PHE E 216 -54.85 -45.89 27.88
N LYS E 217 -55.06 -45.04 26.89
CA LYS E 217 -54.02 -44.12 26.45
C LYS E 217 -53.79 -43.07 27.51
N THR E 218 -54.86 -42.58 28.13
CA THR E 218 -54.67 -41.61 29.21
C THR E 218 -53.98 -42.25 30.42
N ARG E 219 -54.25 -43.53 30.65
CA ARG E 219 -53.68 -44.23 31.80
C ARG E 219 -52.21 -44.60 31.62
N ASN E 220 -51.86 -45.14 30.46
CA ASN E 220 -50.50 -45.61 30.21
C ASN E 220 -49.59 -44.60 29.53
N ARG E 221 -50.00 -43.34 29.47
CA ARG E 221 -49.24 -42.34 28.74
C ARG E 221 -47.84 -42.20 29.33
N ASP E 222 -47.71 -42.33 30.63
CA ASP E 222 -46.41 -42.25 31.29
C ASP E 222 -45.47 -43.43 30.94
N VAL E 223 -46.03 -44.62 30.71
CA VAL E 223 -45.23 -45.75 30.28
C VAL E 223 -44.68 -45.53 28.87
N PHE E 224 -45.57 -45.15 27.96
CA PHE E 224 -45.16 -44.87 26.60
C PHE E 224 -44.15 -43.73 26.57
N ARG E 225 -44.34 -42.76 27.46
CA ARG E 225 -43.41 -41.66 27.56
C ARG E 225 -42.06 -42.17 28.01
N MET E 226 -42.07 -43.17 28.89
CA MET E 226 -40.80 -43.64 29.42
C MET E 226 -40.01 -44.45 28.40
N MET E 227 -40.71 -45.30 27.66
CA MET E 227 -40.06 -46.06 26.60
C MET E 227 -39.47 -45.06 25.63
N LEU E 228 -40.24 -43.99 25.40
CA LEU E 228 -39.76 -42.92 24.53
C LEU E 228 -38.52 -42.26 25.09
N PHE E 229 -38.45 -42.15 26.41
CA PHE E 229 -37.30 -41.49 27.02
C PHE E 229 -36.04 -42.31 26.87
N ILE E 230 -36.15 -43.61 27.08
CA ILE E 230 -35.01 -44.50 26.88
C ILE E 230 -34.54 -44.45 25.42
N MET E 231 -35.48 -44.46 24.47
CA MET E 231 -35.09 -44.33 23.06
C MET E 231 -34.41 -42.99 22.78
N SER E 232 -34.92 -41.94 23.41
CA SER E 232 -34.40 -40.62 23.12
C SER E 232 -32.97 -40.55 23.62
N THR E 233 -32.70 -41.12 24.79
CA THR E 233 -31.32 -41.13 25.28
C THR E 233 -30.45 -41.99 24.37
N ALA E 234 -31.04 -43.01 23.76
CA ALA E 234 -30.26 -43.82 22.85
C ALA E 234 -29.87 -43.01 21.61
N VAL E 235 -30.68 -42.03 21.24
CA VAL E 235 -30.32 -41.23 20.07
C VAL E 235 -29.80 -39.83 20.39
N ALA E 236 -29.77 -39.46 21.66
CA ALA E 236 -29.36 -38.10 22.03
C ALA E 236 -27.94 -37.83 21.54
N ALA E 237 -27.75 -36.67 20.92
CA ALA E 237 -26.47 -36.40 20.28
C ALA E 237 -25.35 -36.34 21.31
N ASN E 238 -25.71 -35.91 22.51
CA ASN E 238 -24.75 -35.77 23.59
C ASN E 238 -25.43 -35.83 24.95
N VAL E 239 -24.75 -36.41 25.93
CA VAL E 239 -25.30 -36.60 27.28
C VAL E 239 -24.19 -36.38 28.31
N VAL E 240 -24.46 -35.58 29.34
CA VAL E 240 -23.42 -35.19 30.28
C VAL E 240 -23.91 -35.02 31.72
N ASN E 241 -23.04 -34.49 32.58
CA ASN E 241 -23.40 -34.18 33.95
C ASN E 241 -23.01 -32.76 34.36
N ARG E 242 -23.85 -32.12 35.17
CA ARG E 242 -23.48 -30.84 35.78
C ARG E 242 -23.51 -30.97 37.30
N LYS E 243 -22.51 -30.39 37.95
CA LYS E 243 -22.40 -30.53 39.40
C LYS E 243 -22.94 -29.33 40.17
N VAL E 244 -24.25 -29.14 40.18
CA VAL E 244 -24.83 -28.06 40.97
C VAL E 244 -25.07 -28.47 42.42
N THR E 245 -24.58 -27.66 43.36
CA THR E 245 -24.75 -27.87 44.81
C THR E 245 -24.69 -29.33 45.29
N LYS E 246 -23.53 -29.97 45.10
CA LYS E 246 -23.32 -31.39 45.43
C LYS E 246 -24.14 -32.37 44.58
N ARG E 247 -25.40 -32.02 44.30
CA ARG E 247 -26.25 -32.83 43.44
C ARG E 247 -25.68 -32.87 42.03
N VAL E 248 -25.77 -34.02 41.38
CA VAL E 248 -25.40 -34.09 39.97
C VAL E 248 -26.67 -34.11 39.14
N ASP E 249 -26.67 -33.36 38.06
CA ASP E 249 -27.82 -33.28 37.17
C ASP E 249 -27.39 -33.81 35.82
N ARG E 250 -27.92 -34.98 35.46
CA ARG E 250 -27.74 -35.54 34.13
C ARG E 250 -28.45 -34.69 33.10
N VAL E 251 -27.80 -34.44 31.98
CA VAL E 251 -28.34 -33.58 30.94
C VAL E 251 -28.23 -34.26 29.60
N LEU E 252 -29.38 -34.63 29.03
CA LEU E 252 -29.38 -35.18 27.69
C LEU E 252 -29.84 -34.13 26.69
N GLU E 253 -29.11 -34.03 25.58
CA GLU E 253 -29.35 -33.03 24.57
C GLU E 253 -29.05 -33.60 23.18
N TYR E 254 -30.01 -33.52 22.28
CA TYR E 254 -31.29 -32.90 22.58
C TYR E 254 -32.44 -33.86 22.36
N ILE E 255 -33.50 -33.72 23.15
CA ILE E 255 -34.71 -34.50 22.99
C ILE E 255 -35.32 -34.27 21.62
N GLY E 256 -35.80 -35.34 20.99
CA GLY E 256 -36.60 -35.24 19.79
C GLY E 256 -35.79 -35.15 18.52
N VAL E 257 -34.46 -35.10 18.66
CA VAL E 257 -33.59 -35.02 17.49
C VAL E 257 -32.60 -36.16 17.42
N ASN E 258 -32.94 -37.16 16.60
CA ASN E 258 -32.04 -38.28 16.37
C ASN E 258 -30.74 -37.80 15.74
N SER E 259 -29.63 -38.39 16.17
CA SER E 259 -28.31 -37.99 15.71
C SER E 259 -27.66 -39.10 14.90
N MET E 260 -28.37 -40.21 14.74
CA MET E 260 -27.85 -41.40 14.08
C MET E 260 -26.56 -41.90 14.70
N ARG E 261 -26.37 -41.62 15.99
CA ARG E 261 -25.16 -42.01 16.68
C ARG E 261 -25.10 -43.53 16.74
N THR E 262 -23.94 -44.10 16.45
CA THR E 262 -23.81 -45.56 16.38
C THR E 262 -22.84 -46.15 17.39
N ALA E 263 -21.71 -45.48 17.62
CA ALA E 263 -20.75 -45.95 18.60
C ALA E 263 -21.28 -45.84 20.03
N GLY E 264 -21.02 -46.87 20.83
CA GLY E 264 -21.59 -46.92 22.17
C GLY E 264 -20.90 -45.93 23.07
N ARG E 265 -21.51 -45.66 24.23
CA ARG E 265 -20.91 -44.74 25.20
C ARG E 265 -21.30 -45.13 26.62
N THR E 266 -20.55 -44.60 27.58
CA THR E 266 -20.77 -44.89 28.98
C THR E 266 -22.16 -44.44 29.43
N ALA E 267 -22.61 -43.31 28.91
CA ALA E 267 -23.80 -42.66 29.41
C ALA E 267 -25.11 -43.41 29.19
N THR E 268 -25.25 -44.08 28.04
CA THR E 268 -26.56 -44.51 27.53
C THR E 268 -26.44 -45.76 26.67
N ILE E 269 -27.57 -46.41 26.40
CA ILE E 269 -27.60 -47.47 25.39
C ILE E 269 -27.46 -46.83 24.00
N THR E 270 -26.89 -47.56 23.05
CA THR E 270 -26.63 -46.96 21.74
C THR E 270 -26.98 -47.84 20.56
N TYR E 271 -27.93 -47.40 19.74
CA TYR E 271 -28.34 -48.12 18.54
C TYR E 271 -27.27 -48.20 17.46
N ASP E 272 -27.10 -49.39 16.90
CA ASP E 272 -26.37 -49.56 15.65
C ASP E 272 -27.40 -49.23 14.59
N LEU E 273 -26.99 -49.13 13.34
CA LEU E 273 -27.93 -48.73 12.31
C LEU E 273 -29.11 -49.68 12.22
N SER E 274 -28.87 -50.94 12.54
CA SER E 274 -29.94 -51.94 12.49
C SER E 274 -30.97 -51.62 13.56
N ARG E 275 -30.49 -51.29 14.75
CA ARG E 275 -31.38 -50.96 15.85
C ARG E 275 -32.10 -49.67 15.55
N HIS E 276 -31.47 -48.79 14.76
CA HIS E 276 -32.13 -47.54 14.38
C HIS E 276 -33.27 -47.84 13.44
N GLU E 277 -33.06 -48.75 12.49
CA GLU E 277 -34.11 -49.08 11.53
C GLU E 277 -35.25 -49.71 12.30
N PHE E 278 -34.88 -50.54 13.26
CA PHE E 278 -35.86 -51.28 14.02
C PHE E 278 -36.69 -50.32 14.84
N ALA E 279 -35.99 -49.43 15.55
CA ALA E 279 -36.67 -48.54 16.48
C ALA E 279 -37.53 -47.60 15.68
N ALA E 280 -37.08 -47.28 14.48
CA ALA E 280 -37.81 -46.33 13.66
C ALA E 280 -39.11 -46.98 13.26
N LYS E 281 -39.03 -48.22 12.82
CA LYS E 281 -40.20 -48.92 12.33
C LYS E 281 -41.16 -49.09 13.48
N PHE E 282 -40.60 -49.33 14.66
CA PHE E 282 -41.41 -49.58 15.83
C PHE E 282 -42.16 -48.31 16.17
N LEU E 283 -41.47 -47.18 16.04
CA LEU E 283 -42.09 -45.90 16.33
C LEU E 283 -43.18 -45.56 15.35
N GLN E 284 -42.97 -45.94 14.08
CA GLN E 284 -43.95 -45.64 13.05
C GLN E 284 -45.21 -46.41 13.35
N LEU E 285 -45.05 -47.70 13.61
CA LEU E 285 -46.21 -48.55 13.86
C LEU E 285 -46.91 -48.07 15.12
N THR E 286 -46.11 -47.86 16.16
CA THR E 286 -46.63 -47.60 17.49
C THR E 286 -47.33 -46.24 17.60
N PHE E 287 -46.86 -45.26 16.85
CA PHE E 287 -47.49 -43.95 16.88
C PHE E 287 -48.70 -43.97 15.97
N THR E 288 -48.63 -44.75 14.90
CA THR E 288 -49.78 -44.83 14.00
C THR E 288 -50.94 -45.43 14.77
N ARG E 289 -50.67 -46.44 15.58
CA ARG E 289 -51.70 -46.96 16.48
C ARG E 289 -52.06 -45.98 17.60
N TRP E 290 -51.05 -45.22 18.05
CA TRP E 290 -51.22 -44.29 19.17
C TRP E 290 -52.10 -43.08 18.85
N ASN E 291 -52.12 -42.69 17.58
CA ASN E 291 -52.88 -41.52 17.16
C ASN E 291 -54.01 -41.91 16.19
N ALA E 292 -55.15 -42.30 16.76
CA ALA E 292 -56.29 -42.70 15.95
C ALA E 292 -57.59 -42.56 16.74
#